data_8R3R
#
_entry.id   8R3R
#
_cell.length_a   93.760
_cell.length_b   119.130
_cell.length_c   136.680
_cell.angle_alpha   90.000
_cell.angle_beta   106.460
_cell.angle_gamma   90.000
#
_symmetry.space_group_name_H-M   'P 1 21 1'
#
loop_
_entity.id
_entity.type
_entity.pdbx_description
1 polymer 'Probable transketolase'
2 non-polymer 'THIAMINE DIPHOSPHATE'
3 non-polymer 1,2-ETHANEDIOL
4 non-polymer 'MAGNESIUM ION'
5 water water
#
_entity_poly.entity_id   1
_entity_poly.type   'polypeptide(L)'
_entity_poly.pdbx_seq_one_letter_code
;MSNLSVNAIRFLGIDAINKANSGHPGVVMGAAPMAYSLFTKQLHINPAQPNWINRDRFILSAGHGSMLLYALLHLSGFED
VSMDEIKSFRQWGSKTPGHPEFGHTAGIDATTGPLGQGISTATGFAQAERFLAAKYNREGYNIFDHYTYVICGDGDLMEG
VSSEAASYAGLQKLDKLVVLYDSNDINLDGETKDSFTESVRDRYNAYGWHTALVENGTDLEAIHAAIETAKASGKPSLIE
VKTVIGYGSPNKQGTNAVHGAPLGADETASTRQALGWDYEPFEIPEQVYADFKEHVADRGASAYQAWTKLVADYKEAHPE
LAAEVEAIIDGRDPVEVTPADFPALENGFSQATRNSSQDALNVVAAKLPTFLGGSADLAHSNMTYIKTDGLQDDANRLNR
NIQFGVREFAMGTILNGMALHGGLRVYGGTFFVFSDYVKAAVRLSALQGLPVTYVFTHDSIAVGEDGPTHEPVEHLAGLR
AMPNLNVFRPADARETQAAWYLAVTSEKTPTALVLTRQNLTVEDGTDFDKVAKGAYVVYENAADFDTILIATGSEVNLAV
SAAKELASQGEKIRVVSMPSTDVFDKQDAAYKEEILPNAVRRRVAVEMGASQNWYKYVGLDGAVLGIDTFGASAPAPKVL
AEYGFTVENLVKVVRNLKENLYFQGLEHHHHHH
;
_entity_poly.pdbx_strand_id   A,B,C,D
#
loop_
_chem_comp.id
_chem_comp.type
_chem_comp.name
_chem_comp.formula
EDO non-polymer 1,2-ETHANEDIOL 'C2 H6 O2'
MG non-polymer 'MAGNESIUM ION' 'Mg 2'
TPP non-polymer 'THIAMINE DIPHOSPHATE' 'C12 H19 N4 O7 P2 S 1'
#
# COMPACT_ATOMS: atom_id res chain seq x y z
N MET A 1 20.22 -39.60 -3.46
CA MET A 1 19.11 -39.96 -4.33
C MET A 1 18.12 -38.82 -4.55
N SER A 2 18.47 -37.56 -4.27
CA SER A 2 17.47 -36.51 -4.31
C SER A 2 16.88 -36.34 -5.72
N ASN A 3 17.73 -36.06 -6.71
CA ASN A 3 17.24 -36.05 -8.10
C ASN A 3 16.61 -37.40 -8.47
N LEU A 4 17.24 -38.48 -8.04
CA LEU A 4 16.70 -39.83 -8.29
C LEU A 4 15.34 -40.01 -7.63
N SER A 5 15.23 -39.65 -6.34
CA SER A 5 13.95 -39.76 -5.64
C SER A 5 12.88 -38.88 -6.27
N VAL A 6 13.24 -37.65 -6.65
CA VAL A 6 12.27 -36.74 -7.24
C VAL A 6 11.69 -37.33 -8.52
N ASN A 7 12.56 -37.85 -9.41
CA ASN A 7 12.07 -38.42 -10.67
C ASN A 7 11.27 -39.71 -10.45
N ALA A 8 11.58 -40.47 -9.39
CA ALA A 8 10.75 -41.65 -9.10
C ALA A 8 9.30 -41.24 -8.86
N ILE A 9 9.08 -40.13 -8.16
CA ILE A 9 7.72 -39.62 -7.96
C ILE A 9 7.09 -39.29 -9.31
N ARG A 10 7.81 -38.52 -10.14
CA ARG A 10 7.26 -38.10 -11.43
C ARG A 10 6.85 -39.30 -12.28
N PHE A 11 7.71 -40.32 -12.40
CA PHE A 11 7.43 -41.40 -13.35
C PHE A 11 6.43 -42.43 -12.81
N LEU A 12 6.32 -42.62 -11.48
CA LEU A 12 5.21 -43.42 -10.97
C LEU A 12 3.87 -42.79 -11.36
N GLY A 13 3.78 -41.46 -11.30
CA GLY A 13 2.57 -40.77 -11.71
C GLY A 13 2.29 -40.92 -13.20
N ILE A 14 3.29 -40.66 -14.04
CA ILE A 14 3.10 -40.69 -15.49
C ILE A 14 2.67 -42.08 -15.95
N ASP A 15 3.33 -43.12 -15.43
CA ASP A 15 3.05 -44.48 -15.92
C ASP A 15 1.69 -44.99 -15.41
N ALA A 16 1.33 -44.67 -14.16
CA ALA A 16 0.02 -45.06 -13.64
C ALA A 16 -1.11 -44.40 -14.43
N ILE A 17 -0.89 -43.16 -14.87
CA ILE A 17 -1.92 -42.44 -15.63
C ILE A 17 -2.03 -43.03 -17.04
N ASN A 18 -0.91 -43.47 -17.63
CA ASN A 18 -0.95 -44.08 -18.96
C ASN A 18 -1.71 -45.42 -18.95
N LYS A 19 -1.65 -46.18 -17.85
CA LYS A 19 -2.24 -47.51 -17.82
C LYS A 19 -3.75 -47.45 -17.57
N ALA A 20 -4.22 -46.50 -16.75
CA ALA A 20 -5.66 -46.22 -16.62
C ALA A 20 -6.23 -45.44 -17.80
N ASN A 21 -5.38 -44.85 -18.65
CA ASN A 21 -5.85 -43.97 -19.73
C ASN A 21 -6.76 -42.87 -19.21
N SER A 22 -6.39 -42.28 -18.06
CA SER A 22 -7.25 -41.29 -17.40
C SER A 22 -6.51 -40.64 -16.21
N GLY A 23 -6.53 -39.28 -16.11
CA GLY A 23 -5.84 -38.64 -15.00
C GLY A 23 -5.11 -37.36 -15.42
N HIS A 24 -4.36 -36.79 -14.47
CA HIS A 24 -3.82 -35.42 -14.54
C HIS A 24 -2.31 -35.38 -14.30
N PRO A 25 -1.50 -35.31 -15.36
CA PRO A 25 -0.04 -35.46 -15.17
C PRO A 25 0.70 -34.17 -14.89
N GLY A 26 0.16 -33.04 -15.37
CA GLY A 26 0.87 -31.77 -15.29
C GLY A 26 1.29 -31.38 -13.88
N VAL A 27 0.36 -31.48 -12.91
CA VAL A 27 0.66 -31.01 -11.56
C VAL A 27 1.64 -31.94 -10.87
N VAL A 28 1.60 -33.24 -11.19
CA VAL A 28 2.54 -34.17 -10.58
C VAL A 28 3.97 -33.84 -11.01
N MET A 29 4.16 -33.47 -12.29
CA MET A 29 5.53 -33.22 -12.77
C MET A 29 6.06 -31.89 -12.25
N GLY A 30 5.18 -30.93 -12.01
CA GLY A 30 5.61 -29.62 -11.54
C GLY A 30 5.88 -29.55 -10.05
N ALA A 31 5.03 -30.20 -9.23
CA ALA A 31 5.10 -30.06 -7.78
C ALA A 31 5.90 -31.15 -7.07
N ALA A 32 6.49 -32.11 -7.78
CA ALA A 32 7.22 -33.17 -7.10
C ALA A 32 8.34 -32.67 -6.18
N PRO A 33 9.16 -31.67 -6.56
CA PRO A 33 10.23 -31.22 -5.63
C PRO A 33 9.72 -30.68 -4.29
N MET A 34 8.70 -29.81 -4.28
CA MET A 34 8.28 -29.21 -3.01
C MET A 34 7.55 -30.23 -2.12
N ALA A 35 6.88 -31.22 -2.71
CA ALA A 35 6.24 -32.26 -1.89
C ALA A 35 7.27 -33.21 -1.28
N TYR A 36 8.35 -33.51 -2.02
CA TYR A 36 9.44 -34.33 -1.48
C TYR A 36 10.14 -33.62 -0.34
N SER A 37 10.33 -32.30 -0.46
CA SER A 37 10.97 -31.54 0.60
C SER A 37 10.11 -31.53 1.86
N LEU A 38 8.78 -31.49 1.70
CA LEU A 38 7.87 -31.47 2.86
C LEU A 38 7.81 -32.82 3.57
N PHE A 39 7.76 -33.93 2.82
CA PHE A 39 7.65 -35.23 3.47
C PHE A 39 8.96 -35.67 4.14
N THR A 40 10.13 -35.30 3.56
CA THR A 40 11.41 -35.75 4.11
C THR A 40 12.03 -34.81 5.16
N LYS A 41 11.54 -33.57 5.31
CA LYS A 41 12.11 -32.68 6.31
C LYS A 41 11.12 -32.12 7.33
N GLN A 42 9.81 -32.08 7.04
CA GLN A 42 8.88 -31.46 7.98
C GLN A 42 7.94 -32.43 8.68
N LEU A 43 7.22 -33.29 7.95
CA LEU A 43 6.10 -34.04 8.53
C LEU A 43 6.56 -35.14 9.48
N HIS A 44 5.89 -35.24 10.63
CA HIS A 44 5.96 -36.40 11.50
C HIS A 44 4.70 -37.25 11.30
N ILE A 45 4.85 -38.39 10.61
CA ILE A 45 3.77 -39.36 10.39
C ILE A 45 4.35 -40.77 10.56
N ASN A 46 3.50 -41.70 11.01
CA ASN A 46 3.92 -43.07 11.30
C ASN A 46 3.10 -44.08 10.49
N PRO A 47 3.67 -44.66 9.42
CA PRO A 47 2.88 -45.60 8.60
C PRO A 47 2.32 -46.79 9.36
N ALA A 48 2.89 -47.15 10.51
CA ALA A 48 2.29 -48.22 11.31
C ALA A 48 1.15 -47.73 12.19
N GLN A 49 0.95 -46.42 12.32
CA GLN A 49 -0.14 -45.86 13.13
C GLN A 49 -0.75 -44.67 12.39
N PRO A 50 -1.50 -44.94 11.31
CA PRO A 50 -1.96 -43.85 10.42
C PRO A 50 -2.97 -42.88 11.06
N ASN A 51 -3.63 -43.24 12.16
CA ASN A 51 -4.62 -42.38 12.81
C ASN A 51 -4.09 -41.73 14.09
N TRP A 52 -2.77 -41.69 14.29
CA TRP A 52 -2.17 -41.06 15.46
C TRP A 52 -2.68 -39.62 15.65
N ILE A 53 -3.23 -39.34 16.84
CA ILE A 53 -3.94 -38.07 17.10
C ILE A 53 -3.00 -36.86 17.07
N ASN A 54 -1.70 -37.04 17.37
CA ASN A 54 -0.79 -35.90 17.39
C ASN A 54 0.16 -35.85 16.18
N ARG A 55 -0.17 -36.54 15.09
CA ARG A 55 0.59 -36.43 13.85
C ARG A 55 0.39 -35.04 13.20
N ASP A 56 1.37 -34.59 12.42
CA ASP A 56 1.16 -33.44 11.53
C ASP A 56 0.12 -33.79 10.47
N ARG A 57 -0.78 -32.85 10.17
CA ARG A 57 -1.83 -33.06 9.17
C ARG A 57 -1.45 -32.44 7.82
N PHE A 58 -2.00 -33.00 6.74
CA PHE A 58 -1.71 -32.56 5.38
C PHE A 58 -2.97 -32.69 4.51
N ILE A 59 -3.28 -31.64 3.75
CA ILE A 59 -4.46 -31.56 2.88
C ILE A 59 -4.01 -31.16 1.47
N LEU A 60 -4.33 -32.01 0.49
CA LEU A 60 -4.07 -31.69 -0.93
C LEU A 60 -5.29 -31.00 -1.51
N SER A 61 -5.31 -29.67 -1.45
CA SER A 61 -6.47 -28.91 -1.92
C SER A 61 -6.67 -29.03 -3.43
N ALA A 62 -5.58 -29.05 -4.19
CA ALA A 62 -5.65 -29.32 -5.63
C ALA A 62 -5.78 -30.83 -5.86
N GLY A 63 -7.00 -31.34 -5.59
CA GLY A 63 -7.22 -32.77 -5.53
C GLY A 63 -7.00 -33.53 -6.82
N HIS A 64 -6.90 -32.83 -7.97
CA HIS A 64 -6.73 -33.59 -9.22
C HIS A 64 -5.33 -34.21 -9.32
N GLY A 65 -4.35 -33.71 -8.56
CA GLY A 65 -3.05 -34.33 -8.52
C GLY A 65 -2.90 -35.53 -7.59
N SER A 66 -3.97 -36.34 -7.49
CA SER A 66 -4.02 -37.44 -6.54
C SER A 66 -2.86 -38.43 -6.68
N MET A 67 -2.35 -38.65 -7.91
CA MET A 67 -1.26 -39.61 -8.10
C MET A 67 0.05 -39.15 -7.44
N LEU A 68 0.24 -37.84 -7.23
CA LEU A 68 1.39 -37.37 -6.45
C LEU A 68 1.32 -37.86 -5.01
N LEU A 69 0.16 -37.76 -4.37
CA LEU A 69 0.03 -38.23 -2.99
C LEU A 69 0.10 -39.76 -2.91
N TYR A 70 -0.52 -40.47 -3.87
CA TYR A 70 -0.41 -41.93 -3.84
C TYR A 70 1.04 -42.40 -3.96
N ALA A 71 1.85 -41.76 -4.80
CA ALA A 71 3.24 -42.19 -4.94
C ALA A 71 4.02 -41.96 -3.65
N LEU A 72 3.81 -40.82 -2.98
CA LEU A 72 4.53 -40.55 -1.73
C LEU A 72 4.16 -41.56 -0.64
N LEU A 73 2.87 -41.93 -0.53
CA LEU A 73 2.47 -42.89 0.50
C LEU A 73 3.01 -44.29 0.22
N HIS A 74 3.08 -44.68 -1.06
CA HIS A 74 3.63 -45.99 -1.38
C HIS A 74 5.10 -46.07 -1.04
N LEU A 75 5.88 -45.06 -1.44
CA LEU A 75 7.32 -45.05 -1.19
C LEU A 75 7.64 -44.99 0.30
N SER A 76 6.76 -44.37 1.10
CA SER A 76 6.98 -44.25 2.55
C SER A 76 6.64 -45.51 3.32
N GLY A 77 5.83 -46.40 2.76
CA GLY A 77 5.50 -47.68 3.37
C GLY A 77 4.06 -47.88 3.89
N PHE A 78 3.10 -47.08 3.45
CA PHE A 78 1.73 -47.26 3.93
C PHE A 78 1.14 -48.53 3.30
N GLU A 79 0.52 -49.35 4.16
CA GLU A 79 0.07 -50.69 3.77
C GLU A 79 -1.02 -50.65 2.69
N ASP A 80 -1.96 -49.71 2.76
CA ASP A 80 -3.07 -49.70 1.79
C ASP A 80 -2.64 -49.31 0.37
N VAL A 81 -1.43 -48.80 0.16
CA VAL A 81 -1.03 -48.37 -1.18
C VAL A 81 0.14 -49.20 -1.71
N SER A 82 -0.13 -50.46 -2.06
CA SER A 82 0.87 -51.36 -2.66
C SER A 82 1.11 -51.01 -4.14
N MET A 83 2.11 -51.68 -4.75
CA MET A 83 2.31 -51.51 -6.19
C MET A 83 1.11 -52.02 -6.99
N ASP A 84 0.49 -53.13 -6.55
CA ASP A 84 -0.73 -53.62 -7.21
C ASP A 84 -1.85 -52.56 -7.17
N GLU A 85 -2.00 -51.84 -6.05
CA GLU A 85 -2.99 -50.76 -6.01
C GLU A 85 -2.59 -49.55 -6.88
N ILE A 86 -1.29 -49.24 -7.00
CA ILE A 86 -0.88 -48.19 -7.95
C ILE A 86 -1.25 -48.55 -9.38
N LYS A 87 -1.16 -49.85 -9.74
CA LYS A 87 -1.57 -50.32 -11.06
C LYS A 87 -3.10 -50.46 -11.21
N SER A 88 -3.88 -50.19 -10.16
CA SER A 88 -5.34 -50.18 -10.25
C SER A 88 -5.94 -48.79 -10.06
N PHE A 89 -5.12 -47.75 -10.25
CA PHE A 89 -5.58 -46.36 -10.16
C PHE A 89 -6.84 -46.16 -11.01
N ARG A 90 -7.88 -45.60 -10.37
CA ARG A 90 -9.17 -45.25 -10.99
C ARG A 90 -10.03 -46.48 -11.41
N GLN A 91 -9.77 -47.67 -10.85
CA GLN A 91 -10.58 -48.86 -11.16
C GLN A 91 -11.52 -49.23 -10.01
N TRP A 92 -12.54 -50.03 -10.35
CA TRP A 92 -13.59 -50.42 -9.40
C TRP A 92 -13.03 -51.20 -8.21
N GLY A 93 -13.24 -50.67 -7.00
CA GLY A 93 -12.86 -51.34 -5.79
C GLY A 93 -11.45 -51.08 -5.29
N SER A 94 -10.69 -50.19 -5.94
CA SER A 94 -9.30 -49.99 -5.55
C SER A 94 -9.19 -49.00 -4.38
N LYS A 95 -8.01 -48.96 -3.76
CA LYS A 95 -7.65 -47.97 -2.75
C LYS A 95 -7.11 -46.68 -3.35
N THR A 96 -7.07 -46.57 -4.69
CA THR A 96 -6.52 -45.40 -5.38
C THR A 96 -7.56 -44.71 -6.29
N PRO A 97 -8.64 -44.18 -5.73
CA PRO A 97 -9.65 -43.50 -6.57
C PRO A 97 -9.13 -42.19 -7.17
N GLY A 98 -9.90 -41.70 -8.15
CA GLY A 98 -9.46 -40.55 -8.96
C GLY A 98 -9.23 -39.27 -8.19
N HIS A 99 -9.98 -39.05 -7.10
CA HIS A 99 -9.74 -37.95 -6.18
C HIS A 99 -9.62 -38.53 -4.76
N PRO A 100 -8.85 -37.88 -3.89
CA PRO A 100 -8.61 -38.47 -2.55
C PRO A 100 -9.90 -38.56 -1.72
N GLU A 101 -10.08 -39.67 -0.99
CA GLU A 101 -11.26 -39.85 -0.13
C GLU A 101 -10.87 -40.24 1.30
N PHE A 102 -11.40 -39.50 2.27
CA PHE A 102 -11.18 -39.82 3.68
C PHE A 102 -11.99 -41.05 4.08
N GLY A 103 -11.39 -41.89 4.93
CA GLY A 103 -12.04 -43.08 5.45
C GLY A 103 -12.03 -44.27 4.52
N HIS A 104 -11.63 -44.11 3.27
CA HIS A 104 -11.49 -45.23 2.35
C HIS A 104 -10.05 -45.68 2.20
N THR A 105 -9.09 -44.76 2.30
CA THR A 105 -7.67 -45.05 2.19
C THR A 105 -6.99 -44.59 3.48
N ALA A 106 -6.37 -45.53 4.20
CA ALA A 106 -5.65 -45.19 5.43
C ALA A 106 -4.43 -44.33 5.11
N GLY A 107 -4.29 -43.21 5.84
CA GLY A 107 -3.24 -42.24 5.58
C GLY A 107 -3.73 -40.92 4.98
N ILE A 108 -4.95 -40.87 4.46
CA ILE A 108 -5.51 -39.67 3.85
C ILE A 108 -6.40 -38.94 4.87
N ASP A 109 -6.14 -37.63 5.04
CA ASP A 109 -6.75 -36.84 6.11
C ASP A 109 -8.06 -36.14 5.71
N ALA A 110 -8.29 -35.87 4.42
CA ALA A 110 -9.48 -35.12 4.02
C ALA A 110 -9.83 -35.39 2.56
N THR A 111 -11.14 -35.48 2.29
CA THR A 111 -11.66 -35.64 0.92
C THR A 111 -11.60 -34.31 0.17
N THR A 112 -10.99 -34.32 -1.03
CA THR A 112 -10.83 -33.10 -1.83
C THR A 112 -11.28 -33.34 -3.26
N GLY A 113 -11.16 -32.29 -4.09
CA GLY A 113 -11.72 -32.30 -5.42
C GLY A 113 -12.47 -31.03 -5.77
N PRO A 114 -13.45 -30.64 -4.95
CA PRO A 114 -14.11 -29.33 -5.13
C PRO A 114 -13.17 -28.18 -4.78
N LEU A 115 -12.83 -27.36 -5.77
CA LEU A 115 -11.78 -26.37 -5.58
C LEU A 115 -12.18 -25.30 -4.57
N GLY A 116 -11.19 -24.81 -3.81
CA GLY A 116 -11.42 -23.86 -2.74
C GLY A 116 -11.61 -24.45 -1.36
N GLN A 117 -12.21 -25.65 -1.24
CA GLN A 117 -12.62 -26.14 0.08
C GLN A 117 -11.48 -26.81 0.84
N GLY A 118 -10.47 -27.37 0.15
CA GLY A 118 -9.34 -27.94 0.83
C GLY A 118 -8.58 -26.94 1.70
N ILE A 119 -8.12 -25.85 1.08
CA ILE A 119 -7.39 -24.82 1.83
C ILE A 119 -8.27 -24.17 2.89
N SER A 120 -9.59 -24.07 2.65
CA SER A 120 -10.48 -23.48 3.64
C SER A 120 -10.66 -24.40 4.86
N THR A 121 -10.95 -25.69 4.62
CA THR A 121 -11.19 -26.62 5.71
C THR A 121 -9.97 -26.81 6.62
N ALA A 122 -8.76 -26.51 6.14
CA ALA A 122 -7.55 -26.65 6.96
C ALA A 122 -7.52 -25.67 8.13
N THR A 123 -8.19 -24.52 7.98
CA THR A 123 -8.40 -23.58 9.09
C THR A 123 -9.00 -24.25 10.33
N GLY A 124 -10.01 -25.11 10.13
CA GLY A 124 -10.63 -25.80 11.26
C GLY A 124 -9.74 -26.86 11.91
N PHE A 125 -8.93 -27.58 11.11
CA PHE A 125 -7.90 -28.47 11.67
C PHE A 125 -7.02 -27.71 12.65
N ALA A 126 -6.53 -26.53 12.23
CA ALA A 126 -5.60 -25.77 13.06
C ALA A 126 -6.30 -25.21 14.32
N GLN A 127 -7.53 -24.71 14.18
CA GLN A 127 -8.28 -24.22 15.33
C GLN A 127 -8.57 -25.33 16.34
N ALA A 128 -8.86 -26.55 15.86
CA ALA A 128 -9.16 -27.65 16.77
C ALA A 128 -7.94 -28.02 17.62
N GLU A 129 -6.74 -27.98 17.02
CA GLU A 129 -5.50 -28.23 17.76
C GLU A 129 -5.27 -27.18 18.86
N ARG A 130 -5.66 -25.92 18.59
CA ARG A 130 -5.45 -24.84 19.56
C ARG A 130 -6.33 -25.01 20.79
N PHE A 131 -7.59 -25.39 20.59
CA PHE A 131 -8.51 -25.59 21.71
C PHE A 131 -8.08 -26.77 22.59
N LEU A 132 -7.82 -27.92 21.98
CA LEU A 132 -7.44 -29.09 22.77
C LEU A 132 -6.15 -28.83 23.54
N ALA A 133 -5.21 -28.10 22.95
CA ALA A 133 -3.96 -27.77 23.63
C ALA A 133 -4.21 -26.86 24.85
N ALA A 134 -5.06 -25.85 24.68
CA ALA A 134 -5.32 -24.93 25.79
C ALA A 134 -6.08 -25.62 26.93
N LYS A 135 -6.96 -26.57 26.61
CA LYS A 135 -7.72 -27.23 27.68
C LYS A 135 -6.86 -28.21 28.47
N TYR A 136 -6.01 -29.02 27.80
CA TYR A 136 -5.46 -30.20 28.45
C TYR A 136 -3.96 -30.18 28.72
N ASN A 137 -3.15 -29.41 28.00
CA ASN A 137 -1.71 -29.41 28.25
C ASN A 137 -1.38 -28.81 29.61
N ARG A 138 -0.23 -29.23 30.18
CA ARG A 138 0.28 -28.74 31.45
C ARG A 138 1.80 -28.60 31.35
N GLU A 139 2.41 -27.94 32.33
CA GLU A 139 3.86 -27.70 32.29
C GLU A 139 4.66 -29.00 32.20
N GLY A 140 5.46 -29.14 31.14
CA GLY A 140 6.23 -30.34 30.90
C GLY A 140 5.51 -31.42 30.12
N TYR A 141 4.27 -31.19 29.71
CA TYR A 141 3.44 -32.21 29.05
C TYR A 141 2.69 -31.53 27.90
N ASN A 142 3.33 -31.45 26.73
CA ASN A 142 2.69 -30.93 25.53
C ASN A 142 2.04 -32.08 24.77
N ILE A 143 0.87 -32.49 25.25
CA ILE A 143 0.16 -33.63 24.65
C ILE A 143 -0.40 -33.30 23.27
N PHE A 144 -0.90 -32.08 23.07
CA PHE A 144 -1.41 -31.66 21.76
C PHE A 144 -0.50 -30.55 21.22
N ASP A 145 0.22 -30.83 20.13
CA ASP A 145 1.23 -29.92 19.62
C ASP A 145 1.78 -30.35 18.25
N HIS A 146 1.19 -29.82 17.17
CA HIS A 146 1.54 -30.22 15.80
C HIS A 146 1.10 -29.12 14.82
N TYR A 147 1.58 -29.24 13.58
CA TYR A 147 1.31 -28.30 12.50
C TYR A 147 0.31 -28.86 11.49
N THR A 148 -0.28 -27.95 10.68
CA THR A 148 -1.22 -28.22 9.60
C THR A 148 -0.68 -27.67 8.27
N TYR A 149 -0.52 -28.53 7.25
CA TYR A 149 0.12 -28.18 5.99
C TYR A 149 -0.82 -28.40 4.79
N VAL A 150 -0.65 -27.60 3.73
CA VAL A 150 -1.45 -27.80 2.51
C VAL A 150 -0.66 -27.44 1.25
N ILE A 151 -1.03 -28.08 0.13
CA ILE A 151 -0.59 -27.67 -1.22
C ILE A 151 -1.82 -27.29 -2.06
N CYS A 152 -1.78 -26.10 -2.69
CA CYS A 152 -2.87 -25.57 -3.52
C CYS A 152 -2.34 -25.08 -4.87
N GLY A 153 -3.28 -24.68 -5.75
CA GLY A 153 -2.98 -24.17 -7.07
C GLY A 153 -3.77 -22.91 -7.47
N ASP A 154 -3.70 -22.52 -8.74
CA ASP A 154 -4.37 -21.29 -9.19
C ASP A 154 -5.89 -21.34 -8.98
N GLY A 155 -6.53 -22.48 -9.27
CA GLY A 155 -7.98 -22.55 -9.15
C GLY A 155 -8.48 -22.29 -7.73
N ASP A 156 -7.74 -22.79 -6.72
CA ASP A 156 -8.13 -22.62 -5.31
C ASP A 156 -8.19 -21.16 -4.90
N LEU A 157 -7.33 -20.31 -5.47
CA LEU A 157 -7.27 -18.93 -5.01
C LEU A 157 -8.14 -17.98 -5.83
N MET A 158 -8.76 -18.47 -6.92
CA MET A 158 -9.85 -17.74 -7.56
C MET A 158 -11.20 -17.91 -6.82
N GLU A 159 -11.44 -19.04 -6.13
CA GLU A 159 -12.74 -19.25 -5.51
C GLU A 159 -12.94 -18.39 -4.27
N GLY A 160 -14.15 -17.83 -4.14
CA GLY A 160 -14.43 -16.88 -3.07
C GLY A 160 -14.29 -17.45 -1.67
N VAL A 161 -14.64 -18.73 -1.47
CA VAL A 161 -14.65 -19.32 -0.13
C VAL A 161 -13.29 -19.20 0.55
N SER A 162 -12.19 -19.26 -0.22
CA SER A 162 -10.84 -19.19 0.36
C SER A 162 -10.42 -17.77 0.73
N SER A 163 -11.00 -16.74 0.08
CA SER A 163 -10.84 -15.36 0.57
C SER A 163 -11.51 -15.18 1.94
N GLU A 164 -12.76 -15.66 2.08
CA GLU A 164 -13.43 -15.62 3.39
C GLU A 164 -12.55 -16.25 4.47
N ALA A 165 -12.10 -17.49 4.22
CA ALA A 165 -11.29 -18.22 5.19
C ALA A 165 -10.01 -17.46 5.59
N ALA A 166 -9.31 -16.86 4.62
CA ALA A 166 -8.04 -16.20 4.93
C ALA A 166 -8.23 -14.93 5.74
N SER A 167 -9.33 -14.19 5.49
CA SER A 167 -9.70 -13.03 6.31
C SER A 167 -9.93 -13.41 7.77
N TYR A 168 -10.76 -14.45 7.98
CA TYR A 168 -11.02 -14.95 9.34
C TYR A 168 -9.75 -15.48 10.00
N ALA A 169 -8.90 -16.17 9.24
CA ALA A 169 -7.72 -16.79 9.85
C ALA A 169 -6.68 -15.74 10.23
N GLY A 170 -6.64 -14.61 9.52
CA GLY A 170 -5.73 -13.55 9.90
C GLY A 170 -6.13 -12.87 11.20
N LEU A 171 -7.44 -12.63 11.36
CA LEU A 171 -7.96 -12.08 12.61
C LEU A 171 -7.69 -13.03 13.76
N GLN A 172 -7.79 -14.34 13.51
CA GLN A 172 -7.63 -15.34 14.58
C GLN A 172 -6.17 -15.70 14.89
N LYS A 173 -5.20 -15.26 14.07
CA LYS A 173 -3.77 -15.48 14.36
C LYS A 173 -3.40 -16.96 14.50
N LEU A 174 -3.79 -17.78 13.51
CA LEU A 174 -3.54 -19.23 13.56
C LEU A 174 -2.17 -19.53 12.95
N ASP A 175 -1.14 -19.38 13.79
CA ASP A 175 0.25 -19.38 13.34
C ASP A 175 0.80 -20.77 13.00
N LYS A 176 0.06 -21.85 13.15
CA LYS A 176 0.59 -23.17 12.81
C LYS A 176 0.10 -23.67 11.45
N LEU A 177 -0.62 -22.85 10.70
CA LEU A 177 -1.10 -23.18 9.35
C LEU A 177 -0.08 -22.72 8.31
N VAL A 178 0.32 -23.63 7.41
CA VAL A 178 1.39 -23.39 6.43
C VAL A 178 0.94 -23.89 5.06
N VAL A 179 0.88 -23.00 4.07
CA VAL A 179 0.35 -23.30 2.74
C VAL A 179 1.44 -23.12 1.67
N LEU A 180 1.63 -24.16 0.83
CA LEU A 180 2.47 -24.06 -0.38
C LEU A 180 1.60 -23.90 -1.64
N TYR A 181 1.86 -22.82 -2.40
CA TYR A 181 1.08 -22.46 -3.60
C TYR A 181 1.88 -22.80 -4.87
N ASP A 182 1.40 -23.81 -5.60
CA ASP A 182 1.94 -24.18 -6.92
C ASP A 182 1.55 -23.13 -7.97
N SER A 183 2.48 -22.24 -8.32
CA SER A 183 2.20 -21.08 -9.16
C SER A 183 2.85 -21.27 -10.53
N ASN A 184 2.12 -21.90 -11.47
CA ASN A 184 2.70 -22.34 -12.74
C ASN A 184 2.16 -21.58 -13.96
N ASP A 185 1.38 -20.52 -13.75
CA ASP A 185 0.89 -19.63 -14.81
C ASP A 185 -0.09 -20.30 -15.80
N ILE A 186 -0.67 -21.47 -15.46
CA ILE A 186 -1.56 -22.20 -16.36
C ILE A 186 -2.78 -22.69 -15.57
N ASN A 187 -3.97 -22.63 -16.21
CA ASN A 187 -5.21 -23.30 -15.78
C ASN A 187 -5.82 -24.08 -16.94
N LEU A 188 -7.08 -24.54 -16.79
CA LEU A 188 -7.62 -25.55 -17.71
C LEU A 188 -7.80 -25.03 -19.13
N ASP A 189 -8.28 -23.78 -19.30
CA ASP A 189 -8.53 -23.28 -20.65
C ASP A 189 -7.34 -22.52 -21.26
N GLY A 190 -6.26 -22.28 -20.52
CA GLY A 190 -5.13 -21.54 -21.11
C GLY A 190 -4.23 -20.91 -20.04
N GLU A 191 -3.62 -19.77 -20.42
CA GLU A 191 -2.69 -19.02 -19.57
C GLU A 191 -3.43 -18.07 -18.62
N THR A 192 -2.81 -17.81 -17.46
CA THR A 192 -3.39 -16.93 -16.44
C THR A 192 -3.38 -15.46 -16.86
N LYS A 193 -2.68 -15.10 -17.94
CA LYS A 193 -2.79 -13.74 -18.45
C LYS A 193 -4.20 -13.38 -18.90
N ASP A 194 -5.03 -14.38 -19.22
CA ASP A 194 -6.43 -14.13 -19.59
C ASP A 194 -7.41 -14.52 -18.49
N SER A 195 -6.95 -14.78 -17.26
CA SER A 195 -7.89 -15.18 -16.21
C SER A 195 -7.58 -14.67 -14.81
N PHE A 196 -6.34 -14.35 -14.47
CA PHE A 196 -5.93 -14.19 -13.07
C PHE A 196 -4.66 -13.31 -13.06
N THR A 197 -4.85 -11.99 -12.97
CA THR A 197 -3.72 -11.04 -13.06
C THR A 197 -3.44 -10.25 -11.78
N GLU A 198 -4.26 -10.40 -10.73
CA GLU A 198 -4.03 -9.75 -9.44
C GLU A 198 -2.67 -10.14 -8.84
N SER A 199 -2.17 -9.28 -7.94
CA SER A 199 -1.03 -9.60 -7.07
C SER A 199 -1.50 -10.40 -5.86
N VAL A 200 -1.28 -11.73 -5.88
CA VAL A 200 -1.78 -12.60 -4.82
C VAL A 200 -1.10 -12.30 -3.46
N ARG A 201 0.22 -12.01 -3.47
CA ARG A 201 0.91 -11.81 -2.19
C ARG A 201 0.57 -10.46 -1.54
N ASP A 202 0.30 -9.42 -2.33
CA ASP A 202 -0.16 -8.16 -1.72
C ASP A 202 -1.53 -8.34 -1.07
N ARG A 203 -2.42 -9.14 -1.67
CA ARG A 203 -3.71 -9.37 -1.05
C ARG A 203 -3.56 -10.11 0.29
N TYR A 204 -2.75 -11.17 0.33
CA TYR A 204 -2.58 -11.92 1.58
C TYR A 204 -1.85 -11.11 2.66
N ASN A 205 -1.03 -10.12 2.27
CA ASN A 205 -0.46 -9.23 3.27
C ASN A 205 -1.55 -8.38 3.95
N ALA A 206 -2.55 -7.93 3.19
CA ALA A 206 -3.61 -7.12 3.76
C ALA A 206 -4.47 -7.88 4.78
N TYR A 207 -4.52 -9.22 4.71
CA TYR A 207 -5.28 -10.00 5.70
C TYR A 207 -4.51 -10.21 6.99
N GLY A 208 -3.21 -9.90 7.03
CA GLY A 208 -2.39 -10.20 8.19
C GLY A 208 -1.62 -11.50 8.15
N TRP A 209 -1.33 -12.05 6.96
CA TRP A 209 -0.56 -13.28 6.76
C TRP A 209 0.92 -12.98 6.45
N HIS A 210 1.76 -14.01 6.60
CA HIS A 210 3.13 -14.02 6.11
C HIS A 210 3.18 -14.50 4.67
N THR A 211 4.03 -13.88 3.84
CA THR A 211 4.17 -14.25 2.43
C THR A 211 5.64 -14.28 2.03
N ALA A 212 5.94 -15.04 0.97
CA ALA A 212 7.31 -15.15 0.46
C ALA A 212 7.30 -15.73 -0.96
N LEU A 213 8.43 -15.57 -1.66
CA LEU A 213 8.59 -16.01 -3.05
C LEU A 213 9.81 -16.91 -3.21
N VAL A 214 9.63 -18.05 -3.91
CA VAL A 214 10.71 -18.96 -4.33
C VAL A 214 10.75 -19.00 -5.85
N GLU A 215 11.78 -18.40 -6.45
CA GLU A 215 11.82 -18.20 -7.90
C GLU A 215 12.10 -19.48 -8.69
N ASN A 216 12.89 -20.41 -8.14
N ASN A 216 12.93 -20.40 -8.17
CA ASN A 216 13.28 -21.63 -8.85
CA ASN A 216 13.28 -21.64 -8.86
C ASN A 216 12.67 -22.85 -8.17
C ASN A 216 12.63 -22.82 -8.13
N GLY A 217 11.55 -23.35 -8.72
CA GLY A 217 10.78 -24.43 -8.13
C GLY A 217 11.46 -25.79 -8.06
N THR A 218 12.68 -25.95 -8.58
CA THR A 218 13.38 -27.22 -8.44
C THR A 218 14.54 -27.15 -7.44
N ASP A 219 14.71 -26.02 -6.74
CA ASP A 219 15.84 -25.82 -5.82
C ASP A 219 15.42 -26.25 -4.41
N LEU A 220 15.90 -27.44 -3.99
CA LEU A 220 15.42 -28.04 -2.75
C LEU A 220 15.86 -27.26 -1.52
N GLU A 221 17.03 -26.63 -1.55
CA GLU A 221 17.49 -25.88 -0.37
C GLU A 221 16.75 -24.55 -0.22
N ALA A 222 16.38 -23.90 -1.33
CA ALA A 222 15.56 -22.69 -1.25
C ALA A 222 14.16 -22.99 -0.71
N ILE A 223 13.60 -24.14 -1.05
CA ILE A 223 12.25 -24.48 -0.56
C ILE A 223 12.28 -24.74 0.94
N HIS A 224 13.29 -25.46 1.44
CA HIS A 224 13.40 -25.75 2.87
C HIS A 224 13.58 -24.48 3.70
N ALA A 225 14.43 -23.56 3.25
CA ALA A 225 14.68 -22.32 4.00
C ALA A 225 13.41 -21.48 4.14
N ALA A 226 12.61 -21.39 3.08
CA ALA A 226 11.35 -20.63 3.15
C ALA A 226 10.36 -21.25 4.14
N ILE A 227 10.29 -22.59 4.20
CA ILE A 227 9.35 -23.19 5.15
C ILE A 227 9.81 -22.92 6.59
N GLU A 228 11.13 -23.00 6.84
CA GLU A 228 11.65 -22.69 8.16
C GLU A 228 11.35 -21.25 8.56
N THR A 229 11.55 -20.29 7.64
CA THR A 229 11.20 -18.90 7.93
C THR A 229 9.70 -18.74 8.22
N ALA A 230 8.84 -19.43 7.46
CA ALA A 230 7.40 -19.33 7.70
C ALA A 230 7.00 -19.80 9.10
N LYS A 231 7.60 -20.91 9.58
CA LYS A 231 7.27 -21.41 10.91
C LYS A 231 7.74 -20.51 12.05
N ALA A 232 8.68 -19.60 11.79
CA ALA A 232 9.12 -18.65 12.81
C ALA A 232 8.47 -17.28 12.70
N SER A 233 7.43 -17.13 11.86
CA SER A 233 6.92 -15.80 11.56
C SER A 233 5.86 -15.31 12.53
N GLY A 234 5.18 -16.21 13.25
CA GLY A 234 4.09 -15.85 14.14
C GLY A 234 2.77 -15.59 13.44
N LYS A 235 2.64 -15.98 12.17
CA LYS A 235 1.45 -15.74 11.36
C LYS A 235 1.16 -16.94 10.46
N PRO A 236 -0.10 -17.13 10.07
CA PRO A 236 -0.40 -18.08 8.98
C PRO A 236 0.36 -17.69 7.71
N SER A 237 0.73 -18.69 6.90
CA SER A 237 1.74 -18.52 5.87
C SER A 237 1.26 -18.92 4.48
N LEU A 238 1.61 -18.11 3.47
CA LEU A 238 1.44 -18.47 2.06
C LEU A 238 2.74 -18.24 1.28
N ILE A 239 3.33 -19.33 0.76
CA ILE A 239 4.61 -19.33 0.06
C ILE A 239 4.34 -19.59 -1.42
N GLU A 240 4.62 -18.60 -2.29
CA GLU A 240 4.43 -18.76 -3.73
C GLU A 240 5.67 -19.43 -4.33
N VAL A 241 5.48 -20.58 -5.00
CA VAL A 241 6.54 -21.35 -5.62
C VAL A 241 6.33 -21.40 -7.14
N LYS A 242 7.28 -20.86 -7.90
CA LYS A 242 7.22 -20.83 -9.36
C LYS A 242 7.70 -22.15 -9.96
N THR A 243 6.83 -22.82 -10.70
CA THR A 243 7.16 -24.09 -11.34
C THR A 243 6.70 -24.10 -12.79
N VAL A 244 7.16 -25.11 -13.53
CA VAL A 244 6.76 -25.35 -14.93
C VAL A 244 5.84 -26.57 -14.96
N ILE A 245 4.57 -26.36 -15.35
CA ILE A 245 3.67 -27.49 -15.45
C ILE A 245 4.15 -28.43 -16.56
N GLY A 246 4.12 -29.73 -16.29
CA GLY A 246 4.63 -30.69 -17.24
C GLY A 246 6.14 -30.71 -17.43
N TYR A 247 6.89 -30.18 -16.46
CA TYR A 247 8.36 -30.10 -16.50
C TYR A 247 9.00 -31.38 -17.03
N GLY A 248 9.73 -31.25 -18.15
CA GLY A 248 10.40 -32.36 -18.79
C GLY A 248 9.84 -32.77 -20.14
N SER A 249 8.57 -32.42 -20.46
CA SER A 249 7.93 -32.71 -21.75
C SER A 249 8.40 -31.71 -22.80
N PRO A 250 9.18 -32.14 -23.79
CA PRO A 250 9.76 -31.14 -24.72
C PRO A 250 8.74 -30.43 -25.59
N ASN A 251 7.69 -31.12 -26.03
CA ASN A 251 6.69 -30.49 -26.88
C ASN A 251 5.53 -29.86 -26.12
N LYS A 252 5.25 -30.27 -24.87
CA LYS A 252 4.02 -29.81 -24.21
C LYS A 252 4.20 -29.15 -22.83
N GLN A 253 5.41 -28.98 -22.31
CA GLN A 253 5.58 -28.32 -21.02
C GLN A 253 5.25 -26.83 -21.15
N GLY A 254 4.68 -26.27 -20.08
CA GLY A 254 4.27 -24.88 -20.07
C GLY A 254 2.97 -24.57 -20.78
N THR A 255 2.23 -25.59 -21.25
CA THR A 255 0.98 -25.41 -21.97
C THR A 255 -0.16 -26.12 -21.25
N ASN A 256 -1.41 -25.71 -21.53
CA ASN A 256 -2.56 -26.40 -20.92
C ASN A 256 -2.78 -27.80 -21.46
N ALA A 257 -2.02 -28.24 -22.47
CA ALA A 257 -2.19 -29.57 -23.07
C ALA A 257 -1.79 -30.71 -22.12
N VAL A 258 -1.09 -30.44 -21.02
CA VAL A 258 -0.71 -31.46 -20.04
C VAL A 258 -1.54 -31.36 -18.75
N HIS A 259 -2.58 -30.52 -18.72
CA HIS A 259 -3.33 -30.33 -17.49
C HIS A 259 -4.11 -31.59 -17.09
N GLY A 260 -4.91 -32.13 -18.00
CA GLY A 260 -5.80 -33.22 -17.66
C GLY A 260 -5.99 -34.36 -18.65
N ALA A 261 -4.93 -34.75 -19.35
CA ALA A 261 -4.94 -35.89 -20.27
C ALA A 261 -3.61 -36.64 -20.18
N PRO A 262 -3.61 -37.97 -20.31
CA PRO A 262 -2.34 -38.72 -20.30
C PRO A 262 -1.41 -38.28 -21.41
N LEU A 263 -0.10 -38.43 -21.17
CA LEU A 263 0.90 -37.96 -22.13
C LEU A 263 0.90 -38.79 -23.43
N GLY A 264 0.64 -40.09 -23.35
CA GLY A 264 0.69 -40.95 -24.53
C GLY A 264 2.10 -41.44 -24.81
N ALA A 265 2.20 -42.45 -25.70
CA ALA A 265 3.44 -43.20 -25.86
C ALA A 265 4.57 -42.35 -26.46
N ASP A 266 4.29 -41.58 -27.52
CA ASP A 266 5.34 -40.83 -28.20
C ASP A 266 5.94 -39.75 -27.29
N GLU A 267 5.09 -38.97 -26.62
CA GLU A 267 5.62 -37.93 -25.72
C GLU A 267 6.25 -38.53 -24.46
N THR A 268 5.75 -39.67 -23.97
CA THR A 268 6.34 -40.30 -22.79
C THR A 268 7.76 -40.77 -23.08
N ALA A 269 8.03 -41.26 -24.29
CA ALA A 269 9.40 -41.67 -24.63
C ALA A 269 10.33 -40.47 -24.76
N SER A 270 9.81 -39.34 -25.29
CA SER A 270 10.61 -38.12 -25.34
C SER A 270 10.86 -37.54 -23.95
N THR A 271 9.98 -37.80 -22.98
CA THR A 271 10.18 -37.25 -21.63
C THR A 271 11.24 -38.05 -20.85
N ARG A 272 11.27 -39.38 -21.02
CA ARG A 272 12.31 -40.20 -20.40
C ARG A 272 13.70 -39.77 -20.88
N GLN A 273 13.84 -39.56 -22.19
CA GLN A 273 15.12 -39.17 -22.76
C GLN A 273 15.59 -37.82 -22.22
N ALA A 274 14.67 -36.86 -22.09
CA ALA A 274 15.08 -35.51 -21.69
C ALA A 274 15.45 -35.43 -20.21
N LEU A 275 14.88 -36.29 -19.36
CA LEU A 275 15.18 -36.26 -17.93
C LEU A 275 16.17 -37.35 -17.51
N GLY A 276 16.61 -38.21 -18.43
CA GLY A 276 17.59 -39.22 -18.09
C GLY A 276 17.07 -40.36 -17.22
N TRP A 277 15.82 -40.75 -17.39
CA TRP A 277 15.20 -41.83 -16.63
C TRP A 277 15.09 -43.06 -17.53
N ASP A 278 15.92 -44.07 -17.27
CA ASP A 278 15.97 -45.27 -18.10
C ASP A 278 15.33 -46.49 -17.46
N TYR A 279 14.59 -46.32 -16.36
CA TYR A 279 13.89 -47.43 -15.74
C TYR A 279 12.54 -47.65 -16.41
N GLU A 280 12.11 -48.92 -16.41
CA GLU A 280 10.86 -49.32 -17.05
C GLU A 280 9.68 -49.05 -16.11
N PRO A 281 8.46 -49.00 -16.66
CA PRO A 281 7.28 -48.70 -15.82
C PRO A 281 7.19 -49.59 -14.59
N PHE A 282 6.96 -48.95 -13.44
CA PHE A 282 6.81 -49.57 -12.11
C PHE A 282 8.08 -50.29 -11.64
N GLU A 283 9.25 -49.88 -12.15
CA GLU A 283 10.55 -50.33 -11.65
C GLU A 283 11.21 -49.17 -10.89
N ILE A 284 11.36 -49.32 -9.59
CA ILE A 284 11.95 -48.29 -8.73
C ILE A 284 13.17 -48.88 -8.01
N PRO A 285 14.36 -48.30 -8.15
CA PRO A 285 15.56 -48.89 -7.51
C PRO A 285 15.54 -48.78 -5.98
N GLU A 286 16.31 -49.68 -5.37
CA GLU A 286 16.31 -49.86 -3.91
C GLU A 286 16.84 -48.64 -3.16
N GLN A 287 17.83 -47.92 -3.73
CA GLN A 287 18.27 -46.63 -3.21
C GLN A 287 17.14 -45.70 -2.79
N VAL A 288 16.09 -45.60 -3.61
CA VAL A 288 14.97 -44.67 -3.35
C VAL A 288 14.14 -45.14 -2.14
N TYR A 289 13.86 -46.45 -2.07
CA TYR A 289 13.13 -47.00 -0.92
C TYR A 289 13.87 -46.75 0.39
N ALA A 290 15.20 -46.96 0.40
CA ALA A 290 15.99 -46.71 1.60
C ALA A 290 16.05 -45.22 1.97
N ASP A 291 16.03 -44.34 0.97
CA ASP A 291 15.95 -42.91 1.26
C ASP A 291 14.65 -42.57 2.01
N PHE A 292 13.50 -43.08 1.52
CA PHE A 292 12.22 -42.77 2.16
C PHE A 292 12.07 -43.44 3.52
N LYS A 293 12.73 -44.60 3.72
CA LYS A 293 12.57 -45.29 5.00
C LYS A 293 13.33 -44.59 6.12
N GLU A 294 14.51 -44.03 5.81
CA GLU A 294 15.25 -43.29 6.84
C GLU A 294 14.53 -42.00 7.23
N HIS A 295 14.13 -41.18 6.25
CA HIS A 295 13.77 -39.80 6.53
C HIS A 295 12.26 -39.56 6.72
N VAL A 296 11.42 -40.56 6.49
CA VAL A 296 9.98 -40.43 6.74
C VAL A 296 9.54 -41.44 7.81
N ALA A 297 9.67 -42.73 7.50
CA ALA A 297 9.11 -43.77 8.37
C ALA A 297 9.85 -43.87 9.71
N ASP A 298 11.19 -44.02 9.70
CA ASP A 298 11.92 -44.13 10.97
C ASP A 298 11.81 -42.87 11.82
N ARG A 299 11.93 -41.69 11.19
CA ARG A 299 11.77 -40.41 11.91
C ARG A 299 10.37 -40.30 12.51
N GLY A 300 9.33 -40.65 11.74
CA GLY A 300 7.98 -40.60 12.28
C GLY A 300 7.73 -41.62 13.37
N ALA A 301 8.29 -42.83 13.22
CA ALA A 301 8.09 -43.85 14.24
C ALA A 301 8.81 -43.51 15.55
N SER A 302 9.97 -42.84 15.49
CA SER A 302 10.65 -42.46 16.72
C SER A 302 9.84 -41.41 17.49
N ALA A 303 9.31 -40.40 16.79
CA ALA A 303 8.50 -39.40 17.46
C ALA A 303 7.26 -40.01 18.10
N TYR A 304 6.71 -41.08 17.51
CA TYR A 304 5.50 -41.69 18.07
C TYR A 304 5.80 -42.43 19.38
N GLN A 305 6.97 -43.08 19.49
CA GLN A 305 7.29 -43.77 20.74
C GLN A 305 7.52 -42.78 21.88
N ALA A 306 8.12 -41.63 21.59
CA ALA A 306 8.34 -40.66 22.66
C ALA A 306 7.02 -40.05 23.14
N TRP A 307 6.06 -39.86 22.23
CA TRP A 307 4.74 -39.34 22.62
C TRP A 307 4.00 -40.31 23.55
N THR A 308 4.09 -41.62 23.29
CA THR A 308 3.36 -42.57 24.14
C THR A 308 3.93 -42.62 25.55
N LYS A 309 5.26 -42.56 25.69
CA LYS A 309 5.86 -42.49 27.02
C LYS A 309 5.47 -41.19 27.72
N LEU A 310 5.39 -40.09 26.96
CA LEU A 310 4.96 -38.82 27.54
C LEU A 310 3.53 -38.89 28.11
N VAL A 311 2.59 -39.49 27.35
CA VAL A 311 1.20 -39.58 27.79
C VAL A 311 1.08 -40.43 29.05
N ALA A 312 1.88 -41.50 29.14
CA ALA A 312 1.84 -42.38 30.32
C ALA A 312 2.22 -41.62 31.59
N ASP A 313 3.32 -40.85 31.53
CA ASP A 313 3.72 -40.01 32.67
C ASP A 313 2.69 -38.92 32.97
N TYR A 314 2.01 -38.39 31.93
CA TYR A 314 1.03 -37.31 32.14
C TYR A 314 -0.17 -37.80 32.94
N LYS A 315 -0.60 -39.04 32.70
CA LYS A 315 -1.74 -39.58 33.45
C LYS A 315 -1.39 -39.81 34.92
N GLU A 316 -0.12 -40.09 35.22
CA GLU A 316 0.30 -40.23 36.61
C GLU A 316 0.39 -38.88 37.30
N ALA A 317 0.87 -37.84 36.60
CA ALA A 317 0.99 -36.52 37.20
C ALA A 317 -0.34 -35.79 37.37
N HIS A 318 -1.35 -36.11 36.56
CA HIS A 318 -2.63 -35.37 36.60
C HIS A 318 -3.80 -36.36 36.52
N PRO A 319 -4.12 -37.03 37.63
CA PRO A 319 -5.16 -38.06 37.58
C PRO A 319 -6.55 -37.51 37.36
N GLU A 320 -6.76 -36.22 37.60
CA GLU A 320 -8.07 -35.60 37.40
C GLU A 320 -8.35 -35.31 35.92
N LEU A 321 -7.34 -35.31 35.05
CA LEU A 321 -7.55 -35.18 33.61
C LEU A 321 -7.50 -36.52 32.88
N ALA A 322 -7.05 -37.60 33.53
CA ALA A 322 -6.69 -38.84 32.82
C ALA A 322 -7.89 -39.47 32.12
N ALA A 323 -9.05 -39.50 32.78
CA ALA A 323 -10.22 -40.17 32.20
C ALA A 323 -10.64 -39.53 30.89
N GLU A 324 -10.77 -38.20 30.85
CA GLU A 324 -11.22 -37.51 29.64
C GLU A 324 -10.25 -37.72 28.47
N VAL A 325 -8.94 -37.60 28.73
CA VAL A 325 -7.97 -37.70 27.63
C VAL A 325 -7.89 -39.13 27.11
N GLU A 326 -8.04 -40.10 28.00
CA GLU A 326 -8.06 -41.51 27.59
C GLU A 326 -9.22 -41.79 26.62
N ALA A 327 -10.42 -41.29 26.94
CA ALA A 327 -11.56 -41.40 26.04
C ALA A 327 -11.26 -40.85 24.66
N ILE A 328 -10.66 -39.65 24.59
CA ILE A 328 -10.42 -39.00 23.31
C ILE A 328 -9.44 -39.81 22.46
N ILE A 329 -8.44 -40.42 23.09
CA ILE A 329 -7.52 -41.26 22.32
C ILE A 329 -8.23 -42.55 21.86
N ASP A 330 -9.23 -43.02 22.61
CA ASP A 330 -10.05 -44.14 22.15
C ASP A 330 -11.01 -43.77 21.03
N GLY A 331 -11.18 -42.48 20.72
CA GLY A 331 -12.19 -42.08 19.75
C GLY A 331 -13.59 -41.93 20.29
N ARG A 332 -13.75 -41.66 21.58
CA ARG A 332 -15.05 -41.48 22.21
C ARG A 332 -15.18 -40.08 22.81
N ASP A 333 -16.44 -39.70 23.09
CA ASP A 333 -16.70 -38.44 23.76
C ASP A 333 -16.22 -38.47 25.21
N PRO A 334 -15.70 -37.36 25.75
CA PRO A 334 -15.26 -37.35 27.16
C PRO A 334 -16.38 -37.57 28.17
N VAL A 335 -17.62 -37.14 27.89
CA VAL A 335 -18.76 -37.30 28.80
C VAL A 335 -19.98 -37.72 27.98
N GLU A 336 -20.88 -38.50 28.59
CA GLU A 336 -22.06 -39.02 27.91
C GLU A 336 -23.32 -38.21 28.24
N VAL A 337 -24.01 -37.72 27.20
CA VAL A 337 -25.29 -37.02 27.30
C VAL A 337 -26.42 -38.07 27.27
N THR A 338 -27.47 -37.87 28.07
CA THR A 338 -28.57 -38.84 28.15
C THR A 338 -29.91 -38.14 28.19
N PRO A 339 -31.01 -38.86 27.91
CA PRO A 339 -32.34 -38.24 27.93
C PRO A 339 -32.73 -37.61 29.25
N ALA A 340 -32.24 -38.14 30.37
CA ALA A 340 -32.55 -37.61 31.69
C ALA A 340 -31.98 -36.22 31.94
N ASP A 341 -31.15 -35.68 31.05
CA ASP A 341 -30.62 -34.33 31.28
C ASP A 341 -31.61 -33.23 30.93
N PHE A 342 -32.69 -33.54 30.20
CA PHE A 342 -33.61 -32.48 29.76
C PHE A 342 -34.86 -32.47 30.63
N PRO A 343 -35.25 -31.32 31.17
CA PRO A 343 -36.44 -31.28 32.05
C PRO A 343 -37.72 -31.52 31.28
N ALA A 344 -38.75 -31.97 32.01
CA ALA A 344 -40.06 -32.23 31.43
C ALA A 344 -40.82 -30.94 31.22
N LEU A 345 -41.60 -30.86 30.12
CA LEU A 345 -42.39 -29.68 29.81
C LEU A 345 -43.90 -29.95 29.92
N GLU A 346 -44.64 -28.89 30.24
CA GLU A 346 -46.07 -29.00 30.51
C GLU A 346 -46.89 -28.82 29.23
N ASN A 347 -47.98 -29.57 29.13
CA ASN A 347 -48.92 -29.41 28.03
C ASN A 347 -49.44 -27.97 27.99
N GLY A 348 -49.45 -27.36 26.81
CA GLY A 348 -49.95 -26.00 26.66
C GLY A 348 -48.91 -24.90 26.73
N PHE A 349 -47.67 -25.21 27.10
CA PHE A 349 -46.58 -24.24 27.12
C PHE A 349 -46.39 -23.60 25.75
N SER A 350 -46.16 -22.29 25.72
CA SER A 350 -46.09 -21.51 24.49
C SER A 350 -44.68 -20.95 24.31
N GLN A 351 -43.99 -21.34 23.22
CA GLN A 351 -42.60 -20.97 22.98
C GLN A 351 -42.27 -21.15 21.49
N ALA A 352 -41.53 -20.19 20.92
CA ALA A 352 -40.98 -20.33 19.58
C ALA A 352 -39.77 -21.29 19.59
N THR A 353 -39.61 -22.09 18.52
CA THR A 353 -38.60 -23.14 18.59
C THR A 353 -37.16 -22.65 18.41
N ARG A 354 -36.94 -21.40 17.97
CA ARG A 354 -35.58 -20.86 18.09
C ARG A 354 -35.19 -20.69 19.56
N ASN A 355 -36.15 -20.29 20.40
CA ASN A 355 -35.87 -20.19 21.83
C ASN A 355 -35.80 -21.56 22.50
N SER A 356 -36.63 -22.52 22.07
CA SER A 356 -36.50 -23.88 22.60
C SER A 356 -35.11 -24.46 22.29
N SER A 357 -34.57 -24.12 21.11
CA SER A 357 -33.25 -24.59 20.69
C SER A 357 -32.14 -24.04 21.59
N GLN A 358 -32.20 -22.74 21.94
CA GLN A 358 -31.23 -22.16 22.88
C GLN A 358 -31.25 -22.87 24.24
N ASP A 359 -32.44 -23.15 24.78
CA ASP A 359 -32.54 -23.87 26.05
C ASP A 359 -31.86 -25.23 25.98
N ALA A 360 -32.14 -26.01 24.92
CA ALA A 360 -31.59 -27.38 24.85
C ALA A 360 -30.08 -27.39 24.60
N LEU A 361 -29.57 -26.47 23.78
CA LEU A 361 -28.13 -26.47 23.52
C LEU A 361 -27.33 -25.98 24.74
N ASN A 362 -27.96 -25.22 25.65
CA ASN A 362 -27.29 -24.86 26.89
C ASN A 362 -27.25 -26.03 27.88
N VAL A 363 -28.28 -26.90 27.89
CA VAL A 363 -28.19 -28.15 28.66
C VAL A 363 -27.00 -28.98 28.18
N VAL A 364 -26.84 -29.12 26.86
CA VAL A 364 -25.75 -29.96 26.35
C VAL A 364 -24.39 -29.35 26.71
N ALA A 365 -24.24 -28.03 26.58
CA ALA A 365 -22.94 -27.40 26.83
C ALA A 365 -22.50 -27.51 28.29
N ALA A 366 -23.45 -27.49 29.23
CA ALA A 366 -23.11 -27.68 30.64
C ALA A 366 -22.72 -29.11 30.96
N LYS A 367 -23.17 -30.08 30.16
CA LYS A 367 -22.81 -31.47 30.43
C LYS A 367 -21.50 -31.88 29.75
N LEU A 368 -21.23 -31.38 28.55
CA LEU A 368 -20.14 -31.89 27.70
C LEU A 368 -19.12 -30.79 27.40
N PRO A 369 -17.89 -30.88 27.90
CA PRO A 369 -16.96 -29.74 27.82
C PRO A 369 -16.30 -29.53 26.46
N THR A 370 -16.48 -30.45 25.51
CA THR A 370 -15.90 -30.36 24.17
C THR A 370 -16.95 -30.07 23.09
N PHE A 371 -18.07 -29.46 23.48
CA PHE A 371 -19.16 -29.05 22.57
C PHE A 371 -19.06 -27.53 22.38
N LEU A 372 -18.98 -27.07 21.12
CA LEU A 372 -18.78 -25.65 20.83
C LEU A 372 -19.35 -25.30 19.45
N GLY A 373 -19.48 -23.99 19.18
CA GLY A 373 -20.05 -23.54 17.91
C GLY A 373 -20.15 -22.03 17.78
N GLY A 374 -21.04 -21.57 16.91
CA GLY A 374 -21.16 -20.13 16.63
C GLY A 374 -22.23 -19.77 15.61
N SER A 375 -22.13 -18.56 15.04
CA SER A 375 -23.08 -18.09 14.03
C SER A 375 -22.42 -17.10 13.05
N ALA A 376 -23.06 -16.92 11.89
CA ALA A 376 -22.56 -16.00 10.86
C ALA A 376 -23.19 -14.61 11.01
N ASP A 377 -22.78 -13.90 12.07
CA ASP A 377 -23.28 -12.54 12.41
C ASP A 377 -24.79 -12.49 12.63
N LEU A 378 -25.38 -13.60 13.13
CA LEU A 378 -26.81 -13.64 13.42
C LEU A 378 -27.12 -14.25 14.79
N ALA A 379 -26.14 -14.28 15.71
CA ALA A 379 -26.35 -14.89 17.02
C ALA A 379 -27.53 -14.27 17.77
N HIS A 380 -27.72 -12.95 17.62
CA HIS A 380 -28.81 -12.27 18.31
C HIS A 380 -30.20 -12.59 17.74
N SER A 381 -30.31 -13.24 16.58
CA SER A 381 -31.60 -13.72 16.07
C SER A 381 -31.72 -15.23 15.94
N ASN A 382 -30.61 -15.96 15.67
CA ASN A 382 -30.64 -17.41 15.73
C ASN A 382 -30.80 -17.92 17.16
N MET A 383 -30.32 -17.15 18.15
CA MET A 383 -30.26 -17.53 19.58
C MET A 383 -29.35 -18.74 19.82
N THR A 384 -28.09 -18.58 19.40
CA THR A 384 -27.10 -19.65 19.46
C THR A 384 -26.10 -19.52 20.62
N TYR A 385 -26.15 -18.46 21.44
CA TYR A 385 -25.10 -18.25 22.45
C TYR A 385 -25.16 -19.28 23.58
N ILE A 386 -23.99 -19.80 23.95
CA ILE A 386 -23.78 -20.50 25.22
C ILE A 386 -23.56 -19.41 26.28
N LYS A 387 -24.48 -19.30 27.24
CA LYS A 387 -24.58 -18.07 28.04
C LYS A 387 -23.55 -17.95 29.17
N THR A 388 -22.76 -18.98 29.45
CA THR A 388 -21.68 -18.89 30.43
C THR A 388 -20.35 -18.38 29.87
N ASP A 389 -20.19 -18.21 28.55
CA ASP A 389 -18.90 -17.84 27.93
C ASP A 389 -18.99 -16.57 27.11
N GLY A 390 -17.83 -15.97 26.85
CA GLY A 390 -17.69 -14.92 25.85
C GLY A 390 -17.22 -15.46 24.50
N LEU A 391 -16.52 -14.62 23.72
CA LEU A 391 -16.05 -14.98 22.38
C LEU A 391 -14.66 -15.63 22.39
N GLN A 392 -14.43 -16.59 21.49
CA GLN A 392 -13.14 -17.27 21.35
C GLN A 392 -12.21 -16.54 20.39
N ASP A 393 -10.94 -16.36 20.78
CA ASP A 393 -9.92 -15.75 19.91
C ASP A 393 -8.55 -16.00 20.54
N ASP A 394 -7.51 -15.47 19.87
CA ASP A 394 -6.12 -15.76 20.25
C ASP A 394 -5.83 -15.46 21.72
N ALA A 395 -6.46 -14.41 22.28
CA ALA A 395 -6.26 -14.03 23.67
C ALA A 395 -7.22 -14.70 24.64
N ASN A 396 -8.24 -15.44 24.15
CA ASN A 396 -9.24 -16.13 24.98
C ASN A 396 -9.59 -17.48 24.32
N ARG A 397 -8.72 -18.49 24.49
CA ARG A 397 -8.78 -19.71 23.68
C ARG A 397 -9.77 -20.75 24.20
N LEU A 398 -10.24 -20.67 25.46
CA LEU A 398 -11.17 -21.67 25.97
C LEU A 398 -12.65 -21.27 25.87
N ASN A 399 -12.97 -20.03 25.53
CA ASN A 399 -14.37 -19.68 25.30
C ASN A 399 -14.94 -20.51 24.15
N ARG A 400 -16.26 -20.74 24.17
CA ARG A 400 -16.86 -21.63 23.19
C ARG A 400 -17.87 -20.99 22.23
N ASN A 401 -17.97 -19.66 22.15
CA ASN A 401 -18.77 -18.99 21.10
C ASN A 401 -17.84 -18.36 20.05
N ILE A 402 -18.12 -18.65 18.78
CA ILE A 402 -17.31 -18.17 17.64
C ILE A 402 -18.14 -17.20 16.80
N GLN A 403 -17.57 -16.04 16.48
CA GLN A 403 -18.14 -15.09 15.53
C GLN A 403 -17.49 -15.30 14.16
N PHE A 404 -18.25 -15.83 13.20
CA PHE A 404 -17.72 -16.08 11.86
C PHE A 404 -17.79 -14.86 10.94
N GLY A 405 -18.48 -13.79 11.32
CA GLY A 405 -18.73 -12.74 10.35
C GLY A 405 -19.75 -13.20 9.31
N VAL A 406 -19.96 -12.36 8.29
CA VAL A 406 -20.95 -12.67 7.27
C VAL A 406 -20.30 -13.57 6.22
N ARG A 407 -20.03 -14.85 6.60
CA ARG A 407 -19.25 -15.82 5.80
C ARG A 407 -19.83 -17.25 5.90
N GLU A 408 -21.02 -17.48 5.30
CA GLU A 408 -21.72 -18.76 5.49
C GLU A 408 -20.94 -19.96 4.92
N PHE A 409 -20.36 -19.84 3.71
CA PHE A 409 -19.65 -20.96 3.07
C PHE A 409 -18.41 -21.37 3.88
N ALA A 410 -17.52 -20.42 4.15
CA ALA A 410 -16.32 -20.73 4.93
C ALA A 410 -16.68 -21.32 6.30
N MET A 411 -17.76 -20.83 6.92
CA MET A 411 -18.24 -21.41 8.20
C MET A 411 -18.48 -22.91 8.08
N GLY A 412 -19.18 -23.34 7.03
CA GLY A 412 -19.32 -24.78 6.79
C GLY A 412 -17.99 -25.51 6.74
N THR A 413 -17.01 -24.98 5.97
CA THR A 413 -15.72 -25.68 5.82
C THR A 413 -14.94 -25.73 7.14
N ILE A 414 -15.07 -24.71 7.99
CA ILE A 414 -14.32 -24.68 9.24
C ILE A 414 -14.89 -25.70 10.25
N LEU A 415 -16.22 -25.83 10.31
CA LEU A 415 -16.84 -26.88 11.12
C LEU A 415 -16.38 -28.27 10.69
N ASN A 416 -16.39 -28.53 9.37
CA ASN A 416 -15.87 -29.80 8.86
C ASN A 416 -14.44 -30.04 9.32
N GLY A 417 -13.59 -29.02 9.28
CA GLY A 417 -12.21 -29.19 9.72
C GLY A 417 -12.08 -29.53 11.20
N MET A 418 -12.92 -28.94 12.05
CA MET A 418 -12.88 -29.24 13.48
C MET A 418 -13.40 -30.66 13.76
N ALA A 419 -14.35 -31.14 12.95
CA ALA A 419 -14.86 -32.50 13.10
C ALA A 419 -13.90 -33.54 12.55
N LEU A 420 -13.15 -33.21 11.48
CA LEU A 420 -12.16 -34.15 10.97
C LEU A 420 -11.01 -34.36 11.95
N HIS A 421 -10.61 -33.31 12.70
CA HIS A 421 -9.44 -33.43 13.58
C HIS A 421 -9.59 -34.56 14.60
N GLY A 422 -10.75 -34.68 15.23
CA GLY A 422 -10.97 -35.60 16.33
C GLY A 422 -11.01 -34.88 17.67
N GLY A 423 -11.98 -35.26 18.51
CA GLY A 423 -12.10 -34.79 19.88
C GLY A 423 -13.36 -33.97 20.20
N LEU A 424 -14.03 -33.37 19.20
CA LEU A 424 -15.00 -32.30 19.43
C LEU A 424 -16.37 -32.62 18.80
N ARG A 425 -17.37 -31.84 19.24
CA ARG A 425 -18.71 -31.79 18.66
C ARG A 425 -19.06 -30.34 18.39
N VAL A 426 -19.53 -30.02 17.16
CA VAL A 426 -19.67 -28.63 16.71
C VAL A 426 -20.99 -28.39 15.96
N TYR A 427 -21.38 -27.11 15.87
CA TYR A 427 -22.63 -26.62 15.26
C TYR A 427 -22.44 -25.20 14.75
N GLY A 428 -23.31 -24.75 13.83
CA GLY A 428 -23.29 -23.38 13.35
C GLY A 428 -24.60 -22.93 12.73
N GLY A 429 -24.89 -21.62 12.83
CA GLY A 429 -26.22 -21.12 12.49
C GLY A 429 -26.25 -19.98 11.48
N THR A 430 -27.39 -19.88 10.77
CA THR A 430 -27.74 -18.78 9.84
C THR A 430 -29.24 -18.88 9.55
N PHE A 431 -29.76 -17.93 8.75
CA PHE A 431 -31.15 -18.00 8.27
C PHE A 431 -31.33 -19.13 7.26
N PHE A 432 -32.51 -19.77 7.29
CA PHE A 432 -32.79 -20.89 6.39
C PHE A 432 -32.63 -20.50 4.91
N VAL A 433 -33.04 -19.28 4.54
CA VAL A 433 -33.04 -18.89 3.13
C VAL A 433 -31.61 -18.82 2.59
N PHE A 434 -30.63 -18.52 3.43
CA PHE A 434 -29.25 -18.43 2.98
C PHE A 434 -28.49 -19.74 3.13
N SER A 435 -29.20 -20.87 3.30
CA SER A 435 -28.53 -22.17 3.19
C SER A 435 -27.97 -22.40 1.80
N ASP A 436 -28.49 -21.68 0.79
CA ASP A 436 -27.94 -21.78 -0.55
C ASP A 436 -26.45 -21.37 -0.58
N TYR A 437 -26.04 -20.47 0.32
CA TYR A 437 -24.66 -20.00 0.31
C TYR A 437 -23.67 -21.06 0.84
N VAL A 438 -24.16 -22.09 1.54
CA VAL A 438 -23.30 -23.09 2.19
C VAL A 438 -23.60 -24.52 1.73
N LYS A 439 -24.50 -24.69 0.74
CA LYS A 439 -24.94 -26.03 0.32
C LYS A 439 -23.76 -26.94 -0.07
N ALA A 440 -22.75 -26.40 -0.76
CA ALA A 440 -21.64 -27.25 -1.23
C ALA A 440 -20.78 -27.78 -0.08
N ALA A 441 -20.65 -27.06 1.04
CA ALA A 441 -19.95 -27.63 2.20
C ALA A 441 -20.84 -28.62 2.97
N VAL A 442 -22.16 -28.45 2.90
CA VAL A 442 -23.05 -29.45 3.52
C VAL A 442 -22.90 -30.80 2.82
N ARG A 443 -22.68 -30.78 1.50
CA ARG A 443 -22.47 -32.02 0.76
C ARG A 443 -21.21 -32.73 1.23
N LEU A 444 -20.13 -31.99 1.52
CA LEU A 444 -18.91 -32.64 1.99
C LEU A 444 -19.07 -33.20 3.41
N SER A 445 -19.94 -32.59 4.24
CA SER A 445 -20.30 -33.23 5.51
C SER A 445 -20.93 -34.60 5.28
N ALA A 446 -21.87 -34.67 4.33
CA ALA A 446 -22.57 -35.92 4.05
C ALA A 446 -21.63 -36.96 3.42
N LEU A 447 -20.67 -36.52 2.60
CA LEU A 447 -19.79 -37.45 1.91
C LEU A 447 -18.74 -38.06 2.84
N GLN A 448 -18.20 -37.27 3.77
CA GLN A 448 -17.15 -37.78 4.66
C GLN A 448 -17.71 -38.44 5.93
N GLY A 449 -19.03 -38.42 6.13
CA GLY A 449 -19.61 -39.04 7.31
C GLY A 449 -19.47 -38.25 8.60
N LEU A 450 -19.55 -36.91 8.54
CA LEU A 450 -19.26 -36.14 9.75
C LEU A 450 -20.55 -35.72 10.44
N PRO A 451 -20.70 -35.89 11.75
CA PRO A 451 -21.95 -35.51 12.46
C PRO A 451 -21.98 -34.03 12.87
N VAL A 452 -21.98 -33.14 11.86
CA VAL A 452 -22.03 -31.69 12.02
C VAL A 452 -23.49 -31.23 12.06
N THR A 453 -23.81 -30.27 12.94
CA THR A 453 -25.18 -29.79 13.16
C THR A 453 -25.35 -28.37 12.63
N TYR A 454 -26.26 -28.20 11.65
CA TYR A 454 -26.58 -26.90 11.05
C TYR A 454 -27.89 -26.36 11.63
N VAL A 455 -27.89 -25.08 12.01
CA VAL A 455 -29.00 -24.44 12.74
C VAL A 455 -29.61 -23.36 11.84
N PHE A 456 -30.76 -23.66 11.21
CA PHE A 456 -31.44 -22.75 10.27
C PHE A 456 -32.74 -22.24 10.89
N THR A 457 -32.79 -20.94 11.23
CA THR A 457 -33.99 -20.32 11.79
C THR A 457 -34.74 -19.49 10.75
N HIS A 458 -35.95 -19.05 11.12
CA HIS A 458 -36.79 -18.16 10.30
C HIS A 458 -37.20 -18.86 8.99
N ASP A 459 -38.05 -19.88 9.16
CA ASP A 459 -38.13 -20.97 8.20
C ASP A 459 -39.20 -20.83 7.12
N SER A 460 -40.04 -19.80 7.11
CA SER A 460 -41.20 -19.81 6.19
C SER A 460 -41.65 -18.38 5.84
N ILE A 461 -42.79 -18.28 5.16
CA ILE A 461 -43.43 -16.97 4.92
C ILE A 461 -43.83 -16.27 6.21
N ALA A 462 -43.83 -16.98 7.34
CA ALA A 462 -44.15 -16.36 8.62
C ALA A 462 -43.10 -15.32 9.02
N VAL A 463 -42.02 -15.21 8.24
CA VAL A 463 -41.07 -14.11 8.41
C VAL A 463 -41.78 -12.75 8.30
N GLY A 464 -42.66 -12.59 7.31
CA GLY A 464 -43.50 -11.40 7.24
C GLY A 464 -42.95 -10.23 6.44
N GLU A 465 -42.49 -9.17 7.14
CA GLU A 465 -42.22 -7.88 6.50
C GLU A 465 -40.95 -7.86 5.65
N ASP A 466 -39.94 -8.68 5.96
CA ASP A 466 -38.70 -8.65 5.19
C ASP A 466 -38.91 -9.03 3.71
N GLY A 467 -39.88 -9.92 3.40
CA GLY A 467 -40.27 -10.18 2.02
C GLY A 467 -39.63 -11.37 1.30
N PRO A 468 -39.92 -11.47 -0.03
CA PRO A 468 -39.56 -12.71 -0.79
C PRO A 468 -38.08 -13.09 -0.83
N THR A 469 -37.14 -12.14 -0.90
CA THR A 469 -35.73 -12.48 -0.83
C THR A 469 -35.33 -13.11 0.51
N HIS A 470 -36.14 -12.96 1.56
CA HIS A 470 -35.82 -13.47 2.89
C HIS A 470 -36.72 -14.64 3.34
N GLU A 471 -37.55 -15.20 2.45
CA GLU A 471 -38.57 -16.18 2.82
C GLU A 471 -38.37 -17.51 2.09
N PRO A 472 -38.08 -18.61 2.82
CA PRO A 472 -37.85 -19.91 2.16
C PRO A 472 -39.10 -20.49 1.52
N VAL A 473 -38.91 -21.21 0.41
CA VAL A 473 -39.96 -22.01 -0.23
C VAL A 473 -39.42 -23.38 -0.67
N GLU A 474 -38.38 -23.39 -1.50
CA GLU A 474 -37.91 -24.58 -2.18
C GLU A 474 -36.85 -25.36 -1.40
N HIS A 475 -36.44 -24.89 -0.22
CA HIS A 475 -35.19 -25.33 0.41
C HIS A 475 -35.29 -26.70 1.06
N LEU A 476 -36.43 -27.06 1.65
CA LEU A 476 -36.56 -28.40 2.25
C LEU A 476 -36.47 -29.49 1.19
N ALA A 477 -37.11 -29.29 0.02
CA ALA A 477 -37.02 -30.28 -1.04
C ALA A 477 -35.57 -30.52 -1.46
N GLY A 478 -34.82 -29.43 -1.65
CA GLY A 478 -33.42 -29.56 -2.05
C GLY A 478 -32.57 -30.34 -1.06
N LEU A 479 -32.75 -30.11 0.25
CA LEU A 479 -31.96 -30.79 1.28
C LEU A 479 -32.39 -32.24 1.51
N ARG A 480 -33.71 -32.51 1.48
CA ARG A 480 -34.22 -33.88 1.67
C ARG A 480 -33.73 -34.86 0.59
N ALA A 481 -33.40 -34.34 -0.59
CA ALA A 481 -32.97 -35.22 -1.68
C ALA A 481 -31.50 -35.61 -1.58
N MET A 482 -30.70 -34.98 -0.69
CA MET A 482 -29.26 -35.26 -0.64
C MET A 482 -29.02 -36.51 0.19
N PRO A 483 -28.25 -37.47 -0.33
CA PRO A 483 -27.95 -38.70 0.45
C PRO A 483 -27.19 -38.42 1.75
N ASN A 484 -27.55 -39.18 2.79
CA ASN A 484 -26.90 -39.15 4.12
C ASN A 484 -26.98 -37.78 4.81
N LEU A 485 -28.15 -37.12 4.71
CA LEU A 485 -28.49 -35.93 5.49
C LEU A 485 -29.84 -36.14 6.17
N ASN A 486 -29.91 -35.89 7.50
CA ASN A 486 -31.15 -36.00 8.27
C ASN A 486 -31.71 -34.60 8.56
N VAL A 487 -32.90 -34.28 8.03
CA VAL A 487 -33.52 -32.96 8.19
C VAL A 487 -34.65 -33.03 9.22
N PHE A 488 -34.55 -32.22 10.29
CA PHE A 488 -35.54 -32.18 11.38
C PHE A 488 -36.29 -30.85 11.41
N ARG A 489 -37.63 -30.91 11.47
CA ARG A 489 -38.49 -29.72 11.60
C ARG A 489 -39.48 -29.95 12.75
N PRO A 490 -39.09 -29.62 13.98
CA PRO A 490 -39.91 -30.01 15.16
C PRO A 490 -41.19 -29.19 15.35
N ALA A 491 -42.18 -29.83 15.99
CA ALA A 491 -43.54 -29.31 16.09
C ALA A 491 -43.79 -28.43 17.32
N ASP A 492 -42.97 -28.52 18.37
CA ASP A 492 -43.10 -27.70 19.56
C ASP A 492 -41.80 -27.81 20.37
N ALA A 493 -41.81 -27.30 21.61
CA ALA A 493 -40.59 -27.32 22.42
C ALA A 493 -40.15 -28.74 22.76
N ARG A 494 -41.11 -29.67 22.87
CA ARG A 494 -40.78 -31.04 23.26
C ARG A 494 -40.08 -31.78 22.11
N GLU A 495 -40.60 -31.64 20.89
CA GLU A 495 -39.94 -32.24 19.73
C GLU A 495 -38.54 -31.63 19.52
N THR A 496 -38.35 -30.35 19.87
CA THR A 496 -37.04 -29.70 19.72
C THR A 496 -36.00 -30.28 20.68
N GLN A 497 -36.41 -30.61 21.92
CA GLN A 497 -35.50 -31.29 22.84
C GLN A 497 -34.97 -32.58 22.24
N ALA A 498 -35.86 -33.36 21.63
CA ALA A 498 -35.48 -34.68 21.11
C ALA A 498 -34.51 -34.56 19.93
N ALA A 499 -34.79 -33.63 19.01
CA ALA A 499 -33.96 -33.47 17.82
C ALA A 499 -32.53 -33.08 18.18
N TRP A 500 -32.35 -32.26 19.23
CA TRP A 500 -31.00 -31.91 19.66
C TRP A 500 -30.29 -33.12 20.26
N TYR A 501 -31.01 -33.95 21.03
CA TYR A 501 -30.41 -35.15 21.60
C TYR A 501 -29.95 -36.13 20.51
N LEU A 502 -30.73 -36.28 19.44
CA LEU A 502 -30.30 -37.11 18.31
C LEU A 502 -29.13 -36.47 17.56
N ALA A 503 -29.14 -35.14 17.37
CA ALA A 503 -28.07 -34.49 16.61
C ALA A 503 -26.72 -34.70 17.31
N VAL A 504 -26.71 -34.64 18.64
CA VAL A 504 -25.45 -34.64 19.38
C VAL A 504 -24.93 -36.06 19.66
N THR A 505 -25.75 -37.10 19.48
CA THR A 505 -25.30 -38.49 19.60
C THR A 505 -25.18 -39.20 18.25
N SER A 506 -25.35 -38.51 17.13
CA SER A 506 -25.22 -39.17 15.83
C SER A 506 -23.79 -39.68 15.61
N GLU A 507 -23.68 -40.81 14.91
CA GLU A 507 -22.37 -41.41 14.70
C GLU A 507 -21.70 -40.94 13.40
N LYS A 508 -22.41 -41.01 12.25
CA LYS A 508 -21.79 -40.69 10.96
C LYS A 508 -22.73 -39.98 9.98
N THR A 509 -23.76 -39.27 10.46
CA THR A 509 -24.69 -38.51 9.61
C THR A 509 -24.83 -37.07 10.11
N PRO A 510 -24.64 -36.07 9.26
CA PRO A 510 -24.93 -34.69 9.68
C PRO A 510 -26.43 -34.43 9.83
N THR A 511 -26.76 -33.36 10.58
CA THR A 511 -28.13 -32.99 10.91
C THR A 511 -28.42 -31.54 10.56
N ALA A 512 -29.61 -31.27 10.00
CA ALA A 512 -30.09 -29.90 9.77
C ALA A 512 -31.40 -29.68 10.54
N LEU A 513 -31.42 -28.66 11.40
CA LEU A 513 -32.56 -28.28 12.24
C LEU A 513 -33.25 -27.04 11.67
N VAL A 514 -34.57 -27.13 11.44
CA VAL A 514 -35.34 -26.05 10.84
C VAL A 514 -36.32 -25.52 11.90
N LEU A 515 -36.15 -24.25 12.32
CA LEU A 515 -36.77 -23.67 13.52
C LEU A 515 -37.54 -22.37 13.20
N THR A 516 -38.54 -22.05 14.04
CA THR A 516 -39.50 -20.96 13.81
C THR A 516 -39.15 -19.66 14.53
N ARG A 517 -39.64 -18.57 13.94
CA ARG A 517 -39.61 -17.24 14.54
C ARG A 517 -40.78 -17.03 15.52
N GLN A 518 -41.99 -17.49 15.16
CA GLN A 518 -43.21 -17.28 15.93
C GLN A 518 -43.47 -18.43 16.91
N ASN A 519 -44.22 -18.12 17.99
CA ASN A 519 -44.53 -19.07 19.06
C ASN A 519 -45.37 -20.25 18.57
N LEU A 520 -45.15 -21.41 19.22
CA LEU A 520 -45.94 -22.63 19.01
C LEU A 520 -46.33 -23.22 20.37
N THR A 521 -47.38 -24.06 20.37
CA THR A 521 -48.00 -24.59 21.57
C THR A 521 -47.65 -26.07 21.76
N VAL A 522 -47.18 -26.46 22.94
CA VAL A 522 -46.85 -27.87 23.21
C VAL A 522 -48.13 -28.71 23.21
N GLU A 523 -48.15 -29.74 22.36
CA GLU A 523 -49.32 -30.58 22.15
C GLU A 523 -49.42 -31.71 23.19
N ASP A 524 -50.66 -32.15 23.46
CA ASP A 524 -50.85 -33.27 24.38
C ASP A 524 -50.30 -34.58 23.80
N GLY A 525 -50.30 -34.72 22.46
CA GLY A 525 -49.92 -35.96 21.82
C GLY A 525 -48.46 -36.10 21.34
N THR A 526 -47.64 -35.06 21.43
CA THR A 526 -46.23 -35.26 21.10
C THR A 526 -45.50 -35.97 22.24
N ASP A 527 -44.31 -36.52 21.92
CA ASP A 527 -43.60 -37.49 22.77
C ASP A 527 -42.12 -37.49 22.43
N PHE A 528 -41.26 -37.19 23.41
CA PHE A 528 -39.80 -37.17 23.23
C PHE A 528 -39.29 -38.47 22.61
N ASP A 529 -39.71 -39.64 23.14
CA ASP A 529 -39.13 -40.93 22.70
C ASP A 529 -39.51 -41.30 21.28
N LYS A 530 -40.68 -40.86 20.80
CA LYS A 530 -41.17 -41.28 19.49
C LYS A 530 -40.59 -40.50 18.32
N VAL A 531 -39.88 -39.39 18.57
CA VAL A 531 -39.28 -38.61 17.49
C VAL A 531 -38.18 -39.41 16.77
N ALA A 532 -37.47 -40.29 17.49
CA ALA A 532 -36.44 -41.13 16.88
C ALA A 532 -36.98 -42.09 15.82
N LYS A 533 -38.31 -42.26 15.71
CA LYS A 533 -38.94 -43.05 14.66
C LYS A 533 -39.28 -42.25 13.40
N GLY A 534 -39.09 -40.94 13.40
CA GLY A 534 -39.37 -40.13 12.22
C GLY A 534 -40.82 -39.64 11.98
N ALA A 535 -41.82 -40.48 12.29
CA ALA A 535 -43.24 -40.15 12.23
C ALA A 535 -44.02 -41.03 13.21
N TYR A 536 -45.09 -40.46 13.79
CA TYR A 536 -45.96 -41.15 14.75
C TYR A 536 -47.29 -40.38 14.88
N VAL A 537 -48.26 -40.99 15.59
CA VAL A 537 -49.64 -40.47 15.69
C VAL A 537 -49.77 -39.52 16.89
N VAL A 538 -50.35 -38.34 16.66
CA VAL A 538 -50.59 -37.37 17.72
C VAL A 538 -52.06 -37.09 18.00
N TYR A 539 -53.00 -37.57 17.17
CA TYR A 539 -54.44 -37.41 17.37
C TYR A 539 -55.20 -38.49 16.60
N GLU A 540 -56.25 -39.05 17.21
CA GLU A 540 -57.12 -40.07 16.60
C GLU A 540 -58.43 -40.22 17.38
N ASN A 541 -59.59 -40.06 16.75
CA ASN A 541 -60.85 -40.11 17.48
C ASN A 541 -61.63 -41.42 17.29
N ALA A 542 -61.16 -42.34 16.45
CA ALA A 542 -61.86 -43.60 16.22
C ALA A 542 -60.91 -44.58 15.54
N ALA A 543 -60.83 -45.80 16.09
CA ALA A 543 -59.88 -46.78 15.57
C ALA A 543 -60.22 -47.25 14.17
N ASP A 544 -61.45 -47.02 13.71
CA ASP A 544 -61.82 -47.29 12.33
C ASP A 544 -61.85 -46.00 11.49
N PHE A 545 -60.86 -45.13 11.64
CA PHE A 545 -60.75 -43.90 10.84
C PHE A 545 -60.66 -44.24 9.35
N ASP A 546 -61.09 -43.30 8.49
CA ASP A 546 -60.90 -43.46 7.05
C ASP A 546 -60.21 -42.26 6.38
N THR A 547 -59.54 -41.40 7.16
CA THR A 547 -58.94 -40.17 6.65
C THR A 547 -57.68 -39.88 7.47
N ILE A 548 -56.59 -39.52 6.78
CA ILE A 548 -55.31 -39.23 7.42
C ILE A 548 -54.81 -37.85 7.00
N LEU A 549 -54.43 -37.03 7.99
CA LEU A 549 -53.71 -35.78 7.79
C LEU A 549 -52.24 -35.95 8.19
N ILE A 550 -51.32 -35.45 7.36
CA ILE A 550 -49.87 -35.51 7.61
C ILE A 550 -49.31 -34.09 7.67
N ALA A 551 -48.48 -33.82 8.67
CA ALA A 551 -47.99 -32.45 8.89
C ALA A 551 -46.65 -32.44 9.62
N THR A 552 -45.92 -31.31 9.48
CA THR A 552 -44.63 -31.10 10.11
C THR A 552 -44.56 -29.69 10.72
N GLY A 553 -43.66 -29.52 11.70
CA GLY A 553 -43.34 -28.21 12.26
C GLY A 553 -44.56 -27.40 12.72
N SER A 554 -44.61 -26.12 12.29
CA SER A 554 -45.65 -25.18 12.74
C SER A 554 -47.02 -25.50 12.16
N GLU A 555 -47.12 -26.43 11.22
CA GLU A 555 -48.39 -26.86 10.66
C GLU A 555 -49.05 -27.99 11.45
N VAL A 556 -48.36 -28.58 12.45
CA VAL A 556 -49.00 -29.60 13.28
C VAL A 556 -50.08 -28.99 14.17
N ASN A 557 -49.80 -27.83 14.81
CA ASN A 557 -50.82 -27.09 15.53
C ASN A 557 -52.05 -26.83 14.65
N LEU A 558 -51.83 -26.46 13.38
CA LEU A 558 -52.94 -26.13 12.49
C LEU A 558 -53.78 -27.36 12.14
N ALA A 559 -53.12 -28.50 11.94
CA ALA A 559 -53.83 -29.70 11.48
C ALA A 559 -54.63 -30.36 12.59
N VAL A 560 -54.12 -30.33 13.83
CA VAL A 560 -54.88 -30.85 14.97
C VAL A 560 -56.18 -30.06 15.16
N SER A 561 -56.10 -28.72 15.08
CA SER A 561 -57.32 -27.93 15.24
C SER A 561 -58.35 -28.26 14.16
N ALA A 562 -57.89 -28.49 12.93
CA ALA A 562 -58.85 -28.82 11.87
C ALA A 562 -59.49 -30.18 12.08
N ALA A 563 -58.75 -31.14 12.66
CA ALA A 563 -59.29 -32.48 12.89
C ALA A 563 -60.41 -32.45 13.92
N LYS A 564 -60.27 -31.63 14.96
CA LYS A 564 -61.33 -31.54 15.96
C LYS A 564 -62.63 -30.97 15.36
N GLU A 565 -62.50 -30.00 14.45
CA GLU A 565 -63.66 -29.48 13.72
C GLU A 565 -64.33 -30.57 12.88
N LEU A 566 -63.54 -31.23 12.03
CA LEU A 566 -64.05 -32.33 11.22
C LEU A 566 -64.68 -33.43 12.08
N ALA A 567 -64.09 -33.71 13.26
CA ALA A 567 -64.66 -34.73 14.14
C ALA A 567 -66.04 -34.32 14.66
N SER A 568 -66.24 -33.03 14.95
CA SER A 568 -67.54 -32.60 15.45
C SER A 568 -68.62 -32.58 14.36
N GLN A 569 -68.25 -32.76 13.09
CA GLN A 569 -69.21 -32.97 12.01
C GLN A 569 -69.48 -34.44 11.73
N GLY A 570 -68.83 -35.36 12.45
CA GLY A 570 -69.07 -36.78 12.28
C GLY A 570 -68.03 -37.54 11.48
N GLU A 571 -66.87 -36.93 11.19
CA GLU A 571 -65.81 -37.64 10.50
C GLU A 571 -64.99 -38.48 11.47
N LYS A 572 -64.28 -39.47 10.92
CA LYS A 572 -63.36 -40.35 11.67
C LYS A 572 -61.95 -40.19 11.10
N ILE A 573 -61.04 -39.57 11.87
CA ILE A 573 -59.80 -39.01 11.34
C ILE A 573 -58.61 -39.25 12.25
N ARG A 574 -57.41 -39.27 11.64
CA ARG A 574 -56.11 -39.43 12.30
C ARG A 574 -55.15 -38.33 11.84
N VAL A 575 -54.33 -37.82 12.76
CA VAL A 575 -53.29 -36.82 12.43
C VAL A 575 -51.91 -37.41 12.75
N VAL A 576 -51.03 -37.45 11.72
CA VAL A 576 -49.65 -37.92 11.86
C VAL A 576 -48.69 -36.73 11.86
N SER A 577 -47.76 -36.69 12.84
CA SER A 577 -46.67 -35.72 12.88
C SER A 577 -45.38 -36.38 12.35
N MET A 578 -44.69 -35.72 11.39
CA MET A 578 -43.48 -36.33 10.79
C MET A 578 -42.31 -35.34 10.83
N PRO A 579 -41.64 -35.24 11.98
CA PRO A 579 -40.47 -34.34 12.10
C PRO A 579 -39.27 -34.68 11.19
N SER A 580 -39.17 -35.90 10.64
CA SER A 580 -38.12 -36.20 9.67
C SER A 580 -38.60 -37.22 8.64
N THR A 581 -38.67 -36.79 7.38
CA THR A 581 -38.95 -37.71 6.29
C THR A 581 -37.80 -38.70 6.08
N ASP A 582 -36.56 -38.24 6.29
CA ASP A 582 -35.40 -39.07 6.02
C ASP A 582 -35.30 -40.22 7.02
N VAL A 583 -35.66 -39.98 8.28
CA VAL A 583 -35.57 -41.02 9.31
C VAL A 583 -36.73 -41.99 9.22
N PHE A 584 -37.93 -41.50 8.86
CA PHE A 584 -39.09 -42.37 8.69
C PHE A 584 -38.87 -43.38 7.56
N ASP A 585 -38.27 -42.94 6.45
CA ASP A 585 -38.03 -43.83 5.31
C ASP A 585 -37.16 -45.04 5.66
N LYS A 586 -36.33 -44.96 6.70
CA LYS A 586 -35.44 -46.05 7.07
C LYS A 586 -36.08 -47.07 8.01
N GLN A 587 -37.29 -46.82 8.52
CA GLN A 587 -37.89 -47.75 9.47
C GLN A 587 -38.30 -49.07 8.80
N ASP A 588 -38.55 -50.07 9.64
CA ASP A 588 -39.01 -51.39 9.20
C ASP A 588 -40.35 -51.30 8.45
N ALA A 589 -40.52 -52.20 7.48
CA ALA A 589 -41.74 -52.15 6.65
C ALA A 589 -43.00 -52.39 7.46
N ALA A 590 -42.91 -53.12 8.57
CA ALA A 590 -44.06 -53.33 9.44
C ALA A 590 -44.49 -52.02 10.11
N TYR A 591 -43.52 -51.21 10.52
CA TYR A 591 -43.85 -49.95 11.18
C TYR A 591 -44.46 -48.95 10.20
N LYS A 592 -44.02 -48.95 8.94
CA LYS A 592 -44.58 -48.01 7.98
C LYS A 592 -46.06 -48.31 7.69
N GLU A 593 -46.43 -49.59 7.62
CA GLU A 593 -47.82 -49.97 7.39
C GLU A 593 -48.71 -49.63 8.60
N GLU A 594 -48.14 -49.64 9.82
CA GLU A 594 -48.92 -49.26 11.00
C GLU A 594 -49.25 -47.75 11.00
N ILE A 595 -48.33 -46.90 10.55
CA ILE A 595 -48.56 -45.46 10.53
C ILE A 595 -49.41 -45.03 9.33
N LEU A 596 -49.13 -45.57 8.14
CA LEU A 596 -49.81 -45.23 6.89
C LEU A 596 -50.35 -46.49 6.23
N PRO A 597 -51.52 -46.97 6.65
CA PRO A 597 -52.01 -48.26 6.13
C PRO A 597 -52.42 -48.18 4.66
N ASN A 598 -52.16 -49.28 3.94
CA ASN A 598 -52.39 -49.32 2.49
C ASN A 598 -53.86 -49.15 2.14
N ALA A 599 -54.77 -49.61 3.01
CA ALA A 599 -56.19 -49.60 2.69
C ALA A 599 -56.86 -48.22 2.85
N VAL A 600 -56.21 -47.27 3.52
CA VAL A 600 -56.72 -45.91 3.69
C VAL A 600 -56.00 -45.02 2.67
N ARG A 601 -56.69 -44.65 1.58
CA ARG A 601 -56.09 -43.84 0.53
C ARG A 601 -56.55 -42.37 0.52
N ARG A 602 -57.43 -41.98 1.45
CA ARG A 602 -57.86 -40.58 1.57
C ARG A 602 -56.86 -39.82 2.44
N ARG A 603 -55.90 -39.11 1.81
CA ARG A 603 -54.78 -38.52 2.54
C ARG A 603 -54.50 -37.07 2.09
N VAL A 604 -54.14 -36.22 3.05
CA VAL A 604 -53.85 -34.81 2.81
C VAL A 604 -52.62 -34.40 3.62
N ALA A 605 -51.65 -33.76 2.95
CA ALA A 605 -50.42 -33.25 3.57
C ALA A 605 -50.45 -31.72 3.66
N VAL A 606 -49.85 -31.17 4.73
CA VAL A 606 -49.83 -29.73 5.01
C VAL A 606 -48.41 -29.27 5.39
N GLU A 607 -47.88 -28.27 4.67
CA GLU A 607 -46.55 -27.71 4.95
C GLU A 607 -46.37 -26.41 4.17
N MET A 608 -45.84 -25.37 4.83
CA MET A 608 -45.65 -24.06 4.19
C MET A 608 -44.37 -24.06 3.35
N GLY A 609 -44.44 -24.78 2.24
CA GLY A 609 -43.30 -24.95 1.35
C GLY A 609 -43.71 -25.74 0.13
N ALA A 610 -42.74 -25.97 -0.76
CA ALA A 610 -43.02 -26.59 -2.06
C ALA A 610 -43.70 -27.95 -1.91
N SER A 611 -44.62 -28.26 -2.84
CA SER A 611 -45.41 -29.49 -2.77
C SER A 611 -44.62 -30.76 -3.11
N GLN A 612 -43.44 -30.64 -3.74
CA GLN A 612 -42.82 -31.71 -4.53
C GLN A 612 -42.74 -33.07 -3.79
N ASN A 613 -42.19 -33.10 -2.58
CA ASN A 613 -41.84 -34.39 -1.99
C ASN A 613 -43.02 -35.09 -1.28
N TRP A 614 -44.22 -34.49 -1.24
CA TRP A 614 -45.33 -35.08 -0.49
C TRP A 614 -46.13 -36.11 -1.28
N TYR A 615 -45.94 -36.20 -2.60
CA TYR A 615 -46.71 -37.19 -3.35
C TYR A 615 -46.24 -38.62 -3.12
N LYS A 616 -45.08 -38.86 -2.51
CA LYS A 616 -44.77 -40.24 -2.20
C LYS A 616 -45.57 -40.77 -1.02
N TYR A 617 -46.24 -39.89 -0.26
CA TYR A 617 -47.10 -40.32 0.85
C TYR A 617 -48.60 -40.16 0.59
N VAL A 618 -49.04 -39.21 -0.25
CA VAL A 618 -50.48 -39.05 -0.50
C VAL A 618 -50.96 -39.69 -1.81
N GLY A 619 -50.06 -39.96 -2.77
CA GLY A 619 -50.44 -40.67 -3.97
C GLY A 619 -51.30 -39.84 -4.92
N LEU A 620 -51.85 -40.54 -5.93
CA LEU A 620 -52.62 -39.90 -6.98
C LEU A 620 -54.03 -39.51 -6.55
N ASP A 621 -54.57 -40.11 -5.48
CA ASP A 621 -55.93 -39.83 -5.03
C ASP A 621 -55.97 -38.99 -3.74
N GLY A 622 -54.85 -38.39 -3.34
CA GLY A 622 -54.79 -37.49 -2.21
C GLY A 622 -54.72 -36.03 -2.64
N ALA A 623 -54.32 -35.18 -1.69
CA ALA A 623 -54.11 -33.76 -1.98
C ALA A 623 -52.96 -33.23 -1.12
N VAL A 624 -52.43 -32.07 -1.51
CA VAL A 624 -51.38 -31.41 -0.75
C VAL A 624 -51.65 -29.91 -0.70
N LEU A 625 -51.57 -29.34 0.49
CA LEU A 625 -51.69 -27.89 0.70
C LEU A 625 -50.29 -27.36 1.00
N GLY A 626 -49.63 -26.80 -0.03
CA GLY A 626 -48.32 -26.21 0.09
C GLY A 626 -48.18 -24.84 -0.57
N ILE A 627 -46.94 -24.39 -0.85
CA ILE A 627 -46.67 -23.11 -1.50
C ILE A 627 -45.73 -23.32 -2.69
N ASP A 628 -46.17 -22.89 -3.88
CA ASP A 628 -45.35 -23.05 -5.08
C ASP A 628 -45.14 -21.73 -5.85
N THR A 629 -45.21 -20.60 -5.15
CA THR A 629 -44.79 -19.29 -5.66
C THR A 629 -43.84 -18.64 -4.64
N PHE A 630 -43.26 -17.49 -5.01
CA PHE A 630 -42.45 -16.72 -4.07
C PHE A 630 -43.35 -15.94 -3.08
N GLY A 631 -42.73 -15.35 -2.05
CA GLY A 631 -43.44 -14.75 -0.92
C GLY A 631 -43.88 -13.30 -1.14
N ALA A 632 -44.10 -12.60 -0.02
CA ALA A 632 -44.70 -11.26 -0.03
C ALA A 632 -44.29 -10.47 1.22
N SER A 633 -44.21 -9.15 1.07
CA SER A 633 -43.82 -8.23 2.16
C SER A 633 -45.06 -7.64 2.85
N ALA A 634 -45.39 -8.14 4.06
CA ALA A 634 -46.52 -7.69 4.87
C ALA A 634 -46.51 -8.39 6.22
N PRO A 635 -47.26 -7.93 7.22
CA PRO A 635 -47.32 -8.66 8.50
C PRO A 635 -47.78 -10.11 8.31
N ALA A 636 -47.22 -11.00 9.14
CA ALA A 636 -47.38 -12.43 8.93
C ALA A 636 -48.82 -12.95 8.98
N PRO A 637 -49.71 -12.50 9.90
CA PRO A 637 -51.08 -13.05 9.88
C PRO A 637 -51.81 -12.80 8.57
N LYS A 638 -51.60 -11.63 7.96
CA LYS A 638 -52.22 -11.34 6.67
C LYS A 638 -51.66 -12.25 5.56
N VAL A 639 -50.35 -12.45 5.52
CA VAL A 639 -49.78 -13.28 4.46
C VAL A 639 -50.23 -14.74 4.59
N LEU A 640 -50.34 -15.25 5.83
CA LEU A 640 -50.79 -16.63 5.97
C LEU A 640 -52.22 -16.79 5.46
N ALA A 641 -53.08 -15.81 5.72
CA ALA A 641 -54.47 -15.88 5.27
C ALA A 641 -54.57 -15.85 3.75
N GLU A 642 -53.75 -15.02 3.09
CA GLU A 642 -53.84 -14.92 1.63
C GLU A 642 -53.29 -16.16 0.94
N TYR A 643 -52.40 -16.90 1.61
CA TYR A 643 -51.79 -18.10 1.03
C TYR A 643 -52.54 -19.37 1.38
N GLY A 644 -53.61 -19.29 2.19
CA GLY A 644 -54.51 -20.40 2.42
C GLY A 644 -54.29 -21.21 3.69
N PHE A 645 -53.47 -20.74 4.62
CA PHE A 645 -53.19 -21.49 5.85
C PHE A 645 -54.05 -20.94 6.99
N THR A 646 -55.33 -21.34 6.95
CA THR A 646 -56.30 -21.12 8.02
C THR A 646 -57.00 -22.44 8.31
N VAL A 647 -57.60 -22.54 9.50
CA VAL A 647 -58.36 -23.74 9.84
C VAL A 647 -59.53 -23.91 8.87
N GLU A 648 -60.23 -22.82 8.56
CA GLU A 648 -61.36 -22.87 7.63
C GLU A 648 -60.96 -23.46 6.28
N ASN A 649 -59.85 -22.98 5.69
CA ASN A 649 -59.43 -23.46 4.38
C ASN A 649 -59.00 -24.94 4.41
N LEU A 650 -58.32 -25.37 5.48
CA LEU A 650 -57.93 -26.78 5.58
C LEU A 650 -59.15 -27.68 5.68
N VAL A 651 -60.14 -27.31 6.49
CA VAL A 651 -61.40 -28.07 6.56
C VAL A 651 -61.99 -28.21 5.16
N LYS A 652 -61.99 -27.11 4.38
CA LYS A 652 -62.53 -27.15 3.03
C LYS A 652 -61.76 -28.10 2.14
N VAL A 653 -60.42 -28.10 2.24
CA VAL A 653 -59.60 -29.00 1.41
C VAL A 653 -59.96 -30.46 1.67
N VAL A 654 -60.22 -30.84 2.92
CA VAL A 654 -60.46 -32.24 3.26
C VAL A 654 -61.84 -32.69 2.80
N ARG A 655 -62.85 -31.83 2.95
CA ARG A 655 -64.22 -32.19 2.58
C ARG A 655 -64.40 -32.33 1.06
N ASN A 656 -63.64 -31.59 0.26
CA ASN A 656 -63.74 -31.68 -1.21
C ASN A 656 -62.90 -32.82 -1.79
N LEU A 657 -62.11 -33.52 -0.98
CA LEU A 657 -61.43 -34.71 -1.45
C LEU A 657 -62.38 -35.89 -1.35
N LYS A 658 -62.59 -36.60 -2.45
CA LYS A 658 -63.39 -37.82 -2.42
C LYS A 658 -63.09 -38.69 -3.64
N MET B 1 -32.12 24.02 1.73
CA MET B 1 -30.69 24.09 2.08
C MET B 1 -30.12 22.69 2.01
N SER B 2 -28.79 22.58 1.95
CA SER B 2 -28.16 21.27 2.01
C SER B 2 -28.46 20.60 3.35
N ASN B 3 -28.14 21.27 4.46
CA ASN B 3 -28.42 20.70 5.77
C ASN B 3 -29.91 20.46 5.97
N LEU B 4 -30.74 21.42 5.54
CA LEU B 4 -32.19 21.20 5.59
C LEU B 4 -32.61 19.98 4.79
N SER B 5 -32.14 19.86 3.54
CA SER B 5 -32.49 18.71 2.70
C SER B 5 -31.95 17.40 3.27
N VAL B 6 -30.75 17.43 3.86
CA VAL B 6 -30.17 16.18 4.35
C VAL B 6 -30.98 15.63 5.50
N ASN B 7 -31.43 16.50 6.42
CA ASN B 7 -32.25 16.05 7.53
C ASN B 7 -33.65 15.61 7.08
N ALA B 8 -34.15 16.16 5.96
CA ALA B 8 -35.43 15.68 5.44
C ALA B 8 -35.37 14.20 5.10
N ILE B 9 -34.27 13.77 4.49
CA ILE B 9 -34.07 12.34 4.17
C ILE B 9 -34.11 11.50 5.44
N ARG B 10 -33.39 11.94 6.48
CA ARG B 10 -33.26 11.14 7.70
C ARG B 10 -34.60 10.96 8.41
N PHE B 11 -35.34 12.06 8.62
CA PHE B 11 -36.56 11.97 9.41
C PHE B 11 -37.71 11.33 8.63
N LEU B 12 -37.78 11.48 7.30
CA LEU B 12 -38.72 10.67 6.54
C LEU B 12 -38.50 9.17 6.80
N GLY B 13 -37.24 8.73 6.79
CA GLY B 13 -36.97 7.33 7.11
C GLY B 13 -37.35 6.96 8.53
N ILE B 14 -36.94 7.80 9.50
CA ILE B 14 -37.21 7.54 10.92
C ILE B 14 -38.71 7.38 11.18
N ASP B 15 -39.50 8.34 10.72
CA ASP B 15 -40.95 8.34 11.00
C ASP B 15 -41.66 7.17 10.32
N ALA B 16 -41.33 6.89 9.06
CA ALA B 16 -41.94 5.75 8.36
C ALA B 16 -41.62 4.42 9.05
N ILE B 17 -40.42 4.29 9.64
CA ILE B 17 -40.07 3.04 10.30
C ILE B 17 -40.86 2.87 11.59
N ASN B 18 -41.05 3.97 12.35
CA ASN B 18 -41.84 3.90 13.59
C ASN B 18 -43.29 3.55 13.31
N LYS B 19 -43.86 4.05 12.21
CA LYS B 19 -45.27 3.80 11.92
C LYS B 19 -45.51 2.33 11.56
N ALA B 20 -44.55 1.70 10.87
CA ALA B 20 -44.69 0.28 10.57
C ALA B 20 -44.29 -0.62 11.74
N ASN B 21 -43.60 -0.08 12.76
CA ASN B 21 -43.02 -0.87 13.86
C ASN B 21 -42.09 -1.97 13.33
N SER B 22 -41.28 -1.63 12.32
CA SER B 22 -40.42 -2.62 11.64
C SER B 22 -39.48 -1.94 10.63
N GLY B 23 -38.15 -2.21 10.69
CA GLY B 23 -37.20 -1.69 9.71
C GLY B 23 -35.86 -1.32 10.34
N HIS B 24 -35.05 -0.57 9.57
CA HIS B 24 -33.60 -0.42 9.81
C HIS B 24 -33.16 1.05 9.72
N PRO B 25 -33.09 1.77 10.85
CA PRO B 25 -32.81 3.23 10.78
C PRO B 25 -31.34 3.62 10.75
N GLY B 26 -30.46 2.73 11.24
CA GLY B 26 -29.08 3.12 11.45
C GLY B 26 -28.37 3.60 10.19
N VAL B 27 -28.55 2.86 9.09
CA VAL B 27 -27.83 3.16 7.85
C VAL B 27 -28.41 4.40 7.16
N VAL B 28 -29.73 4.65 7.32
CA VAL B 28 -30.35 5.86 6.76
C VAL B 28 -29.75 7.10 7.39
N MET B 29 -29.57 7.11 8.72
CA MET B 29 -29.04 8.29 9.39
C MET B 29 -27.56 8.51 9.08
N GLY B 30 -26.78 7.44 8.91
CA GLY B 30 -25.37 7.57 8.58
C GLY B 30 -25.04 7.88 7.12
N ALA B 31 -25.80 7.33 6.17
CA ALA B 31 -25.44 7.46 4.76
C ALA B 31 -26.20 8.56 4.02
N ALA B 32 -27.06 9.34 4.68
CA ALA B 32 -27.79 10.39 3.96
C ALA B 32 -26.90 11.42 3.24
N PRO B 33 -25.79 11.92 3.84
CA PRO B 33 -24.96 12.91 3.11
C PRO B 33 -24.38 12.42 1.78
N MET B 34 -23.74 11.24 1.76
CA MET B 34 -23.15 10.79 0.50
C MET B 34 -24.23 10.51 -0.53
N ALA B 35 -25.39 10.00 -0.08
CA ALA B 35 -26.49 9.71 -1.01
C ALA B 35 -27.05 11.01 -1.61
N TYR B 36 -27.20 12.06 -0.80
CA TYR B 36 -27.63 13.37 -1.31
C TYR B 36 -26.64 13.93 -2.33
N SER B 37 -25.34 13.77 -2.08
CA SER B 37 -24.34 14.33 -2.98
C SER B 37 -24.41 13.65 -4.35
N LEU B 38 -24.48 12.33 -4.36
CA LEU B 38 -24.58 11.57 -5.59
C LEU B 38 -25.79 12.02 -6.45
N PHE B 39 -26.97 12.15 -5.83
CA PHE B 39 -28.18 12.40 -6.60
C PHE B 39 -28.22 13.81 -7.20
N THR B 40 -27.72 14.81 -6.45
CA THR B 40 -27.79 16.21 -6.87
C THR B 40 -26.64 16.64 -7.77
N LYS B 41 -25.54 15.87 -7.81
CA LYS B 41 -24.37 16.22 -8.60
C LYS B 41 -23.96 15.21 -9.66
N GLN B 42 -24.21 13.91 -9.48
CA GLN B 42 -23.70 12.92 -10.42
C GLN B 42 -24.77 12.30 -11.31
N LEU B 43 -25.88 11.83 -10.76
CA LEU B 43 -26.82 11.02 -11.52
C LEU B 43 -27.58 11.84 -12.57
N HIS B 44 -27.71 11.27 -13.79
CA HIS B 44 -28.63 11.78 -14.80
C HIS B 44 -29.81 10.80 -14.87
N ILE B 45 -30.94 11.18 -14.29
CA ILE B 45 -32.17 10.39 -14.31
C ILE B 45 -33.37 11.31 -14.55
N ASN B 46 -34.41 10.78 -15.20
CA ASN B 46 -35.60 11.57 -15.54
C ASN B 46 -36.86 10.97 -14.92
N PRO B 47 -37.44 11.60 -13.88
CA PRO B 47 -38.65 11.04 -13.25
C PRO B 47 -39.83 10.82 -14.19
N ALA B 48 -39.91 11.53 -15.33
CA ALA B 48 -40.98 11.28 -16.28
C ALA B 48 -40.70 10.15 -17.28
N GLN B 49 -39.45 9.66 -17.36
CA GLN B 49 -39.07 8.51 -18.20
C GLN B 49 -38.20 7.56 -17.39
N PRO B 50 -38.79 6.83 -16.43
CA PRO B 50 -37.98 6.05 -15.49
C PRO B 50 -37.12 4.97 -16.14
N ASN B 51 -37.49 4.49 -17.33
CA ASN B 51 -36.78 3.40 -17.99
C ASN B 51 -35.88 3.87 -19.13
N TRP B 52 -35.46 5.15 -19.13
CA TRP B 52 -34.56 5.68 -20.16
C TRP B 52 -33.28 4.86 -20.22
N ILE B 53 -32.92 4.41 -21.43
CA ILE B 53 -31.84 3.42 -21.61
C ILE B 53 -30.43 4.01 -21.45
N ASN B 54 -30.23 5.33 -21.58
CA ASN B 54 -28.91 5.92 -21.35
C ASN B 54 -28.82 6.68 -20.02
N ARG B 55 -29.72 6.40 -19.08
CA ARG B 55 -29.60 6.95 -17.75
C ARG B 55 -28.41 6.33 -17.01
N ASP B 56 -27.86 7.08 -16.05
CA ASP B 56 -26.93 6.48 -15.10
C ASP B 56 -27.69 5.47 -14.24
N ARG B 57 -27.05 4.33 -13.98
CA ARG B 57 -27.63 3.23 -13.22
C ARG B 57 -27.18 3.31 -11.76
N PHE B 58 -28.04 2.88 -10.83
CA PHE B 58 -27.73 2.94 -9.40
C PHE B 58 -28.25 1.69 -8.68
N ILE B 59 -27.43 1.08 -7.83
CA ILE B 59 -27.76 -0.17 -7.14
C ILE B 59 -27.49 0.01 -5.65
N LEU B 60 -28.51 -0.26 -4.81
CA LEU B 60 -28.36 -0.21 -3.35
C LEU B 60 -28.02 -1.62 -2.84
N SER B 61 -26.71 -1.92 -2.75
CA SER B 61 -26.28 -3.25 -2.34
C SER B 61 -26.63 -3.55 -0.88
N ALA B 62 -26.63 -2.52 -0.02
CA ALA B 62 -27.02 -2.69 1.38
C ALA B 62 -28.53 -2.52 1.47
N GLY B 63 -29.24 -3.59 1.11
CA GLY B 63 -30.68 -3.53 0.86
C GLY B 63 -31.54 -3.23 2.06
N HIS B 64 -31.03 -3.51 3.27
CA HIS B 64 -31.81 -3.21 4.46
C HIS B 64 -32.10 -1.72 4.61
N GLY B 65 -31.38 -0.86 3.90
CA GLY B 65 -31.58 0.58 3.96
C GLY B 65 -32.57 1.12 2.94
N SER B 66 -33.59 0.32 2.60
CA SER B 66 -34.53 0.67 1.54
C SER B 66 -35.22 2.02 1.77
N MET B 67 -35.48 2.40 3.03
CA MET B 67 -36.14 3.69 3.25
C MET B 67 -35.29 4.86 2.75
N LEU B 68 -33.97 4.70 2.74
CA LEU B 68 -33.09 5.75 2.20
C LEU B 68 -33.36 5.97 0.71
N LEU B 69 -33.58 4.90 -0.05
CA LEU B 69 -33.88 5.02 -1.47
C LEU B 69 -35.32 5.52 -1.72
N TYR B 70 -36.30 5.08 -0.93
CA TYR B 70 -37.68 5.53 -1.13
C TYR B 70 -37.83 7.03 -0.84
N ALA B 71 -37.16 7.54 0.21
CA ALA B 71 -37.18 8.97 0.48
C ALA B 71 -36.60 9.78 -0.68
N LEU B 72 -35.49 9.31 -1.26
CA LEU B 72 -34.85 9.98 -2.38
C LEU B 72 -35.75 10.00 -3.61
N LEU B 73 -36.39 8.87 -3.93
CA LEU B 73 -37.27 8.87 -5.09
C LEU B 73 -38.49 9.76 -4.87
N HIS B 74 -38.97 9.88 -3.62
CA HIS B 74 -40.13 10.72 -3.34
C HIS B 74 -39.81 12.20 -3.52
N LEU B 75 -38.72 12.67 -2.93
CA LEU B 75 -38.37 14.09 -3.05
C LEU B 75 -38.01 14.47 -4.48
N SER B 76 -37.48 13.52 -5.26
CA SER B 76 -37.14 13.79 -6.66
C SER B 76 -38.37 13.88 -7.58
N GLY B 77 -39.52 13.34 -7.18
CA GLY B 77 -40.74 13.44 -7.95
C GLY B 77 -41.16 12.22 -8.75
N PHE B 78 -40.75 11.01 -8.35
CA PHE B 78 -41.17 9.78 -9.02
C PHE B 78 -42.60 9.40 -8.61
N GLU B 79 -43.44 9.10 -9.61
CA GLU B 79 -44.89 8.98 -9.40
C GLU B 79 -45.27 7.81 -8.49
N ASP B 80 -44.54 6.69 -8.53
CA ASP B 80 -44.96 5.55 -7.71
C ASP B 80 -44.72 5.78 -6.22
N VAL B 81 -43.82 6.68 -5.83
CA VAL B 81 -43.51 6.89 -4.41
C VAL B 81 -44.13 8.20 -3.91
N SER B 82 -45.44 8.19 -3.69
CA SER B 82 -46.15 9.31 -3.09
C SER B 82 -45.98 9.28 -1.57
N MET B 83 -46.52 10.31 -0.88
CA MET B 83 -46.46 10.34 0.57
C MET B 83 -47.36 9.25 1.19
N ASP B 84 -48.49 8.94 0.54
CA ASP B 84 -49.33 7.84 1.02
C ASP B 84 -48.58 6.50 0.95
N GLU B 85 -47.75 6.30 -0.08
CA GLU B 85 -47.00 5.05 -0.16
C GLU B 85 -45.91 4.97 0.91
N ILE B 86 -45.31 6.13 1.27
CA ILE B 86 -44.38 6.18 2.39
C ILE B 86 -45.06 5.76 3.69
N LYS B 87 -46.31 6.20 3.89
CA LYS B 87 -47.07 5.78 5.07
C LYS B 87 -47.53 4.33 5.00
N SER B 88 -47.19 3.61 3.93
CA SER B 88 -47.53 2.22 3.74
C SER B 88 -46.28 1.33 3.66
N PHE B 89 -45.16 1.78 4.21
CA PHE B 89 -43.94 0.99 4.23
C PHE B 89 -44.18 -0.37 4.89
N ARG B 90 -43.81 -1.44 4.18
CA ARG B 90 -43.84 -2.82 4.66
C ARG B 90 -45.26 -3.39 4.86
N GLN B 91 -46.29 -2.78 4.24
CA GLN B 91 -47.68 -3.22 4.33
C GLN B 91 -48.16 -3.85 3.01
N TRP B 92 -49.17 -4.73 3.12
CA TRP B 92 -49.61 -5.58 2.01
C TRP B 92 -50.06 -4.76 0.80
N GLY B 93 -49.44 -5.02 -0.34
CA GLY B 93 -49.82 -4.41 -1.59
C GLY B 93 -49.19 -3.06 -1.88
N SER B 94 -48.33 -2.54 -0.99
CA SER B 94 -47.73 -1.23 -1.17
C SER B 94 -46.63 -1.26 -2.23
N LYS B 95 -46.25 -0.05 -2.69
CA LYS B 95 -45.13 0.15 -3.60
C LYS B 95 -43.80 0.35 -2.88
N THR B 96 -43.77 0.17 -1.56
CA THR B 96 -42.55 0.34 -0.77
C THR B 96 -42.34 -0.89 0.11
N PRO B 97 -42.01 -2.04 -0.48
CA PRO B 97 -41.75 -3.25 0.33
C PRO B 97 -40.44 -3.16 1.11
N GLY B 98 -40.23 -4.15 2.00
CA GLY B 98 -39.15 -4.09 2.96
C GLY B 98 -37.75 -4.09 2.37
N HIS B 99 -37.55 -4.81 1.25
CA HIS B 99 -36.33 -4.69 0.46
C HIS B 99 -36.69 -4.31 -0.98
N PRO B 100 -35.80 -3.59 -1.69
CA PRO B 100 -36.16 -3.06 -3.01
C PRO B 100 -36.40 -4.19 -4.03
N GLU B 101 -37.38 -3.98 -4.91
CA GLU B 101 -37.78 -4.99 -5.90
C GLU B 101 -37.85 -4.37 -7.29
N PHE B 102 -36.96 -4.84 -8.17
CA PHE B 102 -37.04 -4.46 -9.58
C PHE B 102 -38.37 -4.93 -10.18
N GLY B 103 -38.94 -4.11 -11.04
CA GLY B 103 -40.21 -4.44 -11.68
C GLY B 103 -41.46 -4.02 -10.94
N HIS B 104 -41.48 -4.17 -9.61
CA HIS B 104 -42.64 -3.77 -8.82
C HIS B 104 -42.75 -2.25 -8.70
N THR B 105 -41.62 -1.56 -8.49
CA THR B 105 -41.59 -0.12 -8.25
C THR B 105 -40.77 0.57 -9.33
N ALA B 106 -41.39 1.55 -10.01
CA ALA B 106 -40.71 2.28 -11.09
C ALA B 106 -39.61 3.18 -10.53
N GLY B 107 -38.41 3.09 -11.11
CA GLY B 107 -37.24 3.81 -10.63
C GLY B 107 -36.20 2.96 -9.91
N ILE B 108 -36.56 1.73 -9.53
CA ILE B 108 -35.64 0.75 -8.93
C ILE B 108 -34.99 -0.06 -10.06
N ASP B 109 -33.65 -0.03 -10.11
CA ASP B 109 -32.89 -0.73 -11.15
C ASP B 109 -32.61 -2.21 -10.84
N ALA B 110 -32.60 -2.64 -9.57
CA ALA B 110 -32.19 -4.01 -9.25
C ALA B 110 -32.74 -4.43 -7.88
N THR B 111 -33.06 -5.72 -7.76
CA THR B 111 -33.51 -6.30 -6.49
C THR B 111 -32.33 -6.66 -5.59
N THR B 112 -32.35 -6.20 -4.34
CA THR B 112 -31.24 -6.45 -3.41
C THR B 112 -31.76 -6.94 -2.05
N GLY B 113 -30.84 -7.16 -1.10
CA GLY B 113 -31.17 -7.85 0.14
C GLY B 113 -30.19 -8.95 0.55
N PRO B 114 -30.02 -9.98 -0.30
CA PRO B 114 -28.94 -10.97 -0.07
C PRO B 114 -27.57 -10.33 -0.28
N LEU B 115 -26.74 -10.34 0.77
CA LEU B 115 -25.54 -9.51 0.80
C LEU B 115 -24.48 -10.02 -0.18
N GLY B 116 -23.74 -9.07 -0.77
CA GLY B 116 -22.75 -9.36 -1.77
C GLY B 116 -23.24 -9.29 -3.21
N GLN B 117 -24.51 -9.58 -3.46
CA GLN B 117 -24.93 -9.75 -4.86
C GLN B 117 -25.13 -8.41 -5.57
N GLY B 118 -25.48 -7.34 -4.84
CA GLY B 118 -25.60 -6.01 -5.42
C GLY B 118 -24.34 -5.43 -6.05
N ILE B 119 -23.26 -5.34 -5.27
CA ILE B 119 -21.99 -4.83 -5.80
C ILE B 119 -21.47 -5.74 -6.90
N SER B 120 -21.70 -7.05 -6.79
CA SER B 120 -21.22 -7.98 -7.81
C SER B 120 -21.97 -7.80 -9.13
N THR B 121 -23.31 -7.73 -9.08
CA THR B 121 -24.11 -7.64 -10.30
C THR B 121 -23.89 -6.33 -11.04
N ALA B 122 -23.48 -5.27 -10.34
CA ALA B 122 -23.18 -4.00 -11.01
C ALA B 122 -22.08 -4.13 -12.06
N THR B 123 -21.20 -5.13 -11.90
CA THR B 123 -20.14 -5.41 -12.88
C THR B 123 -20.71 -5.69 -14.27
N GLY B 124 -21.83 -6.42 -14.34
CA GLY B 124 -22.46 -6.73 -15.60
C GLY B 124 -23.21 -5.57 -16.23
N PHE B 125 -23.80 -4.69 -15.41
CA PHE B 125 -24.34 -3.42 -15.93
C PHE B 125 -23.28 -2.68 -16.72
N ALA B 126 -22.08 -2.55 -16.16
CA ALA B 126 -21.03 -1.80 -16.83
C ALA B 126 -20.49 -2.53 -18.07
N GLN B 127 -20.41 -3.87 -18.02
CA GLN B 127 -19.93 -4.59 -19.19
C GLN B 127 -20.92 -4.48 -20.36
N ALA B 128 -22.21 -4.50 -20.07
CA ALA B 128 -23.23 -4.31 -21.10
C ALA B 128 -23.08 -2.97 -21.80
N GLU B 129 -22.89 -1.88 -21.03
CA GLU B 129 -22.70 -0.55 -21.61
C GLU B 129 -21.49 -0.51 -22.55
N ARG B 130 -20.41 -1.24 -22.20
CA ARG B 130 -19.19 -1.22 -23.01
C ARG B 130 -19.39 -1.90 -24.37
N PHE B 131 -20.06 -3.06 -24.37
CA PHE B 131 -20.27 -3.81 -25.62
C PHE B 131 -21.16 -3.05 -26.59
N LEU B 132 -22.26 -2.49 -26.11
CA LEU B 132 -23.17 -1.76 -27.01
C LEU B 132 -22.53 -0.46 -27.53
N ALA B 133 -21.64 0.16 -26.73
CA ALA B 133 -20.95 1.37 -27.19
C ALA B 133 -19.97 1.07 -28.32
N ALA B 134 -19.25 -0.05 -28.23
CA ALA B 134 -18.31 -0.41 -29.30
C ALA B 134 -19.06 -0.77 -30.59
N LYS B 135 -20.17 -1.49 -30.46
CA LYS B 135 -20.88 -1.96 -31.64
C LYS B 135 -21.56 -0.83 -32.40
N TYR B 136 -22.24 0.10 -31.72
CA TYR B 136 -23.18 1.02 -32.38
C TYR B 136 -22.73 2.49 -32.44
N ASN B 137 -21.90 2.97 -31.51
CA ASN B 137 -21.43 4.36 -31.56
C ASN B 137 -20.61 4.62 -32.83
N ARG B 138 -20.69 5.87 -33.32
CA ARG B 138 -19.92 6.34 -34.46
C ARG B 138 -19.38 7.74 -34.15
N GLU B 139 -18.45 8.21 -34.99
CA GLU B 139 -17.80 9.50 -34.75
C GLU B 139 -18.81 10.63 -34.72
N GLY B 140 -18.86 11.35 -33.59
CA GLY B 140 -19.85 12.38 -33.38
C GLY B 140 -21.14 11.93 -32.73
N TYR B 141 -21.36 10.62 -32.56
CA TYR B 141 -22.64 10.08 -32.07
C TYR B 141 -22.37 9.05 -30.98
N ASN B 142 -22.32 9.53 -29.72
CA ASN B 142 -22.12 8.67 -28.55
C ASN B 142 -23.49 8.34 -27.93
N ILE B 143 -24.16 7.38 -28.55
CA ILE B 143 -25.53 7.02 -28.18
C ILE B 143 -25.58 6.31 -26.84
N PHE B 144 -24.61 5.42 -26.56
CA PHE B 144 -24.47 4.70 -25.30
C PHE B 144 -23.25 5.25 -24.55
N ASP B 145 -23.49 5.97 -23.45
CA ASP B 145 -22.41 6.64 -22.70
C ASP B 145 -22.96 7.06 -21.34
N HIS B 146 -22.73 6.23 -20.31
CA HIS B 146 -23.24 6.46 -18.96
C HIS B 146 -22.43 5.62 -17.97
N TYR B 147 -22.51 6.00 -16.68
CA TYR B 147 -21.76 5.37 -15.59
C TYR B 147 -22.65 4.40 -14.80
N THR B 148 -22.01 3.62 -13.88
CA THR B 148 -22.68 2.70 -12.95
C THR B 148 -22.18 2.93 -11.51
N TYR B 149 -23.12 3.22 -10.58
CA TYR B 149 -22.84 3.64 -9.20
C TYR B 149 -23.49 2.72 -8.17
N VAL B 150 -22.81 2.47 -7.04
CA VAL B 150 -23.33 1.60 -5.98
C VAL B 150 -22.96 2.12 -4.58
N ILE B 151 -23.84 1.84 -3.61
CA ILE B 151 -23.55 2.03 -2.18
C ILE B 151 -23.58 0.67 -1.50
N CYS B 152 -22.57 0.38 -0.67
CA CYS B 152 -22.40 -0.93 -0.04
C CYS B 152 -22.00 -0.75 1.43
N GLY B 153 -22.04 -1.86 2.19
CA GLY B 153 -21.67 -1.83 3.61
C GLY B 153 -20.60 -2.85 4.02
N ASP B 154 -20.34 -2.99 5.33
CA ASP B 154 -19.34 -3.96 5.79
C ASP B 154 -19.70 -5.40 5.39
N GLY B 155 -20.98 -5.80 5.57
CA GLY B 155 -21.38 -7.16 5.21
C GLY B 155 -21.11 -7.53 3.76
N ASP B 156 -21.25 -6.57 2.84
CA ASP B 156 -21.03 -6.84 1.42
C ASP B 156 -19.59 -7.26 1.15
N LEU B 157 -18.63 -6.69 1.88
CA LEU B 157 -17.21 -6.91 1.60
C LEU B 157 -16.61 -8.09 2.40
N MET B 158 -17.40 -8.71 3.29
CA MET B 158 -17.03 -9.99 3.89
C MET B 158 -17.47 -11.20 3.04
N GLU B 159 -18.47 -11.03 2.16
CA GLU B 159 -18.98 -12.14 1.37
C GLU B 159 -18.02 -12.50 0.23
N GLY B 160 -17.80 -13.81 0.05
CA GLY B 160 -16.86 -14.28 -0.97
C GLY B 160 -17.17 -13.80 -2.38
N VAL B 161 -18.45 -13.72 -2.75
CA VAL B 161 -18.79 -13.37 -4.14
C VAL B 161 -18.28 -11.99 -4.55
N SER B 162 -18.13 -11.03 -3.61
CA SER B 162 -17.64 -9.72 -4.02
C SER B 162 -16.12 -9.71 -4.31
N SER B 163 -15.35 -10.59 -3.67
CA SER B 163 -13.93 -10.73 -4.01
C SER B 163 -13.74 -11.29 -5.42
N GLU B 164 -14.55 -12.30 -5.80
CA GLU B 164 -14.49 -12.85 -7.15
C GLU B 164 -14.74 -11.78 -8.20
N ALA B 165 -15.77 -10.94 -7.99
CA ALA B 165 -16.14 -9.95 -9.00
C ALA B 165 -15.10 -8.85 -9.13
N ALA B 166 -14.56 -8.39 -8.01
CA ALA B 166 -13.56 -7.31 -8.03
C ALA B 166 -12.28 -7.78 -8.71
N SER B 167 -11.86 -9.03 -8.48
CA SER B 167 -10.70 -9.58 -9.19
C SER B 167 -10.96 -9.61 -10.69
N TYR B 168 -12.13 -10.13 -11.10
CA TYR B 168 -12.50 -10.17 -12.52
C TYR B 168 -12.55 -8.77 -13.13
N ALA B 169 -13.12 -7.81 -12.40
CA ALA B 169 -13.31 -6.47 -12.97
C ALA B 169 -12.00 -5.71 -13.07
N GLY B 170 -11.02 -6.03 -12.22
CA GLY B 170 -9.72 -5.40 -12.34
C GLY B 170 -8.99 -5.83 -13.61
N LEU B 171 -9.07 -7.12 -13.94
CA LEU B 171 -8.49 -7.60 -15.19
C LEU B 171 -9.19 -6.95 -16.40
N GLN B 172 -10.51 -6.77 -16.32
CA GLN B 172 -11.30 -6.25 -17.45
C GLN B 172 -11.21 -4.73 -17.59
N LYS B 173 -10.77 -4.02 -16.55
CA LYS B 173 -10.51 -2.57 -16.62
C LYS B 173 -11.80 -1.77 -16.88
N LEU B 174 -12.90 -2.17 -16.22
CA LEU B 174 -14.20 -1.48 -16.31
C LEU B 174 -14.17 -0.17 -15.52
N ASP B 175 -13.63 0.87 -16.18
CA ASP B 175 -13.31 2.17 -15.60
C ASP B 175 -14.52 3.06 -15.31
N LYS B 176 -15.74 2.67 -15.68
CA LYS B 176 -16.93 3.47 -15.40
C LYS B 176 -17.78 2.90 -14.26
N LEU B 177 -17.22 1.98 -13.47
CA LEU B 177 -17.85 1.47 -12.26
C LEU B 177 -17.33 2.22 -11.03
N VAL B 178 -18.24 2.75 -10.20
CA VAL B 178 -17.91 3.61 -9.05
C VAL B 178 -18.67 3.13 -7.81
N VAL B 179 -17.94 2.82 -6.73
CA VAL B 179 -18.50 2.20 -5.53
C VAL B 179 -18.23 3.09 -4.32
N LEU B 180 -19.29 3.44 -3.57
CA LEU B 180 -19.18 4.13 -2.28
C LEU B 180 -19.37 3.13 -1.13
N TYR B 181 -18.33 2.98 -0.27
CA TYR B 181 -18.35 2.04 0.86
C TYR B 181 -18.60 2.79 2.17
N ASP B 182 -19.74 2.52 2.80
CA ASP B 182 -20.19 3.15 4.05
C ASP B 182 -19.54 2.43 5.24
N SER B 183 -18.45 3.00 5.74
CA SER B 183 -17.55 2.37 6.71
C SER B 183 -17.89 2.86 8.12
N ASN B 184 -18.78 2.14 8.84
CA ASN B 184 -19.28 2.62 10.12
C ASN B 184 -18.82 1.78 11.33
N ASP B 185 -17.94 0.80 11.13
CA ASP B 185 -17.29 0.04 12.20
C ASP B 185 -18.26 -0.80 13.03
N ILE B 186 -19.45 -1.10 12.49
CA ILE B 186 -20.50 -1.81 13.22
C ILE B 186 -21.17 -2.82 12.29
N ASN B 187 -21.50 -4.00 12.82
CA ASN B 187 -22.37 -4.95 12.12
C ASN B 187 -23.45 -5.44 13.10
N LEU B 188 -24.11 -6.57 12.75
CA LEU B 188 -25.33 -6.96 13.45
C LEU B 188 -25.06 -7.40 14.90
N ASP B 189 -24.05 -8.26 15.12
CA ASP B 189 -23.78 -8.76 16.46
C ASP B 189 -22.90 -7.82 17.30
N GLY B 190 -22.35 -6.75 16.71
CA GLY B 190 -21.51 -5.85 17.48
C GLY B 190 -20.48 -5.05 16.67
N GLU B 191 -19.27 -4.92 17.19
CA GLU B 191 -18.24 -4.08 16.59
C GLU B 191 -17.34 -4.88 15.64
N THR B 192 -16.78 -4.17 14.63
CA THR B 192 -15.94 -4.83 13.63
C THR B 192 -14.61 -5.31 14.21
N LYS B 193 -14.20 -4.78 15.37
CA LYS B 193 -12.98 -5.27 16.01
C LYS B 193 -13.01 -6.78 16.27
N ASP B 194 -14.20 -7.41 16.31
CA ASP B 194 -14.35 -8.83 16.55
C ASP B 194 -14.75 -9.62 15.31
N SER B 195 -14.81 -8.99 14.14
CA SER B 195 -15.27 -9.70 12.95
C SER B 195 -14.49 -9.39 11.67
N PHE B 196 -13.86 -8.22 11.54
CA PHE B 196 -13.45 -7.71 10.23
C PHE B 196 -12.34 -6.68 10.45
N THR B 197 -11.07 -7.15 10.50
CA THR B 197 -9.93 -6.29 10.79
C THR B 197 -8.93 -6.15 9.64
N GLU B 198 -9.18 -6.73 8.47
CA GLU B 198 -8.30 -6.60 7.31
C GLU B 198 -8.19 -5.14 6.84
N SER B 199 -7.21 -4.90 5.97
CA SER B 199 -7.02 -3.59 5.32
C SER B 199 -7.72 -3.62 3.96
N VAL B 200 -8.96 -3.13 3.92
CA VAL B 200 -9.81 -3.25 2.73
C VAL B 200 -9.19 -2.53 1.52
N ARG B 201 -8.74 -1.28 1.70
CA ARG B 201 -8.24 -0.52 0.55
C ARG B 201 -6.93 -1.10 0.01
N ASP B 202 -6.11 -1.72 0.88
CA ASP B 202 -4.88 -2.35 0.38
C ASP B 202 -5.20 -3.59 -0.47
N ARG B 203 -6.25 -4.35 -0.11
CA ARG B 203 -6.67 -5.49 -0.92
C ARG B 203 -7.18 -5.06 -2.30
N TYR B 204 -7.95 -3.95 -2.37
CA TYR B 204 -8.49 -3.52 -3.67
C TYR B 204 -7.41 -2.95 -4.59
N ASN B 205 -6.34 -2.35 -4.04
CA ASN B 205 -5.19 -1.97 -4.85
C ASN B 205 -4.55 -3.20 -5.52
N ALA B 206 -4.45 -4.30 -4.77
CA ALA B 206 -3.87 -5.54 -5.30
C ALA B 206 -4.66 -6.11 -6.49
N TYR B 207 -5.95 -5.77 -6.63
CA TYR B 207 -6.76 -6.17 -7.78
C TYR B 207 -6.58 -5.24 -8.99
N GLY B 208 -6.00 -4.06 -8.79
CA GLY B 208 -5.89 -3.06 -9.85
C GLY B 208 -6.94 -1.95 -9.85
N TRP B 209 -7.69 -1.77 -8.76
CA TRP B 209 -8.67 -0.69 -8.63
C TRP B 209 -7.99 0.57 -8.16
N HIS B 210 -8.69 1.70 -8.33
CA HIS B 210 -8.36 2.97 -7.69
C HIS B 210 -9.10 3.06 -6.36
N THR B 211 -8.43 3.56 -5.30
CA THR B 211 -9.03 3.67 -3.97
C THR B 211 -8.73 5.04 -3.36
N ALA B 212 -9.65 5.49 -2.48
CA ALA B 212 -9.52 6.77 -1.79
C ALA B 212 -10.25 6.72 -0.44
N LEU B 213 -9.98 7.73 0.40
CA LEU B 213 -10.48 7.80 1.77
C LEU B 213 -11.08 9.18 2.05
N VAL B 214 -12.28 9.19 2.66
CA VAL B 214 -12.97 10.42 3.09
C VAL B 214 -13.19 10.30 4.60
N GLU B 215 -12.41 11.06 5.38
CA GLU B 215 -12.43 10.89 6.84
C GLU B 215 -13.66 11.52 7.49
N ASN B 216 -14.22 12.60 6.93
CA ASN B 216 -15.40 13.26 7.51
C ASN B 216 -16.61 13.01 6.61
N GLY B 217 -17.44 12.04 7.00
CA GLY B 217 -18.58 11.58 6.22
C GLY B 217 -19.74 12.55 6.08
N THR B 218 -19.71 13.71 6.75
CA THR B 218 -20.75 14.72 6.55
C THR B 218 -20.24 15.92 5.74
N ASP B 219 -19.00 15.90 5.26
CA ASP B 219 -18.43 17.01 4.48
C ASP B 219 -18.76 16.79 3.00
N LEU B 220 -19.79 17.47 2.51
CA LEU B 220 -20.26 17.24 1.14
C LEU B 220 -19.22 17.63 0.08
N GLU B 221 -18.38 18.63 0.35
CA GLU B 221 -17.38 19.05 -0.64
C GLU B 221 -16.24 18.04 -0.76
N ALA B 222 -15.82 17.45 0.38
CA ALA B 222 -14.83 16.38 0.33
C ALA B 222 -15.36 15.17 -0.43
N ILE B 223 -16.65 14.85 -0.26
CA ILE B 223 -17.27 13.72 -0.95
C ILE B 223 -17.29 13.96 -2.45
N HIS B 224 -17.65 15.17 -2.87
CA HIS B 224 -17.76 15.48 -4.29
C HIS B 224 -16.39 15.45 -4.97
N ALA B 225 -15.38 16.06 -4.32
CA ALA B 225 -14.02 16.03 -4.87
C ALA B 225 -13.52 14.61 -5.09
N ALA B 226 -13.88 13.68 -4.19
CA ALA B 226 -13.41 12.31 -4.31
C ALA B 226 -14.07 11.57 -5.49
N ILE B 227 -15.35 11.85 -5.80
CA ILE B 227 -15.99 11.14 -6.92
C ILE B 227 -15.46 11.66 -8.26
N GLU B 228 -15.28 12.98 -8.41
CA GLU B 228 -14.72 13.53 -9.65
C GLU B 228 -13.35 12.93 -9.96
N THR B 229 -12.46 12.88 -8.96
CA THR B 229 -11.16 12.21 -9.10
C THR B 229 -11.34 10.77 -9.59
N ALA B 230 -12.26 10.02 -8.96
CA ALA B 230 -12.44 8.60 -9.27
C ALA B 230 -12.86 8.38 -10.72
N LYS B 231 -13.78 9.23 -11.24
CA LYS B 231 -14.27 9.09 -12.61
C LYS B 231 -13.20 9.34 -13.66
N ALA B 232 -12.13 10.03 -13.33
CA ALA B 232 -11.05 10.31 -14.28
C ALA B 232 -9.87 9.34 -14.15
N SER B 233 -9.92 8.42 -13.18
CA SER B 233 -8.76 7.58 -12.86
C SER B 233 -8.45 6.55 -13.93
N GLY B 234 -9.45 6.12 -14.71
CA GLY B 234 -9.25 5.06 -15.68
C GLY B 234 -9.27 3.65 -15.11
N LYS B 235 -9.82 3.45 -13.92
CA LYS B 235 -9.96 2.16 -13.27
C LYS B 235 -11.29 2.08 -12.53
N PRO B 236 -11.81 0.86 -12.28
CA PRO B 236 -12.91 0.73 -11.33
C PRO B 236 -12.48 1.23 -9.94
N SER B 237 -13.39 1.93 -9.25
CA SER B 237 -13.08 2.73 -8.05
C SER B 237 -13.79 2.22 -6.79
N LEU B 238 -13.11 2.36 -5.65
CA LEU B 238 -13.71 2.11 -4.33
C LEU B 238 -13.31 3.22 -3.35
N ILE B 239 -14.30 4.02 -2.91
CA ILE B 239 -14.10 5.16 -2.00
C ILE B 239 -14.61 4.79 -0.60
N GLU B 240 -13.70 4.76 0.40
CA GLU B 240 -14.06 4.46 1.79
C GLU B 240 -14.46 5.72 2.56
N VAL B 241 -15.72 5.77 3.02
CA VAL B 241 -16.32 6.94 3.68
C VAL B 241 -16.63 6.60 5.14
N LYS B 242 -15.99 7.29 6.09
CA LYS B 242 -16.18 7.04 7.53
C LYS B 242 -17.43 7.74 8.07
N THR B 243 -18.39 6.96 8.62
CA THR B 243 -19.66 7.49 9.15
C THR B 243 -19.93 6.90 10.54
N VAL B 244 -20.83 7.58 11.26
CA VAL B 244 -21.35 7.13 12.56
C VAL B 244 -22.75 6.57 12.36
N ILE B 245 -22.95 5.27 12.65
CA ILE B 245 -24.27 4.65 12.46
C ILE B 245 -25.24 5.25 13.48
N GLY B 246 -26.41 5.67 12.98
CA GLY B 246 -27.41 6.30 13.83
C GLY B 246 -27.14 7.74 14.21
N TYR B 247 -26.30 8.44 13.44
CA TYR B 247 -25.92 9.83 13.65
C TYR B 247 -27.08 10.69 14.10
N GLY B 248 -26.96 11.28 15.30
CA GLY B 248 -27.96 12.16 15.88
C GLY B 248 -28.62 11.60 17.14
N SER B 249 -28.74 10.28 17.24
CA SER B 249 -29.32 9.61 18.40
C SER B 249 -28.39 9.77 19.61
N PRO B 250 -28.72 10.61 20.59
CA PRO B 250 -27.76 10.90 21.66
C PRO B 250 -27.43 9.69 22.51
N ASN B 251 -28.35 8.74 22.66
CA ASN B 251 -28.13 7.58 23.51
C ASN B 251 -27.77 6.30 22.74
N LYS B 252 -27.89 6.27 21.41
CA LYS B 252 -27.69 5.01 20.69
C LYS B 252 -26.75 5.05 19.50
N GLN B 253 -26.34 6.23 19.02
CA GLN B 253 -25.48 6.31 17.84
C GLN B 253 -24.14 5.61 18.10
N GLY B 254 -23.63 4.96 17.06
CA GLY B 254 -22.38 4.22 17.15
C GLY B 254 -22.45 2.87 17.84
N THR B 255 -23.63 2.27 17.97
CA THR B 255 -23.83 0.96 18.58
C THR B 255 -24.74 0.12 17.70
N ASN B 256 -24.74 -1.21 17.89
CA ASN B 256 -25.64 -2.05 17.11
C ASN B 256 -27.10 -1.97 17.56
N ALA B 257 -27.42 -1.14 18.56
CA ALA B 257 -28.82 -0.98 18.96
C ALA B 257 -29.66 -0.23 17.92
N VAL B 258 -29.03 0.44 16.95
CA VAL B 258 -29.76 1.15 15.89
C VAL B 258 -29.72 0.40 14.56
N HIS B 259 -29.19 -0.83 14.55
CA HIS B 259 -29.03 -1.52 13.27
C HIS B 259 -30.37 -1.90 12.65
N GLY B 260 -31.26 -2.51 13.45
CA GLY B 260 -32.44 -3.17 12.91
C GLY B 260 -33.72 -3.14 13.73
N ALA B 261 -33.91 -2.08 14.53
CA ALA B 261 -35.13 -1.88 15.31
C ALA B 261 -35.46 -0.40 15.32
N PRO B 262 -36.75 -0.04 15.35
CA PRO B 262 -37.13 1.38 15.38
C PRO B 262 -36.53 2.11 16.58
N LEU B 263 -36.21 3.39 16.37
CA LEU B 263 -35.77 4.25 17.48
C LEU B 263 -36.78 4.25 18.63
N GLY B 264 -38.08 4.35 18.32
CA GLY B 264 -39.10 4.49 19.34
C GLY B 264 -39.38 5.94 19.71
N ALA B 265 -40.44 6.14 20.50
CA ALA B 265 -41.01 7.48 20.71
C ALA B 265 -40.06 8.37 21.52
N ASP B 266 -39.56 7.88 22.66
CA ASP B 266 -38.68 8.69 23.50
C ASP B 266 -37.44 9.15 22.74
N GLU B 267 -36.67 8.19 22.20
CA GLU B 267 -35.40 8.53 21.57
C GLU B 267 -35.59 9.33 20.28
N THR B 268 -36.75 9.21 19.61
CA THR B 268 -37.04 10.05 18.44
C THR B 268 -37.20 11.52 18.86
N ALA B 269 -37.94 11.78 19.93
CA ALA B 269 -38.06 13.15 20.44
C ALA B 269 -36.69 13.72 20.80
N SER B 270 -35.83 12.90 21.42
CA SER B 270 -34.48 13.37 21.73
C SER B 270 -33.63 13.60 20.48
N THR B 271 -33.92 12.88 19.39
CA THR B 271 -33.13 13.05 18.17
C THR B 271 -33.57 14.28 17.39
N ARG B 272 -34.89 14.55 17.33
CA ARG B 272 -35.39 15.80 16.75
C ARG B 272 -34.75 17.02 17.40
N GLN B 273 -34.58 16.96 18.72
CA GLN B 273 -33.99 18.08 19.44
C GLN B 273 -32.49 18.20 19.17
N ALA B 274 -31.79 17.07 19.07
CA ALA B 274 -30.34 17.12 18.89
C ALA B 274 -29.94 17.68 17.53
N LEU B 275 -30.72 17.44 16.48
CA LEU B 275 -30.41 17.91 15.13
C LEU B 275 -31.19 19.16 14.73
N GLY B 276 -31.99 19.73 15.62
CA GLY B 276 -32.68 20.98 15.32
C GLY B 276 -33.81 20.88 14.31
N TRP B 277 -34.49 19.74 14.24
CA TRP B 277 -35.56 19.52 13.25
C TRP B 277 -36.90 19.82 13.93
N ASP B 278 -37.61 20.82 13.40
CA ASP B 278 -38.85 21.32 14.02
C ASP B 278 -40.09 21.04 13.17
N TYR B 279 -40.18 19.87 12.55
CA TYR B 279 -41.34 19.52 11.72
C TYR B 279 -41.95 18.20 12.19
N GLU B 280 -43.28 18.15 12.18
CA GLU B 280 -44.01 16.95 12.61
C GLU B 280 -43.83 15.81 11.60
N PRO B 281 -44.11 14.56 11.99
CA PRO B 281 -43.94 13.43 11.08
C PRO B 281 -44.68 13.63 9.76
N PHE B 282 -43.94 13.42 8.65
CA PHE B 282 -44.46 13.49 7.28
C PHE B 282 -44.77 14.93 6.86
N GLU B 283 -44.11 15.90 7.47
CA GLU B 283 -44.21 17.30 7.12
C GLU B 283 -42.88 17.78 6.54
N ILE B 284 -42.87 18.17 5.26
CA ILE B 284 -41.66 18.54 4.56
C ILE B 284 -41.83 19.96 3.99
N PRO B 285 -40.90 20.88 4.26
CA PRO B 285 -41.04 22.26 3.76
C PRO B 285 -40.82 22.40 2.25
N GLU B 286 -41.42 23.45 1.69
CA GLU B 286 -41.40 23.69 0.25
C GLU B 286 -39.99 23.89 -0.31
N GLN B 287 -39.14 24.61 0.42
CA GLN B 287 -37.78 24.87 -0.07
C GLN B 287 -37.03 23.57 -0.40
N VAL B 288 -37.26 22.50 0.36
CA VAL B 288 -36.59 21.23 0.07
C VAL B 288 -37.04 20.66 -1.27
N TYR B 289 -38.35 20.70 -1.54
CA TYR B 289 -38.86 20.17 -2.81
C TYR B 289 -38.28 20.92 -4.01
N ALA B 290 -38.09 22.24 -3.88
CA ALA B 290 -37.53 23.02 -4.98
C ALA B 290 -36.01 22.81 -5.11
N ASP B 291 -35.32 22.45 -4.03
CA ASP B 291 -33.92 22.07 -4.13
C ASP B 291 -33.76 20.80 -4.97
N PHE B 292 -34.68 19.83 -4.82
CA PHE B 292 -34.63 18.59 -5.59
C PHE B 292 -35.15 18.77 -7.00
N LYS B 293 -36.17 19.62 -7.20
CA LYS B 293 -36.68 19.85 -8.54
C LYS B 293 -35.61 20.45 -9.46
N GLU B 294 -34.86 21.41 -8.94
CA GLU B 294 -33.81 22.07 -9.75
C GLU B 294 -32.64 21.12 -10.03
N HIS B 295 -32.15 20.40 -9.01
CA HIS B 295 -30.82 19.77 -9.08
C HIS B 295 -30.82 18.28 -9.45
N VAL B 296 -31.98 17.59 -9.44
CA VAL B 296 -32.07 16.25 -10.02
C VAL B 296 -33.13 16.17 -11.13
N ALA B 297 -34.35 16.67 -10.87
CA ALA B 297 -35.42 16.48 -11.84
C ALA B 297 -35.21 17.31 -13.10
N ASP B 298 -35.01 18.63 -12.97
CA ASP B 298 -34.83 19.48 -14.14
C ASP B 298 -33.50 19.20 -14.85
N ARG B 299 -32.45 18.84 -14.11
CA ARG B 299 -31.15 18.56 -14.73
C ARG B 299 -31.21 17.29 -15.57
N GLY B 300 -31.92 16.27 -15.10
CA GLY B 300 -32.05 15.04 -15.87
C GLY B 300 -32.95 15.16 -17.09
N ALA B 301 -34.03 15.95 -16.99
CA ALA B 301 -34.90 16.16 -18.14
C ALA B 301 -34.15 16.87 -19.28
N SER B 302 -33.30 17.84 -18.94
CA SER B 302 -32.48 18.51 -19.95
C SER B 302 -31.53 17.54 -20.65
N ALA B 303 -30.90 16.64 -19.89
CA ALA B 303 -30.01 15.68 -20.53
C ALA B 303 -30.79 14.72 -21.44
N TYR B 304 -31.99 14.31 -21.01
CA TYR B 304 -32.84 13.43 -21.82
C TYR B 304 -33.20 14.07 -23.16
N GLN B 305 -33.67 15.32 -23.13
CA GLN B 305 -34.10 15.96 -24.38
C GLN B 305 -32.94 16.04 -25.36
N ALA B 306 -31.73 16.33 -24.87
CA ALA B 306 -30.57 16.40 -25.76
C ALA B 306 -30.26 15.03 -26.39
N TRP B 307 -30.47 13.95 -25.62
CA TRP B 307 -30.21 12.60 -26.12
C TRP B 307 -31.21 12.22 -27.23
N THR B 308 -32.48 12.62 -27.09
CA THR B 308 -33.45 12.32 -28.14
C THR B 308 -33.09 12.99 -29.46
N LYS B 309 -32.64 14.25 -29.43
CA LYS B 309 -32.19 14.89 -30.67
C LYS B 309 -30.97 14.19 -31.27
N LEU B 310 -30.00 13.82 -30.44
CA LEU B 310 -28.79 13.14 -30.95
C LEU B 310 -29.15 11.83 -31.66
N VAL B 311 -30.09 11.05 -31.12
CA VAL B 311 -30.48 9.78 -31.76
C VAL B 311 -31.11 10.02 -33.13
N ALA B 312 -31.94 11.07 -33.25
CA ALA B 312 -32.58 11.36 -34.52
C ALA B 312 -31.56 11.75 -35.58
N ASP B 313 -30.60 12.61 -35.21
CA ASP B 313 -29.52 12.96 -36.15
C ASP B 313 -28.70 11.74 -36.54
N TYR B 314 -28.44 10.85 -35.57
CA TYR B 314 -27.64 9.65 -35.83
C TYR B 314 -28.30 8.72 -36.83
N LYS B 315 -29.62 8.55 -36.73
CA LYS B 315 -30.32 7.65 -37.63
C LYS B 315 -30.39 8.20 -39.05
N GLU B 316 -30.27 9.53 -39.21
CA GLU B 316 -30.18 10.14 -40.53
C GLU B 316 -28.77 9.99 -41.12
N ALA B 317 -27.74 10.00 -40.29
CA ALA B 317 -26.37 9.89 -40.76
C ALA B 317 -25.94 8.44 -41.04
N HIS B 318 -26.54 7.45 -40.36
CA HIS B 318 -26.18 6.04 -40.53
C HIS B 318 -27.45 5.21 -40.69
N PRO B 319 -28.11 5.30 -41.84
CA PRO B 319 -29.35 4.52 -42.03
C PRO B 319 -29.12 3.01 -42.02
N GLU B 320 -27.88 2.55 -42.20
CA GLU B 320 -27.62 1.12 -42.16
C GLU B 320 -27.67 0.55 -40.74
N LEU B 321 -27.67 1.39 -39.69
CA LEU B 321 -27.76 0.93 -38.31
C LEU B 321 -29.08 1.27 -37.65
N ALA B 322 -29.95 2.02 -38.33
CA ALA B 322 -31.10 2.63 -37.67
C ALA B 322 -32.09 1.56 -37.18
N ALA B 323 -32.33 0.51 -37.97
CA ALA B 323 -33.34 -0.48 -37.62
C ALA B 323 -32.97 -1.26 -36.36
N GLU B 324 -31.69 -1.61 -36.17
CA GLU B 324 -31.29 -2.38 -35.00
C GLU B 324 -31.35 -1.54 -33.72
N VAL B 325 -30.96 -0.26 -33.78
CA VAL B 325 -31.04 0.60 -32.60
C VAL B 325 -32.49 0.93 -32.27
N GLU B 326 -33.33 1.13 -33.29
CA GLU B 326 -34.75 1.36 -33.07
C GLU B 326 -35.38 0.20 -32.29
N ALA B 327 -35.15 -1.04 -32.74
CA ALA B 327 -35.67 -2.23 -32.03
C ALA B 327 -35.22 -2.25 -30.57
N ILE B 328 -33.96 -1.96 -30.31
CA ILE B 328 -33.45 -2.02 -28.93
C ILE B 328 -34.12 -0.98 -28.04
N ILE B 329 -34.29 0.25 -28.54
CA ILE B 329 -34.97 1.27 -27.74
C ILE B 329 -36.42 0.87 -27.45
N ASP B 330 -37.02 0.05 -28.33
CA ASP B 330 -38.37 -0.47 -28.11
C ASP B 330 -38.41 -1.66 -27.16
N GLY B 331 -37.27 -2.19 -26.73
CA GLY B 331 -37.29 -3.36 -25.87
C GLY B 331 -37.44 -4.70 -26.55
N ARG B 332 -37.11 -4.80 -27.84
CA ARG B 332 -37.16 -6.05 -28.61
C ARG B 332 -35.76 -6.45 -29.06
N ASP B 333 -35.63 -7.70 -29.51
CA ASP B 333 -34.37 -8.16 -30.09
C ASP B 333 -34.18 -7.57 -31.48
N PRO B 334 -32.93 -7.26 -31.87
CA PRO B 334 -32.71 -6.62 -33.18
C PRO B 334 -32.84 -7.58 -34.36
N VAL B 335 -32.76 -8.90 -34.15
CA VAL B 335 -32.99 -9.89 -35.20
C VAL B 335 -33.80 -11.04 -34.59
N GLU B 336 -34.63 -11.67 -35.42
CA GLU B 336 -35.51 -12.74 -34.94
C GLU B 336 -35.01 -14.10 -35.42
N VAL B 337 -34.82 -15.02 -34.46
CA VAL B 337 -34.48 -16.42 -34.76
C VAL B 337 -35.76 -17.23 -34.86
N THR B 338 -35.84 -18.10 -35.90
CA THR B 338 -37.03 -18.94 -36.11
C THR B 338 -36.67 -20.43 -36.20
N PRO B 339 -37.66 -21.33 -36.16
CA PRO B 339 -37.35 -22.76 -36.28
C PRO B 339 -36.67 -23.18 -37.59
N ALA B 340 -36.90 -22.46 -38.69
CA ALA B 340 -36.30 -22.84 -39.97
C ALA B 340 -34.80 -22.54 -40.04
N ASP B 341 -34.21 -21.93 -39.00
CA ASP B 341 -32.76 -21.73 -38.96
C ASP B 341 -31.98 -23.00 -38.59
N PHE B 342 -32.67 -24.05 -38.02
CA PHE B 342 -31.98 -25.27 -37.55
C PHE B 342 -32.13 -26.39 -38.59
N PRO B 343 -31.06 -27.07 -38.98
CA PRO B 343 -31.19 -28.10 -40.02
C PRO B 343 -31.75 -29.41 -39.50
N ALA B 344 -32.40 -30.15 -40.42
CA ALA B 344 -33.02 -31.41 -40.06
C ALA B 344 -31.97 -32.50 -39.84
N LEU B 345 -32.29 -33.45 -38.97
CA LEU B 345 -31.36 -34.50 -38.54
C LEU B 345 -31.88 -35.89 -38.89
N GLU B 346 -30.96 -36.79 -39.19
CA GLU B 346 -31.29 -38.14 -39.62
C GLU B 346 -31.53 -39.06 -38.42
N ASN B 347 -32.55 -39.92 -38.53
CA ASN B 347 -32.75 -40.94 -37.49
C ASN B 347 -31.52 -41.83 -37.42
N GLY B 348 -31.05 -42.12 -36.21
CA GLY B 348 -29.88 -42.95 -36.02
C GLY B 348 -28.57 -42.23 -35.77
N PHE B 349 -28.48 -40.92 -36.03
CA PHE B 349 -27.26 -40.14 -35.80
C PHE B 349 -26.81 -40.23 -34.34
N SER B 350 -25.50 -40.42 -34.13
CA SER B 350 -24.93 -40.61 -32.79
C SER B 350 -24.11 -39.36 -32.40
N GLN B 351 -24.48 -38.72 -31.29
CA GLN B 351 -23.83 -37.50 -30.83
C GLN B 351 -24.18 -37.23 -29.36
N ALA B 352 -23.18 -36.82 -28.58
CA ALA B 352 -23.41 -36.42 -27.18
C ALA B 352 -24.04 -35.03 -27.13
N THR B 353 -24.93 -34.81 -26.14
CA THR B 353 -25.74 -33.59 -26.19
C THR B 353 -24.93 -32.34 -25.79
N ARG B 354 -23.75 -32.51 -25.16
CA ARG B 354 -22.89 -31.34 -25.02
C ARG B 354 -22.37 -30.87 -26.38
N ASN B 355 -22.15 -31.79 -27.32
CA ASN B 355 -21.73 -31.39 -28.66
C ASN B 355 -22.89 -30.87 -29.50
N SER B 356 -24.08 -31.51 -29.41
CA SER B 356 -25.28 -30.94 -30.02
C SER B 356 -25.51 -29.51 -29.54
N SER B 357 -25.23 -29.25 -28.26
CA SER B 357 -25.41 -27.91 -27.70
C SER B 357 -24.47 -26.90 -28.38
N GLN B 358 -23.23 -27.30 -28.67
CA GLN B 358 -22.32 -26.36 -29.35
C GLN B 358 -22.80 -26.06 -30.77
N ASP B 359 -23.36 -27.05 -31.46
CA ASP B 359 -23.85 -26.80 -32.82
C ASP B 359 -25.03 -25.84 -32.82
N ALA B 360 -25.96 -25.98 -31.86
CA ALA B 360 -27.18 -25.18 -31.88
C ALA B 360 -26.91 -23.73 -31.53
N LEU B 361 -26.02 -23.48 -30.55
CA LEU B 361 -25.73 -22.11 -30.15
C LEU B 361 -24.89 -21.37 -31.17
N ASN B 362 -24.13 -22.08 -32.00
CA ASN B 362 -23.43 -21.39 -33.08
C ASN B 362 -24.39 -21.00 -34.21
N VAL B 363 -25.43 -21.81 -34.46
CA VAL B 363 -26.53 -21.37 -35.32
C VAL B 363 -27.13 -20.06 -34.79
N VAL B 364 -27.32 -19.96 -33.48
CA VAL B 364 -27.95 -18.78 -32.90
C VAL B 364 -27.06 -17.55 -33.03
N ALA B 365 -25.75 -17.70 -32.74
CA ALA B 365 -24.85 -16.55 -32.77
C ALA B 365 -24.67 -16.00 -34.18
N ALA B 366 -24.79 -16.86 -35.21
CA ALA B 366 -24.65 -16.39 -36.58
C ALA B 366 -25.84 -15.55 -37.02
N LYS B 367 -27.02 -15.79 -36.42
CA LYS B 367 -28.24 -15.05 -36.74
C LYS B 367 -28.44 -13.78 -35.89
N LEU B 368 -28.12 -13.82 -34.60
CA LEU B 368 -28.39 -12.68 -33.70
C LEU B 368 -27.10 -12.08 -33.17
N PRO B 369 -26.76 -10.84 -33.55
CA PRO B 369 -25.44 -10.28 -33.18
C PRO B 369 -25.32 -9.80 -31.73
N THR B 370 -26.41 -9.76 -30.96
CA THR B 370 -26.35 -9.41 -29.54
C THR B 370 -26.44 -10.62 -28.61
N PHE B 371 -26.15 -11.82 -29.11
CA PHE B 371 -26.10 -13.05 -28.33
C PHE B 371 -24.64 -13.33 -27.96
N LEU B 372 -24.34 -13.47 -26.66
CA LEU B 372 -22.97 -13.72 -26.19
C LEU B 372 -22.99 -14.54 -24.88
N GLY B 373 -21.80 -15.02 -24.46
CA GLY B 373 -21.74 -15.92 -23.30
C GLY B 373 -20.32 -16.29 -22.84
N GLY B 374 -20.22 -17.40 -22.10
CA GLY B 374 -18.92 -17.86 -21.61
C GLY B 374 -18.99 -19.09 -20.71
N SER B 375 -17.90 -19.36 -20.01
CA SER B 375 -17.79 -20.53 -19.12
C SER B 375 -16.77 -20.27 -18.01
N ALA B 376 -16.89 -21.02 -16.91
CA ALA B 376 -16.02 -20.80 -15.75
C ALA B 376 -14.81 -21.76 -15.81
N ASP B 377 -13.84 -21.41 -16.65
CA ASP B 377 -12.63 -22.20 -16.94
C ASP B 377 -12.95 -23.65 -17.35
N LEU B 378 -14.07 -23.86 -18.06
CA LEU B 378 -14.43 -25.19 -18.55
C LEU B 378 -14.89 -25.17 -20.01
N ALA B 379 -14.52 -24.14 -20.76
CA ALA B 379 -14.90 -24.03 -22.18
C ALA B 379 -14.53 -25.29 -22.98
N HIS B 380 -13.36 -25.86 -22.74
CA HIS B 380 -12.90 -27.01 -23.53
C HIS B 380 -13.62 -28.31 -23.17
N SER B 381 -14.41 -28.36 -22.09
CA SER B 381 -15.22 -29.52 -21.73
C SER B 381 -16.72 -29.27 -21.84
N ASN B 382 -17.21 -28.07 -21.48
CA ASN B 382 -18.62 -27.74 -21.68
C ASN B 382 -18.99 -27.62 -23.17
N MET B 383 -18.01 -27.31 -24.04
CA MET B 383 -18.24 -27.03 -25.46
C MET B 383 -19.06 -25.74 -25.70
N THR B 384 -18.66 -24.64 -25.05
CA THR B 384 -19.41 -23.37 -25.10
C THR B 384 -18.91 -22.34 -26.11
N TYR B 385 -17.82 -22.59 -26.83
CA TYR B 385 -17.19 -21.53 -27.64
C TYR B 385 -18.00 -21.20 -28.90
N ILE B 386 -18.14 -19.90 -29.17
CA ILE B 386 -18.62 -19.41 -30.46
C ILE B 386 -17.42 -19.35 -31.40
N LYS B 387 -17.44 -20.16 -32.46
CA LYS B 387 -16.20 -20.50 -33.16
C LYS B 387 -15.65 -19.38 -34.06
N THR B 388 -16.38 -18.30 -34.31
CA THR B 388 -15.85 -17.23 -35.13
C THR B 388 -15.08 -16.16 -34.34
N ASP B 389 -15.00 -16.26 -33.01
CA ASP B 389 -14.50 -15.19 -32.16
C ASP B 389 -13.36 -15.68 -31.26
N GLY B 390 -12.58 -14.72 -30.77
CA GLY B 390 -11.68 -14.92 -29.65
C GLY B 390 -12.33 -14.53 -28.33
N LEU B 391 -11.51 -14.10 -27.37
CA LEU B 391 -11.95 -13.70 -26.03
C LEU B 391 -12.18 -12.19 -25.95
N GLN B 392 -13.14 -11.79 -25.12
CA GLN B 392 -13.50 -10.39 -24.93
C GLN B 392 -12.71 -9.78 -23.77
N ASP B 393 -12.14 -8.59 -23.99
CA ASP B 393 -11.41 -7.87 -22.95
C ASP B 393 -11.32 -6.39 -23.35
N ASP B 394 -10.51 -5.61 -22.61
CA ASP B 394 -10.46 -4.17 -22.84
C ASP B 394 -9.88 -3.81 -24.21
N ALA B 395 -9.02 -4.66 -24.77
CA ALA B 395 -8.44 -4.42 -26.08
C ALA B 395 -9.28 -4.97 -27.23
N ASN B 396 -10.15 -5.95 -26.96
CA ASN B 396 -10.93 -6.63 -28.00
C ASN B 396 -12.41 -6.68 -27.55
N ARG B 397 -13.06 -5.51 -27.56
CA ARG B 397 -14.35 -5.36 -26.89
C ARG B 397 -15.54 -5.97 -27.64
N LEU B 398 -15.36 -6.40 -28.90
CA LEU B 398 -16.47 -6.95 -29.69
C LEU B 398 -16.50 -8.47 -29.79
N ASN B 399 -15.45 -9.18 -29.34
CA ASN B 399 -15.54 -10.64 -29.23
C ASN B 399 -16.69 -11.03 -28.29
N ARG B 400 -17.19 -12.27 -28.43
CA ARG B 400 -18.38 -12.72 -27.72
C ARG B 400 -18.16 -14.00 -26.88
N ASN B 401 -16.91 -14.39 -26.62
CA ASN B 401 -16.59 -15.43 -25.62
C ASN B 401 -15.94 -14.79 -24.39
N ILE B 402 -16.40 -15.15 -23.19
CA ILE B 402 -15.88 -14.59 -21.94
C ILE B 402 -15.27 -15.70 -21.08
N GLN B 403 -14.03 -15.46 -20.60
CA GLN B 403 -13.40 -16.34 -19.60
C GLN B 403 -13.66 -15.78 -18.20
N PHE B 404 -14.60 -16.39 -17.46
CA PHE B 404 -14.87 -15.98 -16.08
C PHE B 404 -13.87 -16.54 -15.06
N GLY B 405 -12.96 -17.44 -15.44
CA GLY B 405 -12.10 -18.06 -14.43
C GLY B 405 -12.91 -19.03 -13.56
N VAL B 406 -12.25 -19.53 -12.50
CA VAL B 406 -12.88 -20.48 -11.57
C VAL B 406 -13.76 -19.73 -10.56
N ARG B 407 -14.89 -19.14 -11.04
CA ARG B 407 -15.73 -18.20 -10.25
C ARG B 407 -17.21 -18.38 -10.61
N GLU B 408 -17.82 -19.48 -10.16
CA GLU B 408 -19.19 -19.82 -10.55
C GLU B 408 -20.21 -18.81 -10.01
N PHE B 409 -20.14 -18.47 -8.71
CA PHE B 409 -21.11 -17.54 -8.11
C PHE B 409 -21.06 -16.18 -8.83
N ALA B 410 -19.87 -15.60 -9.01
CA ALA B 410 -19.81 -14.28 -9.63
C ALA B 410 -20.29 -14.30 -11.08
N MET B 411 -19.98 -15.36 -11.83
CA MET B 411 -20.52 -15.54 -13.18
C MET B 411 -22.03 -15.31 -13.20
N GLY B 412 -22.76 -15.94 -12.27
CA GLY B 412 -24.20 -15.78 -12.23
C GLY B 412 -24.65 -14.33 -12.06
N THR B 413 -23.95 -13.57 -11.22
CA THR B 413 -24.37 -12.18 -10.96
C THR B 413 -24.04 -11.26 -12.15
N ILE B 414 -22.97 -11.55 -12.89
CA ILE B 414 -22.63 -10.71 -14.05
C ILE B 414 -23.60 -10.96 -15.20
N LEU B 415 -24.04 -12.20 -15.39
CA LEU B 415 -25.10 -12.50 -16.35
C LEU B 415 -26.38 -11.74 -16.02
N ASN B 416 -26.80 -11.76 -14.74
CA ASN B 416 -28.01 -11.04 -14.32
C ASN B 416 -27.87 -9.54 -14.58
N GLY B 417 -26.68 -8.98 -14.28
CA GLY B 417 -26.45 -7.57 -14.56
C GLY B 417 -26.53 -7.23 -16.04
N MET B 418 -25.97 -8.09 -16.91
CA MET B 418 -26.03 -7.83 -18.34
C MET B 418 -27.46 -7.92 -18.89
N ALA B 419 -28.27 -8.83 -18.33
CA ALA B 419 -29.67 -8.93 -18.74
C ALA B 419 -30.54 -7.81 -18.15
N LEU B 420 -30.18 -7.29 -16.97
CA LEU B 420 -30.94 -6.19 -16.36
C LEU B 420 -30.79 -4.90 -17.17
N HIS B 421 -29.60 -4.66 -17.75
CA HIS B 421 -29.33 -3.42 -18.45
C HIS B 421 -30.29 -3.20 -19.63
N GLY B 422 -30.51 -4.24 -20.44
CA GLY B 422 -31.31 -4.18 -21.65
C GLY B 422 -30.48 -4.23 -22.93
N GLY B 423 -31.00 -4.96 -23.95
CA GLY B 423 -30.41 -5.02 -25.28
C GLY B 423 -29.76 -6.35 -25.67
N LEU B 424 -29.45 -7.23 -24.72
CA LEU B 424 -28.64 -8.43 -24.96
C LEU B 424 -29.36 -9.71 -24.55
N ARG B 425 -28.78 -10.85 -24.97
CA ARG B 425 -29.16 -12.20 -24.57
C ARG B 425 -27.89 -12.99 -24.23
N VAL B 426 -27.84 -13.62 -23.04
CA VAL B 426 -26.60 -14.14 -22.45
C VAL B 426 -26.75 -15.55 -21.88
N TYR B 427 -25.60 -16.24 -21.73
CA TYR B 427 -25.54 -17.63 -21.23
C TYR B 427 -24.18 -17.90 -20.60
N GLY B 428 -24.12 -18.97 -19.79
CA GLY B 428 -22.88 -19.35 -19.11
C GLY B 428 -22.81 -20.77 -18.56
N GLY B 429 -21.63 -21.40 -18.57
CA GLY B 429 -21.53 -22.83 -18.35
C GLY B 429 -20.62 -23.27 -17.22
N THR B 430 -20.96 -24.43 -16.64
CA THR B 430 -20.09 -25.17 -15.71
C THR B 430 -20.57 -26.62 -15.64
N PHE B 431 -19.83 -27.44 -14.88
CA PHE B 431 -20.26 -28.80 -14.56
C PHE B 431 -21.52 -28.77 -13.71
N PHE B 432 -22.44 -29.72 -13.96
CA PHE B 432 -23.73 -29.77 -13.24
C PHE B 432 -23.55 -29.92 -11.72
N VAL B 433 -22.54 -30.68 -11.27
CA VAL B 433 -22.33 -30.89 -9.84
C VAL B 433 -21.95 -29.60 -9.11
N PHE B 434 -21.41 -28.60 -9.81
CA PHE B 434 -21.04 -27.36 -9.14
C PHE B 434 -22.09 -26.26 -9.33
N SER B 435 -23.32 -26.65 -9.70
CA SER B 435 -24.44 -25.71 -9.62
C SER B 435 -24.71 -25.28 -8.18
N ASP B 436 -24.32 -26.11 -7.21
CA ASP B 436 -24.37 -25.73 -5.80
C ASP B 436 -23.65 -24.41 -5.53
N TYR B 437 -22.53 -24.15 -6.22
CA TYR B 437 -21.76 -22.93 -5.98
C TYR B 437 -22.45 -21.65 -6.49
N VAL B 438 -23.51 -21.75 -7.32
CA VAL B 438 -24.13 -20.60 -7.99
C VAL B 438 -25.64 -20.56 -7.73
N LYS B 439 -26.14 -21.39 -6.82
CA LYS B 439 -27.58 -21.55 -6.66
C LYS B 439 -28.26 -20.27 -6.18
N ALA B 440 -27.60 -19.49 -5.32
CA ALA B 440 -28.22 -18.27 -4.78
C ALA B 440 -28.41 -17.19 -5.85
N ALA B 441 -27.55 -17.16 -6.88
CA ALA B 441 -27.75 -16.24 -8.00
C ALA B 441 -28.83 -16.73 -8.97
N VAL B 442 -28.95 -18.05 -9.19
CA VAL B 442 -30.05 -18.57 -10.01
C VAL B 442 -31.39 -18.10 -9.44
N ARG B 443 -31.51 -18.07 -8.12
CA ARG B 443 -32.75 -17.64 -7.48
C ARG B 443 -33.06 -16.18 -7.80
N LEU B 444 -32.04 -15.32 -7.85
CA LEU B 444 -32.30 -13.94 -8.25
C LEU B 444 -32.70 -13.84 -9.73
N SER B 445 -32.15 -14.70 -10.60
CA SER B 445 -32.65 -14.78 -11.98
C SER B 445 -34.16 -15.03 -12.01
N ALA B 446 -34.64 -16.02 -11.23
CA ALA B 446 -36.07 -16.35 -11.27
C ALA B 446 -36.93 -15.27 -10.59
N LEU B 447 -36.47 -14.71 -9.46
CA LEU B 447 -37.24 -13.68 -8.76
C LEU B 447 -37.42 -12.40 -9.59
N GLN B 448 -36.44 -12.05 -10.41
CA GLN B 448 -36.52 -10.79 -11.16
C GLN B 448 -37.12 -10.96 -12.55
N GLY B 449 -37.36 -12.19 -13.02
CA GLY B 449 -37.97 -12.42 -14.31
C GLY B 449 -37.01 -12.37 -15.50
N LEU B 450 -35.75 -12.78 -15.31
CA LEU B 450 -34.69 -12.60 -16.32
C LEU B 450 -34.48 -13.87 -17.12
N PRO B 451 -34.61 -13.84 -18.48
CA PRO B 451 -34.37 -15.05 -19.31
C PRO B 451 -32.89 -15.35 -19.53
N VAL B 452 -32.19 -15.71 -18.43
CA VAL B 452 -30.78 -16.12 -18.46
C VAL B 452 -30.70 -17.63 -18.63
N THR B 453 -29.77 -18.12 -19.47
CA THR B 453 -29.62 -19.54 -19.79
C THR B 453 -28.36 -20.11 -19.13
N TYR B 454 -28.52 -21.15 -18.31
CA TYR B 454 -27.41 -21.84 -17.65
C TYR B 454 -27.14 -23.18 -18.35
N VAL B 455 -25.85 -23.46 -18.63
CA VAL B 455 -25.41 -24.65 -19.37
C VAL B 455 -24.64 -25.57 -18.41
N PHE B 456 -25.26 -26.68 -17.99
CA PHE B 456 -24.70 -27.62 -17.01
C PHE B 456 -24.40 -28.96 -17.73
N THR B 457 -23.12 -29.31 -17.90
CA THR B 457 -22.79 -30.57 -18.58
C THR B 457 -22.28 -31.62 -17.59
N HIS B 458 -22.09 -32.85 -18.09
CA HIS B 458 -21.56 -33.99 -17.33
C HIS B 458 -22.50 -34.34 -16.15
N ASP B 459 -23.64 -34.94 -16.51
CA ASP B 459 -24.85 -34.83 -15.71
C ASP B 459 -25.16 -35.99 -14.76
N SER B 460 -24.34 -37.05 -14.68
CA SER B 460 -24.71 -38.20 -13.85
C SER B 460 -23.49 -39.07 -13.52
N ILE B 461 -23.74 -40.28 -12.99
CA ILE B 461 -22.70 -41.29 -12.75
C ILE B 461 -21.98 -41.70 -14.02
N ALA B 462 -22.52 -41.35 -15.20
CA ALA B 462 -21.82 -41.58 -16.45
C ALA B 462 -20.49 -40.83 -16.54
N VAL B 463 -20.17 -39.95 -15.59
CA VAL B 463 -18.85 -39.29 -15.56
C VAL B 463 -17.72 -40.32 -15.42
N GLY B 464 -17.92 -41.35 -14.58
CA GLY B 464 -17.01 -42.50 -14.53
C GLY B 464 -15.87 -42.31 -13.53
N GLU B 465 -14.65 -42.08 -14.06
CA GLU B 465 -13.42 -42.20 -13.28
C GLU B 465 -13.19 -41.09 -12.24
N ASP B 466 -13.76 -39.88 -12.44
CA ASP B 466 -13.47 -38.79 -11.50
C ASP B 466 -14.10 -38.98 -10.11
N GLY B 467 -15.18 -39.77 -9.98
CA GLY B 467 -15.66 -40.21 -8.68
C GLY B 467 -16.76 -39.38 -8.04
N PRO B 468 -17.10 -39.70 -6.78
CA PRO B 468 -18.34 -39.16 -6.19
C PRO B 468 -18.39 -37.66 -6.00
N THR B 469 -17.26 -36.98 -5.72
CA THR B 469 -17.32 -35.52 -5.62
C THR B 469 -17.70 -34.83 -6.94
N HIS B 470 -17.65 -35.53 -8.07
CA HIS B 470 -17.92 -34.95 -9.37
C HIS B 470 -19.21 -35.50 -10.03
N GLU B 471 -20.00 -36.30 -9.32
CA GLU B 471 -21.11 -37.04 -9.92
C GLU B 471 -22.44 -36.58 -9.33
N PRO B 472 -23.29 -35.88 -10.10
CA PRO B 472 -24.55 -35.35 -9.54
C PRO B 472 -25.56 -36.43 -9.17
N VAL B 473 -26.31 -36.19 -8.09
CA VAL B 473 -27.40 -37.09 -7.69
C VAL B 473 -28.67 -36.30 -7.35
N GLU B 474 -28.57 -35.39 -6.38
CA GLU B 474 -29.70 -34.67 -5.80
C GLU B 474 -30.01 -33.36 -6.54
N HIS B 475 -29.28 -33.05 -7.62
CA HIS B 475 -29.30 -31.68 -8.16
C HIS B 475 -30.54 -31.37 -9.00
N LEU B 476 -31.14 -32.36 -9.67
CA LEU B 476 -32.34 -32.10 -10.46
C LEU B 476 -33.53 -31.75 -9.55
N ALA B 477 -33.66 -32.45 -8.41
CA ALA B 477 -34.79 -32.19 -7.51
C ALA B 477 -34.69 -30.79 -6.88
N GLY B 478 -33.48 -30.36 -6.53
CA GLY B 478 -33.32 -29.03 -5.97
C GLY B 478 -33.76 -27.93 -6.91
N LEU B 479 -33.50 -28.08 -8.22
CA LEU B 479 -33.80 -27.00 -9.17
C LEU B 479 -35.26 -26.99 -9.63
N ARG B 480 -35.87 -28.18 -9.81
CA ARG B 480 -37.26 -28.26 -10.27
C ARG B 480 -38.24 -27.69 -9.25
N ALA B 481 -37.87 -27.64 -7.96
CA ALA B 481 -38.75 -27.08 -6.93
C ALA B 481 -38.69 -25.54 -6.84
N MET B 482 -37.69 -24.90 -7.45
CA MET B 482 -37.65 -23.43 -7.47
C MET B 482 -38.78 -22.87 -8.34
N PRO B 483 -39.61 -21.97 -7.81
CA PRO B 483 -40.59 -21.27 -8.68
C PRO B 483 -39.92 -20.53 -9.84
N ASN B 484 -40.63 -20.47 -10.98
CA ASN B 484 -40.24 -19.73 -12.19
C ASN B 484 -38.84 -20.11 -12.71
N LEU B 485 -38.57 -21.42 -12.82
CA LEU B 485 -37.38 -21.96 -13.48
C LEU B 485 -37.76 -23.18 -14.32
N ASN B 486 -37.45 -23.14 -15.62
CA ASN B 486 -37.69 -24.25 -16.53
C ASN B 486 -36.43 -25.11 -16.65
N VAL B 487 -36.53 -26.40 -16.31
CA VAL B 487 -35.41 -27.33 -16.38
C VAL B 487 -35.65 -28.27 -17.56
N PHE B 488 -34.73 -28.26 -18.54
CA PHE B 488 -34.80 -29.18 -19.69
C PHE B 488 -33.65 -30.19 -19.66
N ARG B 489 -33.96 -31.46 -19.93
CA ARG B 489 -32.97 -32.55 -20.02
C ARG B 489 -33.20 -33.31 -21.32
N PRO B 490 -32.53 -32.91 -22.41
CA PRO B 490 -32.89 -33.42 -23.74
C PRO B 490 -32.47 -34.85 -24.00
N ALA B 491 -33.29 -35.55 -24.79
CA ALA B 491 -33.09 -36.99 -25.05
C ALA B 491 -32.08 -37.28 -26.17
N ASP B 492 -31.87 -36.35 -27.11
CA ASP B 492 -30.95 -36.55 -28.22
C ASP B 492 -30.67 -35.17 -28.84
N ALA B 493 -30.03 -35.17 -30.02
CA ALA B 493 -29.65 -33.92 -30.68
C ALA B 493 -30.88 -33.15 -31.17
N ARG B 494 -31.91 -33.87 -31.63
CA ARG B 494 -33.15 -33.22 -32.07
C ARG B 494 -33.82 -32.48 -30.90
N GLU B 495 -33.88 -33.11 -29.72
CA GLU B 495 -34.49 -32.45 -28.58
C GLU B 495 -33.65 -31.29 -28.09
N THR B 496 -32.33 -31.30 -28.36
CA THR B 496 -31.43 -30.22 -27.94
C THR B 496 -31.59 -28.95 -28.80
N GLN B 497 -31.79 -29.09 -30.11
CA GLN B 497 -32.06 -27.92 -30.94
C GLN B 497 -33.27 -27.16 -30.41
N ALA B 498 -34.30 -27.90 -30.01
CA ALA B 498 -35.56 -27.31 -29.60
C ALA B 498 -35.43 -26.60 -28.26
N ALA B 499 -34.67 -27.19 -27.32
CA ALA B 499 -34.50 -26.54 -26.02
C ALA B 499 -33.76 -25.20 -26.16
N TRP B 500 -32.73 -25.16 -27.00
CA TRP B 500 -32.02 -23.91 -27.22
C TRP B 500 -32.94 -22.86 -27.83
N TYR B 501 -33.83 -23.28 -28.74
CA TYR B 501 -34.73 -22.32 -29.39
C TYR B 501 -35.70 -21.70 -28.39
N LEU B 502 -36.22 -22.52 -27.47
CA LEU B 502 -37.11 -21.99 -26.43
C LEU B 502 -36.35 -21.14 -25.41
N ALA B 503 -35.13 -21.55 -25.04
CA ALA B 503 -34.33 -20.76 -24.10
C ALA B 503 -34.10 -19.34 -24.60
N VAL B 504 -33.84 -19.18 -25.91
CA VAL B 504 -33.47 -17.87 -26.42
C VAL B 504 -34.69 -17.02 -26.81
N THR B 505 -35.90 -17.59 -26.82
CA THR B 505 -37.12 -16.80 -27.04
C THR B 505 -37.95 -16.63 -25.77
N SER B 506 -37.46 -17.08 -24.62
CA SER B 506 -38.20 -16.89 -23.37
C SER B 506 -38.35 -15.40 -23.06
N GLU B 507 -39.51 -15.02 -22.55
CA GLU B 507 -39.68 -13.60 -22.24
C GLU B 507 -39.35 -13.27 -20.79
N LYS B 508 -39.79 -14.06 -19.80
CA LYS B 508 -39.52 -13.69 -18.41
C LYS B 508 -39.21 -14.90 -17.51
N THR B 509 -38.62 -15.96 -18.05
CA THR B 509 -38.29 -17.17 -17.28
C THR B 509 -36.89 -17.70 -17.61
N PRO B 510 -36.00 -17.85 -16.62
CA PRO B 510 -34.68 -18.41 -16.92
C PRO B 510 -34.77 -19.91 -17.23
N THR B 511 -33.72 -20.42 -17.87
CA THR B 511 -33.63 -21.81 -18.34
C THR B 511 -32.37 -22.48 -17.85
N ALA B 512 -32.48 -23.74 -17.41
CA ALA B 512 -31.33 -24.59 -17.12
C ALA B 512 -31.30 -25.77 -18.09
N LEU B 513 -30.18 -25.93 -18.82
CA LEU B 513 -29.96 -27.03 -19.76
C LEU B 513 -29.00 -28.07 -19.16
N VAL B 514 -29.39 -29.35 -19.20
CA VAL B 514 -28.66 -30.45 -18.55
C VAL B 514 -28.23 -31.47 -19.62
N LEU B 515 -26.90 -31.62 -19.80
CA LEU B 515 -26.32 -32.23 -21.01
C LEU B 515 -25.27 -33.31 -20.69
N THR B 516 -25.10 -34.26 -21.61
CA THR B 516 -24.32 -35.49 -21.37
C THR B 516 -22.86 -35.43 -21.83
N ARG B 517 -22.02 -36.24 -21.16
CA ARG B 517 -20.67 -36.54 -21.64
C ARG B 517 -20.67 -37.52 -22.82
N GLN B 518 -21.49 -38.58 -22.74
CA GLN B 518 -21.45 -39.72 -23.66
C GLN B 518 -22.48 -39.58 -24.79
N ASN B 519 -22.21 -40.26 -25.90
CA ASN B 519 -23.06 -40.20 -27.09
C ASN B 519 -24.44 -40.84 -26.87
N LEU B 520 -25.45 -40.25 -27.53
CA LEU B 520 -26.81 -40.79 -27.59
C LEU B 520 -27.28 -40.84 -29.04
N THR B 521 -28.36 -41.59 -29.28
CA THR B 521 -28.87 -41.88 -30.62
C THR B 521 -30.19 -41.14 -30.86
N VAL B 522 -30.30 -40.47 -32.02
CA VAL B 522 -31.55 -39.82 -32.42
C VAL B 522 -32.64 -40.87 -32.63
N GLU B 523 -33.77 -40.69 -31.95
CA GLU B 523 -34.87 -41.66 -32.01
C GLU B 523 -35.80 -41.39 -33.21
N ASP B 524 -36.46 -42.46 -33.68
CA ASP B 524 -37.47 -42.30 -34.73
C ASP B 524 -38.61 -41.37 -34.30
N GLY B 525 -38.96 -41.40 -33.01
CA GLY B 525 -40.17 -40.74 -32.54
C GLY B 525 -40.04 -39.38 -31.86
N THR B 526 -38.83 -38.87 -31.63
CA THR B 526 -38.68 -37.51 -31.12
C THR B 526 -39.03 -36.48 -32.20
N ASP B 527 -39.38 -35.27 -31.76
CA ASP B 527 -40.03 -34.30 -32.65
C ASP B 527 -39.79 -32.88 -32.13
N PHE B 528 -39.20 -32.02 -32.98
CA PHE B 528 -38.80 -30.66 -32.58
C PHE B 528 -39.96 -29.87 -31.98
N ASP B 529 -41.13 -29.92 -32.62
CA ASP B 529 -42.25 -29.05 -32.24
C ASP B 529 -42.97 -29.50 -30.98
N LYS B 530 -42.89 -30.78 -30.61
CA LYS B 530 -43.62 -31.25 -29.44
C LYS B 530 -42.88 -30.99 -28.13
N VAL B 531 -41.61 -30.59 -28.17
CA VAL B 531 -40.86 -30.29 -26.94
C VAL B 531 -41.50 -29.13 -26.16
N ALA B 532 -42.17 -28.22 -26.87
CA ALA B 532 -42.81 -27.10 -26.18
C ALA B 532 -43.96 -27.52 -25.28
N LYS B 533 -44.47 -28.75 -25.40
CA LYS B 533 -45.50 -29.20 -24.47
C LYS B 533 -44.95 -29.88 -23.21
N GLY B 534 -43.63 -30.07 -23.10
CA GLY B 534 -43.02 -30.71 -21.93
C GLY B 534 -42.95 -32.25 -21.91
N ALA B 535 -44.01 -32.92 -22.37
CA ALA B 535 -43.99 -34.37 -22.48
C ALA B 535 -44.93 -34.80 -23.61
N TYR B 536 -44.56 -35.90 -24.28
CA TYR B 536 -45.27 -36.42 -25.45
C TYR B 536 -44.81 -37.87 -25.70
N VAL B 537 -45.52 -38.59 -26.58
CA VAL B 537 -45.32 -40.03 -26.84
C VAL B 537 -44.24 -40.26 -27.91
N VAL B 538 -43.28 -41.14 -27.62
CA VAL B 538 -42.21 -41.48 -28.58
C VAL B 538 -42.24 -42.96 -29.01
N TYR B 539 -43.13 -43.79 -28.46
CA TYR B 539 -43.26 -45.19 -28.89
C TYR B 539 -44.57 -45.76 -28.38
N GLU B 540 -45.26 -46.51 -29.24
CA GLU B 540 -46.53 -47.15 -28.88
C GLU B 540 -46.89 -48.22 -29.90
N ASN B 541 -46.97 -49.48 -29.47
CA ASN B 541 -47.24 -50.59 -30.38
C ASN B 541 -48.72 -50.98 -30.49
N ALA B 542 -49.59 -50.52 -29.58
CA ALA B 542 -51.01 -50.85 -29.66
C ALA B 542 -51.84 -49.82 -28.91
N ALA B 543 -52.98 -49.44 -29.51
CA ALA B 543 -53.81 -48.37 -28.95
C ALA B 543 -54.50 -48.75 -27.63
N ASP B 544 -54.60 -50.05 -27.31
CA ASP B 544 -55.14 -50.50 -26.03
C ASP B 544 -54.03 -50.91 -25.05
N PHE B 545 -52.93 -50.16 -25.00
CA PHE B 545 -51.84 -50.43 -24.05
C PHE B 545 -52.31 -50.43 -22.59
N ASP B 546 -51.60 -51.18 -21.74
CA ASP B 546 -51.90 -51.21 -20.31
C ASP B 546 -50.69 -50.87 -19.43
N THR B 547 -49.58 -50.40 -20.01
CA THR B 547 -48.39 -50.03 -19.25
C THR B 547 -47.76 -48.79 -19.87
N ILE B 548 -47.19 -47.93 -19.03
CA ILE B 548 -46.58 -46.67 -19.44
C ILE B 548 -45.20 -46.54 -18.81
N LEU B 549 -44.16 -46.38 -19.64
CA LEU B 549 -42.83 -45.99 -19.16
C LEU B 549 -42.64 -44.49 -19.32
N ILE B 550 -41.99 -43.86 -18.33
CA ILE B 550 -41.70 -42.42 -18.33
C ILE B 550 -40.19 -42.21 -18.10
N ALA B 551 -39.56 -41.44 -18.99
CA ALA B 551 -38.09 -41.32 -18.95
C ALA B 551 -37.66 -39.95 -19.45
N THR B 552 -36.43 -39.56 -19.11
CA THR B 552 -35.81 -38.30 -19.54
C THR B 552 -34.35 -38.54 -19.95
N GLY B 553 -33.83 -37.60 -20.76
CA GLY B 553 -32.40 -37.56 -21.09
C GLY B 553 -31.86 -38.85 -21.68
N SER B 554 -30.66 -39.24 -21.24
CA SER B 554 -30.02 -40.49 -21.68
C SER B 554 -30.82 -41.74 -21.35
N GLU B 555 -31.84 -41.64 -20.50
CA GLU B 555 -32.69 -42.79 -20.17
C GLU B 555 -33.84 -43.00 -21.18
N VAL B 556 -34.03 -42.11 -22.16
CA VAL B 556 -35.04 -42.37 -23.19
C VAL B 556 -34.59 -43.52 -24.11
N ASN B 557 -33.32 -43.54 -24.52
CA ASN B 557 -32.78 -44.65 -25.31
C ASN B 557 -33.02 -46.01 -24.62
N LEU B 558 -32.68 -46.10 -23.32
CA LEU B 558 -32.87 -47.34 -22.57
C LEU B 558 -34.34 -47.77 -22.55
N ALA B 559 -35.26 -46.83 -22.30
CA ALA B 559 -36.68 -47.16 -22.17
C ALA B 559 -37.29 -47.69 -23.47
N VAL B 560 -36.97 -47.08 -24.62
CA VAL B 560 -37.45 -47.56 -25.92
C VAL B 560 -36.91 -48.97 -26.24
N SER B 561 -35.68 -49.28 -25.81
CA SER B 561 -35.14 -50.61 -26.05
C SER B 561 -35.81 -51.67 -25.18
N ALA B 562 -36.00 -51.37 -23.89
CA ALA B 562 -36.75 -52.29 -23.04
C ALA B 562 -38.17 -52.49 -23.56
N ALA B 563 -38.80 -51.41 -24.05
CA ALA B 563 -40.17 -51.52 -24.57
C ALA B 563 -40.23 -52.45 -25.77
N LYS B 564 -39.29 -52.32 -26.71
CA LYS B 564 -39.31 -53.20 -27.87
C LYS B 564 -39.22 -54.67 -27.47
N GLU B 565 -38.40 -54.97 -26.44
CA GLU B 565 -38.26 -56.35 -25.99
C GLU B 565 -39.55 -56.88 -25.38
N LEU B 566 -40.24 -56.05 -24.58
CA LEU B 566 -41.51 -56.47 -23.99
C LEU B 566 -42.53 -56.74 -25.09
N ALA B 567 -42.62 -55.85 -26.09
CA ALA B 567 -43.52 -56.06 -27.22
C ALA B 567 -43.36 -57.44 -27.86
N SER B 568 -42.11 -57.88 -28.05
CA SER B 568 -41.86 -59.12 -28.76
C SER B 568 -42.44 -60.32 -28.03
N GLN B 569 -42.65 -60.20 -26.71
CA GLN B 569 -43.23 -61.25 -25.88
C GLN B 569 -44.74 -61.09 -25.71
N GLY B 570 -45.38 -60.19 -26.46
CA GLY B 570 -46.83 -60.05 -26.42
C GLY B 570 -47.41 -58.92 -25.57
N GLU B 571 -46.59 -58.00 -25.04
CA GLU B 571 -47.16 -56.93 -24.23
C GLU B 571 -47.60 -55.73 -25.09
N LYS B 572 -48.38 -54.84 -24.47
CA LYS B 572 -48.82 -53.60 -25.10
C LYS B 572 -48.44 -52.42 -24.21
N ILE B 573 -47.57 -51.54 -24.73
CA ILE B 573 -46.82 -50.57 -23.94
C ILE B 573 -46.69 -49.22 -24.65
N ARG B 574 -46.68 -48.14 -23.86
CA ARG B 574 -46.41 -46.78 -24.32
C ARG B 574 -45.17 -46.21 -23.61
N VAL B 575 -44.35 -45.46 -24.35
CA VAL B 575 -43.19 -44.75 -23.77
C VAL B 575 -43.41 -43.25 -23.93
N VAL B 576 -43.26 -42.51 -22.83
CA VAL B 576 -43.42 -41.06 -22.76
C VAL B 576 -42.05 -40.42 -22.49
N SER B 577 -41.62 -39.52 -23.37
CA SER B 577 -40.44 -38.70 -23.12
C SER B 577 -40.88 -37.38 -22.50
N MET B 578 -40.22 -36.96 -21.41
CA MET B 578 -40.64 -35.76 -20.67
C MET B 578 -39.42 -34.85 -20.46
N PRO B 579 -39.05 -34.09 -21.50
CA PRO B 579 -37.87 -33.20 -21.37
C PRO B 579 -38.02 -32.06 -20.36
N SER B 580 -39.22 -31.73 -19.89
CA SER B 580 -39.35 -30.70 -18.85
C SER B 580 -40.60 -30.95 -18.01
N THR B 581 -40.40 -31.39 -16.76
CA THR B 581 -41.53 -31.54 -15.84
C THR B 581 -42.21 -30.20 -15.58
N ASP B 582 -41.42 -29.11 -15.49
CA ASP B 582 -41.98 -27.80 -15.15
C ASP B 582 -42.92 -27.27 -16.23
N VAL B 583 -42.56 -27.47 -17.51
CA VAL B 583 -43.45 -27.01 -18.60
C VAL B 583 -44.66 -27.94 -18.75
N PHE B 584 -44.49 -29.25 -18.52
CA PHE B 584 -45.63 -30.17 -18.60
C PHE B 584 -46.70 -29.83 -17.57
N ASP B 585 -46.28 -29.42 -16.37
CA ASP B 585 -47.25 -29.08 -15.31
C ASP B 585 -48.10 -27.85 -15.65
N LYS B 586 -47.72 -27.05 -16.64
CA LYS B 586 -48.51 -25.88 -17.02
C LYS B 586 -49.53 -26.15 -18.12
N GLN B 587 -49.59 -27.34 -18.70
CA GLN B 587 -50.51 -27.60 -19.82
C GLN B 587 -51.95 -27.72 -19.35
N ASP B 588 -52.89 -27.53 -20.30
CA ASP B 588 -54.33 -27.73 -20.08
C ASP B 588 -54.64 -29.12 -19.55
N ALA B 589 -55.66 -29.21 -18.68
CA ALA B 589 -56.03 -30.48 -18.05
C ALA B 589 -56.44 -31.55 -19.07
N ALA B 590 -56.98 -31.14 -20.22
CA ALA B 590 -57.32 -32.13 -21.23
C ALA B 590 -56.06 -32.78 -21.83
N TYR B 591 -54.97 -32.00 -21.98
CA TYR B 591 -53.75 -32.54 -22.55
C TYR B 591 -53.03 -33.48 -21.57
N LYS B 592 -53.10 -33.19 -20.27
CA LYS B 592 -52.54 -34.11 -19.27
C LYS B 592 -53.23 -35.47 -19.32
N GLU B 593 -54.56 -35.50 -19.46
CA GLU B 593 -55.27 -36.78 -19.53
C GLU B 593 -54.94 -37.53 -20.82
N GLU B 594 -54.72 -36.82 -21.92
CA GLU B 594 -54.32 -37.47 -23.17
C GLU B 594 -53.00 -38.21 -23.02
N ILE B 595 -52.03 -37.62 -22.31
CA ILE B 595 -50.68 -38.21 -22.19
C ILE B 595 -50.60 -39.28 -21.09
N LEU B 596 -51.26 -39.05 -19.94
CA LEU B 596 -51.22 -39.98 -18.80
C LEU B 596 -52.64 -40.27 -18.36
N PRO B 597 -53.35 -41.19 -19.03
CA PRO B 597 -54.76 -41.42 -18.71
C PRO B 597 -54.96 -41.97 -17.30
N ASN B 598 -55.97 -41.40 -16.61
CA ASN B 598 -56.26 -41.75 -15.22
C ASN B 598 -56.48 -43.24 -15.01
N ALA B 599 -57.04 -43.94 -16.02
CA ALA B 599 -57.37 -45.35 -15.84
C ALA B 599 -56.20 -46.32 -15.98
N VAL B 600 -55.01 -45.88 -16.40
CA VAL B 600 -53.84 -46.75 -16.51
C VAL B 600 -52.92 -46.43 -15.33
N ARG B 601 -52.88 -47.33 -14.34
CA ARG B 601 -52.10 -47.08 -13.13
C ARG B 601 -50.78 -47.87 -13.05
N ARG B 602 -50.49 -48.78 -13.99
CA ARG B 602 -49.18 -49.44 -14.02
C ARG B 602 -48.17 -48.52 -14.71
N ARG B 603 -47.32 -47.86 -13.92
CA ARG B 603 -46.41 -46.83 -14.42
C ARG B 603 -45.02 -47.01 -13.80
N VAL B 604 -43.96 -46.96 -14.62
CA VAL B 604 -42.57 -47.03 -14.17
C VAL B 604 -41.82 -45.80 -14.70
N ALA B 605 -41.10 -45.11 -13.80
CA ALA B 605 -40.27 -43.95 -14.16
C ALA B 605 -38.78 -44.32 -14.12
N VAL B 606 -37.99 -43.73 -15.02
CA VAL B 606 -36.58 -44.08 -15.22
C VAL B 606 -35.73 -42.80 -15.33
N GLU B 607 -34.77 -42.63 -14.41
CA GLU B 607 -33.86 -41.47 -14.46
C GLU B 607 -32.70 -41.68 -13.50
N MET B 608 -31.46 -41.34 -13.93
CA MET B 608 -30.25 -41.55 -13.11
C MET B 608 -30.08 -40.36 -12.17
N GLY B 609 -30.87 -40.35 -11.10
CA GLY B 609 -30.84 -39.32 -10.07
C GLY B 609 -31.82 -39.68 -8.97
N ALA B 610 -31.95 -38.76 -8.00
CA ALA B 610 -32.84 -39.00 -6.86
C ALA B 610 -34.28 -39.30 -7.28
N SER B 611 -34.97 -40.13 -6.50
CA SER B 611 -36.31 -40.60 -6.87
C SER B 611 -37.44 -39.64 -6.47
N GLN B 612 -37.16 -38.64 -5.65
CA GLN B 612 -38.17 -37.87 -4.93
C GLN B 612 -39.32 -37.36 -5.83
N ASN B 613 -39.02 -36.67 -6.94
CA ASN B 613 -40.10 -35.98 -7.65
C ASN B 613 -40.90 -36.89 -8.60
N TRP B 614 -40.56 -38.16 -8.79
CA TRP B 614 -41.31 -38.97 -9.76
C TRP B 614 -42.60 -39.59 -9.19
N TYR B 615 -42.84 -39.53 -7.87
CA TYR B 615 -44.04 -40.12 -7.30
C TYR B 615 -45.31 -39.34 -7.65
N LYS B 616 -45.14 -38.07 -8.02
CA LYS B 616 -46.27 -37.28 -8.47
C LYS B 616 -46.92 -37.88 -9.72
N TYR B 617 -46.15 -38.57 -10.56
CA TYR B 617 -46.66 -39.17 -11.79
C TYR B 617 -46.94 -40.69 -11.69
N VAL B 618 -46.21 -41.44 -10.87
CA VAL B 618 -46.43 -42.90 -10.80
C VAL B 618 -47.34 -43.33 -9.64
N GLY B 619 -47.57 -42.46 -8.65
CA GLY B 619 -48.47 -42.81 -7.56
C GLY B 619 -47.93 -43.91 -6.65
N LEU B 620 -48.84 -44.46 -5.85
CA LEU B 620 -48.47 -45.48 -4.87
C LEU B 620 -48.42 -46.90 -5.45
N ASP B 621 -48.98 -47.12 -6.64
CA ASP B 621 -49.08 -48.46 -7.22
C ASP B 621 -48.12 -48.69 -8.39
N GLY B 622 -47.20 -47.75 -8.65
CA GLY B 622 -46.14 -47.93 -9.63
C GLY B 622 -44.77 -48.06 -8.98
N ALA B 623 -43.73 -47.90 -9.81
CA ALA B 623 -42.33 -47.98 -9.35
C ALA B 623 -41.47 -46.90 -10.01
N VAL B 624 -40.29 -46.65 -9.42
CA VAL B 624 -39.32 -45.71 -9.98
C VAL B 624 -37.91 -46.29 -9.86
N LEU B 625 -37.19 -46.37 -11.00
CA LEU B 625 -35.80 -46.83 -11.04
C LEU B 625 -34.87 -45.61 -11.04
N GLY B 626 -34.32 -45.30 -9.87
CA GLY B 626 -33.44 -44.15 -9.71
C GLY B 626 -32.24 -44.44 -8.85
N ILE B 627 -31.69 -43.41 -8.21
CA ILE B 627 -30.42 -43.49 -7.49
C ILE B 627 -30.52 -42.64 -6.24
N ASP B 628 -30.27 -43.24 -5.08
CA ASP B 628 -30.39 -42.54 -3.81
C ASP B 628 -29.17 -42.77 -2.90
N THR B 629 -28.01 -43.09 -3.48
CA THR B 629 -26.72 -43.06 -2.79
C THR B 629 -25.74 -42.19 -3.60
N PHE B 630 -24.52 -42.00 -3.08
CA PHE B 630 -23.48 -41.32 -3.84
C PHE B 630 -22.85 -42.27 -4.88
N GLY B 631 -22.08 -41.70 -5.82
CA GLY B 631 -21.49 -42.43 -6.93
C GLY B 631 -20.19 -43.13 -6.58
N ALA B 632 -19.39 -43.46 -7.62
CA ALA B 632 -18.20 -44.30 -7.49
C ALA B 632 -17.18 -43.98 -8.58
N SER B 633 -15.89 -44.26 -8.27
CA SER B 633 -14.75 -44.00 -9.17
C SER B 633 -14.38 -45.27 -9.96
N ALA B 634 -14.82 -45.36 -11.20
CA ALA B 634 -14.53 -46.49 -12.08
C ALA B 634 -15.00 -46.13 -13.50
N PRO B 635 -14.56 -46.88 -14.53
CA PRO B 635 -15.10 -46.67 -15.89
C PRO B 635 -16.63 -46.76 -15.90
N ALA B 636 -17.25 -45.91 -16.74
CA ALA B 636 -18.70 -45.75 -16.71
C ALA B 636 -19.50 -47.02 -17.04
N PRO B 637 -19.15 -47.84 -18.06
CA PRO B 637 -19.95 -49.05 -18.30
C PRO B 637 -20.07 -49.95 -17.07
N LYS B 638 -19.01 -50.04 -16.25
CA LYS B 638 -19.04 -50.84 -15.03
C LYS B 638 -19.94 -50.21 -13.95
N VAL B 639 -19.95 -48.87 -13.84
CA VAL B 639 -20.75 -48.23 -12.80
C VAL B 639 -22.24 -48.29 -13.13
N LEU B 640 -22.60 -48.12 -14.41
CA LEU B 640 -24.00 -48.18 -14.80
C LEU B 640 -24.57 -49.56 -14.54
N ALA B 641 -23.80 -50.62 -14.84
CA ALA B 641 -24.28 -51.98 -14.60
C ALA B 641 -24.48 -52.25 -13.11
N GLU B 642 -23.52 -51.82 -12.26
CA GLU B 642 -23.64 -52.05 -10.81
C GLU B 642 -24.83 -51.30 -10.20
N TYR B 643 -25.29 -50.22 -10.80
CA TYR B 643 -26.41 -49.45 -10.26
C TYR B 643 -27.75 -49.83 -10.89
N GLY B 644 -27.77 -50.79 -11.81
CA GLY B 644 -29.01 -51.35 -12.33
C GLY B 644 -29.52 -50.76 -13.62
N PHE B 645 -28.76 -49.88 -14.28
CA PHE B 645 -29.23 -49.23 -15.50
C PHE B 645 -28.78 -50.04 -16.70
N THR B 646 -29.50 -51.15 -16.93
CA THR B 646 -29.35 -52.01 -18.10
C THR B 646 -30.72 -52.39 -18.62
N VAL B 647 -30.76 -52.75 -19.91
CA VAL B 647 -32.02 -53.18 -20.53
C VAL B 647 -32.61 -54.36 -19.78
N GLU B 648 -31.76 -55.27 -19.31
CA GLU B 648 -32.26 -56.48 -18.67
C GLU B 648 -32.89 -56.18 -17.32
N ASN B 649 -32.30 -55.27 -16.54
CA ASN B 649 -32.88 -55.00 -15.24
C ASN B 649 -34.17 -54.22 -15.33
N LEU B 650 -34.30 -53.37 -16.36
CA LEU B 650 -35.52 -52.57 -16.49
C LEU B 650 -36.72 -53.44 -16.89
N VAL B 651 -36.51 -54.34 -17.86
CA VAL B 651 -37.53 -55.34 -18.22
C VAL B 651 -38.03 -56.08 -17.00
N LYS B 652 -37.09 -56.53 -16.15
CA LYS B 652 -37.44 -57.25 -14.92
C LYS B 652 -38.29 -56.39 -13.98
N VAL B 653 -37.95 -55.11 -13.83
CA VAL B 653 -38.71 -54.21 -12.96
C VAL B 653 -40.14 -54.04 -13.46
N VAL B 654 -40.33 -53.99 -14.78
CA VAL B 654 -41.69 -53.88 -15.33
C VAL B 654 -42.49 -55.14 -15.05
N ARG B 655 -41.85 -56.33 -15.20
CA ARG B 655 -42.59 -57.58 -15.08
C ARG B 655 -42.98 -57.88 -13.64
N ASN B 656 -42.18 -57.45 -12.67
CA ASN B 656 -42.48 -57.64 -11.26
C ASN B 656 -43.43 -56.60 -10.72
N LEU B 657 -44.16 -55.89 -11.57
CA LEU B 657 -45.11 -54.88 -11.11
C LEU B 657 -46.52 -55.48 -11.14
N LYS B 658 -47.19 -55.44 -9.98
CA LYS B 658 -48.57 -55.89 -9.85
C LYS B 658 -49.11 -55.44 -8.51
N SER C 2 -1.65 25.75 -34.02
CA SER C 2 -1.37 24.86 -32.89
C SER C 2 -0.11 24.06 -33.12
N ASN C 3 -0.13 23.12 -34.06
CA ASN C 3 1.12 22.49 -34.48
C ASN C 3 2.12 23.54 -34.96
N LEU C 4 1.63 24.56 -35.69
CA LEU C 4 2.50 25.65 -36.10
C LEU C 4 3.08 26.41 -34.89
N SER C 5 2.24 26.70 -33.89
CA SER C 5 2.71 27.40 -32.70
C SER C 5 3.69 26.54 -31.90
N VAL C 6 3.39 25.25 -31.72
CA VAL C 6 4.26 24.36 -30.96
C VAL C 6 5.63 24.23 -31.63
N ASN C 7 5.66 24.08 -32.97
CA ASN C 7 6.95 23.98 -33.65
C ASN C 7 7.71 25.31 -33.65
N ALA C 8 6.99 26.45 -33.59
CA ALA C 8 7.66 27.73 -33.49
C ALA C 8 8.40 27.87 -32.16
N ILE C 9 7.85 27.32 -31.08
CA ILE C 9 8.55 27.31 -29.80
C ILE C 9 9.84 26.50 -29.92
N ARG C 10 9.74 25.30 -30.50
CA ARG C 10 10.89 24.41 -30.59
C ARG C 10 12.06 25.05 -31.33
N PHE C 11 11.78 25.71 -32.48
CA PHE C 11 12.86 26.13 -33.38
C PHE C 11 13.48 27.47 -32.99
N LEU C 12 12.76 28.35 -32.31
CA LEU C 12 13.42 29.52 -31.71
C LEU C 12 14.50 29.07 -30.72
N GLY C 13 14.17 28.08 -29.88
CA GLY C 13 15.14 27.46 -29.01
C GLY C 13 16.36 26.91 -29.74
N ILE C 14 16.15 25.99 -30.68
CA ILE C 14 17.28 25.35 -31.38
C ILE C 14 18.19 26.40 -32.03
N ASP C 15 17.59 27.37 -32.73
CA ASP C 15 18.39 28.33 -33.50
C ASP C 15 19.13 29.31 -32.59
N ALA C 16 18.48 29.77 -31.52
CA ALA C 16 19.16 30.65 -30.56
C ALA C 16 20.33 29.95 -29.86
N ILE C 17 20.25 28.63 -29.67
CA ILE C 17 21.33 27.91 -29.00
C ILE C 17 22.49 27.66 -29.95
N ASN C 18 22.19 27.39 -31.23
CA ASN C 18 23.26 27.28 -32.24
C ASN C 18 24.07 28.58 -32.33
N LYS C 19 23.38 29.73 -32.35
CA LYS C 19 24.08 31.02 -32.46
C LYS C 19 24.97 31.30 -31.24
N ALA C 20 24.52 30.90 -30.05
CA ALA C 20 25.38 31.08 -28.87
C ALA C 20 26.48 30.02 -28.77
N ASN C 21 26.34 28.91 -29.48
CA ASN C 21 27.19 27.72 -29.32
C ASN C 21 27.27 27.26 -27.86
N SER C 22 26.11 27.28 -27.17
CA SER C 22 26.03 26.98 -25.75
C SER C 22 24.57 26.90 -25.32
N GLY C 23 24.17 25.85 -24.60
CA GLY C 23 22.81 25.76 -24.11
C GLY C 23 22.30 24.33 -24.13
N HIS C 24 20.98 24.18 -23.86
CA HIS C 24 20.34 22.91 -23.54
C HIS C 24 19.10 22.67 -24.39
N PRO C 25 19.25 22.04 -25.56
CA PRO C 25 18.10 21.92 -26.48
C PRO C 25 17.14 20.77 -26.17
N GLY C 26 17.56 19.77 -25.39
CA GLY C 26 16.74 18.57 -25.22
C GLY C 26 15.38 18.85 -24.59
N VAL C 27 15.37 19.56 -23.45
CA VAL C 27 14.10 19.75 -22.73
C VAL C 27 13.18 20.70 -23.49
N VAL C 28 13.75 21.61 -24.30
CA VAL C 28 12.89 22.50 -25.07
C VAL C 28 12.05 21.71 -26.05
N MET C 29 12.68 20.78 -26.78
CA MET C 29 11.95 20.00 -27.77
C MET C 29 10.91 19.10 -27.11
N GLY C 30 11.23 18.56 -25.94
CA GLY C 30 10.31 17.66 -25.25
C GLY C 30 9.12 18.34 -24.60
N ALA C 31 9.33 19.50 -23.99
CA ALA C 31 8.33 20.10 -23.13
C ALA C 31 7.50 21.19 -23.79
N ALA C 32 7.67 21.44 -25.08
CA ALA C 32 6.95 22.57 -25.68
C ALA C 32 5.43 22.36 -25.72
N PRO C 33 4.90 21.14 -25.94
CA PRO C 33 3.43 20.99 -25.89
C PRO C 33 2.79 21.36 -24.54
N MET C 34 3.32 20.86 -23.43
CA MET C 34 2.67 21.12 -22.15
C MET C 34 2.78 22.59 -21.73
N ALA C 35 3.87 23.28 -22.11
CA ALA C 35 4.00 24.69 -21.79
C ALA C 35 3.06 25.55 -22.63
N TYR C 36 2.87 25.17 -23.90
CA TYR C 36 1.87 25.83 -24.74
C TYR C 36 0.46 25.68 -24.17
N SER C 37 0.13 24.47 -23.68
CA SER C 37 -1.17 24.23 -23.08
C SER C 37 -1.38 25.07 -21.83
N LEU C 38 -0.35 25.17 -20.98
CA LEU C 38 -0.44 25.97 -19.77
C LEU C 38 -0.61 27.46 -20.08
N PHE C 39 0.12 27.99 -21.07
CA PHE C 39 0.09 29.44 -21.28
C PHE C 39 -1.21 29.89 -21.96
N THR C 40 -1.80 29.07 -22.84
CA THR C 40 -2.99 29.47 -23.60
C THR C 40 -4.31 29.10 -22.95
N LYS C 41 -4.33 28.16 -21.99
CA LYS C 41 -5.58 27.74 -21.36
C LYS C 41 -5.69 28.13 -19.88
N GLN C 42 -4.59 28.26 -19.16
CA GLN C 42 -4.67 28.41 -17.71
C GLN C 42 -4.20 29.77 -17.20
N LEU C 43 -2.94 30.15 -17.42
CA LEU C 43 -2.38 31.34 -16.78
C LEU C 43 -3.11 32.62 -17.17
N HIS C 44 -3.36 33.47 -16.18
CA HIS C 44 -3.79 34.87 -16.39
C HIS C 44 -2.59 35.77 -16.12
N ILE C 45 -2.01 36.34 -17.18
CA ILE C 45 -0.87 37.25 -17.10
C ILE C 45 -1.02 38.36 -18.13
N ASN C 46 -0.53 39.55 -17.79
CA ASN C 46 -0.71 40.75 -18.62
C ASN C 46 0.64 41.34 -19.03
N PRO C 47 1.07 41.23 -20.29
CA PRO C 47 2.39 41.78 -20.66
C PRO C 47 2.54 43.27 -20.38
N ALA C 48 1.45 44.04 -20.37
CA ALA C 48 1.55 45.45 -20.05
C ALA C 48 1.67 45.72 -18.54
N GLN C 49 1.43 44.73 -17.68
CA GLN C 49 1.56 44.89 -16.23
C GLN C 49 2.23 43.65 -15.63
N PRO C 50 3.54 43.46 -15.88
CA PRO C 50 4.19 42.18 -15.55
C PRO C 50 4.30 41.88 -14.06
N ASN C 51 4.08 42.87 -13.17
CA ASN C 51 4.17 42.69 -11.73
C ASN C 51 2.82 42.73 -11.02
N TRP C 52 1.71 42.50 -11.75
CA TRP C 52 0.38 42.50 -11.16
C TRP C 52 0.28 41.50 -10.00
N ILE C 53 -0.28 41.95 -8.87
CA ILE C 53 -0.18 41.20 -7.62
C ILE C 53 -1.10 39.97 -7.60
N ASN C 54 -2.22 39.98 -8.35
CA ASN C 54 -3.10 38.82 -8.40
C ASN C 54 -2.93 37.96 -9.65
N ARG C 55 -1.84 38.13 -10.40
CA ARG C 55 -1.53 37.23 -11.51
C ARG C 55 -1.28 35.81 -11.00
N ASP C 56 -1.56 34.81 -11.85
CA ASP C 56 -1.06 33.46 -11.61
C ASP C 56 0.47 33.44 -11.68
N ARG C 57 1.11 32.76 -10.72
CA ARG C 57 2.56 32.64 -10.66
C ARG C 57 3.04 31.38 -11.40
N PHE C 58 4.25 31.45 -11.96
CA PHE C 58 4.87 30.34 -12.69
C PHE C 58 6.37 30.25 -12.36
N ILE C 59 6.84 29.04 -12.06
CA ILE C 59 8.23 28.77 -11.68
C ILE C 59 8.77 27.61 -12.51
N LEU C 60 9.86 27.86 -13.23
CA LEU C 60 10.55 26.82 -14.02
C LEU C 60 11.65 26.20 -13.16
N SER C 61 11.34 25.07 -12.51
CA SER C 61 12.34 24.45 -11.63
C SER C 61 13.49 23.85 -12.42
N ALA C 62 13.20 23.22 -13.56
CA ALA C 62 14.27 22.73 -14.46
C ALA C 62 14.84 23.94 -15.22
N GLY C 63 15.70 24.69 -14.52
CA GLY C 63 16.14 25.98 -15.03
C GLY C 63 17.05 25.92 -16.24
N HIS C 64 17.66 24.76 -16.52
CA HIS C 64 18.54 24.68 -17.68
C HIS C 64 17.77 24.89 -19.00
N GLY C 65 16.44 24.79 -18.96
CA GLY C 65 15.63 25.02 -20.14
C GLY C 65 15.12 26.44 -20.30
N SER C 66 15.99 27.42 -20.01
CA SER C 66 15.59 28.84 -20.05
C SER C 66 15.05 29.28 -21.42
N MET C 67 15.53 28.69 -22.53
CA MET C 67 15.07 29.16 -23.85
C MET C 67 13.59 28.86 -24.10
N LEU C 68 13.03 27.83 -23.45
CA LEU C 68 11.59 27.59 -23.57
C LEU C 68 10.78 28.71 -22.95
N LEU C 69 11.18 29.21 -21.78
CA LEU C 69 10.48 30.34 -21.17
C LEU C 69 10.71 31.63 -21.97
N TYR C 70 11.92 31.85 -22.48
CA TYR C 70 12.20 33.05 -23.26
C TYR C 70 11.37 33.09 -24.55
N ALA C 71 11.23 31.96 -25.24
CA ALA C 71 10.42 31.93 -26.46
C ALA C 71 8.95 32.22 -26.15
N LEU C 72 8.43 31.64 -25.07
CA LEU C 72 7.04 31.90 -24.71
C LEU C 72 6.82 33.38 -24.40
N LEU C 73 7.76 34.03 -23.70
CA LEU C 73 7.57 35.43 -23.33
C LEU C 73 7.63 36.36 -24.55
N HIS C 74 8.53 36.07 -25.51
CA HIS C 74 8.62 36.89 -26.71
C HIS C 74 7.35 36.76 -27.56
N LEU C 75 6.91 35.52 -27.79
CA LEU C 75 5.73 35.32 -28.63
C LEU C 75 4.47 35.92 -27.99
N SER C 76 4.44 36.06 -26.65
CA SER C 76 3.28 36.63 -25.95
C SER C 76 3.29 38.15 -25.89
N GLY C 77 4.42 38.80 -26.17
CA GLY C 77 4.48 40.25 -26.19
C GLY C 77 5.16 40.99 -25.03
N PHE C 78 6.00 40.32 -24.24
CA PHE C 78 6.72 41.00 -23.16
C PHE C 78 7.87 41.82 -23.76
N GLU C 79 7.93 43.09 -23.39
CA GLU C 79 8.81 44.03 -24.11
C GLU C 79 10.29 43.77 -23.82
N ASP C 80 10.64 43.24 -22.66
CA ASP C 80 12.05 42.96 -22.40
C ASP C 80 12.62 41.88 -23.33
N VAL C 81 11.80 41.00 -23.90
CA VAL C 81 12.33 39.90 -24.69
C VAL C 81 12.04 40.07 -26.18
N SER C 82 12.72 41.01 -26.83
CA SER C 82 12.55 41.25 -28.26
C SER C 82 13.33 40.22 -29.07
N MET C 83 13.21 40.26 -30.40
CA MET C 83 13.95 39.31 -31.23
C MET C 83 15.44 39.55 -31.16
N ASP C 84 15.86 40.83 -31.03
CA ASP C 84 17.28 41.12 -30.84
C ASP C 84 17.81 40.51 -29.54
N GLU C 85 16.96 40.44 -28.50
CA GLU C 85 17.37 39.82 -27.25
C GLU C 85 17.44 38.28 -27.36
N ILE C 86 16.54 37.65 -28.12
CA ILE C 86 16.69 36.22 -28.41
C ILE C 86 18.02 35.93 -29.09
N LYS C 87 18.49 36.84 -29.93
CA LYS C 87 19.74 36.65 -30.65
C LYS C 87 20.96 36.99 -29.81
N SER C 88 20.74 37.41 -28.54
CA SER C 88 21.80 37.68 -27.58
C SER C 88 21.78 36.73 -26.39
N PHE C 89 21.11 35.57 -26.52
CA PHE C 89 21.15 34.50 -25.51
C PHE C 89 22.56 34.28 -25.00
N ARG C 90 22.74 34.38 -23.67
CA ARG C 90 23.99 34.07 -22.97
C ARG C 90 25.13 35.08 -23.23
N GLN C 91 24.84 36.28 -23.72
CA GLN C 91 25.88 37.27 -23.97
C GLN C 91 25.85 38.40 -22.94
N TRP C 92 27.00 39.08 -22.82
CA TRP C 92 27.21 40.12 -21.81
C TRP C 92 26.22 41.26 -21.93
N GLY C 93 25.48 41.54 -20.85
CA GLY C 93 24.50 42.61 -20.80
C GLY C 93 23.10 42.28 -21.27
N SER C 94 22.84 41.07 -21.76
CA SER C 94 21.57 40.78 -22.41
C SER C 94 20.47 40.54 -21.36
N LYS C 95 19.22 40.56 -21.83
CA LYS C 95 18.06 40.20 -21.01
C LYS C 95 17.74 38.71 -21.03
N THR C 96 18.57 37.89 -21.70
CA THR C 96 18.36 36.45 -21.81
C THR C 96 19.57 35.66 -21.29
N PRO C 97 19.83 35.71 -19.97
CA PRO C 97 20.96 34.93 -19.41
C PRO C 97 20.71 33.43 -19.44
N GLY C 98 21.78 32.68 -19.12
CA GLY C 98 21.78 31.24 -19.29
C GLY C 98 20.80 30.50 -18.39
N HIS C 99 20.56 31.01 -17.19
CA HIS C 99 19.51 30.53 -16.31
C HIS C 99 18.64 31.70 -15.91
N PRO C 100 17.35 31.47 -15.58
CA PRO C 100 16.42 32.58 -15.32
C PRO C 100 16.78 33.33 -14.03
N GLU C 101 16.76 34.67 -14.11
CA GLU C 101 17.11 35.56 -13.00
C GLU C 101 15.94 36.50 -12.70
N PHE C 102 15.44 36.45 -11.47
CA PHE C 102 14.40 37.37 -11.00
C PHE C 102 14.97 38.79 -10.85
N GLY C 103 14.13 39.79 -11.14
CA GLY C 103 14.54 41.18 -11.02
C GLY C 103 15.43 41.69 -12.15
N HIS C 104 15.97 40.82 -12.99
CA HIS C 104 16.69 41.26 -14.18
C HIS C 104 15.81 41.30 -15.42
N THR C 105 14.86 40.39 -15.54
CA THR C 105 13.95 40.30 -16.69
C THR C 105 12.51 40.43 -16.23
N ALA C 106 11.77 41.39 -16.81
CA ALA C 106 10.39 41.62 -16.41
C ALA C 106 9.49 40.51 -16.94
N GLY C 107 8.73 39.88 -16.05
CA GLY C 107 7.96 38.69 -16.38
C GLY C 107 8.44 37.40 -15.73
N ILE C 108 9.67 37.36 -15.22
CA ILE C 108 10.20 36.16 -14.59
C ILE C 108 9.97 36.24 -13.09
N ASP C 109 9.33 35.21 -12.52
CA ASP C 109 8.92 35.25 -11.12
C ASP C 109 10.00 34.77 -10.14
N ALA C 110 10.98 33.95 -10.56
CA ALA C 110 11.87 33.32 -9.59
C ALA C 110 13.15 32.82 -10.25
N THR C 111 14.28 33.04 -9.56
CA THR C 111 15.60 32.58 -10.03
C THR C 111 15.76 31.07 -9.81
N THR C 112 16.09 30.33 -10.87
CA THR C 112 16.26 28.88 -10.78
C THR C 112 17.59 28.47 -11.39
N GLY C 113 17.88 27.17 -11.37
CA GLY C 113 19.20 26.69 -11.73
C GLY C 113 19.71 25.60 -10.80
N PRO C 114 19.81 25.89 -9.50
CA PRO C 114 20.11 24.83 -8.51
C PRO C 114 18.93 23.88 -8.34
N LEU C 115 19.15 22.59 -8.63
CA LEU C 115 18.04 21.66 -8.74
C LEU C 115 17.37 21.39 -7.39
N GLY C 116 16.03 21.25 -7.43
CA GLY C 116 15.24 21.02 -6.23
C GLY C 116 14.61 22.27 -5.64
N GLN C 117 15.21 23.45 -5.83
CA GLN C 117 14.78 24.61 -5.07
C GLN C 117 13.56 25.30 -5.69
N GLY C 118 13.36 25.18 -7.01
CA GLY C 118 12.22 25.86 -7.64
C GLY C 118 10.88 25.28 -7.24
N ILE C 119 10.76 23.94 -7.29
CA ILE C 119 9.52 23.28 -6.88
C ILE C 119 9.31 23.44 -5.38
N SER C 120 10.38 23.51 -4.60
CA SER C 120 10.22 23.70 -3.16
C SER C 120 9.75 25.11 -2.83
N THR C 121 10.36 26.13 -3.46
CA THR C 121 9.99 27.52 -3.17
C THR C 121 8.56 27.85 -3.56
N ALA C 122 7.98 27.11 -4.52
CA ALA C 122 6.59 27.34 -4.91
C ALA C 122 5.62 27.09 -3.78
N THR C 123 6.00 26.22 -2.83
CA THR C 123 5.19 26.00 -1.65
C THR C 123 4.88 27.31 -0.93
N GLY C 124 5.90 28.19 -0.80
CA GLY C 124 5.70 29.44 -0.07
C GLY C 124 4.99 30.54 -0.83
N PHE C 125 5.11 30.54 -2.17
CA PHE C 125 4.23 31.35 -3.02
C PHE C 125 2.76 31.03 -2.72
N ALA C 126 2.42 29.74 -2.69
CA ALA C 126 1.05 29.31 -2.42
C ALA C 126 0.63 29.65 -0.99
N GLN C 127 1.53 29.45 -0.01
CA GLN C 127 1.17 29.76 1.37
C GLN C 127 0.95 31.25 1.58
N ALA C 128 1.69 32.10 0.85
CA ALA C 128 1.47 33.54 0.98
C ALA C 128 0.11 33.97 0.41
N GLU C 129 -0.36 33.31 -0.67
CA GLU C 129 -1.67 33.63 -1.21
C GLU C 129 -2.79 33.31 -0.20
N ARG C 130 -2.67 32.18 0.52
CA ARG C 130 -3.69 31.76 1.49
C ARG C 130 -3.83 32.76 2.65
N PHE C 131 -2.70 33.21 3.21
CA PHE C 131 -2.74 34.12 4.35
C PHE C 131 -3.38 35.46 3.96
N LEU C 132 -2.95 36.07 2.86
CA LEU C 132 -3.48 37.38 2.51
C LEU C 132 -4.96 37.31 2.17
N ALA C 133 -5.41 36.20 1.57
CA ALA C 133 -6.84 36.01 1.31
C ALA C 133 -7.64 35.92 2.60
N ALA C 134 -7.12 35.19 3.60
CA ALA C 134 -7.86 35.01 4.84
C ALA C 134 -8.04 36.33 5.58
N LYS C 135 -7.02 37.20 5.52
CA LYS C 135 -7.04 38.43 6.30
C LYS C 135 -7.88 39.55 5.65
N TYR C 136 -7.83 39.71 4.31
CA TYR C 136 -8.39 40.90 3.67
C TYR C 136 -9.63 40.68 2.78
N ASN C 137 -9.88 39.46 2.28
CA ASN C 137 -11.07 39.23 1.47
C ASN C 137 -12.34 39.37 2.32
N ARG C 138 -13.41 39.85 1.69
CA ARG C 138 -14.73 39.97 2.30
C ARG C 138 -15.79 39.42 1.34
N GLU C 139 -17.03 39.37 1.80
CA GLU C 139 -18.11 38.80 0.99
C GLU C 139 -18.36 39.62 -0.27
N GLY C 140 -18.18 38.98 -1.43
CA GLY C 140 -18.29 39.64 -2.71
C GLY C 140 -17.00 40.29 -3.21
N TYR C 141 -15.90 40.18 -2.47
CA TYR C 141 -14.65 40.83 -2.88
C TYR C 141 -13.50 39.83 -2.69
N ASN C 142 -13.25 39.02 -3.73
CA ASN C 142 -12.16 38.05 -3.72
C ASN C 142 -10.91 38.71 -4.33
N ILE C 143 -10.26 39.54 -3.51
CA ILE C 143 -9.16 40.39 -3.98
C ILE C 143 -7.88 39.57 -4.20
N PHE C 144 -7.61 38.60 -3.34
CA PHE C 144 -6.46 37.69 -3.49
C PHE C 144 -6.99 36.30 -3.88
N ASP C 145 -6.78 35.90 -5.13
CA ASP C 145 -7.39 34.65 -5.61
C ASP C 145 -6.70 34.21 -6.92
N HIS C 146 -5.69 33.33 -6.81
CA HIS C 146 -4.92 32.87 -7.96
C HIS C 146 -4.19 31.56 -7.61
N TYR C 147 -3.63 30.92 -8.65
CA TYR C 147 -2.95 29.62 -8.57
C TYR C 147 -1.43 29.77 -8.71
N THR C 148 -0.70 28.66 -8.44
CA THR C 148 0.77 28.59 -8.52
C THR C 148 1.19 27.34 -9.31
N TYR C 149 1.92 27.53 -10.42
CA TYR C 149 2.22 26.46 -11.38
C TYR C 149 3.72 26.25 -11.54
N VAL C 150 4.15 24.99 -11.74
CA VAL C 150 5.57 24.71 -11.99
C VAL C 150 5.76 23.60 -13.04
N ILE C 151 6.90 23.66 -13.75
CA ILE C 151 7.42 22.55 -14.55
C ILE C 151 8.77 22.10 -13.99
N CYS C 152 8.93 20.78 -13.78
CA CYS C 152 10.13 20.19 -13.19
C CYS C 152 10.55 18.94 -13.99
N GLY C 153 11.76 18.43 -13.71
CA GLY C 153 12.29 17.23 -14.40
C GLY C 153 12.79 16.13 -13.45
N ASP C 154 13.59 15.18 -13.97
CA ASP C 154 14.03 14.05 -13.12
C ASP C 154 14.98 14.51 -12.00
N GLY C 155 15.90 15.42 -12.30
CA GLY C 155 16.85 15.86 -11.28
C GLY C 155 16.18 16.50 -10.06
N ASP C 156 15.11 17.29 -10.30
CA ASP C 156 14.39 17.96 -9.20
C ASP C 156 13.84 16.97 -8.19
N LEU C 157 13.39 15.79 -8.64
CA LEU C 157 12.74 14.84 -7.75
C LEU C 157 13.71 13.84 -7.11
N MET C 158 14.99 13.83 -7.53
CA MET C 158 16.01 13.08 -6.80
C MET C 158 16.57 13.86 -5.60
N GLU C 159 16.47 15.20 -5.61
CA GLU C 159 17.04 16.04 -4.54
C GLU C 159 16.20 16.02 -3.27
N GLY C 160 16.87 15.87 -2.12
CA GLY C 160 16.16 15.66 -0.86
C GLY C 160 15.20 16.79 -0.48
N VAL C 161 15.59 18.03 -0.74
CA VAL C 161 14.76 19.17 -0.30
C VAL C 161 13.35 19.11 -0.89
N SER C 162 13.18 18.57 -2.09
CA SER C 162 11.82 18.48 -2.63
C SER C 162 10.99 17.41 -1.95
N SER C 163 11.63 16.42 -1.29
CA SER C 163 10.88 15.48 -0.44
C SER C 163 10.38 16.16 0.84
N GLU C 164 11.25 16.88 1.55
CA GLU C 164 10.84 17.62 2.76
C GLU C 164 9.61 18.48 2.47
N ALA C 165 9.66 19.27 1.39
CA ALA C 165 8.64 20.28 1.15
C ALA C 165 7.30 19.67 0.77
N ALA C 166 7.31 18.55 0.02
CA ALA C 166 6.05 17.88 -0.33
C ALA C 166 5.39 17.26 0.90
N SER C 167 6.19 16.68 1.81
CA SER C 167 5.64 16.16 3.05
C SER C 167 4.96 17.26 3.86
N TYR C 168 5.59 18.44 3.94
CA TYR C 168 5.01 19.59 4.63
C TYR C 168 3.75 20.09 3.93
N ALA C 169 3.77 20.12 2.58
CA ALA C 169 2.67 20.67 1.80
C ALA C 169 1.43 19.81 1.86
N GLY C 170 1.60 18.49 2.02
CA GLY C 170 0.43 17.63 2.14
C GLY C 170 -0.27 17.80 3.46
N LEU C 171 0.50 17.99 4.54
CA LEU C 171 -0.11 18.27 5.83
C LEU C 171 -0.85 19.62 5.79
N GLN C 172 -0.27 20.63 5.15
CA GLN C 172 -0.87 21.96 5.08
C GLN C 172 -2.05 22.07 4.10
N LYS C 173 -2.23 21.11 3.18
CA LYS C 173 -3.41 21.06 2.29
C LYS C 173 -3.49 22.29 1.38
N LEU C 174 -2.38 22.60 0.71
CA LEU C 174 -2.28 23.76 -0.18
C LEU C 174 -2.80 23.34 -1.55
N ASP C 175 -4.13 23.36 -1.67
CA ASP C 175 -4.81 22.79 -2.82
C ASP C 175 -4.68 23.62 -4.10
N LYS C 176 -4.03 24.79 -4.05
CA LYS C 176 -3.89 25.61 -5.25
C LYS C 176 -2.51 25.50 -5.92
N LEU C 177 -1.71 24.49 -5.54
CA LEU C 177 -0.38 24.24 -6.11
C LEU C 177 -0.46 23.11 -7.14
N VAL C 178 0.00 23.37 -8.37
CA VAL C 178 -0.06 22.42 -9.49
C VAL C 178 1.32 22.26 -10.11
N VAL C 179 1.85 21.03 -10.11
CA VAL C 179 3.19 20.73 -10.63
C VAL C 179 3.07 19.82 -11.85
N LEU C 180 3.71 20.22 -12.96
CA LEU C 180 3.89 19.34 -14.14
C LEU C 180 5.29 18.72 -14.14
N TYR C 181 5.34 17.39 -14.24
CA TYR C 181 6.58 16.60 -14.20
C TYR C 181 6.92 16.10 -15.61
N ASP C 182 7.99 16.66 -16.20
CA ASP C 182 8.52 16.21 -17.49
C ASP C 182 9.35 14.93 -17.31
N SER C 183 8.75 13.78 -17.63
CA SER C 183 9.31 12.45 -17.36
C SER C 183 9.77 11.82 -18.68
N ASN C 184 11.06 12.01 -19.02
CA ASN C 184 11.63 11.60 -20.31
C ASN C 184 12.68 10.48 -20.19
N ASP C 185 12.85 9.86 -19.02
CA ASP C 185 13.69 8.67 -18.82
C ASP C 185 15.20 8.92 -19.02
N ILE C 186 15.67 10.17 -18.96
CA ILE C 186 17.05 10.52 -19.29
C ILE C 186 17.56 11.58 -18.32
N ASN C 187 18.83 11.50 -17.94
CA ASN C 187 19.54 12.54 -17.19
C ASN C 187 20.93 12.74 -17.83
N LEU C 188 21.79 13.56 -17.19
CA LEU C 188 23.03 14.00 -17.84
C LEU C 188 23.95 12.83 -18.20
N ASP C 189 24.09 11.83 -17.32
CA ASP C 189 25.03 10.73 -17.59
C ASP C 189 24.41 9.54 -18.31
N GLY C 190 23.10 9.51 -18.56
CA GLY C 190 22.52 8.36 -19.25
C GLY C 190 21.04 8.19 -18.92
N GLU C 191 20.57 6.94 -18.98
CA GLU C 191 19.18 6.58 -18.78
C GLU C 191 18.85 6.40 -17.31
N THR C 192 17.59 6.65 -16.95
CA THR C 192 17.16 6.56 -15.55
C THR C 192 17.15 5.12 -15.02
N LYS C 193 17.23 4.09 -15.88
CA LYS C 193 17.28 2.73 -15.38
C LYS C 193 18.52 2.46 -14.55
N ASP C 194 19.55 3.30 -14.67
CA ASP C 194 20.75 3.20 -13.86
C ASP C 194 20.82 4.27 -12.77
N SER C 195 19.76 5.08 -12.59
CA SER C 195 19.81 6.13 -11.58
C SER C 195 18.55 6.31 -10.73
N PHE C 196 17.35 5.92 -11.19
CA PHE C 196 16.11 6.44 -10.61
C PHE C 196 14.95 5.50 -10.99
N THR C 197 14.70 4.48 -10.15
CA THR C 197 13.71 3.44 -10.47
C THR C 197 12.50 3.37 -9.54
N GLU C 198 12.40 4.21 -8.51
CA GLU C 198 11.24 4.23 -7.62
C GLU C 198 9.95 4.55 -8.38
N SER C 199 8.81 4.26 -7.76
CA SER C 199 7.50 4.72 -8.26
C SER C 199 7.21 6.10 -7.70
N VAL C 200 7.40 7.14 -8.52
CA VAL C 200 7.24 8.53 -8.07
C VAL C 200 5.79 8.81 -7.63
N ARG C 201 4.80 8.30 -8.38
CA ARG C 201 3.41 8.61 -8.03
C ARG C 201 2.93 7.87 -6.78
N ASP C 202 3.47 6.68 -6.47
CA ASP C 202 3.09 6.03 -5.21
C ASP C 202 3.69 6.76 -4.02
N ARG C 203 4.89 7.33 -4.16
CA ARG C 203 5.46 8.14 -3.09
C ARG C 203 4.61 9.39 -2.83
N TYR C 204 4.17 10.09 -3.90
CA TYR C 204 3.40 11.32 -3.70
C TYR C 204 1.99 11.04 -3.15
N ASN C 205 1.44 9.85 -3.42
CA ASN C 205 0.17 9.51 -2.79
C ASN C 205 0.33 9.38 -1.28
N ALA C 206 1.46 8.81 -0.82
CA ALA C 206 1.73 8.66 0.60
C ALA C 206 1.83 10.01 1.33
N TYR C 207 2.12 11.10 0.63
CA TYR C 207 2.18 12.41 1.29
C TYR C 207 0.80 13.06 1.40
N GLY C 208 -0.19 12.55 0.71
CA GLY C 208 -1.49 13.19 0.65
C GLY C 208 -1.73 14.08 -0.56
N TRP C 209 -0.97 13.93 -1.64
CA TRP C 209 -1.15 14.67 -2.89
C TRP C 209 -2.09 13.91 -3.84
N HIS C 210 -2.62 14.66 -4.82
CA HIS C 210 -3.28 14.09 -6.00
C HIS C 210 -2.23 13.79 -7.07
N THR C 211 -2.39 12.66 -7.78
CA THR C 211 -1.47 12.25 -8.86
C THR C 211 -2.24 11.72 -10.08
N ALA C 212 -1.61 11.81 -11.27
CA ALA C 212 -2.19 11.34 -12.52
C ALA C 212 -1.10 11.08 -13.55
N LEU C 213 -1.46 10.41 -14.66
CA LEU C 213 -0.53 10.04 -15.73
C LEU C 213 -1.06 10.45 -17.11
N VAL C 214 -0.20 11.05 -17.93
CA VAL C 214 -0.47 11.34 -19.33
C VAL C 214 0.54 10.56 -20.19
N GLU C 215 0.08 9.54 -20.90
CA GLU C 215 0.99 8.66 -21.65
C GLU C 215 1.52 9.28 -22.94
N ASN C 216 0.79 10.23 -23.55
CA ASN C 216 1.19 10.83 -24.82
C ASN C 216 1.41 12.33 -24.63
N GLY C 217 2.67 12.73 -24.42
CA GLY C 217 3.06 14.10 -24.12
C GLY C 217 2.91 15.10 -25.24
N THR C 218 2.50 14.72 -26.44
CA THR C 218 2.16 15.69 -27.46
C THR C 218 0.66 15.84 -27.67
N ASP C 219 -0.17 15.20 -26.84
CA ASP C 219 -1.63 15.25 -26.98
C ASP C 219 -2.17 16.37 -26.10
N LEU C 220 -2.56 17.49 -26.74
CA LEU C 220 -2.85 18.71 -25.99
C LEU C 220 -4.18 18.64 -25.24
N GLU C 221 -5.16 17.87 -25.73
CA GLU C 221 -6.43 17.75 -25.02
C GLU C 221 -6.33 16.80 -23.82
N ALA C 222 -5.48 15.78 -23.91
CA ALA C 222 -5.18 14.95 -22.74
C ALA C 222 -4.51 15.76 -21.64
N ILE C 223 -3.64 16.72 -22.03
CA ILE C 223 -2.94 17.53 -21.03
C ILE C 223 -3.90 18.50 -20.35
N HIS C 224 -4.79 19.12 -21.13
CA HIS C 224 -5.76 20.06 -20.57
C HIS C 224 -6.76 19.36 -19.64
N ALA C 225 -7.26 18.18 -20.03
CA ALA C 225 -8.18 17.44 -19.16
C ALA C 225 -7.55 17.12 -17.80
N ALA C 226 -6.27 16.70 -17.79
CA ALA C 226 -5.59 16.36 -16.54
C ALA C 226 -5.44 17.57 -15.62
N ILE C 227 -5.13 18.76 -16.15
CA ILE C 227 -5.01 19.94 -15.30
C ILE C 227 -6.35 20.31 -14.69
N GLU C 228 -7.43 20.24 -15.49
CA GLU C 228 -8.75 20.56 -14.96
C GLU C 228 -9.12 19.63 -13.80
N THR C 229 -8.87 18.31 -13.97
CA THR C 229 -9.16 17.36 -12.91
C THR C 229 -8.39 17.68 -11.63
N ALA C 230 -7.14 18.15 -11.76
CA ALA C 230 -6.30 18.44 -10.60
C ALA C 230 -6.83 19.65 -9.80
N LYS C 231 -7.31 20.69 -10.49
CA LYS C 231 -7.83 21.86 -9.78
C LYS C 231 -9.14 21.60 -9.03
N ALA C 232 -9.83 20.50 -9.34
CA ALA C 232 -11.02 20.11 -8.59
C ALA C 232 -10.74 19.06 -7.50
N SER C 233 -9.48 18.63 -7.29
CA SER C 233 -9.23 17.48 -6.42
C SER C 233 -9.19 17.82 -4.94
N GLY C 234 -8.94 19.07 -4.57
CA GLY C 234 -8.83 19.44 -3.17
C GLY C 234 -7.45 19.24 -2.56
N LYS C 235 -6.45 18.87 -3.36
CA LYS C 235 -5.10 18.60 -2.87
C LYS C 235 -4.06 19.21 -3.80
N PRO C 236 -2.85 19.44 -3.31
CA PRO C 236 -1.72 19.72 -4.22
C PRO C 236 -1.49 18.54 -5.16
N SER C 237 -1.05 18.85 -6.40
CA SER C 237 -1.09 17.93 -7.53
C SER C 237 0.27 17.73 -8.20
N LEU C 238 0.54 16.49 -8.62
CA LEU C 238 1.70 16.14 -9.44
C LEU C 238 1.25 15.26 -10.61
N ILE C 239 1.49 15.73 -11.82
CA ILE C 239 0.97 15.11 -13.05
C ILE C 239 2.16 14.63 -13.86
N GLU C 240 2.31 13.31 -14.00
CA GLU C 240 3.43 12.75 -14.76
C GLU C 240 3.13 12.77 -16.26
N VAL C 241 3.89 13.57 -17.03
CA VAL C 241 3.72 13.69 -18.47
C VAL C 241 4.92 13.03 -19.16
N LYS C 242 4.66 11.95 -19.91
CA LYS C 242 5.70 11.20 -20.62
C LYS C 242 6.09 11.90 -21.92
N THR C 243 7.37 12.27 -22.06
CA THR C 243 7.88 12.92 -23.25
C THR C 243 9.15 12.20 -23.74
N VAL C 244 9.58 12.55 -24.95
CA VAL C 244 10.85 12.08 -25.49
C VAL C 244 11.78 13.27 -25.64
N ILE C 245 13.00 13.15 -25.09
CA ILE C 245 13.92 14.28 -25.07
C ILE C 245 14.54 14.44 -26.47
N GLY C 246 14.61 15.69 -26.93
CA GLY C 246 15.04 15.97 -28.29
C GLY C 246 14.07 15.51 -29.38
N TYR C 247 12.76 15.45 -29.07
CA TYR C 247 11.73 14.98 -30.00
C TYR C 247 11.88 15.62 -31.38
N GLY C 248 12.08 14.77 -32.39
CA GLY C 248 12.18 15.20 -33.76
C GLY C 248 13.55 15.04 -34.38
N SER C 249 14.61 14.92 -33.55
CA SER C 249 15.95 14.71 -34.06
C SER C 249 16.15 13.25 -34.42
N PRO C 250 16.28 12.93 -35.72
CA PRO C 250 16.22 11.52 -36.14
C PRO C 250 17.39 10.69 -35.65
N ASN C 251 18.55 11.29 -35.41
CA ASN C 251 19.73 10.53 -35.02
C ASN C 251 20.06 10.62 -33.54
N LYS C 252 19.40 11.49 -32.78
CA LYS C 252 19.81 11.72 -31.39
C LYS C 252 18.67 11.79 -30.37
N GLN C 253 17.39 11.81 -30.79
CA GLN C 253 16.29 11.86 -29.83
C GLN C 253 16.28 10.63 -28.93
N GLY C 254 15.93 10.84 -27.65
CA GLY C 254 15.86 9.76 -26.66
C GLY C 254 17.18 9.35 -26.03
N THR C 255 18.26 10.14 -26.17
CA THR C 255 19.58 9.84 -25.64
C THR C 255 20.10 11.06 -24.90
N ASN C 256 21.17 10.89 -24.11
CA ASN C 256 21.73 12.04 -23.39
C ASN C 256 22.61 12.95 -24.26
N ALA C 257 22.74 12.67 -25.56
CA ALA C 257 23.56 13.53 -26.40
C ALA C 257 22.92 14.87 -26.71
N VAL C 258 21.60 15.02 -26.49
CA VAL C 258 20.92 16.30 -26.69
C VAL C 258 20.61 17.04 -25.38
N HIS C 259 21.05 16.52 -24.22
CA HIS C 259 20.77 17.18 -22.94
C HIS C 259 21.38 18.58 -22.88
N GLY C 260 22.68 18.70 -23.20
CA GLY C 260 23.40 19.92 -22.90
C GLY C 260 24.41 20.45 -23.91
N ALA C 261 24.22 20.13 -25.20
CA ALA C 261 25.07 20.67 -26.25
C ALA C 261 24.21 20.96 -27.48
N PRO C 262 24.49 22.04 -28.21
CA PRO C 262 23.65 22.41 -29.36
C PRO C 262 23.60 21.29 -30.40
N LEU C 263 22.53 21.29 -31.20
CA LEU C 263 22.38 20.24 -32.21
C LEU C 263 23.49 20.32 -33.28
N GLY C 264 23.89 21.53 -33.67
CA GLY C 264 24.82 21.70 -34.76
C GLY C 264 24.14 21.75 -36.11
N ALA C 265 24.93 22.06 -37.15
CA ALA C 265 24.36 22.41 -38.44
C ALA C 265 23.65 21.22 -39.10
N ASP C 266 24.32 20.07 -39.19
CA ASP C 266 23.77 18.95 -39.95
C ASP C 266 22.52 18.36 -39.27
N GLU C 267 22.58 18.11 -37.96
CA GLU C 267 21.41 17.55 -37.29
C GLU C 267 20.24 18.53 -37.27
N THR C 268 20.52 19.84 -37.23
CA THR C 268 19.45 20.83 -37.27
C THR C 268 18.72 20.80 -38.61
N ALA C 269 19.43 20.50 -39.70
CA ALA C 269 18.76 20.40 -41.00
C ALA C 269 17.94 19.12 -41.10
N SER C 270 18.48 17.99 -40.65
CA SER C 270 17.69 16.76 -40.59
C SER C 270 16.45 16.91 -39.70
N THR C 271 16.53 17.75 -38.66
CA THR C 271 15.38 17.96 -37.78
C THR C 271 14.29 18.78 -38.47
N ARG C 272 14.67 19.85 -39.19
CA ARG C 272 13.70 20.63 -39.95
C ARG C 272 12.94 19.76 -40.95
N GLN C 273 13.65 18.85 -41.64
CA GLN C 273 12.98 17.98 -42.59
C GLN C 273 12.12 16.93 -41.90
N ALA C 274 12.49 16.51 -40.68
CA ALA C 274 11.69 15.52 -39.96
C ALA C 274 10.36 16.11 -39.50
N LEU C 275 10.35 17.36 -39.05
CA LEU C 275 9.12 17.96 -38.55
C LEU C 275 8.43 18.83 -39.60
N GLY C 276 8.97 18.90 -40.81
CA GLY C 276 8.36 19.70 -41.88
C GLY C 276 8.32 21.19 -41.60
N TRP C 277 9.43 21.77 -41.15
CA TRP C 277 9.52 23.19 -40.83
C TRP C 277 10.27 23.89 -41.95
N ASP C 278 9.66 24.91 -42.55
CA ASP C 278 10.19 25.54 -43.75
C ASP C 278 10.45 27.03 -43.58
N TYR C 279 10.71 27.47 -42.36
CA TYR C 279 11.09 28.84 -42.08
C TYR C 279 12.55 28.88 -41.65
N GLU C 280 13.21 29.99 -41.99
CA GLU C 280 14.63 30.19 -41.70
C GLU C 280 14.84 30.61 -40.25
N PRO C 281 16.07 30.54 -39.74
CA PRO C 281 16.34 30.97 -38.36
C PRO C 281 15.80 32.37 -38.06
N PHE C 282 15.03 32.46 -36.98
CA PHE C 282 14.44 33.68 -36.44
C PHE C 282 13.37 34.29 -37.34
N GLU C 283 12.77 33.51 -38.24
CA GLU C 283 11.65 33.94 -39.05
C GLU C 283 10.39 33.26 -38.53
N ILE C 284 9.40 34.07 -38.13
CA ILE C 284 8.20 33.58 -37.47
C ILE C 284 6.96 34.07 -38.20
N PRO C 285 6.09 33.18 -38.70
CA PRO C 285 4.91 33.62 -39.45
C PRO C 285 3.90 34.35 -38.58
N GLU C 286 3.11 35.21 -39.24
CA GLU C 286 2.23 36.13 -38.52
C GLU C 286 1.06 35.43 -37.81
N GLN C 287 0.60 34.30 -38.36
CA GLN C 287 -0.49 33.54 -37.74
C GLN C 287 -0.17 33.13 -36.29
N VAL C 288 1.10 32.80 -35.99
CA VAL C 288 1.53 32.44 -34.64
C VAL C 288 1.43 33.64 -33.69
N TYR C 289 1.91 34.82 -34.14
CA TYR C 289 1.79 36.03 -33.33
C TYR C 289 0.34 36.35 -32.99
N ALA C 290 -0.58 36.12 -33.94
CA ALA C 290 -2.00 36.39 -33.71
C ALA C 290 -2.62 35.38 -32.75
N ASP C 291 -2.17 34.12 -32.82
CA ASP C 291 -2.65 33.10 -31.90
C ASP C 291 -2.35 33.47 -30.44
N PHE C 292 -1.10 33.85 -30.16
CA PHE C 292 -0.71 34.19 -28.79
C PHE C 292 -1.35 35.50 -28.32
N LYS C 293 -1.53 36.46 -29.23
CA LYS C 293 -2.13 37.73 -28.82
C LYS C 293 -3.57 37.56 -28.35
N GLU C 294 -4.31 36.63 -28.96
CA GLU C 294 -5.70 36.39 -28.57
C GLU C 294 -5.82 35.57 -27.28
N HIS C 295 -5.08 34.47 -27.14
CA HIS C 295 -5.32 33.56 -26.03
C HIS C 295 -4.42 33.80 -24.82
N VAL C 296 -3.43 34.69 -24.90
CA VAL C 296 -2.56 34.97 -23.77
C VAL C 296 -2.70 36.44 -23.38
N ALA C 297 -2.36 37.34 -24.32
CA ALA C 297 -2.32 38.78 -24.00
C ALA C 297 -3.71 39.36 -23.79
N ASP C 298 -4.65 39.08 -24.69
CA ASP C 298 -5.97 39.69 -24.58
C ASP C 298 -6.77 39.09 -23.41
N ARG C 299 -6.68 37.77 -23.23
CA ARG C 299 -7.36 37.12 -22.11
C ARG C 299 -6.88 37.67 -20.76
N GLY C 300 -5.57 37.84 -20.60
CA GLY C 300 -5.06 38.36 -19.33
C GLY C 300 -5.38 39.82 -19.10
N ALA C 301 -5.32 40.63 -20.16
CA ALA C 301 -5.63 42.05 -20.01
C ALA C 301 -7.09 42.28 -19.61
N SER C 302 -8.01 41.46 -20.15
CA SER C 302 -9.42 41.58 -19.74
C SER C 302 -9.58 41.25 -18.25
N ALA C 303 -8.94 40.16 -17.79
CA ALA C 303 -9.00 39.80 -16.39
C ALA C 303 -8.40 40.90 -15.50
N TYR C 304 -7.34 41.58 -15.97
CA TYR C 304 -6.72 42.62 -15.15
C TYR C 304 -7.65 43.82 -14.97
N GLN C 305 -8.35 44.22 -16.04
CA GLN C 305 -9.24 45.38 -15.96
C GLN C 305 -10.42 45.13 -15.03
N ALA C 306 -10.91 43.89 -14.98
CA ALA C 306 -11.99 43.56 -14.06
C ALA C 306 -11.51 43.59 -12.60
N TRP C 307 -10.26 43.20 -12.35
CA TRP C 307 -9.73 43.22 -10.99
C TRP C 307 -9.59 44.64 -10.45
N THR C 308 -9.07 45.59 -11.27
CA THR C 308 -8.87 46.95 -10.77
C THR C 308 -10.21 47.59 -10.39
N LYS C 309 -11.27 47.31 -11.15
CA LYS C 309 -12.59 47.82 -10.82
C LYS C 309 -13.11 47.17 -9.54
N LEU C 310 -12.87 45.85 -9.37
CA LEU C 310 -13.28 45.19 -8.13
C LEU C 310 -12.58 45.79 -6.90
N VAL C 311 -11.29 46.14 -7.03
CA VAL C 311 -10.59 46.76 -5.90
C VAL C 311 -11.20 48.11 -5.54
N ALA C 312 -11.55 48.92 -6.56
CA ALA C 312 -12.14 50.23 -6.30
C ALA C 312 -13.42 50.13 -5.46
N ASP C 313 -14.31 49.19 -5.83
CA ASP C 313 -15.54 49.01 -5.05
C ASP C 313 -15.27 48.52 -3.63
N TYR C 314 -14.26 47.64 -3.46
CA TYR C 314 -13.90 47.10 -2.15
C TYR C 314 -13.49 48.20 -1.17
N LYS C 315 -12.70 49.17 -1.65
CA LYS C 315 -12.22 50.22 -0.76
C LYS C 315 -13.36 51.12 -0.30
N GLU C 316 -14.35 51.38 -1.17
CA GLU C 316 -15.51 52.18 -0.76
C GLU C 316 -16.41 51.43 0.20
N ALA C 317 -16.53 50.10 0.08
CA ALA C 317 -17.39 49.32 0.96
C ALA C 317 -16.75 48.98 2.31
N HIS C 318 -15.44 48.98 2.42
CA HIS C 318 -14.74 48.65 3.66
C HIS C 318 -13.63 49.67 3.89
N PRO C 319 -13.99 50.93 4.16
CA PRO C 319 -12.95 51.96 4.33
C PRO C 319 -12.00 51.70 5.48
N GLU C 320 -12.30 50.77 6.38
CA GLU C 320 -11.41 50.50 7.51
C GLU C 320 -10.23 49.62 7.13
N LEU C 321 -10.19 49.09 5.90
CA LEU C 321 -9.09 48.30 5.40
C LEU C 321 -8.36 48.93 4.22
N ALA C 322 -8.82 50.09 3.73
CA ALA C 322 -8.36 50.59 2.44
C ALA C 322 -6.90 51.02 2.49
N ALA C 323 -6.47 51.63 3.60
CA ALA C 323 -5.11 52.16 3.69
C ALA C 323 -4.08 51.03 3.69
N GLU C 324 -4.39 49.89 4.32
CA GLU C 324 -3.43 48.79 4.37
C GLU C 324 -3.30 48.10 3.01
N VAL C 325 -4.40 47.90 2.28
CA VAL C 325 -4.32 47.24 0.98
C VAL C 325 -3.67 48.15 -0.05
N GLU C 326 -3.92 49.46 0.04
CA GLU C 326 -3.30 50.43 -0.85
C GLU C 326 -1.78 50.39 -0.73
N ALA C 327 -1.28 50.38 0.51
CA ALA C 327 0.17 50.27 0.76
C ALA C 327 0.75 49.03 0.09
N ILE C 328 0.08 47.89 0.25
CA ILE C 328 0.58 46.64 -0.31
C ILE C 328 0.65 46.70 -1.84
N ILE C 329 -0.37 47.29 -2.47
CA ILE C 329 -0.33 47.37 -3.93
C ILE C 329 0.78 48.33 -4.40
N ASP C 330 1.21 49.26 -3.56
CA ASP C 330 2.32 50.15 -3.88
C ASP C 330 3.69 49.52 -3.60
N GLY C 331 3.76 48.27 -3.15
CA GLY C 331 5.02 47.68 -2.77
C GLY C 331 5.63 48.17 -1.45
N ARG C 332 4.82 48.72 -0.53
CA ARG C 332 5.30 49.15 0.78
C ARG C 332 4.66 48.32 1.90
N ASP C 333 5.26 48.44 3.09
CA ASP C 333 4.68 47.78 4.28
C ASP C 333 3.39 48.49 4.72
N PRO C 334 2.41 47.75 5.27
CA PRO C 334 1.14 48.40 5.63
C PRO C 334 1.19 49.21 6.93
N VAL C 335 2.20 49.03 7.77
CA VAL C 335 2.43 49.89 8.95
C VAL C 335 3.93 50.06 9.11
N GLU C 336 4.34 51.26 9.55
CA GLU C 336 5.76 51.59 9.71
C GLU C 336 6.26 51.36 11.13
N VAL C 337 7.34 50.58 11.27
CA VAL C 337 8.04 50.33 12.53
C VAL C 337 9.15 51.38 12.68
N THR C 338 9.33 51.90 13.90
CA THR C 338 10.28 52.97 14.16
C THR C 338 11.05 52.72 15.46
N PRO C 339 12.17 53.42 15.66
CA PRO C 339 12.96 53.21 16.90
C PRO C 339 12.22 53.52 18.19
N ALA C 340 11.21 54.38 18.16
CA ALA C 340 10.49 54.67 19.40
C ALA C 340 9.64 53.51 19.88
N ASP C 341 9.41 52.49 19.04
CA ASP C 341 8.61 51.35 19.47
C ASP C 341 9.34 50.47 20.50
N PHE C 342 10.68 50.63 20.66
CA PHE C 342 11.47 49.75 21.53
C PHE C 342 11.82 50.47 22.82
N PRO C 343 11.51 49.90 24.00
CA PRO C 343 11.76 50.61 25.26
C PRO C 343 13.22 50.69 25.64
N ALA C 344 13.59 51.81 26.27
CA ALA C 344 14.96 52.01 26.71
C ALA C 344 15.28 51.15 27.92
N LEU C 345 16.53 50.67 27.98
CA LEU C 345 16.98 49.72 28.98
C LEU C 345 18.08 50.33 29.84
N GLU C 346 18.17 49.88 31.10
CA GLU C 346 19.12 50.41 32.06
C GLU C 346 20.41 49.61 32.08
N ASN C 347 21.52 50.28 32.43
CA ASN C 347 22.82 49.63 32.49
C ASN C 347 22.83 48.57 33.60
N GLY C 348 23.48 47.43 33.33
CA GLY C 348 23.58 46.36 34.31
C GLY C 348 22.52 45.28 34.21
N PHE C 349 21.49 45.47 33.38
CA PHE C 349 20.46 44.45 33.17
C PHE C 349 21.07 43.15 32.62
N SER C 350 20.59 42.01 33.12
CA SER C 350 21.16 40.69 32.81
C SER C 350 20.12 39.82 32.10
N GLN C 351 20.43 39.39 30.87
CA GLN C 351 19.51 38.59 30.05
C GLN C 351 20.29 37.93 28.91
N ALA C 352 19.93 36.68 28.59
CA ALA C 352 20.53 36.01 27.45
C ALA C 352 19.92 36.55 26.15
N THR C 353 20.73 36.64 25.09
CA THR C 353 20.24 37.32 23.89
C THR C 353 19.20 36.50 23.14
N ARG C 354 19.10 35.18 23.38
CA ARG C 354 17.96 34.47 22.82
C ARG C 354 16.64 35.01 23.39
N ASN C 355 16.65 35.40 24.67
CA ASN C 355 15.48 35.97 25.32
C ASN C 355 15.25 37.43 24.93
N SER C 356 16.32 38.23 24.80
CA SER C 356 16.16 39.57 24.22
C SER C 356 15.48 39.52 22.85
N SER C 357 15.76 38.47 22.09
CA SER C 357 15.24 38.34 20.73
C SER C 357 13.72 38.06 20.74
N GLN C 358 13.24 37.16 21.61
CA GLN C 358 11.80 36.93 21.71
C GLN C 358 11.04 38.22 22.10
N ASP C 359 11.61 39.03 23.01
CA ASP C 359 10.94 40.26 23.40
C ASP C 359 10.85 41.25 22.25
N ALA C 360 11.96 41.49 21.53
CA ALA C 360 11.95 42.49 20.46
C ALA C 360 11.05 42.06 19.30
N LEU C 361 11.05 40.76 18.97
CA LEU C 361 10.23 40.23 17.89
C LEU C 361 8.73 40.29 18.22
N ASN C 362 8.39 40.28 19.51
CA ASN C 362 6.98 40.45 19.90
C ASN C 362 6.54 41.91 19.83
N VAL C 363 7.45 42.88 20.02
CA VAL C 363 7.15 44.28 19.75
C VAL C 363 6.87 44.52 18.26
N VAL C 364 7.72 43.94 17.39
CA VAL C 364 7.47 44.03 15.95
C VAL C 364 6.11 43.43 15.59
N ALA C 365 5.76 42.28 16.17
CA ALA C 365 4.53 41.58 15.77
C ALA C 365 3.27 42.36 16.16
N ALA C 366 3.29 43.03 17.31
CA ALA C 366 2.13 43.83 17.72
C ALA C 366 1.93 45.05 16.82
N LYS C 367 3.02 45.61 16.29
CA LYS C 367 2.92 46.77 15.42
C LYS C 367 2.59 46.39 13.97
N LEU C 368 3.19 45.33 13.43
CA LEU C 368 3.10 45.04 12.00
C LEU C 368 2.30 43.76 11.73
N PRO C 369 1.11 43.84 11.13
CA PRO C 369 0.23 42.66 11.07
C PRO C 369 0.59 41.63 10.00
N THR C 370 1.54 41.93 9.10
CA THR C 370 1.94 40.99 8.06
C THR C 370 3.36 40.43 8.29
N PHE C 371 3.81 40.46 9.54
CA PHE C 371 5.08 39.86 9.96
C PHE C 371 4.77 38.52 10.63
N LEU C 372 5.33 37.43 10.07
CA LEU C 372 5.15 36.08 10.65
C LEU C 372 6.42 35.24 10.46
N GLY C 373 6.44 34.05 11.11
CA GLY C 373 7.57 33.13 11.02
C GLY C 373 7.39 31.76 11.68
N GLY C 374 8.49 31.14 12.10
CA GLY C 374 8.43 29.83 12.76
C GLY C 374 9.80 29.27 13.12
N SER C 375 9.86 27.96 13.34
CA SER C 375 11.11 27.28 13.68
C SER C 375 11.08 25.83 13.19
N ALA C 376 12.25 25.19 13.14
CA ALA C 376 12.34 23.80 12.68
C ALA C 376 12.40 22.84 13.88
N ASP C 377 11.23 22.69 14.51
CA ASP C 377 11.03 21.86 15.72
C ASP C 377 11.92 22.30 16.89
N LEU C 378 12.28 23.58 16.95
CA LEU C 378 13.09 24.09 18.05
C LEU C 378 12.51 25.37 18.67
N ALA C 379 11.20 25.58 18.57
CA ALA C 379 10.61 26.80 19.13
C ALA C 379 10.84 26.91 20.64
N HIS C 380 10.85 25.79 21.36
CA HIS C 380 11.03 25.83 22.81
C HIS C 380 12.46 26.18 23.23
N SER C 381 13.45 26.12 22.33
CA SER C 381 14.83 26.53 22.63
C SER C 381 15.27 27.80 21.90
N ASN C 382 14.84 28.00 20.65
CA ASN C 382 15.14 29.25 19.95
C ASN C 382 14.42 30.45 20.58
N MET C 383 13.24 30.22 21.18
CA MET C 383 12.37 31.28 21.72
C MET C 383 11.80 32.18 20.62
N THR C 384 11.18 31.55 19.61
CA THR C 384 10.68 32.23 18.41
C THR C 384 9.17 32.52 18.42
N TYR C 385 8.43 32.06 19.43
CA TYR C 385 6.97 32.16 19.40
C TYR C 385 6.48 33.62 19.50
N ILE C 386 5.48 33.94 18.68
CA ILE C 386 4.65 35.12 18.89
C ILE C 386 3.56 34.74 19.90
N LYS C 387 3.60 35.33 21.09
CA LYS C 387 2.83 34.82 22.22
C LYS C 387 1.32 35.05 22.12
N THR C 388 0.84 35.89 21.20
CA THR C 388 -0.59 36.09 21.07
C THR C 388 -1.30 35.04 20.21
N ASP C 389 -0.57 34.17 19.48
CA ASP C 389 -1.15 33.30 18.47
C ASP C 389 -0.87 31.82 18.75
N GLY C 390 -1.66 30.94 18.12
CA GLY C 390 -1.35 29.53 18.02
C GLY C 390 -0.64 29.22 16.70
N LEU C 391 -0.76 27.97 16.26
CA LEU C 391 -0.12 27.50 15.03
C LEU C 391 -1.01 27.65 13.80
N GLN C 392 -0.37 27.94 12.65
CA GLN C 392 -1.06 28.14 11.38
C GLN C 392 -1.25 26.82 10.63
N ASP C 393 -2.46 26.58 10.12
CA ASP C 393 -2.75 25.42 9.29
C ASP C 393 -4.07 25.63 8.54
N ASP C 394 -4.52 24.59 7.81
CA ASP C 394 -5.68 24.72 6.93
C ASP C 394 -6.90 25.23 7.68
N ALA C 395 -7.05 24.82 8.95
CA ALA C 395 -8.21 25.15 9.78
C ALA C 395 -8.03 26.40 10.65
N ASN C 396 -6.81 27.00 10.70
CA ASN C 396 -6.52 28.20 11.49
C ASN C 396 -5.56 29.09 10.68
N ARG C 397 -6.09 29.77 9.65
CA ARG C 397 -5.26 30.39 8.62
C ARG C 397 -4.71 31.77 9.00
N LEU C 398 -5.18 32.38 10.09
CA LEU C 398 -4.71 33.69 10.53
C LEU C 398 -3.60 33.64 11.59
N ASN C 399 -3.29 32.48 12.17
CA ASN C 399 -2.21 32.40 13.15
C ASN C 399 -0.85 32.65 12.48
N ARG C 400 0.09 33.19 13.27
CA ARG C 400 1.37 33.61 12.70
C ARG C 400 2.59 32.81 13.20
N ASN C 401 2.39 31.60 13.76
CA ASN C 401 3.48 30.69 14.13
C ASN C 401 3.40 29.42 13.26
N ILE C 402 4.55 29.00 12.73
CA ILE C 402 4.62 27.86 11.80
C ILE C 402 5.53 26.79 12.38
N GLN C 403 5.07 25.53 12.38
CA GLN C 403 5.90 24.39 12.74
C GLN C 403 6.44 23.76 11.45
N PHE C 404 7.74 23.92 11.19
CA PHE C 404 8.32 23.33 9.97
C PHE C 404 8.71 21.85 10.12
N GLY C 405 8.67 21.28 11.34
CA GLY C 405 9.24 19.95 11.50
C GLY C 405 10.77 20.00 11.43
N VAL C 406 11.38 18.82 11.31
CA VAL C 406 12.85 18.78 11.24
C VAL C 406 13.30 18.92 9.79
N ARG C 407 13.14 20.14 9.20
CA ARG C 407 13.32 20.36 7.74
C ARG C 407 13.96 21.74 7.46
N GLU C 408 15.26 21.87 7.78
CA GLU C 408 15.94 23.18 7.71
C GLU C 408 16.04 23.70 6.27
N PHE C 409 16.49 22.86 5.32
CA PHE C 409 16.62 23.28 3.92
C PHE C 409 15.28 23.76 3.34
N ALA C 410 14.22 22.97 3.52
CA ALA C 410 12.92 23.36 2.95
C ALA C 410 12.37 24.63 3.61
N MET C 411 12.59 24.79 4.92
CA MET C 411 12.20 26.03 5.61
C MET C 411 12.77 27.26 4.91
N GLY C 412 14.04 27.19 4.46
CA GLY C 412 14.64 28.29 3.72
C GLY C 412 13.94 28.57 2.41
N THR C 413 13.64 27.52 1.63
CA THR C 413 12.95 27.75 0.35
C THR C 413 11.55 28.30 0.55
N ILE C 414 10.86 27.91 1.63
CA ILE C 414 9.49 28.39 1.86
C ILE C 414 9.49 29.86 2.28
N LEU C 415 10.46 30.29 3.11
CA LEU C 415 10.57 31.71 3.44
C LEU C 415 10.89 32.55 2.21
N ASN C 416 11.80 32.07 1.35
CA ASN C 416 12.10 32.77 0.09
C ASN C 416 10.84 32.92 -0.77
N GLY C 417 10.05 31.85 -0.87
CA GLY C 417 8.83 31.92 -1.68
C GLY C 417 7.79 32.88 -1.13
N MET C 418 7.67 32.94 0.19
CA MET C 418 6.74 33.87 0.83
C MET C 418 7.20 35.33 0.65
N ALA C 419 8.51 35.55 0.58
CA ALA C 419 9.06 36.89 0.33
C ALA C 419 8.90 37.31 -1.12
N LEU C 420 9.06 36.37 -2.06
CA LEU C 420 8.95 36.71 -3.47
C LEU C 420 7.52 37.12 -3.86
N HIS C 421 6.49 36.60 -3.18
CA HIS C 421 5.12 36.85 -3.59
C HIS C 421 4.77 38.34 -3.55
N GLY C 422 5.19 39.03 -2.48
CA GLY C 422 4.84 40.41 -2.15
C GLY C 422 3.83 40.50 -1.01
N GLY C 423 4.07 41.42 -0.07
CA GLY C 423 3.13 41.76 0.98
C GLY C 423 3.60 41.51 2.40
N LEU C 424 4.55 40.57 2.60
CA LEU C 424 4.89 40.07 3.93
C LEU C 424 6.35 40.31 4.30
N ARG C 425 6.66 40.01 5.58
CA ARG C 425 8.02 39.99 6.13
C ARG C 425 8.16 38.76 7.04
N VAL C 426 9.24 37.97 6.86
CA VAL C 426 9.32 36.62 7.43
C VAL C 426 10.68 36.32 8.05
N TYR C 427 10.70 35.25 8.89
CA TYR C 427 11.86 34.80 9.68
C TYR C 427 11.72 33.31 10.06
N GLY C 428 12.86 32.69 10.35
CA GLY C 428 12.88 31.29 10.78
C GLY C 428 14.12 30.96 11.58
N GLY C 429 13.99 30.00 12.52
CA GLY C 429 15.07 29.63 13.41
C GLY C 429 15.56 28.17 13.43
N THR C 430 16.83 27.97 13.84
CA THR C 430 17.39 26.65 14.17
C THR C 430 18.67 26.89 14.97
N PHE C 431 19.36 25.80 15.36
CA PHE C 431 20.69 25.92 15.97
C PHE C 431 21.74 26.40 14.95
N PHE C 432 22.62 27.31 15.39
CA PHE C 432 23.66 27.86 14.51
C PHE C 432 24.53 26.77 13.88
N VAL C 433 24.77 25.67 14.60
CA VAL C 433 25.62 24.60 14.06
C VAL C 433 24.95 23.91 12.86
N PHE C 434 23.63 23.89 12.78
CA PHE C 434 22.96 23.26 11.65
C PHE C 434 22.58 24.26 10.57
N SER C 435 23.23 25.43 10.53
CA SER C 435 23.10 26.29 9.37
C SER C 435 23.72 25.67 8.13
N ASP C 436 24.53 24.61 8.29
CA ASP C 436 25.08 23.90 7.14
C ASP C 436 23.98 23.21 6.33
N TYR C 437 22.90 22.76 7.00
CA TYR C 437 21.79 22.10 6.31
C TYR C 437 20.99 23.03 5.40
N VAL C 438 21.11 24.37 5.56
CA VAL C 438 20.26 25.33 4.86
C VAL C 438 21.09 26.35 4.07
N LYS C 439 22.42 26.19 4.03
CA LYS C 439 23.32 27.21 3.47
C LYS C 439 23.03 27.53 1.99
N ALA C 440 22.61 26.54 1.20
CA ALA C 440 22.34 26.79 -0.22
C ALA C 440 21.05 27.58 -0.45
N ALA C 441 20.10 27.57 0.50
CA ALA C 441 18.93 28.47 0.36
C ALA C 441 19.23 29.89 0.83
N VAL C 442 20.10 30.04 1.84
CA VAL C 442 20.60 31.37 2.20
C VAL C 442 21.24 32.05 0.98
N ARG C 443 22.02 31.29 0.19
CA ARG C 443 22.64 31.88 -0.99
C ARG C 443 21.61 32.48 -1.93
N LEU C 444 20.45 31.82 -2.10
CA LEU C 444 19.42 32.32 -3.02
C LEU C 444 18.72 33.55 -2.47
N SER C 445 18.58 33.67 -1.14
CA SER C 445 18.13 34.91 -0.53
C SER C 445 19.03 36.08 -0.93
N ALA C 446 20.35 35.84 -0.88
CA ALA C 446 21.34 36.88 -1.19
C ALA C 446 21.32 37.26 -2.66
N LEU C 447 21.22 36.26 -3.55
CA LEU C 447 21.24 36.49 -5.00
C LEU C 447 19.99 37.22 -5.49
N GLN C 448 18.82 36.88 -4.94
CA GLN C 448 17.57 37.52 -5.35
C GLN C 448 17.29 38.85 -4.64
N GLY C 449 18.09 39.21 -3.64
CA GLY C 449 17.88 40.48 -2.96
C GLY C 449 16.66 40.51 -2.04
N LEU C 450 16.39 39.39 -1.28
CA LEU C 450 15.24 39.25 -0.39
C LEU C 450 15.64 39.50 1.06
N PRO C 451 14.98 40.41 1.79
CA PRO C 451 15.33 40.64 3.23
C PRO C 451 14.69 39.62 4.16
N VAL C 452 15.14 38.38 4.04
CA VAL C 452 14.72 37.27 4.91
C VAL C 452 15.60 37.28 6.15
N THR C 453 15.02 36.98 7.34
CA THR C 453 15.76 36.97 8.61
C THR C 453 15.94 35.53 9.13
N TYR C 454 17.19 35.11 9.31
CA TYR C 454 17.54 33.80 9.86
C TYR C 454 17.94 33.93 11.35
N VAL C 455 17.32 33.13 12.21
CA VAL C 455 17.52 33.21 13.67
C VAL C 455 18.30 31.98 14.13
N PHE C 456 19.61 32.14 14.37
CA PHE C 456 20.49 31.06 14.81
C PHE C 456 20.85 31.24 16.29
N THR C 457 20.51 30.27 17.14
CA THR C 457 20.87 30.35 18.56
C THR C 457 21.89 29.27 18.95
N HIS C 458 22.36 29.36 20.20
CA HIS C 458 23.34 28.44 20.81
C HIS C 458 24.68 28.44 20.03
N ASP C 459 25.43 29.54 20.17
CA ASP C 459 26.37 29.96 19.13
C ASP C 459 27.84 29.56 19.35
N SER C 460 28.19 28.86 20.43
CA SER C 460 29.62 28.57 20.70
C SER C 460 29.76 27.36 21.62
N ILE C 461 31.01 27.09 22.04
CA ILE C 461 31.30 26.05 23.03
C ILE C 461 30.56 26.25 24.35
N ALA C 462 29.98 27.42 24.60
CA ALA C 462 29.14 27.60 25.78
C ALA C 462 27.92 26.70 25.77
N VAL C 463 27.71 25.90 24.72
CA VAL C 463 26.65 24.89 24.71
C VAL C 463 26.89 23.85 25.81
N GLY C 464 28.14 23.40 25.96
CA GLY C 464 28.53 22.59 27.12
C GLY C 464 28.37 21.08 26.88
N GLU C 465 27.36 20.49 27.52
CA GLU C 465 27.30 19.02 27.63
C GLU C 465 27.02 18.31 26.30
N ASP C 466 26.35 18.97 25.35
CA ASP C 466 25.95 18.30 24.10
C ASP C 466 27.14 17.85 23.25
N GLY C 467 28.26 18.58 23.24
CA GLY C 467 29.49 18.10 22.63
C GLY C 467 29.83 18.63 21.23
N PRO C 468 30.95 18.15 20.67
CA PRO C 468 31.48 18.75 19.43
C PRO C 468 30.55 18.69 18.19
N THR C 469 29.67 17.68 18.07
CA THR C 469 28.71 17.67 16.96
C THR C 469 27.65 18.79 17.06
N HIS C 470 27.53 19.47 18.20
CA HIS C 470 26.52 20.51 18.41
C HIS C 470 27.14 21.89 18.72
N GLU C 471 28.47 22.04 18.56
CA GLU C 471 29.19 23.25 18.96
C GLU C 471 29.83 23.95 17.74
N PRO C 472 29.42 25.18 17.40
CA PRO C 472 29.96 25.86 16.21
C PRO C 472 31.39 26.35 16.37
N VAL C 473 32.12 26.37 15.23
CA VAL C 473 33.49 26.90 15.19
C VAL C 473 33.74 27.68 13.90
N GLU C 474 33.58 27.01 12.75
CA GLU C 474 33.88 27.59 11.45
C GLU C 474 32.71 28.37 10.82
N HIS C 475 31.56 28.46 11.48
CA HIS C 475 30.35 28.92 10.78
C HIS C 475 30.31 30.45 10.55
N LEU C 476 30.84 31.26 11.47
CA LEU C 476 30.88 32.71 11.25
C LEU C 476 31.71 33.07 10.01
N ALA C 477 32.89 32.48 9.88
CA ALA C 477 33.74 32.79 8.72
C ALA C 477 33.05 32.45 7.40
N GLY C 478 32.34 31.32 7.35
CA GLY C 478 31.72 30.90 6.09
C GLY C 478 30.64 31.86 5.61
N LEU C 479 29.86 32.41 6.54
CA LEU C 479 28.74 33.29 6.19
C LEU C 479 29.21 34.71 5.87
N ARG C 480 30.19 35.23 6.63
CA ARG C 480 30.74 36.57 6.37
C ARG C 480 31.33 36.68 4.95
N ALA C 481 31.75 35.57 4.33
CA ALA C 481 32.33 35.67 3.01
C ALA C 481 31.30 35.66 1.88
N MET C 482 30.04 35.26 2.17
CA MET C 482 28.97 35.33 1.17
C MET C 482 28.64 36.78 0.79
N PRO C 483 28.63 37.13 -0.50
CA PRO C 483 28.19 38.48 -0.91
C PRO C 483 26.72 38.75 -0.60
N ASN C 484 26.45 39.98 -0.12
CA ASN C 484 25.10 40.52 0.16
C ASN C 484 24.36 39.80 1.30
N LEU C 485 25.09 39.46 2.38
CA LEU C 485 24.51 38.95 3.63
C LEU C 485 25.08 39.75 4.80
N ASN C 486 24.20 40.25 5.69
CA ASN C 486 24.63 40.98 6.89
C ASN C 486 24.57 40.03 8.10
N VAL C 487 25.72 39.80 8.75
CA VAL C 487 25.80 38.95 9.94
C VAL C 487 25.93 39.83 11.19
N PHE C 488 24.98 39.70 12.12
CA PHE C 488 25.00 40.43 13.39
C PHE C 488 25.18 39.47 14.57
N ARG C 489 26.09 39.80 15.48
CA ARG C 489 26.31 39.05 16.72
C ARG C 489 26.29 40.03 17.89
N PRO C 490 25.11 40.36 18.43
CA PRO C 490 25.00 41.46 19.41
C PRO C 490 25.56 41.10 20.79
N ALA C 491 26.03 42.15 21.48
CA ALA C 491 26.78 42.01 22.74
C ALA C 491 25.92 42.04 24.00
N ASP C 492 24.67 42.48 23.91
CA ASP C 492 23.75 42.53 25.05
C ASP C 492 22.35 42.78 24.51
N ALA C 493 21.40 43.05 25.41
CA ALA C 493 20.01 43.23 25.02
C ALA C 493 19.80 44.51 24.21
N ARG C 494 20.54 45.57 24.54
CA ARG C 494 20.43 46.82 23.80
C ARG C 494 20.82 46.63 22.34
N GLU C 495 21.99 46.01 22.08
CA GLU C 495 22.41 45.72 20.71
C GLU C 495 21.43 44.76 20.00
N THR C 496 20.79 43.84 20.75
CA THR C 496 19.80 42.94 20.13
C THR C 496 18.56 43.70 19.62
N GLN C 497 18.08 44.68 20.39
CA GLN C 497 16.97 45.52 19.92
C GLN C 497 17.31 46.19 18.59
N ALA C 498 18.53 46.72 18.47
CA ALA C 498 18.89 47.42 17.25
C ALA C 498 18.97 46.46 16.06
N ALA C 499 19.51 45.26 16.26
CA ALA C 499 19.67 44.32 15.15
C ALA C 499 18.32 43.93 14.55
N TRP C 500 17.31 43.67 15.41
CA TRP C 500 15.98 43.37 14.89
C TRP C 500 15.36 44.56 14.15
N TYR C 501 15.59 45.79 14.63
CA TYR C 501 15.05 46.95 13.91
C TYR C 501 15.66 47.07 12.51
N LEU C 502 16.98 46.86 12.37
CA LEU C 502 17.61 46.89 11.06
C LEU C 502 17.15 45.73 10.18
N ALA C 503 16.97 44.53 10.75
CA ALA C 503 16.56 43.35 9.99
C ALA C 503 15.19 43.57 9.32
N VAL C 504 14.25 44.17 10.05
CA VAL C 504 12.88 44.29 9.57
C VAL C 504 12.67 45.55 8.72
N THR C 505 13.66 46.46 8.63
CA THR C 505 13.57 47.59 7.69
C THR C 505 14.52 47.47 6.51
N SER C 506 15.29 46.37 6.39
CA SER C 506 16.17 46.21 5.24
C SER C 506 15.39 46.19 3.93
N GLU C 507 15.99 46.74 2.88
CA GLU C 507 15.30 46.76 1.59
C GLU C 507 15.65 45.58 0.68
N LYS C 508 16.94 45.21 0.59
CA LYS C 508 17.39 44.23 -0.39
C LYS C 508 18.44 43.25 0.12
N THR C 509 18.67 43.17 1.43
CA THR C 509 19.76 42.34 1.98
C THR C 509 19.26 41.45 3.11
N PRO C 510 19.37 40.12 3.00
CA PRO C 510 19.00 39.24 4.13
C PRO C 510 19.95 39.43 5.31
N THR C 511 19.53 38.86 6.46
CA THR C 511 20.18 39.06 7.75
C THR C 511 20.29 37.74 8.50
N ALA C 512 21.44 37.50 9.15
CA ALA C 512 21.62 36.39 10.08
C ALA C 512 21.92 36.95 11.47
N LEU C 513 21.10 36.59 12.46
CA LEU C 513 21.30 36.96 13.86
C LEU C 513 21.94 35.77 14.62
N VAL C 514 22.99 36.05 15.39
CA VAL C 514 23.74 35.02 16.12
C VAL C 514 23.60 35.28 17.62
N LEU C 515 22.98 34.33 18.35
CA LEU C 515 22.46 34.55 19.71
C LEU C 515 22.92 33.47 20.71
N THR C 516 22.97 33.86 22.00
CA THR C 516 23.57 33.06 23.09
C THR C 516 22.53 32.33 23.95
N ARG C 517 22.97 31.20 24.52
CA ARG C 517 22.21 30.45 25.50
C ARG C 517 22.30 31.07 26.89
N GLN C 518 23.46 31.60 27.25
CA GLN C 518 23.81 32.08 28.58
C GLN C 518 23.66 33.59 28.70
N ASN C 519 23.40 34.05 29.95
CA ASN C 519 23.11 35.46 30.26
C ASN C 519 24.31 36.39 29.98
N LEU C 520 24.03 37.57 29.40
CA LEU C 520 25.03 38.64 29.26
C LEU C 520 24.54 39.92 29.93
N THR C 521 25.47 40.85 30.16
CA THR C 521 25.23 42.06 30.95
C THR C 521 25.26 43.32 30.07
N VAL C 522 24.21 44.15 30.18
CA VAL C 522 24.15 45.41 29.43
C VAL C 522 25.28 46.32 29.88
N GLU C 523 26.11 46.75 28.93
CA GLU C 523 27.29 47.57 29.19
C GLU C 523 26.94 49.07 29.27
N ASP C 524 27.75 49.80 30.05
CA ASP C 524 27.58 51.25 30.17
C ASP C 524 27.71 51.97 28.82
N GLY C 525 28.55 51.44 27.92
CA GLY C 525 28.90 52.13 26.69
C GLY C 525 28.31 51.61 25.38
N THR C 526 27.41 50.61 25.43
CA THR C 526 26.72 50.22 24.20
C THR C 526 25.61 51.23 23.90
N ASP C 527 25.16 51.25 22.64
CA ASP C 527 24.38 52.37 22.11
C ASP C 527 23.48 51.90 20.97
N PHE C 528 22.16 52.04 21.12
CA PHE C 528 21.20 51.59 20.10
C PHE C 528 21.53 52.15 18.71
N ASP C 529 21.89 53.44 18.62
CA ASP C 529 22.03 54.15 17.34
C ASP C 529 23.37 53.91 16.64
N LYS C 530 24.41 53.50 17.35
CA LYS C 530 25.70 53.27 16.70
C LYS C 530 25.85 51.88 16.10
N VAL C 531 24.94 50.94 16.41
CA VAL C 531 25.02 49.61 15.81
C VAL C 531 24.88 49.69 14.28
N ALA C 532 24.16 50.70 13.75
CA ALA C 532 24.00 50.82 12.30
C ALA C 532 25.33 51.09 11.57
N LYS C 533 26.38 51.48 12.29
CA LYS C 533 27.70 51.74 11.70
C LYS C 533 28.61 50.51 11.67
N GLY C 534 28.19 49.40 12.25
CA GLY C 534 29.00 48.18 12.26
C GLY C 534 30.00 48.02 13.41
N ALA C 535 30.73 49.08 13.78
CA ALA C 535 31.66 49.05 14.90
C ALA C 535 31.77 50.44 15.51
N TYR C 536 32.00 50.49 16.84
CA TYR C 536 32.12 51.75 17.57
C TYR C 536 32.83 51.51 18.91
N VAL C 537 33.25 52.60 19.58
CA VAL C 537 34.03 52.51 20.82
C VAL C 537 33.11 52.36 22.02
N VAL C 538 33.40 51.38 22.89
CA VAL C 538 32.60 51.14 24.09
C VAL C 538 33.37 51.35 25.39
N TYR C 539 34.70 51.55 25.36
CA TYR C 539 35.49 51.84 26.55
C TYR C 539 36.81 52.49 26.13
N GLU C 540 37.23 53.52 26.88
CA GLU C 540 38.49 54.22 26.63
C GLU C 540 38.86 55.09 27.83
N ASN C 541 40.05 54.90 28.41
CA ASN C 541 40.41 55.64 29.63
C ASN C 541 41.35 56.83 29.40
N ALA C 542 41.95 56.98 28.21
CA ALA C 542 42.83 58.11 27.91
C ALA C 542 42.91 58.32 26.40
N ALA C 543 42.90 59.60 25.97
CA ALA C 543 42.85 59.91 24.54
C ALA C 543 44.15 59.55 23.82
N ASP C 544 45.24 59.38 24.54
CA ASP C 544 46.52 58.97 23.96
C ASP C 544 46.78 57.47 24.14
N PHE C 545 45.76 56.62 23.96
CA PHE C 545 45.89 55.17 24.09
C PHE C 545 46.89 54.60 23.09
N ASP C 546 47.55 53.49 23.47
CA ASP C 546 48.46 52.82 22.54
C ASP C 546 48.14 51.33 22.34
N THR C 547 46.99 50.84 22.82
CA THR C 547 46.56 49.46 22.66
C THR C 547 45.08 49.43 22.28
N ILE C 548 44.69 48.52 21.39
CA ILE C 548 43.30 48.40 20.94
C ILE C 548 42.83 46.94 21.01
N LEU C 549 41.72 46.69 21.71
CA LEU C 549 41.06 45.37 21.74
C LEU C 549 39.78 45.39 20.91
N ILE C 550 39.57 44.33 20.11
CA ILE C 550 38.40 44.19 19.23
C ILE C 550 37.67 42.89 19.58
N ALA C 551 36.35 42.98 19.79
CA ALA C 551 35.54 41.85 20.26
C ALA C 551 34.11 41.96 19.72
N THR C 552 33.38 40.83 19.76
CA THR C 552 31.97 40.77 19.39
C THR C 552 31.20 39.86 20.36
N GLY C 553 29.87 40.01 20.36
CA GLY C 553 28.98 39.11 21.08
C GLY C 553 29.30 38.93 22.57
N SER C 554 29.29 37.69 23.02
CA SER C 554 29.52 37.41 24.44
C SER C 554 30.97 37.70 24.87
N GLU C 555 31.87 37.97 23.92
CA GLU C 555 33.23 38.31 24.26
C GLU C 555 33.43 39.80 24.57
N VAL C 556 32.40 40.65 24.41
CA VAL C 556 32.59 42.08 24.74
C VAL C 556 32.63 42.29 26.26
N ASN C 557 31.73 41.63 27.01
CA ASN C 557 31.83 41.62 28.48
C ASN C 557 33.24 41.24 28.94
N LEU C 558 33.83 40.20 28.32
CA LEU C 558 35.15 39.72 28.73
C LEU C 558 36.24 40.75 28.46
N ALA C 559 36.21 41.39 27.29
CA ALA C 559 37.25 42.36 26.93
C ALA C 559 37.20 43.61 27.81
N VAL C 560 36.01 44.10 28.13
CA VAL C 560 35.90 45.29 28.99
C VAL C 560 36.41 45.01 30.40
N SER C 561 36.15 43.82 30.94
CA SER C 561 36.72 43.46 32.23
C SER C 561 38.25 43.41 32.17
N ALA C 562 38.81 42.91 31.06
CA ALA C 562 40.26 42.85 30.96
C ALA C 562 40.87 44.25 30.89
N ALA C 563 40.20 45.17 30.21
CA ALA C 563 40.70 46.52 30.05
C ALA C 563 40.73 47.30 31.36
N LYS C 564 39.75 47.08 32.24
CA LYS C 564 39.79 47.78 33.53
C LYS C 564 40.94 47.28 34.39
N GLU C 565 41.28 46.00 34.29
CA GLU C 565 42.41 45.46 35.04
C GLU C 565 43.72 46.06 34.54
N LEU C 566 43.91 46.09 33.22
CA LEU C 566 45.15 46.62 32.67
C LEU C 566 45.30 48.11 32.98
N ALA C 567 44.19 48.87 32.91
CA ALA C 567 44.24 50.30 33.20
C ALA C 567 44.62 50.59 34.65
N SER C 568 44.20 49.73 35.57
CA SER C 568 44.61 49.88 36.97
C SER C 568 46.08 49.53 37.18
N GLN C 569 46.73 48.95 36.18
CA GLN C 569 48.17 48.73 36.18
C GLN C 569 48.94 49.85 35.51
N GLY C 570 48.28 50.93 35.13
CA GLY C 570 48.93 52.04 34.44
C GLY C 570 48.78 52.09 32.93
N GLU C 571 48.01 51.19 32.31
CA GLU C 571 47.93 51.15 30.86
C GLU C 571 46.87 52.12 30.30
N LYS C 572 47.05 52.48 29.02
CA LYS C 572 46.14 53.35 28.26
C LYS C 572 45.58 52.55 27.08
N ILE C 573 44.26 52.30 27.06
CA ILE C 573 43.69 51.24 26.20
C ILE C 573 42.26 51.59 25.78
N ARG C 574 41.88 51.15 24.56
CA ARG C 574 40.54 51.31 23.97
C ARG C 574 39.94 49.94 23.61
N VAL C 575 38.61 49.81 23.76
CA VAL C 575 37.87 48.61 23.35
C VAL C 575 36.85 48.96 22.26
N VAL C 576 36.87 48.20 21.17
CA VAL C 576 35.93 48.35 20.05
C VAL C 576 34.98 47.15 20.03
N SER C 577 33.68 47.42 19.93
CA SER C 577 32.63 46.41 19.73
C SER C 577 32.23 46.40 18.26
N MET C 578 32.29 45.22 17.62
CA MET C 578 32.07 45.07 16.18
C MET C 578 30.91 44.11 15.90
N PRO C 579 29.65 44.52 16.18
CA PRO C 579 28.52 43.59 15.95
C PRO C 579 28.32 43.13 14.50
N SER C 580 28.86 43.83 13.49
CA SER C 580 28.78 43.34 12.11
C SER C 580 30.00 43.77 11.32
N THR C 581 30.86 42.81 10.94
CA THR C 581 32.00 43.11 10.07
C THR C 581 31.55 43.54 8.67
N ASP C 582 30.46 42.95 8.19
CA ASP C 582 30.01 43.24 6.82
C ASP C 582 29.53 44.69 6.69
N VAL C 583 28.89 45.24 7.74
CA VAL C 583 28.41 46.62 7.69
C VAL C 583 29.56 47.62 7.93
N PHE C 584 30.51 47.28 8.82
CA PHE C 584 31.68 48.15 9.05
C PHE C 584 32.50 48.35 7.77
N ASP C 585 32.67 47.29 6.96
CA ASP C 585 33.48 47.39 5.75
C ASP C 585 32.91 48.36 4.71
N LYS C 586 31.62 48.69 4.78
CA LYS C 586 31.00 49.57 3.80
C LYS C 586 31.08 51.05 4.17
N GLN C 587 31.56 51.39 5.36
CA GLN C 587 31.60 52.78 5.81
C GLN C 587 32.69 53.57 5.09
N ASP C 588 32.54 54.89 5.15
CA ASP C 588 33.49 55.84 4.60
C ASP C 588 34.90 55.65 5.17
N ALA C 589 35.90 55.89 4.32
CA ALA C 589 37.30 55.71 4.74
C ALA C 589 37.69 56.63 5.88
N ALA C 590 37.09 57.82 5.98
CA ALA C 590 37.32 58.68 7.13
C ALA C 590 36.92 57.98 8.43
N TYR C 591 35.71 57.40 8.46
CA TYR C 591 35.23 56.72 9.67
C TYR C 591 36.11 55.51 10.02
N LYS C 592 36.61 54.79 9.02
CA LYS C 592 37.48 53.65 9.33
C LYS C 592 38.76 54.08 10.05
N GLU C 593 39.33 55.24 9.66
CA GLU C 593 40.56 55.71 10.29
C GLU C 593 40.33 56.18 11.73
N GLU C 594 39.15 56.70 12.06
CA GLU C 594 38.93 57.16 13.44
C GLU C 594 38.69 56.00 14.41
N ILE C 595 38.15 54.87 13.95
CA ILE C 595 37.95 53.70 14.81
C ILE C 595 39.24 52.88 14.97
N LEU C 596 40.00 52.71 13.87
CA LEU C 596 41.26 51.95 13.88
C LEU C 596 42.38 52.79 13.27
N PRO C 597 42.95 53.73 14.04
CA PRO C 597 43.98 54.63 13.50
C PRO C 597 45.21 53.90 13.00
N ASN C 598 45.72 54.36 11.85
CA ASN C 598 46.84 53.70 11.17
C ASN C 598 48.10 53.67 12.02
N ALA C 599 48.30 54.67 12.88
CA ALA C 599 49.52 54.77 13.67
C ALA C 599 49.55 53.85 14.89
N VAL C 600 48.46 53.13 15.21
CA VAL C 600 48.38 52.28 16.40
C VAL C 600 48.32 50.83 15.94
N ARG C 601 49.44 50.11 16.06
CA ARG C 601 49.55 48.75 15.53
C ARG C 601 49.52 47.64 16.59
N ARG C 602 49.48 47.96 17.88
CA ARG C 602 49.27 46.93 18.90
C ARG C 602 47.78 46.60 18.99
N ARG C 603 47.34 45.50 18.34
CA ARG C 603 45.93 45.13 18.26
C ARG C 603 45.71 43.66 18.61
N VAL C 604 44.65 43.39 19.39
CA VAL C 604 44.27 42.04 19.79
C VAL C 604 42.76 41.86 19.58
N ALA C 605 42.38 40.77 18.90
CA ALA C 605 40.98 40.42 18.65
C ALA C 605 40.59 39.19 19.47
N VAL C 606 39.33 39.15 19.91
CA VAL C 606 38.81 38.13 20.82
C VAL C 606 37.46 37.64 20.30
N GLU C 607 37.34 36.33 20.01
CA GLU C 607 36.08 35.72 19.58
C GLU C 607 36.16 34.20 19.70
N MET C 608 35.09 33.56 20.21
CA MET C 608 35.08 32.09 20.35
C MET C 608 34.66 31.42 19.03
N GLY C 609 35.59 31.44 18.09
CA GLY C 609 35.44 30.79 16.80
C GLY C 609 36.75 30.85 16.03
N ALA C 610 36.69 30.46 14.76
CA ALA C 610 37.89 30.39 13.93
C ALA C 610 38.56 31.76 13.79
N SER C 611 39.91 31.76 13.72
CA SER C 611 40.71 33.00 13.70
C SER C 611 40.72 33.70 12.34
N GLN C 612 40.44 32.97 11.25
CA GLN C 612 40.68 33.38 9.87
C GLN C 612 40.46 34.86 9.54
N ASN C 613 39.26 35.40 9.82
CA ASN C 613 38.92 36.72 9.28
C ASN C 613 39.37 37.89 10.18
N TRP C 614 40.07 37.65 11.29
CA TRP C 614 40.48 38.76 12.15
C TRP C 614 41.84 39.37 11.76
N TYR C 615 42.59 38.77 10.83
CA TYR C 615 43.87 39.35 10.40
C TYR C 615 43.69 40.59 9.53
N LYS C 616 42.54 40.73 8.88
CA LYS C 616 42.24 41.96 8.15
C LYS C 616 42.23 43.18 9.05
N TYR C 617 42.02 43.00 10.36
CA TYR C 617 41.97 44.11 11.31
C TYR C 617 43.16 44.16 12.27
N VAL C 618 43.81 43.05 12.59
CA VAL C 618 44.93 43.13 13.53
C VAL C 618 46.28 43.22 12.83
N GLY C 619 46.38 42.70 11.60
CA GLY C 619 47.60 42.85 10.83
C GLY C 619 48.69 41.88 11.25
N LEU C 620 49.86 42.06 10.64
CA LEU C 620 50.98 41.13 10.87
C LEU C 620 51.62 41.28 12.25
N ASP C 621 51.35 42.37 12.97
CA ASP C 621 52.02 42.59 14.25
C ASP C 621 51.08 42.48 15.45
N GLY C 622 49.85 42.02 15.25
CA GLY C 622 48.88 41.83 16.32
C GLY C 622 48.74 40.39 16.76
N ALA C 623 47.63 40.10 17.43
CA ALA C 623 47.32 38.73 17.86
C ALA C 623 45.81 38.55 17.91
N VAL C 624 45.39 37.28 17.94
CA VAL C 624 43.97 36.93 17.98
C VAL C 624 43.79 35.73 18.89
N LEU C 625 42.84 35.84 19.82
CA LEU C 625 42.47 34.78 20.75
C LEU C 625 41.17 34.15 20.24
N GLY C 626 41.30 33.11 19.42
CA GLY C 626 40.17 32.36 18.90
C GLY C 626 40.24 30.87 19.17
N ILE C 627 39.52 30.06 18.38
CA ILE C 627 39.42 28.60 18.53
C ILE C 627 39.59 27.96 17.15
N ASP C 628 40.54 27.02 17.04
CA ASP C 628 40.75 26.40 15.74
C ASP C 628 40.83 24.88 15.81
N THR C 629 40.24 24.27 16.84
CA THR C 629 39.93 22.83 16.90
C THR C 629 38.42 22.66 17.16
N PHE C 630 37.98 21.39 17.26
CA PHE C 630 36.59 21.08 17.60
C PHE C 630 36.37 21.16 19.12
N GLY C 631 35.08 21.18 19.54
CA GLY C 631 34.66 21.40 20.91
C GLY C 631 34.78 20.18 21.82
N ALA C 632 33.97 20.15 22.89
CA ALA C 632 34.09 19.09 23.90
C ALA C 632 32.86 18.99 24.81
N SER C 633 32.61 17.77 25.30
CA SER C 633 31.44 17.46 26.13
C SER C 633 31.78 17.58 27.62
N ALA C 634 31.23 18.63 28.27
CA ALA C 634 31.43 18.96 29.69
C ALA C 634 30.66 20.23 30.05
N PRO C 635 30.38 20.50 31.33
CA PRO C 635 29.71 21.77 31.67
C PRO C 635 30.51 22.98 31.23
N ALA C 636 29.77 24.02 30.85
CA ALA C 636 30.37 25.17 30.17
C ALA C 636 31.44 25.90 30.97
N PRO C 637 31.31 26.13 32.28
CA PRO C 637 32.42 26.78 33.01
C PRO C 637 33.75 26.03 32.89
N LYS C 638 33.73 24.69 32.76
CA LYS C 638 34.98 23.95 32.61
C LYS C 638 35.56 24.09 31.20
N VAL C 639 34.72 24.02 30.16
CA VAL C 639 35.25 24.08 28.79
C VAL C 639 35.83 25.47 28.48
N LEU C 640 35.18 26.52 28.97
CA LEU C 640 35.67 27.86 28.66
C LEU C 640 37.05 28.12 29.28
N ALA C 641 37.28 27.65 30.51
CA ALA C 641 38.60 27.84 31.11
C ALA C 641 39.68 27.06 30.36
N GLU C 642 39.39 25.82 29.95
CA GLU C 642 40.41 25.01 29.30
C GLU C 642 40.78 25.55 27.92
N TYR C 643 39.87 26.26 27.26
CA TYR C 643 40.14 26.85 25.95
C TYR C 643 40.68 28.28 26.04
N GLY C 644 40.90 28.81 27.25
CA GLY C 644 41.59 30.07 27.44
C GLY C 644 40.75 31.33 27.51
N PHE C 645 39.43 31.23 27.66
CA PHE C 645 38.56 32.41 27.66
C PHE C 645 38.27 32.83 29.11
N THR C 646 39.29 33.42 29.73
CA THR C 646 39.20 33.99 31.08
C THR C 646 39.89 35.36 31.06
N VAL C 647 39.59 36.15 32.09
CA VAL C 647 40.20 37.49 32.22
C VAL C 647 41.72 37.39 32.32
N GLU C 648 42.19 36.47 33.18
CA GLU C 648 43.62 36.31 33.40
C GLU C 648 44.37 35.95 32.12
N ASN C 649 43.83 35.02 31.33
CA ASN C 649 44.54 34.62 30.13
C ASN C 649 44.56 35.74 29.10
N LEU C 650 43.46 36.48 28.98
CA LEU C 650 43.45 37.60 28.04
C LEU C 650 44.42 38.69 28.46
N VAL C 651 44.48 39.00 29.77
CA VAL C 651 45.46 39.97 30.27
C VAL C 651 46.88 39.52 29.91
N LYS C 652 47.16 38.22 30.08
CA LYS C 652 48.47 37.66 29.73
C LYS C 652 48.79 37.83 28.25
N VAL C 653 47.79 37.63 27.38
CA VAL C 653 48.02 37.73 25.94
C VAL C 653 48.36 39.17 25.54
N VAL C 654 47.70 40.15 26.18
CA VAL C 654 47.97 41.56 25.89
C VAL C 654 49.38 41.93 26.34
N ARG C 655 49.75 41.54 27.56
CA ARG C 655 51.06 41.92 28.09
C ARG C 655 52.20 41.27 27.30
N ASN C 656 52.01 40.08 26.75
CA ASN C 656 53.06 39.44 25.97
C ASN C 656 53.17 39.97 24.54
N LEU C 657 52.30 40.89 24.14
CA LEU C 657 52.36 41.45 22.79
C LEU C 657 53.29 42.66 22.78
N LYS C 658 54.23 42.67 21.85
CA LYS C 658 55.16 43.80 21.73
C LYS C 658 55.95 43.73 20.45
N MET D 1 13.63 -13.31 34.00
CA MET D 1 14.92 -12.85 33.51
C MET D 1 14.77 -11.62 32.61
N SER D 2 13.91 -11.72 31.59
CA SER D 2 13.87 -10.67 30.57
C SER D 2 13.31 -9.36 31.10
N ASN D 3 12.22 -9.40 31.88
CA ASN D 3 11.69 -8.18 32.46
C ASN D 3 12.69 -7.52 33.40
N LEU D 4 13.37 -8.32 34.24
CA LEU D 4 14.44 -7.77 35.08
C LEU D 4 15.53 -7.12 34.22
N SER D 5 15.96 -7.78 33.14
CA SER D 5 16.98 -7.20 32.27
C SER D 5 16.51 -5.91 31.59
N VAL D 6 15.26 -5.87 31.12
CA VAL D 6 14.77 -4.70 30.40
C VAL D 6 14.68 -3.48 31.32
N ASN D 7 14.19 -3.67 32.55
CA ASN D 7 14.12 -2.57 33.50
C ASN D 7 15.50 -2.16 34.00
N ALA D 8 16.48 -3.07 33.98
CA ALA D 8 17.85 -2.70 34.30
C ALA D 8 18.39 -1.65 33.34
N ILE D 9 18.13 -1.81 32.02
CA ILE D 9 18.53 -0.80 31.04
C ILE D 9 17.82 0.54 31.28
N ARG D 10 16.50 0.50 31.54
CA ARG D 10 15.74 1.72 31.73
C ARG D 10 16.29 2.57 32.88
N PHE D 11 16.51 1.93 34.04
CA PHE D 11 16.82 2.68 35.25
C PHE D 11 18.29 3.11 35.32
N LEU D 12 19.21 2.34 34.72
CA LEU D 12 20.57 2.88 34.54
C LEU D 12 20.55 4.17 33.72
N GLY D 13 19.73 4.20 32.67
CA GLY D 13 19.57 5.44 31.91
C GLY D 13 19.03 6.57 32.77
N ILE D 14 17.94 6.32 33.51
CA ILE D 14 17.28 7.37 34.28
C ILE D 14 18.21 7.93 35.36
N ASP D 15 18.84 7.05 36.14
CA ASP D 15 19.67 7.49 37.27
C ASP D 15 20.94 8.20 36.80
N ALA D 16 21.56 7.75 35.70
CA ALA D 16 22.72 8.48 35.17
C ALA D 16 22.34 9.88 34.66
N ILE D 17 21.15 10.04 34.08
CA ILE D 17 20.74 11.35 33.59
C ILE D 17 20.43 12.30 34.76
N ASN D 18 19.77 11.79 35.81
CA ASN D 18 19.55 12.62 37.01
C ASN D 18 20.86 13.08 37.64
N LYS D 19 21.87 12.18 37.71
CA LYS D 19 23.13 12.54 38.36
C LYS D 19 23.90 13.61 37.56
N ALA D 20 23.85 13.55 36.23
CA ALA D 20 24.45 14.62 35.43
C ALA D 20 23.60 15.88 35.40
N ASN D 21 22.30 15.81 35.73
CA ASN D 21 21.36 16.91 35.54
C ASN D 21 21.30 17.37 34.07
N SER D 22 21.48 16.45 33.12
CA SER D 22 21.55 16.77 31.71
C SER D 22 21.30 15.49 30.89
N GLY D 23 20.41 15.54 29.87
CA GLY D 23 20.28 14.40 28.99
C GLY D 23 18.83 14.07 28.62
N HIS D 24 18.63 12.91 27.97
CA HIS D 24 17.38 12.57 27.30
C HIS D 24 16.80 11.22 27.73
N PRO D 25 15.88 11.18 28.71
CA PRO D 25 15.39 9.87 29.20
C PRO D 25 14.26 9.23 28.39
N GLY D 26 13.51 10.00 27.61
CA GLY D 26 12.29 9.46 27.00
C GLY D 26 12.56 8.30 26.05
N VAL D 27 13.55 8.47 25.16
CA VAL D 27 13.82 7.43 24.17
C VAL D 27 14.41 6.18 24.84
N VAL D 28 15.17 6.33 25.93
CA VAL D 28 15.70 5.16 26.65
C VAL D 28 14.55 4.29 27.17
N MET D 29 13.47 4.91 27.67
CA MET D 29 12.41 4.15 28.33
C MET D 29 11.52 3.41 27.34
N GLY D 30 11.20 4.03 26.19
CA GLY D 30 10.41 3.34 25.18
C GLY D 30 11.18 2.35 24.33
N ALA D 31 12.47 2.59 24.07
CA ALA D 31 13.21 1.75 23.14
C ALA D 31 14.04 0.62 23.79
N ALA D 32 14.03 0.48 25.12
CA ALA D 32 14.80 -0.61 25.74
C ALA D 32 14.41 -2.01 25.26
N PRO D 33 13.12 -2.37 25.10
CA PRO D 33 12.81 -3.76 24.67
C PRO D 33 13.40 -4.13 23.32
N MET D 34 13.30 -3.24 22.32
CA MET D 34 13.75 -3.61 20.98
C MET D 34 15.27 -3.70 20.92
N ALA D 35 15.98 -2.83 21.66
CA ALA D 35 17.43 -2.91 21.73
C ALA D 35 17.90 -4.17 22.47
N TYR D 36 17.21 -4.54 23.56
CA TYR D 36 17.54 -5.79 24.25
C TYR D 36 17.44 -6.99 23.31
N SER D 37 16.37 -7.06 22.51
CA SER D 37 16.19 -8.20 21.60
C SER D 37 17.33 -8.28 20.59
N LEU D 38 17.68 -7.15 20.00
CA LEU D 38 18.76 -7.09 19.00
C LEU D 38 20.09 -7.61 19.57
N PHE D 39 20.48 -7.13 20.75
CA PHE D 39 21.81 -7.48 21.27
C PHE D 39 21.90 -8.97 21.65
N THR D 40 20.87 -9.52 22.31
CA THR D 40 20.90 -10.89 22.80
C THR D 40 20.49 -11.94 21.76
N LYS D 41 19.91 -11.53 20.62
CA LYS D 41 19.48 -12.50 19.62
C LYS D 41 20.14 -12.38 18.25
N GLN D 42 20.56 -11.19 17.81
CA GLN D 42 21.11 -11.01 16.47
C GLN D 42 22.61 -10.71 16.46
N LEU D 43 23.05 -9.68 17.18
CA LEU D 43 24.41 -9.15 17.03
C LEU D 43 25.48 -10.18 17.41
N HIS D 44 26.48 -10.37 16.53
CA HIS D 44 27.72 -11.06 16.88
C HIS D 44 28.82 -10.03 17.10
N ILE D 45 29.18 -9.78 18.37
CA ILE D 45 30.25 -8.87 18.75
C ILE D 45 31.06 -9.50 19.89
N ASN D 46 32.34 -9.14 19.99
CA ASN D 46 33.24 -9.76 20.98
C ASN D 46 33.93 -8.69 21.81
N PRO D 47 33.58 -8.55 23.09
CA PRO D 47 34.21 -7.49 23.92
C PRO D 47 35.74 -7.62 24.07
N ALA D 48 36.31 -8.81 23.84
CA ALA D 48 37.77 -8.93 23.84
C ALA D 48 38.42 -8.54 22.51
N GLN D 49 37.63 -8.40 21.43
CA GLN D 49 38.15 -7.97 20.12
C GLN D 49 37.18 -6.98 19.50
N PRO D 50 37.12 -5.76 20.06
CA PRO D 50 36.06 -4.82 19.64
C PRO D 50 36.13 -4.35 18.18
N ASN D 51 37.30 -4.40 17.52
CA ASN D 51 37.45 -3.93 16.14
C ASN D 51 37.49 -5.09 15.13
N TRP D 52 36.98 -6.27 15.49
CA TRP D 52 36.90 -7.41 14.57
C TRP D 52 36.19 -7.02 13.26
N ILE D 53 36.85 -7.29 12.13
CA ILE D 53 36.37 -6.78 10.86
C ILE D 53 35.14 -7.52 10.32
N ASN D 54 34.83 -8.73 10.80
CA ASN D 54 33.61 -9.42 10.38
C ASN D 54 32.50 -9.43 11.44
N ARG D 55 32.55 -8.52 12.41
CA ARG D 55 31.45 -8.36 13.35
C ARG D 55 30.24 -7.72 12.68
N ASP D 56 29.05 -8.01 13.21
CA ASP D 56 27.86 -7.25 12.82
C ASP D 56 28.02 -5.81 13.28
N ARG D 57 27.70 -4.85 12.40
CA ARG D 57 27.83 -3.43 12.70
C ARG D 57 26.49 -2.87 13.20
N PHE D 58 26.57 -1.80 13.99
CA PHE D 58 25.37 -1.19 14.59
C PHE D 58 25.54 0.32 14.71
N ILE D 59 24.53 1.07 14.28
CA ILE D 59 24.55 2.55 14.22
C ILE D 59 23.31 3.09 14.92
N LEU D 60 23.52 3.96 15.92
CA LEU D 60 22.41 4.62 16.64
C LEU D 60 22.16 5.98 16.00
N SER D 61 21.25 6.02 15.01
CA SER D 61 20.97 7.27 14.30
C SER D 61 20.31 8.32 15.21
N ALA D 62 19.48 7.89 16.15
CA ALA D 62 18.87 8.77 17.15
C ALA D 62 19.85 8.96 18.31
N GLY D 63 20.86 9.82 18.07
CA GLY D 63 22.02 9.95 18.95
C GLY D 63 21.74 10.49 20.33
N HIS D 64 20.65 11.25 20.52
CA HIS D 64 20.35 11.79 21.85
C HIS D 64 20.11 10.67 22.86
N GLY D 65 19.75 9.47 22.41
CA GLY D 65 19.65 8.30 23.29
C GLY D 65 20.95 7.59 23.66
N SER D 66 22.07 8.33 23.76
CA SER D 66 23.38 7.75 24.05
C SER D 66 23.39 6.83 25.28
N MET D 67 22.68 7.19 26.37
CA MET D 67 22.69 6.31 27.54
C MET D 67 22.07 4.93 27.28
N LEU D 68 21.21 4.78 26.26
CA LEU D 68 20.71 3.45 25.91
C LEU D 68 21.85 2.56 25.40
N LEU D 69 22.74 3.11 24.56
CA LEU D 69 23.90 2.36 24.08
C LEU D 69 24.95 2.14 25.17
N TYR D 70 25.24 3.17 25.97
CA TYR D 70 26.23 3.03 27.03
C TYR D 70 25.83 1.92 28.03
N ALA D 71 24.54 1.84 28.35
CA ALA D 71 24.07 0.81 29.29
C ALA D 71 24.28 -0.61 28.73
N LEU D 72 23.92 -0.81 27.45
CA LEU D 72 24.07 -2.14 26.84
C LEU D 72 25.54 -2.56 26.76
N LEU D 73 26.45 -1.62 26.45
CA LEU D 73 27.85 -2.00 26.39
C LEU D 73 28.42 -2.29 27.77
N HIS D 74 27.91 -1.64 28.83
CA HIS D 74 28.39 -1.95 30.18
C HIS D 74 27.91 -3.32 30.65
N LEU D 75 26.64 -3.65 30.42
CA LEU D 75 26.12 -4.95 30.85
C LEU D 75 26.74 -6.10 30.06
N SER D 76 27.21 -5.84 28.83
CA SER D 76 27.86 -6.84 28.00
C SER D 76 29.34 -7.07 28.32
N GLY D 77 29.97 -6.22 29.14
CA GLY D 77 31.35 -6.41 29.54
C GLY D 77 32.41 -5.73 28.69
N PHE D 78 32.08 -4.64 27.99
CA PHE D 78 33.08 -3.85 27.26
C PHE D 78 33.87 -2.99 28.24
N GLU D 79 35.20 -3.03 28.13
CA GLU D 79 36.07 -2.56 29.21
C GLU D 79 36.12 -1.04 29.36
N ASP D 80 35.84 -0.29 28.29
CA ASP D 80 35.91 1.16 28.39
C ASP D 80 34.71 1.77 29.13
N VAL D 81 33.64 1.01 29.34
CA VAL D 81 32.42 1.51 29.99
C VAL D 81 32.19 0.85 31.34
N SER D 82 33.02 1.20 32.34
CA SER D 82 32.89 0.78 33.73
C SER D 82 31.73 1.50 34.41
N MET D 83 31.34 1.02 35.60
CA MET D 83 30.29 1.74 36.33
C MET D 83 30.76 3.14 36.71
N ASP D 84 32.07 3.32 37.00
CA ASP D 84 32.61 4.66 37.25
C ASP D 84 32.44 5.58 36.05
N GLU D 85 32.56 5.05 34.83
CA GLU D 85 32.30 5.87 33.64
C GLU D 85 30.81 6.18 33.49
N ILE D 86 29.93 5.22 33.80
CA ILE D 86 28.49 5.48 33.83
C ILE D 86 28.17 6.60 34.82
N LYS D 87 28.89 6.65 35.95
CA LYS D 87 28.72 7.73 36.91
C LYS D 87 29.40 9.03 36.48
N SER D 88 29.94 9.11 35.25
CA SER D 88 30.60 10.29 34.71
C SER D 88 30.00 10.74 33.38
N PHE D 89 28.75 10.38 33.10
CA PHE D 89 28.05 10.81 31.89
C PHE D 89 28.10 12.33 31.73
N ARG D 90 28.50 12.76 30.53
CA ARG D 90 28.59 14.18 30.13
C ARG D 90 29.64 14.97 30.94
N GLN D 91 30.61 14.33 31.59
CA GLN D 91 31.65 15.04 32.32
C GLN D 91 33.01 15.03 31.59
N TRP D 92 33.87 16.00 31.93
CA TRP D 92 35.12 16.27 31.21
C TRP D 92 36.05 15.07 31.20
N GLY D 93 36.39 14.59 30.01
CA GLY D 93 37.34 13.52 29.85
C GLY D 93 36.79 12.12 30.04
N SER D 94 35.49 11.96 30.29
CA SER D 94 34.91 10.64 30.44
C SER D 94 34.82 9.91 29.10
N LYS D 95 34.62 8.58 29.18
CA LYS D 95 34.34 7.74 28.03
C LYS D 95 32.87 7.70 27.67
N THR D 96 32.04 8.55 28.29
CA THR D 96 30.59 8.59 28.05
C THR D 96 30.15 10.02 27.70
N PRO D 97 30.56 10.54 26.54
CA PRO D 97 30.12 11.89 26.13
C PRO D 97 28.65 11.92 25.74
N GLY D 98 28.13 13.16 25.61
CA GLY D 98 26.70 13.37 25.40
C GLY D 98 26.14 12.72 24.15
N HIS D 99 26.94 12.64 23.09
CA HIS D 99 26.55 11.92 21.88
C HIS D 99 27.66 10.95 21.50
N PRO D 100 27.33 9.84 20.85
CA PRO D 100 28.34 8.79 20.62
C PRO D 100 29.49 9.28 19.72
N GLU D 101 30.72 8.94 20.11
CA GLU D 101 31.91 9.39 19.39
C GLU D 101 32.76 8.19 18.95
N PHE D 102 32.87 7.98 17.65
CA PHE D 102 33.79 6.99 17.10
C PHE D 102 35.24 7.35 17.42
N GLY D 103 36.04 6.33 17.78
CA GLY D 103 37.45 6.52 18.05
C GLY D 103 37.77 6.87 19.49
N HIS D 104 36.85 7.54 20.19
CA HIS D 104 37.05 7.86 21.60
C HIS D 104 36.66 6.69 22.50
N THR D 105 35.53 6.01 22.22
CA THR D 105 35.04 4.89 23.02
C THR D 105 35.15 3.58 22.22
N ALA D 106 35.80 2.57 22.79
CA ALA D 106 35.96 1.29 22.11
C ALA D 106 34.63 0.50 22.11
N GLY D 107 34.15 0.18 20.91
CA GLY D 107 32.85 -0.47 20.72
C GLY D 107 31.80 0.38 20.03
N ILE D 108 32.01 1.70 19.91
CA ILE D 108 31.16 2.59 19.10
C ILE D 108 31.61 2.52 17.65
N ASP D 109 30.67 2.22 16.74
CA ASP D 109 30.96 2.10 15.32
C ASP D 109 30.89 3.42 14.52
N ALA D 110 30.19 4.45 15.02
CA ALA D 110 30.01 5.66 14.22
C ALA D 110 29.57 6.82 15.09
N THR D 111 30.06 8.03 14.77
CA THR D 111 29.67 9.25 15.47
C THR D 111 28.28 9.70 14.97
N THR D 112 27.34 9.94 15.90
CA THR D 112 25.99 10.38 15.49
C THR D 112 25.55 11.58 16.33
N GLY D 113 24.34 12.08 16.03
CA GLY D 113 23.81 13.27 16.66
C GLY D 113 23.13 14.26 15.72
N PRO D 114 23.77 14.60 14.61
CA PRO D 114 23.07 15.38 13.55
C PRO D 114 22.06 14.49 12.84
N LEU D 115 20.78 14.85 12.91
CA LEU D 115 19.74 13.91 12.48
C LEU D 115 19.79 13.63 10.98
N GLY D 116 19.38 12.41 10.60
CA GLY D 116 19.38 11.98 9.24
C GLY D 116 20.64 11.25 8.78
N GLN D 117 21.80 11.58 9.37
CA GLN D 117 23.07 11.12 8.80
C GLN D 117 23.42 9.68 9.21
N GLY D 118 22.94 9.20 10.37
CA GLY D 118 23.30 7.85 10.80
C GLY D 118 22.63 6.77 9.96
N ILE D 119 21.30 6.84 9.80
CA ILE D 119 20.63 5.89 8.91
C ILE D 119 21.18 5.97 7.49
N SER D 120 21.61 7.16 7.05
CA SER D 120 22.12 7.29 5.68
C SER D 120 23.51 6.67 5.53
N THR D 121 24.41 6.92 6.48
CA THR D 121 25.78 6.41 6.41
C THR D 121 25.83 4.89 6.53
N ALA D 122 24.82 4.27 7.19
CA ALA D 122 24.74 2.81 7.26
C ALA D 122 24.69 2.16 5.87
N THR D 123 24.15 2.88 4.85
CA THR D 123 24.13 2.39 3.47
C THR D 123 25.54 2.06 2.96
N GLY D 124 26.52 2.88 3.29
CA GLY D 124 27.90 2.61 2.90
C GLY D 124 28.56 1.45 3.61
N PHE D 125 28.27 1.26 4.92
CA PHE D 125 28.72 0.04 5.61
C PHE D 125 28.33 -1.21 4.82
N ALA D 126 27.06 -1.31 4.40
CA ALA D 126 26.58 -2.49 3.69
C ALA D 126 27.22 -2.65 2.30
N GLN D 127 27.42 -1.55 1.58
CA GLN D 127 28.02 -1.62 0.25
C GLN D 127 29.49 -2.05 0.33
N ALA D 128 30.22 -1.55 1.33
CA ALA D 128 31.61 -1.97 1.52
C ALA D 128 31.70 -3.49 1.79
N GLU D 129 30.75 -4.04 2.55
CA GLU D 129 30.74 -5.49 2.80
C GLU D 129 30.40 -6.28 1.53
N ARG D 130 29.62 -5.70 0.61
CA ARG D 130 29.29 -6.40 -0.63
C ARG D 130 30.50 -6.49 -1.56
N PHE D 131 31.24 -5.40 -1.69
CA PHE D 131 32.37 -5.34 -2.62
C PHE D 131 33.50 -6.25 -2.15
N LEU D 132 33.84 -6.19 -0.85
CA LEU D 132 34.88 -7.05 -0.31
C LEU D 132 34.49 -8.54 -0.40
N ALA D 133 33.20 -8.86 -0.25
CA ALA D 133 32.78 -10.26 -0.34
C ALA D 133 32.86 -10.78 -1.77
N ALA D 134 32.44 -9.96 -2.74
CA ALA D 134 32.55 -10.34 -4.15
C ALA D 134 33.99 -10.52 -4.60
N LYS D 135 34.92 -9.75 -4.04
CA LYS D 135 36.30 -9.80 -4.52
C LYS D 135 37.07 -10.99 -3.92
N TYR D 136 36.92 -11.28 -2.63
CA TYR D 136 37.82 -12.21 -1.95
C TYR D 136 37.21 -13.55 -1.54
N ASN D 137 35.88 -13.62 -1.38
CA ASN D 137 35.27 -14.90 -0.98
C ASN D 137 35.43 -15.94 -2.10
N ARG D 138 35.59 -17.19 -1.70
CA ARG D 138 35.62 -18.33 -2.61
C ARG D 138 34.72 -19.43 -2.06
N GLU D 139 34.41 -20.42 -2.91
CA GLU D 139 33.50 -21.50 -2.53
C GLU D 139 33.98 -22.20 -1.27
N GLY D 140 33.12 -22.25 -0.26
CA GLY D 140 33.47 -22.84 1.02
C GLY D 140 34.10 -21.88 2.03
N TYR D 141 34.45 -20.66 1.62
CA TYR D 141 35.18 -19.70 2.45
C TYR D 141 34.46 -18.35 2.39
N ASN D 142 33.49 -18.16 3.29
CA ASN D 142 32.74 -16.90 3.42
C ASN D 142 33.46 -16.01 4.43
N ILE D 143 34.55 -15.39 3.98
CA ILE D 143 35.40 -14.59 4.87
C ILE D 143 34.72 -13.29 5.27
N PHE D 144 34.09 -12.60 4.31
CA PHE D 144 33.33 -11.39 4.58
C PHE D 144 31.84 -11.74 4.46
N ASP D 145 31.12 -11.71 5.59
CA ASP D 145 29.71 -12.11 5.66
C ASP D 145 29.09 -11.72 7.01
N HIS D 146 28.43 -10.55 7.05
CA HIS D 146 27.78 -9.97 8.24
C HIS D 146 26.73 -8.94 7.81
N TYR D 147 25.85 -8.59 8.76
CA TYR D 147 24.74 -7.67 8.56
C TYR D 147 25.02 -6.27 9.16
N THR D 148 24.15 -5.30 8.82
CA THR D 148 24.25 -3.90 9.24
C THR D 148 22.89 -3.45 9.79
N TYR D 149 22.86 -2.97 11.06
CA TYR D 149 21.62 -2.65 11.78
C TYR D 149 21.61 -1.19 12.25
N VAL D 150 20.40 -0.59 12.35
CA VAL D 150 20.26 0.76 12.90
C VAL D 150 18.94 0.90 13.67
N ILE D 151 18.92 1.85 14.63
CA ILE D 151 17.71 2.35 15.30
C ILE D 151 17.56 3.85 15.01
N CYS D 152 16.35 4.28 14.62
CA CYS D 152 16.11 5.69 14.28
C CYS D 152 14.78 6.16 14.91
N GLY D 153 14.52 7.47 14.79
CA GLY D 153 13.27 8.06 15.29
C GLY D 153 12.52 8.90 14.26
N ASP D 154 11.50 9.67 14.70
CA ASP D 154 10.74 10.50 13.77
C ASP D 154 11.60 11.61 13.13
N GLY D 155 12.55 12.18 13.89
CA GLY D 155 13.38 13.24 13.31
C GLY D 155 14.21 12.78 12.13
N ASP D 156 14.78 11.56 12.22
CA ASP D 156 15.61 11.01 11.14
C ASP D 156 14.85 10.91 9.82
N LEU D 157 13.55 10.61 9.87
CA LEU D 157 12.74 10.36 8.68
C LEU D 157 12.07 11.63 8.14
N MET D 158 12.11 12.74 8.88
CA MET D 158 11.74 14.04 8.32
C MET D 158 12.88 14.65 7.48
N GLU D 159 14.15 14.32 7.77
CA GLU D 159 15.28 14.93 7.08
C GLU D 159 15.43 14.39 5.66
N GLY D 160 15.74 15.29 4.72
CA GLY D 160 15.73 14.95 3.30
C GLY D 160 16.82 13.98 2.88
N VAL D 161 17.97 14.04 3.55
CA VAL D 161 19.09 13.17 3.18
C VAL D 161 18.74 11.69 3.38
N SER D 162 17.86 11.36 4.34
CA SER D 162 17.44 9.96 4.49
C SER D 162 16.53 9.51 3.35
N SER D 163 15.74 10.42 2.73
CA SER D 163 14.98 10.06 1.51
C SER D 163 15.90 9.75 0.32
N GLU D 164 16.95 10.57 0.11
CA GLU D 164 17.91 10.29 -0.95
C GLU D 164 18.55 8.92 -0.77
N ALA D 165 18.94 8.58 0.47
CA ALA D 165 19.67 7.34 0.70
C ALA D 165 18.80 6.12 0.46
N ALA D 166 17.52 6.18 0.84
CA ALA D 166 16.65 5.02 0.68
C ALA D 166 16.33 4.76 -0.79
N SER D 167 16.11 5.82 -1.56
CA SER D 167 15.90 5.67 -3.00
C SER D 167 17.11 4.98 -3.66
N TYR D 168 18.33 5.43 -3.32
CA TYR D 168 19.55 4.83 -3.84
C TYR D 168 19.68 3.36 -3.43
N ALA D 169 19.43 3.06 -2.15
CA ALA D 169 19.62 1.71 -1.66
C ALA D 169 18.57 0.75 -2.21
N GLY D 170 17.39 1.27 -2.61
CA GLY D 170 16.39 0.40 -3.22
C GLY D 170 16.79 -0.06 -4.62
N LEU D 171 17.36 0.86 -5.41
CA LEU D 171 17.94 0.50 -6.70
C LEU D 171 19.07 -0.51 -6.53
N GLN D 172 19.94 -0.30 -5.54
CA GLN D 172 21.12 -1.13 -5.37
C GLN D 172 20.82 -2.47 -4.69
N LYS D 173 19.61 -2.67 -4.16
CA LYS D 173 19.14 -3.94 -3.57
C LYS D 173 20.08 -4.48 -2.48
N LEU D 174 20.40 -3.63 -1.51
CA LEU D 174 21.30 -3.99 -0.40
C LEU D 174 20.51 -4.68 0.71
N ASP D 175 20.29 -5.98 0.53
CA ASP D 175 19.40 -6.78 1.37
C ASP D 175 19.96 -7.14 2.75
N LYS D 176 21.18 -6.71 3.10
CA LYS D 176 21.69 -6.99 4.45
C LYS D 176 21.67 -5.76 5.35
N LEU D 177 20.91 -4.72 4.98
CA LEU D 177 20.67 -3.54 5.79
C LEU D 177 19.33 -3.65 6.51
N VAL D 178 19.32 -3.49 7.85
CA VAL D 178 18.10 -3.65 8.66
C VAL D 178 17.91 -2.45 9.60
N VAL D 179 16.76 -1.78 9.49
CA VAL D 179 16.46 -0.56 10.23
C VAL D 179 15.26 -0.81 11.14
N LEU D 180 15.39 -0.44 12.42
CA LEU D 180 14.27 -0.41 13.37
C LEU D 180 13.84 1.03 13.67
N TYR D 181 12.55 1.34 13.40
CA TYR D 181 11.98 2.68 13.53
C TYR D 181 11.15 2.80 14.81
N ASP D 182 11.66 3.54 15.79
CA ASP D 182 10.98 3.81 17.06
C ASP D 182 9.92 4.89 16.83
N SER D 183 8.66 4.47 16.69
CA SER D 183 7.57 5.33 16.21
C SER D 183 6.66 5.69 17.38
N ASN D 184 6.98 6.77 18.10
CA ASN D 184 6.30 7.12 19.36
C ASN D 184 5.36 8.32 19.27
N ASP D 185 5.10 8.85 18.08
CA ASP D 185 4.10 9.91 17.86
C ASP D 185 4.44 11.24 18.55
N ILE D 186 5.71 11.52 18.82
CA ILE D 186 6.13 12.71 19.59
C ILE D 186 7.48 13.22 19.05
N ASN D 187 7.65 14.54 19.02
CA ASN D 187 8.94 15.17 18.74
C ASN D 187 9.11 16.35 19.72
N LEU D 188 10.09 17.22 19.45
CA LEU D 188 10.54 18.13 20.49
C LEU D 188 9.44 19.14 20.88
N ASP D 189 8.82 19.79 19.90
CA ASP D 189 7.82 20.82 20.20
C ASP D 189 6.39 20.28 20.44
N GLY D 190 6.17 18.97 20.38
CA GLY D 190 4.84 18.40 20.67
C GLY D 190 4.56 17.13 19.85
N GLU D 191 3.29 16.97 19.45
CA GLU D 191 2.80 15.75 18.81
C GLU D 191 2.97 15.75 17.29
N THR D 192 3.14 14.54 16.73
CA THR D 192 3.34 14.39 15.28
C THR D 192 2.11 14.78 14.45
N LYS D 193 0.93 14.90 15.07
CA LYS D 193 -0.24 15.37 14.34
C LYS D 193 -0.07 16.79 13.81
N ASP D 194 0.87 17.56 14.38
CA ASP D 194 1.14 18.91 13.88
C ASP D 194 2.47 19.03 13.13
N SER D 195 3.13 17.91 12.78
CA SER D 195 4.43 17.97 12.10
C SER D 195 4.66 16.88 11.05
N PHE D 196 4.10 15.67 11.19
CA PHE D 196 4.52 14.48 10.42
C PHE D 196 3.30 13.56 10.30
N THR D 197 2.48 13.78 9.24
CA THR D 197 1.26 12.98 9.02
C THR D 197 1.34 12.01 7.85
N GLU D 198 2.47 11.95 7.13
CA GLU D 198 2.58 11.06 5.97
C GLU D 198 2.50 9.61 6.39
N SER D 199 2.27 8.74 5.41
CA SER D 199 2.30 7.28 5.62
C SER D 199 3.69 6.74 5.27
N VAL D 200 4.52 6.54 6.31
CA VAL D 200 5.92 6.20 6.13
C VAL D 200 6.09 4.84 5.41
N ARG D 201 5.35 3.81 5.83
CA ARG D 201 5.57 2.49 5.23
C ARG D 201 5.16 2.44 3.75
N ASP D 202 4.11 3.16 3.36
CA ASP D 202 3.76 3.20 1.93
C ASP D 202 4.85 3.87 1.09
N ARG D 203 5.52 4.89 1.63
CA ARG D 203 6.61 5.54 0.90
C ARG D 203 7.79 4.58 0.71
N TYR D 204 8.20 3.88 1.77
CA TYR D 204 9.29 2.92 1.65
C TYR D 204 8.93 1.75 0.72
N ASN D 205 7.65 1.33 0.70
CA ASN D 205 7.23 0.36 -0.31
C ASN D 205 7.52 0.87 -1.73
N ALA D 206 7.35 2.17 -1.97
CA ALA D 206 7.59 2.71 -3.30
C ALA D 206 9.09 2.74 -3.68
N TYR D 207 10.01 2.75 -2.70
CA TYR D 207 11.43 2.67 -3.04
C TYR D 207 11.89 1.25 -3.35
N GLY D 208 11.03 0.24 -3.14
CA GLY D 208 11.43 -1.15 -3.25
C GLY D 208 11.96 -1.79 -1.98
N TRP D 209 11.61 -1.28 -0.80
CA TRP D 209 12.04 -1.89 0.46
C TRP D 209 10.99 -2.90 0.95
N HIS D 210 11.42 -3.77 1.87
CA HIS D 210 10.52 -4.58 2.69
C HIS D 210 10.11 -3.81 3.94
N THR D 211 8.82 -3.86 4.30
CA THR D 211 8.31 -3.10 5.45
C THR D 211 7.36 -3.96 6.27
N ALA D 212 7.23 -3.65 7.57
CA ALA D 212 6.34 -4.39 8.48
C ALA D 212 6.00 -3.55 9.72
N LEU D 213 5.00 -4.02 10.47
CA LEU D 213 4.43 -3.31 11.62
C LEU D 213 4.41 -4.18 12.88
N VAL D 214 4.85 -3.62 14.00
CA VAL D 214 4.75 -4.27 15.32
C VAL D 214 3.95 -3.36 16.25
N GLU D 215 2.71 -3.76 16.57
CA GLU D 215 1.80 -2.87 17.30
C GLU D 215 2.14 -2.77 18.79
N ASN D 216 2.66 -3.85 19.40
CA ASN D 216 2.97 -3.87 20.84
C ASN D 216 4.49 -3.80 21.04
N GLY D 217 5.01 -2.58 21.15
CA GLY D 217 6.43 -2.34 21.34
C GLY D 217 7.14 -2.93 22.55
N THR D 218 6.43 -3.57 23.48
CA THR D 218 7.08 -4.31 24.57
C THR D 218 7.02 -5.82 24.40
N ASP D 219 6.47 -6.34 23.29
CA ASP D 219 6.32 -7.79 23.07
C ASP D 219 7.59 -8.35 22.43
N LEU D 220 8.41 -9.04 23.24
CA LEU D 220 9.72 -9.50 22.75
C LEU D 220 9.60 -10.57 21.66
N GLU D 221 8.54 -11.40 21.67
CA GLU D 221 8.43 -12.43 20.65
C GLU D 221 7.96 -11.86 19.31
N ALA D 222 7.07 -10.88 19.34
CA ALA D 222 6.65 -10.21 18.12
C ALA D 222 7.83 -9.47 17.48
N ILE D 223 8.69 -8.84 18.30
CA ILE D 223 9.84 -8.12 17.77
C ILE D 223 10.81 -9.06 17.05
N HIS D 224 11.16 -10.17 17.72
CA HIS D 224 12.09 -11.14 17.16
C HIS D 224 11.56 -11.77 15.87
N ALA D 225 10.26 -12.12 15.83
CA ALA D 225 9.67 -12.67 14.61
C ALA D 225 9.77 -11.70 13.44
N ALA D 226 9.57 -10.40 13.70
CA ALA D 226 9.64 -9.43 12.60
C ALA D 226 11.06 -9.27 12.04
N ILE D 227 12.09 -9.39 12.88
CA ILE D 227 13.47 -9.24 12.37
C ILE D 227 13.88 -10.47 11.56
N GLU D 228 13.54 -11.68 12.05
CA GLU D 228 13.84 -12.90 11.30
C GLU D 228 13.22 -12.87 9.91
N THR D 229 11.99 -12.37 9.80
CA THR D 229 11.32 -12.26 8.50
C THR D 229 12.01 -11.23 7.60
N ALA D 230 12.39 -10.07 8.17
CA ALA D 230 13.07 -9.06 7.37
C ALA D 230 14.40 -9.57 6.80
N LYS D 231 15.17 -10.32 7.62
CA LYS D 231 16.50 -10.79 7.18
C LYS D 231 16.44 -11.78 6.03
N ALA D 232 15.30 -12.44 5.81
CA ALA D 232 15.18 -13.43 4.74
C ALA D 232 14.44 -12.91 3.51
N SER D 233 13.97 -11.67 3.52
CA SER D 233 13.10 -11.14 2.47
C SER D 233 13.81 -10.81 1.15
N GLY D 234 15.14 -10.64 1.14
CA GLY D 234 15.83 -10.26 -0.09
C GLY D 234 15.85 -8.78 -0.42
N LYS D 235 15.51 -7.91 0.54
CA LYS D 235 15.43 -6.45 0.36
C LYS D 235 15.90 -5.73 1.62
N PRO D 236 16.47 -4.52 1.47
CA PRO D 236 16.61 -3.62 2.63
C PRO D 236 15.26 -3.43 3.33
N SER D 237 15.27 -3.39 4.66
N SER D 237 15.28 -3.38 4.66
CA SER D 237 14.06 -3.51 5.46
CA SER D 237 14.05 -3.50 5.43
C SER D 237 13.87 -2.33 6.41
C SER D 237 13.87 -2.34 6.42
N LEU D 238 12.60 -1.94 6.60
CA LEU D 238 12.21 -0.95 7.60
C LEU D 238 11.04 -1.49 8.42
N ILE D 239 11.25 -1.66 9.73
CA ILE D 239 10.25 -2.21 10.67
C ILE D 239 9.76 -1.10 11.59
N GLU D 240 8.46 -0.78 11.53
CA GLU D 240 7.86 0.26 12.36
C GLU D 240 7.36 -0.32 13.70
N VAL D 241 7.90 0.16 14.81
CA VAL D 241 7.64 -0.37 16.15
C VAL D 241 6.94 0.72 16.97
N LYS D 242 5.66 0.50 17.32
CA LYS D 242 4.88 1.49 18.10
C LYS D 242 5.25 1.40 19.59
N THR D 243 5.82 2.49 20.14
CA THR D 243 6.18 2.59 21.56
C THR D 243 5.55 3.84 22.18
N VAL D 244 5.63 3.89 23.52
CA VAL D 244 5.21 5.05 24.32
C VAL D 244 6.46 5.72 24.90
N ILE D 245 6.72 6.97 24.47
CA ILE D 245 7.86 7.71 25.02
C ILE D 245 7.68 7.90 26.54
N GLY D 246 8.76 7.68 27.29
CA GLY D 246 8.68 7.72 28.74
C GLY D 246 7.85 6.63 29.40
N TYR D 247 7.78 5.44 28.80
CA TYR D 247 6.99 4.33 29.35
C TYR D 247 7.34 4.10 30.82
N GLY D 248 6.33 4.15 31.69
CA GLY D 248 6.49 3.99 33.12
C GLY D 248 6.14 5.23 33.93
N SER D 249 6.34 6.42 33.38
CA SER D 249 5.99 7.67 34.06
C SER D 249 4.48 7.83 34.15
N PRO D 250 3.88 7.84 35.36
CA PRO D 250 2.41 7.91 35.44
C PRO D 250 1.85 9.27 35.05
N ASN D 251 2.60 10.35 35.23
CA ASN D 251 2.08 11.68 34.96
C ASN D 251 2.58 12.29 33.65
N LYS D 252 3.60 11.71 32.99
CA LYS D 252 4.16 12.36 31.80
C LYS D 252 4.44 11.47 30.59
N GLN D 253 4.18 10.15 30.65
CA GLN D 253 4.41 9.30 29.48
C GLN D 253 3.52 9.73 28.33
N GLY D 254 4.05 9.63 27.10
CA GLY D 254 3.31 10.00 25.90
C GLY D 254 3.19 11.49 25.60
N THR D 255 4.02 12.33 26.24
CA THR D 255 4.06 13.77 26.04
C THR D 255 5.51 14.19 25.79
N ASN D 256 5.71 15.44 25.33
CA ASN D 256 7.07 15.91 25.04
C ASN D 256 7.83 16.38 26.27
N ALA D 257 7.25 16.27 27.48
CA ALA D 257 7.97 16.69 28.68
C ALA D 257 9.03 15.67 29.12
N VAL D 258 9.06 14.48 28.52
CA VAL D 258 10.13 13.52 28.80
C VAL D 258 11.20 13.51 27.72
N HIS D 259 11.09 14.35 26.69
CA HIS D 259 11.99 14.24 25.55
C HIS D 259 13.44 14.61 25.91
N GLY D 260 13.63 15.72 26.64
CA GLY D 260 14.94 16.36 26.71
C GLY D 260 15.38 16.96 28.04
N ALA D 261 14.71 16.61 29.13
CA ALA D 261 15.07 17.05 30.47
C ALA D 261 15.01 15.87 31.42
N PRO D 262 15.83 15.87 32.48
CA PRO D 262 15.81 14.75 33.44
C PRO D 262 14.43 14.56 34.07
N LEU D 263 14.14 13.31 34.47
CA LEU D 263 12.89 13.02 35.16
C LEU D 263 12.77 13.82 36.47
N GLY D 264 13.83 13.84 37.27
CA GLY D 264 13.83 14.56 38.54
C GLY D 264 13.24 13.75 39.70
N ALA D 265 13.35 14.34 40.89
CA ALA D 265 13.15 13.58 42.14
C ALA D 265 11.73 13.04 42.29
N ASP D 266 10.71 13.87 42.04
CA ASP D 266 9.33 13.45 42.28
C ASP D 266 8.89 12.36 41.31
N GLU D 267 9.13 12.57 40.01
CA GLU D 267 8.61 11.62 39.02
C GLU D 267 9.43 10.33 38.96
N THR D 268 10.71 10.37 39.36
CA THR D 268 11.49 9.14 39.44
C THR D 268 10.93 8.20 40.51
N ALA D 269 10.64 8.72 41.70
CA ALA D 269 10.07 7.88 42.76
C ALA D 269 8.71 7.31 42.34
N SER D 270 7.89 8.10 41.65
CA SER D 270 6.60 7.63 41.17
C SER D 270 6.75 6.57 40.06
N THR D 271 7.81 6.67 39.23
CA THR D 271 8.08 5.68 38.19
C THR D 271 8.63 4.37 38.76
N ARG D 272 9.54 4.44 39.75
CA ARG D 272 10.01 3.24 40.44
C ARG D 272 8.83 2.43 41.02
N GLN D 273 7.86 3.11 41.61
CA GLN D 273 6.72 2.42 42.21
C GLN D 273 5.82 1.79 41.15
N ALA D 274 5.60 2.48 40.02
CA ALA D 274 4.68 1.93 39.03
C ALA D 274 5.29 0.75 38.25
N LEU D 275 6.60 0.74 38.01
CA LEU D 275 7.21 -0.44 37.40
C LEU D 275 7.72 -1.45 38.43
N GLY D 276 7.56 -1.17 39.72
CA GLY D 276 7.93 -2.14 40.74
C GLY D 276 9.41 -2.47 40.81
N TRP D 277 10.28 -1.47 40.68
CA TRP D 277 11.72 -1.61 40.71
C TRP D 277 12.22 -1.29 42.11
N ASP D 278 12.90 -2.24 42.75
CA ASP D 278 13.27 -2.17 44.16
C ASP D 278 14.78 -2.05 44.39
N TYR D 279 15.51 -1.37 43.51
CA TYR D 279 16.95 -1.28 43.65
C TYR D 279 17.39 0.18 43.64
N GLU D 280 18.35 0.50 44.50
CA GLU D 280 18.89 1.85 44.60
C GLU D 280 19.61 2.24 43.31
N PRO D 281 19.89 3.53 43.11
CA PRO D 281 20.65 3.94 41.92
C PRO D 281 21.99 3.22 41.79
N PHE D 282 22.25 2.71 40.58
CA PHE D 282 23.48 2.01 40.21
C PHE D 282 23.65 0.67 40.92
N GLU D 283 22.57 0.12 41.49
CA GLU D 283 22.56 -1.24 42.06
C GLU D 283 21.91 -2.20 41.06
N ILE D 284 22.68 -3.16 40.56
CA ILE D 284 22.25 -4.08 39.52
C ILE D 284 22.45 -5.52 39.98
N PRO D 285 21.41 -6.35 40.03
CA PRO D 285 21.57 -7.73 40.56
C PRO D 285 22.31 -8.68 39.61
N GLU D 286 23.03 -9.64 40.22
CA GLU D 286 23.96 -10.54 39.50
C GLU D 286 23.26 -11.30 38.37
N GLN D 287 21.99 -11.65 38.54
CA GLN D 287 21.27 -12.40 37.53
C GLN D 287 21.31 -11.69 36.17
N VAL D 288 21.23 -10.35 36.16
CA VAL D 288 21.22 -9.60 34.90
C VAL D 288 22.57 -9.70 34.18
N TYR D 289 23.69 -9.61 34.92
CA TYR D 289 25.01 -9.78 34.31
C TYR D 289 25.20 -11.17 33.72
N ALA D 290 24.66 -12.20 34.39
CA ALA D 290 24.73 -13.57 33.88
C ALA D 290 23.89 -13.75 32.61
N ASP D 291 22.77 -13.04 32.51
CA ASP D 291 21.96 -13.09 31.29
C ASP D 291 22.71 -12.52 30.09
N PHE D 292 23.49 -11.44 30.29
CA PHE D 292 24.22 -10.84 29.18
C PHE D 292 25.48 -11.64 28.83
N LYS D 293 26.19 -12.17 29.84
CA LYS D 293 27.43 -12.90 29.56
C LYS D 293 27.21 -14.12 28.68
N GLU D 294 26.06 -14.80 28.84
CA GLU D 294 25.77 -15.98 28.00
C GLU D 294 25.36 -15.58 26.58
N HIS D 295 24.43 -14.64 26.44
CA HIS D 295 23.77 -14.40 25.16
C HIS D 295 24.41 -13.31 24.30
N VAL D 296 25.34 -12.51 24.81
CA VAL D 296 26.10 -11.66 23.87
C VAL D 296 27.60 -11.95 23.90
N ALA D 297 28.25 -11.88 25.07
CA ALA D 297 29.71 -12.02 25.12
C ALA D 297 30.17 -13.44 24.74
N ASP D 298 29.61 -14.47 25.39
CA ASP D 298 30.01 -15.84 25.09
C ASP D 298 29.61 -16.25 23.67
N ARG D 299 28.44 -15.81 23.20
CA ARG D 299 28.05 -16.13 21.82
C ARG D 299 28.96 -15.44 20.79
N GLY D 300 29.42 -14.23 21.09
CA GLY D 300 30.28 -13.54 20.15
C GLY D 300 31.69 -14.11 20.11
N ALA D 301 32.23 -14.50 21.27
CA ALA D 301 33.58 -15.08 21.31
C ALA D 301 33.66 -16.38 20.52
N SER D 302 32.65 -17.25 20.63
CA SER D 302 32.65 -18.49 19.85
C SER D 302 32.67 -18.21 18.35
N ALA D 303 31.84 -17.27 17.89
CA ALA D 303 31.84 -16.89 16.48
C ALA D 303 33.20 -16.38 16.02
N TYR D 304 33.86 -15.55 16.86
CA TYR D 304 35.18 -15.03 16.49
C TYR D 304 36.20 -16.16 16.37
N GLN D 305 36.20 -17.09 17.32
CA GLN D 305 37.13 -18.21 17.28
C GLN D 305 36.97 -19.05 16.02
N ALA D 306 35.71 -19.36 15.66
CA ALA D 306 35.46 -20.12 14.44
C ALA D 306 35.99 -19.38 13.21
N TRP D 307 35.82 -18.06 13.16
CA TRP D 307 36.24 -17.28 12.00
C TRP D 307 37.76 -17.29 11.82
N THR D 308 38.54 -17.24 12.91
CA THR D 308 39.99 -17.25 12.77
C THR D 308 40.47 -18.57 12.16
N LYS D 309 39.78 -19.67 12.47
CA LYS D 309 40.13 -20.96 11.88
C LYS D 309 39.78 -21.00 10.39
N LEU D 310 38.67 -20.35 10.01
CA LEU D 310 38.29 -20.29 8.60
C LEU D 310 39.29 -19.47 7.78
N VAL D 311 39.82 -18.38 8.35
CA VAL D 311 40.80 -17.56 7.63
C VAL D 311 42.09 -18.35 7.37
N ALA D 312 42.55 -19.12 8.37
CA ALA D 312 43.78 -19.89 8.21
C ALA D 312 43.64 -20.93 7.11
N ASP D 313 42.52 -21.66 7.10
CA ASP D 313 42.29 -22.66 6.05
C ASP D 313 42.18 -22.02 4.68
N TYR D 314 41.54 -20.83 4.60
CA TYR D 314 41.38 -20.10 3.34
C TYR D 314 42.71 -19.70 2.73
N LYS D 315 43.65 -19.22 3.55
CA LYS D 315 44.93 -18.77 3.01
C LYS D 315 45.78 -19.95 2.52
N GLU D 316 45.58 -21.14 3.08
CA GLU D 316 46.27 -22.34 2.61
C GLU D 316 45.72 -22.86 1.29
N ALA D 317 44.42 -22.69 1.04
CA ALA D 317 43.81 -23.14 -0.20
C ALA D 317 43.92 -22.14 -1.35
N HIS D 318 44.18 -20.86 -1.07
CA HIS D 318 44.25 -19.82 -2.10
C HIS D 318 45.46 -18.94 -1.84
N PRO D 319 46.68 -19.48 -2.03
CA PRO D 319 47.89 -18.73 -1.67
C PRO D 319 48.10 -17.48 -2.50
N GLU D 320 47.44 -17.36 -3.65
CA GLU D 320 47.57 -16.17 -4.48
C GLU D 320 46.77 -14.97 -3.95
N LEU D 321 45.86 -15.18 -3.00
CA LEU D 321 45.06 -14.11 -2.41
C LEU D 321 45.49 -13.74 -1.00
N ALA D 322 46.45 -14.45 -0.41
CA ALA D 322 46.69 -14.35 1.03
C ALA D 322 47.38 -13.04 1.40
N ALA D 323 48.30 -12.56 0.56
CA ALA D 323 49.03 -11.35 0.90
C ALA D 323 48.10 -10.15 1.00
N GLU D 324 47.11 -10.06 0.11
CA GLU D 324 46.20 -8.92 0.12
C GLU D 324 45.27 -8.93 1.33
N VAL D 325 44.66 -10.08 1.66
CA VAL D 325 43.73 -10.07 2.80
C VAL D 325 44.49 -9.99 4.12
N GLU D 326 45.71 -10.52 4.18
CA GLU D 326 46.53 -10.36 5.38
C GLU D 326 46.72 -8.87 5.70
N ALA D 327 47.04 -8.07 4.68
CA ALA D 327 47.22 -6.62 4.85
C ALA D 327 45.96 -5.93 5.34
N ILE D 328 44.81 -6.29 4.76
CA ILE D 328 43.54 -5.66 5.15
C ILE D 328 43.22 -5.95 6.62
N ILE D 329 43.33 -7.22 7.03
CA ILE D 329 43.11 -7.58 8.43
C ILE D 329 44.06 -6.79 9.34
N ASP D 330 45.25 -6.45 8.84
CA ASP D 330 46.21 -5.62 9.57
C ASP D 330 45.87 -4.13 9.55
N GLY D 331 44.88 -3.70 8.79
CA GLY D 331 44.58 -2.28 8.72
C GLY D 331 45.47 -1.47 7.79
N ARG D 332 46.17 -2.11 6.86
CA ARG D 332 47.00 -1.45 5.85
C ARG D 332 46.37 -1.65 4.47
N ASP D 333 46.84 -0.86 3.50
CA ASP D 333 46.40 -1.01 2.11
C ASP D 333 47.05 -2.25 1.47
N PRO D 334 46.36 -2.91 0.54
CA PRO D 334 46.91 -4.16 -0.03
C PRO D 334 48.02 -3.96 -1.05
N VAL D 335 48.14 -2.77 -1.63
CA VAL D 335 49.28 -2.41 -2.47
C VAL D 335 49.66 -0.97 -2.14
N GLU D 336 50.94 -0.64 -2.33
CA GLU D 336 51.49 0.67 -2.01
C GLU D 336 51.69 1.50 -3.28
N VAL D 337 51.10 2.72 -3.31
CA VAL D 337 51.34 3.70 -4.37
C VAL D 337 52.57 4.53 -4.01
N THR D 338 53.46 4.78 -4.99
CA THR D 338 54.66 5.56 -4.77
C THR D 338 54.78 6.69 -5.80
N PRO D 339 55.64 7.68 -5.55
CA PRO D 339 55.81 8.78 -6.54
C PRO D 339 56.35 8.35 -7.89
N ALA D 340 57.14 7.26 -7.97
CA ALA D 340 57.66 6.78 -9.24
C ALA D 340 56.56 6.24 -10.17
N ASP D 341 55.34 6.02 -9.66
CA ASP D 341 54.22 5.59 -10.49
C ASP D 341 53.75 6.68 -11.45
N PHE D 342 54.05 7.98 -11.17
CA PHE D 342 53.53 9.08 -11.99
C PHE D 342 54.58 9.54 -12.99
N PRO D 343 54.26 9.61 -14.29
CA PRO D 343 55.27 9.98 -15.29
C PRO D 343 55.60 11.47 -15.28
N ALA D 344 56.84 11.78 -15.67
CA ALA D 344 57.31 13.16 -15.78
C ALA D 344 56.63 13.87 -16.96
N LEU D 345 56.56 15.21 -16.89
CA LEU D 345 55.90 16.04 -17.90
C LEU D 345 56.80 17.16 -18.36
N GLU D 346 56.67 17.57 -19.63
CA GLU D 346 57.50 18.66 -20.14
C GLU D 346 56.94 20.02 -19.74
N ASN D 347 57.84 20.98 -19.55
CA ASN D 347 57.45 22.37 -19.32
C ASN D 347 56.67 22.89 -20.52
N GLY D 348 55.65 23.72 -20.25
CA GLY D 348 54.81 24.26 -21.30
C GLY D 348 53.60 23.43 -21.69
N PHE D 349 53.43 22.21 -21.12
CA PHE D 349 52.30 21.33 -21.46
C PHE D 349 50.97 21.99 -21.10
N SER D 350 50.01 21.93 -22.03
CA SER D 350 48.73 22.65 -21.91
C SER D 350 47.60 21.65 -21.69
N GLN D 351 46.87 21.79 -20.56
CA GLN D 351 45.81 20.86 -20.13
C GLN D 351 45.02 21.46 -18.96
N ALA D 352 43.73 21.18 -18.91
CA ALA D 352 42.87 21.60 -17.80
C ALA D 352 42.97 20.62 -16.63
N THR D 353 42.91 21.14 -15.40
CA THR D 353 43.21 20.26 -14.26
C THR D 353 42.10 19.24 -13.97
N ARG D 354 40.88 19.44 -14.50
CA ARG D 354 39.93 18.32 -14.45
C ARG D 354 40.42 17.16 -15.30
N ASN D 355 41.14 17.43 -16.40
CA ASN D 355 41.69 16.35 -17.22
C ASN D 355 42.96 15.77 -16.62
N SER D 356 43.81 16.60 -15.99
CA SER D 356 44.95 16.05 -15.24
C SER D 356 44.48 15.15 -14.12
N SER D 357 43.34 15.49 -13.51
CA SER D 357 42.76 14.64 -12.46
C SER D 357 42.36 13.25 -12.97
N GLN D 358 41.77 13.16 -14.18
CA GLN D 358 41.39 11.84 -14.68
C GLN D 358 42.61 10.96 -14.96
N ASP D 359 43.69 11.53 -15.50
CA ASP D 359 44.89 10.76 -15.76
C ASP D 359 45.51 10.23 -14.47
N ALA D 360 45.56 11.06 -13.42
CA ALA D 360 46.23 10.65 -12.20
C ALA D 360 45.45 9.57 -11.45
N LEU D 361 44.12 9.66 -11.40
CA LEU D 361 43.34 8.67 -10.68
C LEU D 361 43.29 7.34 -11.42
N ASN D 362 43.45 7.36 -12.75
CA ASN D 362 43.54 6.10 -13.48
C ASN D 362 44.88 5.42 -13.25
N VAL D 363 45.95 6.19 -13.07
CA VAL D 363 47.21 5.62 -12.61
C VAL D 363 47.01 4.92 -11.27
N VAL D 364 46.23 5.54 -10.38
CA VAL D 364 46.02 5.00 -9.04
C VAL D 364 45.16 3.74 -9.08
N ALA D 365 44.07 3.76 -9.87
CA ALA D 365 43.19 2.58 -9.96
C ALA D 365 43.92 1.36 -10.50
N ALA D 366 44.91 1.57 -11.39
CA ALA D 366 45.65 0.44 -11.96
C ALA D 366 46.59 -0.20 -10.95
N LYS D 367 47.12 0.58 -10.01
CA LYS D 367 48.04 0.06 -8.99
C LYS D 367 47.30 -0.57 -7.80
N LEU D 368 46.19 0.03 -7.38
CA LEU D 368 45.53 -0.32 -6.12
C LEU D 368 44.12 -0.86 -6.35
N PRO D 369 43.88 -2.16 -6.14
CA PRO D 369 42.58 -2.74 -6.54
C PRO D 369 41.41 -2.45 -5.61
N THR D 370 41.64 -1.88 -4.42
CA THR D 370 40.60 -1.50 -3.47
C THR D 370 40.27 0.00 -3.52
N PHE D 371 40.60 0.67 -4.63
CA PHE D 371 40.31 2.08 -4.86
C PHE D 371 39.08 2.19 -5.77
N LEU D 372 38.07 2.96 -5.35
CA LEU D 372 36.83 3.09 -6.12
C LEU D 372 36.17 4.44 -5.81
N GLY D 373 35.17 4.81 -6.62
CA GLY D 373 34.58 6.15 -6.52
C GLY D 373 33.36 6.36 -7.40
N GLY D 374 33.00 7.63 -7.61
CA GLY D 374 31.91 7.97 -8.51
C GLY D 374 31.60 9.45 -8.60
N SER D 375 30.37 9.78 -9.01
CA SER D 375 29.93 11.15 -9.27
C SER D 375 28.40 11.27 -9.19
N ALA D 376 27.92 12.46 -8.84
CA ALA D 376 26.49 12.73 -8.69
C ALA D 376 25.90 13.27 -10.01
N ASP D 377 25.82 12.35 -10.99
CA ASP D 377 25.30 12.62 -12.35
C ASP D 377 26.08 13.70 -13.11
N LEU D 378 27.39 13.85 -12.82
CA LEU D 378 28.25 14.81 -13.52
C LEU D 378 29.55 14.14 -13.99
N ALA D 379 29.53 12.82 -14.21
CA ALA D 379 30.78 12.13 -14.56
C ALA D 379 31.33 12.59 -15.91
N HIS D 380 30.46 12.92 -16.87
CA HIS D 380 30.97 13.36 -18.16
C HIS D 380 31.57 14.76 -18.14
N SER D 381 31.42 15.53 -17.04
CA SER D 381 32.06 16.83 -16.89
C SER D 381 33.14 16.91 -15.80
N ASN D 382 32.95 16.23 -14.65
CA ASN D 382 34.02 16.11 -13.64
C ASN D 382 35.23 15.32 -14.16
N MET D 383 35.02 14.47 -15.18
CA MET D 383 36.01 13.52 -15.71
C MET D 383 36.53 12.55 -14.63
N THR D 384 35.58 11.80 -14.03
CA THR D 384 35.86 10.91 -12.90
C THR D 384 35.93 9.42 -13.26
N TYR D 385 35.65 9.00 -14.50
CA TYR D 385 35.51 7.56 -14.78
C TYR D 385 36.86 6.82 -14.71
N ILE D 386 36.85 5.64 -14.09
CA ILE D 386 37.93 4.67 -14.25
C ILE D 386 37.65 3.89 -15.53
N LYS D 387 38.57 3.98 -16.50
CA LYS D 387 38.20 3.60 -17.87
C LYS D 387 38.25 2.11 -18.17
N THR D 388 38.74 1.26 -17.26
CA THR D 388 38.67 -0.18 -17.48
C THR D 388 37.35 -0.80 -17.05
N ASP D 389 36.48 -0.09 -16.33
CA ASP D 389 35.29 -0.65 -15.70
C ASP D 389 34.00 -0.04 -16.23
N GLY D 390 32.90 -0.78 -16.07
CA GLY D 390 31.54 -0.26 -16.22
C GLY D 390 30.99 0.25 -14.90
N LEU D 391 29.65 0.17 -14.73
CA LEU D 391 28.99 0.60 -13.50
C LEU D 391 28.77 -0.54 -12.51
N GLN D 392 28.82 -0.21 -11.21
CA GLN D 392 28.58 -1.15 -10.11
C GLN D 392 27.09 -1.20 -9.74
N ASP D 393 26.51 -2.41 -9.67
CA ASP D 393 25.16 -2.62 -9.16
C ASP D 393 25.03 -4.07 -8.69
N ASP D 394 23.81 -4.49 -8.36
CA ASP D 394 23.59 -5.82 -7.78
C ASP D 394 24.06 -6.94 -8.71
N ALA D 395 24.00 -6.73 -10.02
CA ALA D 395 24.39 -7.72 -11.02
C ALA D 395 25.84 -7.58 -11.48
N ASN D 396 26.53 -6.47 -11.12
CA ASN D 396 27.92 -6.22 -11.53
C ASN D 396 28.70 -5.64 -10.33
N ARG D 397 28.95 -6.49 -9.32
CA ARG D 397 29.42 -6.04 -8.02
C ARG D 397 30.91 -5.69 -7.96
N LEU D 398 31.71 -6.05 -8.97
CA LEU D 398 33.15 -5.79 -8.95
C LEU D 398 33.56 -4.51 -9.72
N ASN D 399 32.67 -3.94 -10.53
CA ASN D 399 32.97 -2.65 -11.17
C ASN D 399 33.21 -1.58 -10.11
N ARG D 400 34.00 -0.54 -10.47
CA ARG D 400 34.43 0.47 -9.50
C ARG D 400 33.96 1.89 -9.83
N ASN D 401 33.01 2.07 -10.76
CA ASN D 401 32.34 3.36 -11.00
C ASN D 401 30.91 3.34 -10.46
N ILE D 402 30.54 4.37 -9.69
CA ILE D 402 29.24 4.44 -9.02
C ILE D 402 28.48 5.67 -9.52
N GLN D 403 27.21 5.47 -9.92
CA GLN D 403 26.31 6.58 -10.25
C GLN D 403 25.42 6.85 -9.03
N PHE D 404 25.69 7.95 -8.32
CA PHE D 404 24.85 8.27 -7.17
C PHE D 404 23.57 9.01 -7.54
N GLY D 405 23.39 9.41 -8.80
CA GLY D 405 22.25 10.24 -9.13
C GLY D 405 22.45 11.66 -8.61
N VAL D 406 21.36 12.45 -8.65
CA VAL D 406 21.42 13.86 -8.29
C VAL D 406 21.23 14.01 -6.78
N ARG D 407 22.21 13.49 -5.99
CA ARG D 407 22.11 13.29 -4.51
C ARG D 407 23.45 13.61 -3.82
N GLU D 408 23.82 14.89 -3.75
CA GLU D 408 25.14 15.26 -3.23
C GLU D 408 25.29 14.86 -1.75
N PHE D 409 24.31 15.25 -0.91
CA PHE D 409 24.39 15.00 0.55
C PHE D 409 24.49 13.51 0.85
N ALA D 410 23.61 12.69 0.26
CA ALA D 410 23.68 11.26 0.53
C ALA D 410 25.01 10.66 0.09
N MET D 411 25.57 11.14 -1.04
CA MET D 411 26.85 10.64 -1.51
C MET D 411 27.93 10.82 -0.45
N GLY D 412 27.97 12.01 0.18
CA GLY D 412 28.86 12.23 1.31
C GLY D 412 28.73 11.18 2.40
N THR D 413 27.49 10.88 2.82
CA THR D 413 27.30 9.88 3.89
C THR D 413 27.67 8.47 3.43
N ILE D 414 27.47 8.15 2.14
CA ILE D 414 27.85 6.82 1.66
C ILE D 414 29.36 6.67 1.57
N LEU D 415 30.06 7.74 1.18
CA LEU D 415 31.52 7.69 1.22
C LEU D 415 32.03 7.49 2.65
N ASN D 416 31.44 8.19 3.62
CA ASN D 416 31.85 8.06 5.02
C ASN D 416 31.65 6.64 5.55
N GLY D 417 30.53 6.01 5.18
CA GLY D 417 30.27 4.65 5.63
C GLY D 417 31.23 3.62 5.03
N MET D 418 31.55 3.76 3.74
CA MET D 418 32.56 2.87 3.16
C MET D 418 33.92 3.02 3.84
N ALA D 419 34.31 4.26 4.20
CA ALA D 419 35.59 4.47 4.83
C ALA D 419 35.61 3.94 6.27
N LEU D 420 34.51 4.10 7.02
CA LEU D 420 34.48 3.59 8.41
C LEU D 420 34.58 2.08 8.46
N HIS D 421 34.09 1.38 7.41
CA HIS D 421 34.02 -0.08 7.47
C HIS D 421 35.40 -0.70 7.61
N GLY D 422 36.35 -0.23 6.81
CA GLY D 422 37.71 -0.76 6.75
C GLY D 422 37.95 -1.59 5.49
N GLY D 423 39.11 -1.39 4.86
CA GLY D 423 39.53 -2.11 3.67
C GLY D 423 39.69 -1.28 2.40
N LEU D 424 39.13 -0.08 2.31
CA LEU D 424 38.99 0.62 1.02
C LEU D 424 39.56 2.05 1.03
N ARG D 425 39.61 2.66 -0.16
CA ARG D 425 39.97 4.05 -0.40
C ARG D 425 39.03 4.62 -1.45
N VAL D 426 38.35 5.75 -1.14
CA VAL D 426 37.17 6.21 -1.90
C VAL D 426 37.20 7.73 -2.19
N TYR D 427 36.40 8.13 -3.21
CA TYR D 427 36.32 9.51 -3.70
C TYR D 427 34.98 9.76 -4.39
N GLY D 428 34.58 11.04 -4.49
CA GLY D 428 33.31 11.41 -5.12
C GLY D 428 33.29 12.85 -5.61
N GLY D 429 32.58 13.08 -6.72
CA GLY D 429 32.62 14.38 -7.40
C GLY D 429 31.30 15.08 -7.63
N THR D 430 31.36 16.43 -7.68
CA THR D 430 30.30 17.33 -8.14
C THR D 430 30.92 18.70 -8.47
N PHE D 431 30.10 19.61 -9.03
CA PHE D 431 30.54 21.00 -9.22
C PHE D 431 30.85 21.66 -7.87
N PHE D 432 31.83 22.58 -7.89
CA PHE D 432 32.31 23.24 -6.67
C PHE D 432 31.26 24.15 -6.04
N VAL D 433 30.40 24.80 -6.84
CA VAL D 433 29.34 25.65 -6.28
C VAL D 433 28.31 24.83 -5.49
N PHE D 434 28.14 23.55 -5.80
CA PHE D 434 27.18 22.74 -5.07
C PHE D 434 27.80 21.97 -3.91
N SER D 435 29.01 22.35 -3.47
CA SER D 435 29.53 21.84 -2.20
C SER D 435 28.69 22.29 -1.01
N ASP D 436 27.87 23.34 -1.18
CA ASP D 436 26.94 23.75 -0.14
C ASP D 436 25.90 22.67 0.18
N TYR D 437 25.54 21.82 -0.80
CA TYR D 437 24.56 20.77 -0.54
C TYR D 437 25.12 19.63 0.32
N VAL D 438 26.44 19.48 0.41
CA VAL D 438 27.06 18.33 1.09
C VAL D 438 27.92 18.74 2.27
N LYS D 439 27.94 20.02 2.64
CA LYS D 439 28.90 20.52 3.62
C LYS D 439 28.73 19.87 5.01
N ALA D 440 27.49 19.56 5.43
CA ALA D 440 27.30 18.94 6.75
C ALA D 440 27.94 17.56 6.84
N ALA D 441 28.02 16.83 5.72
CA ALA D 441 28.73 15.53 5.70
C ALA D 441 30.26 15.68 5.68
N VAL D 442 30.78 16.72 5.00
CA VAL D 442 32.22 16.96 5.01
C VAL D 442 32.72 17.16 6.45
N ARG D 443 31.93 17.87 7.27
CA ARG D 443 32.29 18.08 8.67
C ARG D 443 32.38 16.75 9.44
N LEU D 444 31.51 15.78 9.13
CA LEU D 444 31.61 14.49 9.80
C LEU D 444 32.82 13.68 9.32
N SER D 445 33.27 13.91 8.07
CA SER D 445 34.55 13.33 7.65
C SER D 445 35.70 13.89 8.49
N ALA D 446 35.75 15.21 8.66
CA ALA D 446 36.83 15.82 9.44
C ALA D 446 36.73 15.42 10.93
N LEU D 447 35.52 15.38 11.48
CA LEU D 447 35.33 15.02 12.89
C LEU D 447 35.78 13.58 13.18
N GLN D 448 35.45 12.63 12.30
CA GLN D 448 35.76 11.24 12.55
C GLN D 448 37.16 10.84 12.09
N GLY D 449 37.90 11.75 11.49
CA GLY D 449 39.26 11.47 11.04
C GLY D 449 39.39 10.54 9.84
N LEU D 450 38.55 10.69 8.83
CA LEU D 450 38.48 9.78 7.70
C LEU D 450 39.09 10.42 6.45
N PRO D 451 40.06 9.75 5.76
CA PRO D 451 40.67 10.33 4.54
C PRO D 451 39.83 10.10 3.28
N VAL D 452 38.65 10.73 3.26
CA VAL D 452 37.77 10.77 2.09
C VAL D 452 38.25 11.89 1.16
N THR D 453 38.22 11.66 -0.15
CA THR D 453 38.68 12.64 -1.14
C THR D 453 37.47 13.21 -1.91
N TYR D 454 37.23 14.51 -1.78
CA TYR D 454 36.17 15.22 -2.53
C TYR D 454 36.74 15.90 -3.77
N VAL D 455 36.11 15.67 -4.93
CA VAL D 455 36.57 16.15 -6.24
C VAL D 455 35.61 17.25 -6.72
N PHE D 456 36.07 18.51 -6.73
CA PHE D 456 35.24 19.68 -7.02
C PHE D 456 35.78 20.40 -8.26
N THR D 457 35.05 20.36 -9.37
CA THR D 457 35.49 21.01 -10.61
C THR D 457 34.68 22.26 -10.89
N HIS D 458 35.11 23.01 -11.92
CA HIS D 458 34.44 24.22 -12.43
C HIS D 458 34.42 25.33 -11.37
N ASP D 459 35.61 25.84 -11.08
CA ASP D 459 35.94 26.39 -9.76
C ASP D 459 35.82 27.91 -9.62
N SER D 460 35.38 28.65 -10.65
CA SER D 460 35.41 30.13 -10.56
C SER D 460 34.49 30.75 -11.62
N ILE D 461 34.63 32.07 -11.82
CA ILE D 461 33.92 32.82 -12.86
C ILE D 461 34.34 32.41 -14.26
N ALA D 462 35.38 31.60 -14.42
CA ALA D 462 35.72 31.06 -15.72
C ALA D 462 34.70 30.06 -16.25
N VAL D 463 33.65 29.76 -15.47
CA VAL D 463 32.54 28.95 -15.99
C VAL D 463 31.88 29.64 -17.19
N GLY D 464 31.82 30.98 -17.15
CA GLY D 464 31.26 31.75 -18.26
C GLY D 464 29.74 31.81 -18.37
N GLU D 465 29.19 31.05 -19.33
CA GLU D 465 27.83 31.26 -19.83
C GLU D 465 26.73 30.80 -18.86
N ASP D 466 26.98 29.80 -18.00
CA ASP D 466 25.92 29.31 -17.12
C ASP D 466 25.48 30.35 -16.08
N GLY D 467 26.37 31.28 -15.67
CA GLY D 467 25.96 32.42 -14.86
C GLY D 467 26.13 32.30 -13.34
N PRO D 468 25.62 33.31 -12.62
CA PRO D 468 25.96 33.46 -11.19
C PRO D 468 25.55 32.32 -10.28
N THR D 469 24.45 31.61 -10.57
CA THR D 469 24.07 30.47 -9.74
C THR D 469 25.00 29.29 -9.90
N HIS D 470 25.88 29.30 -10.90
CA HIS D 470 26.85 28.22 -11.11
C HIS D 470 28.30 28.68 -10.92
N GLU D 471 28.54 29.86 -10.35
CA GLU D 471 29.90 30.42 -10.27
C GLU D 471 30.33 30.58 -8.82
N PRO D 472 31.29 29.77 -8.34
CA PRO D 472 31.77 29.91 -6.94
C PRO D 472 32.41 31.26 -6.66
N VAL D 473 32.26 31.74 -5.42
CA VAL D 473 32.96 32.93 -4.93
C VAL D 473 33.43 32.70 -3.50
N GLU D 474 32.52 32.32 -2.62
CA GLU D 474 32.76 32.30 -1.17
C GLU D 474 33.20 30.93 -0.65
N HIS D 475 33.39 29.95 -1.53
CA HIS D 475 33.44 28.55 -1.10
C HIS D 475 34.81 28.14 -0.55
N LEU D 476 35.91 28.69 -1.08
CA LEU D 476 37.23 28.37 -0.53
C LEU D 476 37.34 28.83 0.92
N ALA D 477 36.83 30.03 1.23
CA ALA D 477 36.94 30.56 2.58
C ALA D 477 36.21 29.67 3.56
N GLY D 478 34.97 29.29 3.22
CA GLY D 478 34.17 28.48 4.12
C GLY D 478 34.83 27.17 4.48
N LEU D 479 35.51 26.53 3.50
CA LEU D 479 36.13 25.22 3.73
C LEU D 479 37.49 25.33 4.43
N ARG D 480 38.29 26.36 4.15
CA ARG D 480 39.59 26.48 4.79
C ARG D 480 39.48 26.70 6.29
N ALA D 481 38.34 27.19 6.78
CA ALA D 481 38.15 27.45 8.21
C ALA D 481 37.72 26.21 8.99
N MET D 482 37.38 25.12 8.33
CA MET D 482 36.92 23.95 9.07
C MET D 482 38.13 23.18 9.61
N PRO D 483 38.15 22.84 10.92
CA PRO D 483 39.26 22.05 11.46
C PRO D 483 39.43 20.71 10.74
N ASN D 484 40.70 20.26 10.67
CA ASN D 484 41.10 18.97 10.11
C ASN D 484 40.61 18.75 8.66
N LEU D 485 40.91 19.70 7.77
CA LEU D 485 40.56 19.56 6.35
C LEU D 485 41.60 20.28 5.49
N ASN D 486 42.22 19.52 4.58
CA ASN D 486 43.22 20.05 3.64
C ASN D 486 42.54 20.36 2.31
N VAL D 487 42.65 21.61 1.87
CA VAL D 487 42.12 22.10 0.59
C VAL D 487 43.31 22.29 -0.37
N PHE D 488 43.27 21.64 -1.54
CA PHE D 488 44.28 21.84 -2.58
C PHE D 488 43.67 22.45 -3.84
N ARG D 489 44.38 23.43 -4.43
CA ARG D 489 43.98 24.09 -5.68
C ARG D 489 45.21 24.15 -6.59
N PRO D 490 45.49 23.08 -7.35
CA PRO D 490 46.78 23.00 -8.06
C PRO D 490 46.92 23.97 -9.22
N ALA D 491 48.16 24.36 -9.50
CA ALA D 491 48.48 25.37 -10.50
C ALA D 491 48.65 24.83 -11.92
N ASP D 492 48.88 23.53 -12.10
CA ASP D 492 48.98 22.92 -13.42
C ASP D 492 48.85 21.41 -13.27
N ALA D 493 49.16 20.66 -14.33
CA ALA D 493 49.03 19.21 -14.28
C ALA D 493 50.06 18.58 -13.33
N ARG D 494 51.22 19.22 -13.17
CA ARG D 494 52.25 18.69 -12.29
C ARG D 494 51.85 18.79 -10.82
N GLU D 495 51.33 19.96 -10.41
CA GLU D 495 50.82 20.07 -9.04
C GLU D 495 49.64 19.14 -8.81
N THR D 496 48.85 18.84 -9.86
CA THR D 496 47.70 17.95 -9.71
C THR D 496 48.12 16.50 -9.40
N GLN D 497 49.13 15.97 -10.11
CA GLN D 497 49.67 14.64 -9.80
C GLN D 497 50.04 14.52 -8.32
N ALA D 498 50.69 15.55 -7.77
CA ALA D 498 51.16 15.47 -6.40
C ALA D 498 50.02 15.58 -5.38
N ALA D 499 48.95 16.32 -5.70
CA ALA D 499 47.83 16.40 -4.78
C ALA D 499 47.11 15.07 -4.67
N TRP D 500 46.98 14.34 -5.80
CA TRP D 500 46.35 13.02 -5.74
C TRP D 500 47.19 12.03 -4.95
N TYR D 501 48.52 12.15 -5.04
CA TYR D 501 49.38 11.24 -4.28
C TYR D 501 49.25 11.50 -2.78
N LEU D 502 49.16 12.75 -2.36
CA LEU D 502 48.98 13.04 -0.94
C LEU D 502 47.58 12.68 -0.45
N ALA D 503 46.55 12.82 -1.30
CA ALA D 503 45.20 12.47 -0.89
C ALA D 503 45.06 10.97 -0.61
N VAL D 504 45.68 10.13 -1.44
CA VAL D 504 45.48 8.69 -1.30
C VAL D 504 46.48 8.05 -0.33
N THR D 505 47.44 8.80 0.21
CA THR D 505 48.28 8.33 1.32
C THR D 505 47.99 9.02 2.65
N SER D 506 46.97 9.89 2.72
CA SER D 506 46.62 10.51 4.00
C SER D 506 46.12 9.46 5.00
N GLU D 507 46.38 9.72 6.28
CA GLU D 507 46.01 8.77 7.33
C GLU D 507 44.73 9.16 8.07
N LYS D 508 44.58 10.42 8.50
CA LYS D 508 43.46 10.75 9.36
C LYS D 508 42.84 12.12 9.02
N THR D 509 42.97 12.58 7.76
CA THR D 509 42.52 13.90 7.31
C THR D 509 41.87 13.86 5.92
N PRO D 510 40.60 14.25 5.79
CA PRO D 510 39.98 14.32 4.44
C PRO D 510 40.59 15.42 3.59
N THR D 511 40.40 15.28 2.26
CA THR D 511 40.97 16.15 1.25
C THR D 511 39.91 16.66 0.28
N ALA D 512 39.98 17.96 -0.05
CA ALA D 512 39.17 18.56 -1.11
C ALA D 512 40.08 19.05 -2.25
N LEU D 513 39.79 18.61 -3.48
CA LEU D 513 40.52 19.04 -4.67
C LEU D 513 39.66 20.00 -5.49
N VAL D 514 40.25 21.13 -5.90
CA VAL D 514 39.54 22.21 -6.57
C VAL D 514 40.19 22.44 -7.94
N LEU D 515 39.45 22.13 -9.02
CA LEU D 515 40.00 21.94 -10.36
C LEU D 515 39.27 22.80 -11.40
N THR D 516 39.98 23.11 -12.51
CA THR D 516 39.49 24.04 -13.53
C THR D 516 38.82 23.35 -14.72
N ARG D 517 37.91 24.11 -15.36
CA ARG D 517 37.32 23.72 -16.65
C ARG D 517 38.23 24.07 -17.84
N GLN D 518 38.96 25.19 -17.79
CA GLN D 518 39.79 25.69 -18.88
C GLN D 518 41.25 25.23 -18.75
N ASN D 519 41.96 25.15 -19.89
CA ASN D 519 43.35 24.69 -19.92
C ASN D 519 44.30 25.65 -19.20
N LEU D 520 45.29 25.09 -18.51
CA LEU D 520 46.42 25.83 -17.93
C LEU D 520 47.75 25.30 -18.47
N THR D 521 48.84 26.03 -18.20
CA THR D 521 50.18 25.75 -18.72
C THR D 521 51.12 25.33 -17.59
N VAL D 522 51.83 24.21 -17.78
CA VAL D 522 52.81 23.77 -16.80
C VAL D 522 53.98 24.75 -16.75
N GLU D 523 54.29 25.27 -15.56
CA GLU D 523 55.33 26.27 -15.38
C GLU D 523 56.73 25.62 -15.24
N ASP D 524 57.76 26.41 -15.61
CA ASP D 524 59.15 25.97 -15.44
C ASP D 524 59.50 25.71 -13.98
N GLY D 525 58.85 26.41 -13.05
CA GLY D 525 59.24 26.35 -11.65
C GLY D 525 58.41 25.47 -10.72
N THR D 526 57.26 24.95 -11.15
CA THR D 526 56.51 24.03 -10.30
C THR D 526 57.29 22.71 -10.12
N ASP D 527 57.04 22.04 -8.99
CA ASP D 527 57.88 20.92 -8.53
C ASP D 527 57.02 19.92 -7.75
N PHE D 528 56.97 18.67 -8.24
CA PHE D 528 56.17 17.61 -7.59
C PHE D 528 56.49 17.48 -6.11
N ASP D 529 57.79 17.40 -5.77
CA ASP D 529 58.22 17.12 -4.40
C ASP D 529 57.86 18.25 -3.43
N LYS D 530 57.85 19.50 -3.89
CA LYS D 530 57.65 20.64 -2.99
C LYS D 530 56.18 20.93 -2.67
N VAL D 531 55.22 20.33 -3.39
CA VAL D 531 53.81 20.56 -3.10
C VAL D 531 53.46 20.15 -1.67
N ALA D 532 54.14 19.13 -1.14
CA ALA D 532 53.88 18.69 0.22
C ALA D 532 54.26 19.73 1.30
N LYS D 533 54.95 20.83 0.97
CA LYS D 533 55.18 21.86 1.97
C LYS D 533 54.07 22.91 2.03
N GLY D 534 53.09 22.87 1.13
CA GLY D 534 52.02 23.86 1.12
C GLY D 534 52.30 25.12 0.34
N ALA D 535 53.54 25.61 0.32
CA ALA D 535 53.94 26.77 -0.48
C ALA D 535 55.44 26.75 -0.73
N TYR D 536 55.85 27.29 -1.89
CA TYR D 536 57.24 27.32 -2.33
C TYR D 536 57.39 28.33 -3.47
N VAL D 537 58.64 28.66 -3.83
CA VAL D 537 58.98 29.71 -4.81
C VAL D 537 59.00 29.12 -6.22
N VAL D 538 58.36 29.81 -7.18
CA VAL D 538 58.35 29.36 -8.57
C VAL D 538 58.98 30.36 -9.55
N TYR D 539 59.28 31.60 -9.13
CA TYR D 539 59.99 32.56 -9.98
C TYR D 539 60.68 33.59 -9.09
N GLU D 540 61.92 33.93 -9.44
CA GLU D 540 62.70 34.96 -8.74
C GLU D 540 63.81 35.45 -9.66
N ASN D 541 63.89 36.76 -9.88
CA ASN D 541 64.91 37.31 -10.76
C ASN D 541 66.10 37.96 -10.04
N ALA D 542 66.00 38.24 -8.74
CA ALA D 542 67.11 38.85 -8.00
C ALA D 542 67.00 38.50 -6.53
N ALA D 543 68.10 37.97 -5.97
CA ALA D 543 68.14 37.57 -4.56
C ALA D 543 67.81 38.72 -3.61
N ASP D 544 68.12 39.97 -3.96
CA ASP D 544 67.72 41.09 -3.11
C ASP D 544 66.38 41.70 -3.51
N PHE D 545 65.38 40.86 -3.82
CA PHE D 545 64.04 41.32 -4.19
C PHE D 545 63.40 42.14 -3.06
N ASP D 546 62.51 43.07 -3.44
CA ASP D 546 61.69 43.81 -2.47
C ASP D 546 60.18 43.63 -2.63
N THR D 547 59.74 42.72 -3.52
CA THR D 547 58.31 42.54 -3.79
C THR D 547 57.99 41.05 -3.88
N ILE D 548 56.82 40.66 -3.35
CA ILE D 548 56.37 39.27 -3.35
C ILE D 548 54.93 39.19 -3.82
N LEU D 549 54.67 38.40 -4.86
CA LEU D 549 53.33 38.04 -5.29
C LEU D 549 52.99 36.63 -4.82
N ILE D 550 51.78 36.43 -4.28
CA ILE D 550 51.31 35.13 -3.79
C ILE D 550 50.01 34.76 -4.50
N ALA D 551 49.90 33.50 -4.95
CA ALA D 551 48.87 33.13 -5.91
C ALA D 551 48.64 31.63 -5.85
N THR D 552 47.45 31.19 -6.31
CA THR D 552 47.04 29.78 -6.32
C THR D 552 46.34 29.44 -7.63
N GLY D 553 46.33 28.15 -7.94
CA GLY D 553 45.52 27.64 -9.06
C GLY D 553 45.77 28.35 -10.38
N SER D 554 44.66 28.69 -11.07
CA SER D 554 44.75 29.32 -12.39
C SER D 554 45.39 30.72 -12.37
N GLU D 555 45.54 31.34 -11.19
CA GLU D 555 46.17 32.64 -11.06
C GLU D 555 47.70 32.60 -10.97
N VAL D 556 48.29 31.41 -10.87
CA VAL D 556 49.76 31.32 -10.89
C VAL D 556 50.30 31.70 -12.28
N ASN D 557 49.71 31.15 -13.35
CA ASN D 557 50.06 31.57 -14.71
C ASN D 557 50.00 33.11 -14.85
N LEU D 558 48.96 33.74 -14.29
CA LEU D 558 48.84 35.19 -14.39
C LEU D 558 49.94 35.92 -13.63
N ALA D 559 50.29 35.44 -12.43
CA ALA D 559 51.29 36.13 -11.61
C ALA D 559 52.70 36.05 -12.23
N VAL D 560 53.06 34.90 -12.81
CA VAL D 560 54.36 34.74 -13.44
C VAL D 560 54.50 35.67 -14.65
N SER D 561 53.45 35.78 -15.47
CA SER D 561 53.54 36.68 -16.62
C SER D 561 53.64 38.14 -16.19
N ALA D 562 52.97 38.51 -15.10
CA ALA D 562 53.09 39.87 -14.61
C ALA D 562 54.51 40.17 -14.11
N ALA D 563 55.12 39.21 -13.42
CA ALA D 563 56.46 39.42 -12.84
C ALA D 563 57.53 39.60 -13.93
N LYS D 564 57.42 38.87 -15.04
CA LYS D 564 58.37 39.05 -16.13
C LYS D 564 58.26 40.44 -16.78
N GLU D 565 57.06 41.01 -16.85
CA GLU D 565 56.93 42.37 -17.35
C GLU D 565 57.58 43.37 -16.41
N LEU D 566 57.37 43.20 -15.09
CA LEU D 566 57.97 44.11 -14.12
C LEU D 566 59.49 43.96 -14.10
N ALA D 567 59.99 42.75 -14.30
CA ALA D 567 61.44 42.55 -14.38
C ALA D 567 62.05 43.29 -15.56
N SER D 568 61.32 43.34 -16.70
CA SER D 568 61.85 43.99 -17.89
C SER D 568 61.93 45.52 -17.74
N GLN D 569 61.19 46.10 -16.79
CA GLN D 569 61.30 47.50 -16.41
C GLN D 569 62.27 47.74 -15.24
N GLY D 570 63.02 46.71 -14.82
CA GLY D 570 64.02 46.87 -13.78
C GLY D 570 63.59 46.61 -12.34
N GLU D 571 62.48 45.90 -12.12
CA GLU D 571 62.08 45.57 -10.76
C GLU D 571 62.69 44.24 -10.31
N LYS D 572 62.75 44.04 -9.00
CA LYS D 572 63.29 42.82 -8.39
C LYS D 572 62.19 42.14 -7.59
N ILE D 573 61.75 40.96 -8.04
CA ILE D 573 60.46 40.38 -7.67
C ILE D 573 60.53 38.86 -7.50
N ARG D 574 59.70 38.34 -6.57
CA ARG D 574 59.53 36.92 -6.32
C ARG D 574 58.05 36.52 -6.44
N VAL D 575 57.79 35.28 -6.88
CA VAL D 575 56.43 34.72 -6.95
C VAL D 575 56.37 33.42 -6.14
N VAL D 576 55.37 33.31 -5.26
CA VAL D 576 55.14 32.13 -4.41
C VAL D 576 53.85 31.42 -4.83
N SER D 577 53.94 30.12 -5.10
CA SER D 577 52.75 29.30 -5.33
C SER D 577 52.35 28.64 -4.02
N MET D 578 51.06 28.65 -3.69
CA MET D 578 50.57 28.15 -2.40
C MET D 578 49.38 27.21 -2.63
N PRO D 579 49.64 25.98 -3.09
CA PRO D 579 48.51 25.07 -3.42
C PRO D 579 47.65 24.66 -2.21
N SER D 580 48.13 24.79 -0.97
CA SER D 580 47.32 24.50 0.22
C SER D 580 47.72 25.43 1.38
N THR D 581 46.88 26.42 1.68
CA THR D 581 47.08 27.24 2.88
C THR D 581 47.08 26.40 4.15
N ASP D 582 46.28 25.33 4.21
CA ASP D 582 46.15 24.58 5.45
C ASP D 582 47.44 23.82 5.78
N VAL D 583 48.10 23.25 4.76
CA VAL D 583 49.34 22.52 4.96
C VAL D 583 50.50 23.48 5.22
N PHE D 584 50.55 24.62 4.52
CA PHE D 584 51.62 25.60 4.78
C PHE D 584 51.63 26.04 6.23
N ASP D 585 50.45 26.23 6.82
CA ASP D 585 50.34 26.75 8.19
C ASP D 585 50.96 25.80 9.22
N LYS D 586 51.08 24.51 8.90
CA LYS D 586 51.63 23.52 9.83
C LYS D 586 53.16 23.37 9.75
N GLN D 587 53.85 24.09 8.87
CA GLN D 587 55.28 23.91 8.69
C GLN D 587 56.07 24.57 9.82
N ASP D 588 57.37 24.21 9.90
CA ASP D 588 58.28 24.76 10.90
C ASP D 588 58.46 26.28 10.74
N ALA D 589 58.55 26.99 11.87
CA ALA D 589 58.68 28.46 11.86
C ALA D 589 59.85 28.92 10.99
N ALA D 590 60.95 28.16 10.98
CA ALA D 590 62.09 28.51 10.15
C ALA D 590 61.73 28.49 8.67
N TYR D 591 61.00 27.46 8.22
CA TYR D 591 60.58 27.38 6.83
C TYR D 591 59.65 28.55 6.45
N LYS D 592 58.84 29.04 7.39
CA LYS D 592 57.93 30.14 7.05
C LYS D 592 58.69 31.46 6.82
N GLU D 593 59.70 31.75 7.64
CA GLU D 593 60.52 32.95 7.43
C GLU D 593 61.27 32.92 6.11
N GLU D 594 61.65 31.73 5.63
CA GLU D 594 62.36 31.63 4.37
C GLU D 594 61.44 31.95 3.18
N ILE D 595 60.17 31.55 3.25
CA ILE D 595 59.23 31.76 2.14
C ILE D 595 58.64 33.17 2.17
N LEU D 596 58.37 33.70 3.35
CA LEU D 596 57.86 35.05 3.52
C LEU D 596 58.71 35.78 4.57
N PRO D 597 59.85 36.35 4.16
CA PRO D 597 60.70 37.09 5.12
C PRO D 597 60.01 38.29 5.75
N ASN D 598 60.14 38.39 7.07
CA ASN D 598 59.54 39.48 7.86
C ASN D 598 59.91 40.86 7.35
N ALA D 599 61.11 41.02 6.80
CA ALA D 599 61.59 42.34 6.40
C ALA D 599 61.03 42.83 5.06
N VAL D 600 60.29 42.02 4.31
CA VAL D 600 59.67 42.44 3.05
C VAL D 600 58.15 42.48 3.26
N ARG D 601 57.60 43.69 3.46
CA ARG D 601 56.17 43.87 3.72
C ARG D 601 55.35 44.31 2.51
N ARG D 602 55.96 44.42 1.32
CA ARG D 602 55.23 44.77 0.10
C ARG D 602 54.76 43.47 -0.58
N ARG D 603 53.48 43.13 -0.40
CA ARG D 603 52.93 41.82 -0.77
C ARG D 603 51.57 41.97 -1.47
N VAL D 604 51.37 41.27 -2.57
CA VAL D 604 50.09 41.24 -3.30
C VAL D 604 49.67 39.78 -3.49
N ALA D 605 48.46 39.43 -3.02
CA ALA D 605 47.82 38.13 -3.25
C ALA D 605 46.79 38.20 -4.38
N VAL D 606 46.68 37.09 -5.13
CA VAL D 606 45.92 37.04 -6.39
C VAL D 606 45.11 35.74 -6.42
N GLU D 607 43.77 35.84 -6.33
CA GLU D 607 42.91 34.67 -6.39
C GLU D 607 41.48 35.07 -6.78
N MET D 608 40.85 34.29 -7.68
CA MET D 608 39.48 34.59 -8.14
C MET D 608 38.44 34.03 -7.15
N GLY D 609 38.33 34.70 -6.00
CA GLY D 609 37.43 34.32 -4.95
C GLY D 609 37.44 35.39 -3.87
N ALA D 610 36.71 35.13 -2.77
CA ALA D 610 36.62 36.10 -1.68
C ALA D 610 38.00 36.45 -1.13
N SER D 611 38.19 37.74 -0.77
CA SER D 611 39.50 38.22 -0.30
C SER D 611 39.83 37.86 1.14
N GLN D 612 38.85 37.38 1.93
CA GLN D 612 38.92 37.38 3.40
C GLN D 612 40.20 36.74 3.95
N ASN D 613 40.51 35.50 3.55
CA ASN D 613 41.59 34.79 4.24
C ASN D 613 42.99 35.29 3.87
N TRP D 614 43.14 36.19 2.89
CA TRP D 614 44.47 36.55 2.40
C TRP D 614 45.18 37.63 3.21
N TYR D 615 44.47 38.32 4.11
CA TYR D 615 45.11 39.32 4.97
C TYR D 615 46.06 38.68 5.99
N LYS D 616 45.92 37.39 6.27
CA LYS D 616 46.83 36.71 7.17
C LYS D 616 48.27 36.70 6.63
N TYR D 617 48.47 36.81 5.31
CA TYR D 617 49.80 36.84 4.73
C TYR D 617 50.23 38.20 4.16
N VAL D 618 49.30 39.06 3.73
CA VAL D 618 49.69 40.37 3.18
C VAL D 618 49.60 41.51 4.20
N GLY D 619 48.95 41.29 5.34
CA GLY D 619 48.93 42.31 6.39
C GLY D 619 48.31 43.64 5.98
N LEU D 620 48.53 44.63 6.85
CA LEU D 620 47.89 45.93 6.70
C LEU D 620 48.56 46.83 5.66
N ASP D 621 49.77 46.50 5.19
CA ASP D 621 50.49 47.32 4.21
C ASP D 621 50.52 46.72 2.80
N GLY D 622 49.85 45.59 2.56
CA GLY D 622 49.79 44.98 1.25
C GLY D 622 48.50 45.27 0.52
N ALA D 623 48.14 44.38 -0.41
CA ALA D 623 46.88 44.45 -1.16
C ALA D 623 46.49 43.06 -1.64
N VAL D 624 45.20 42.89 -1.97
CA VAL D 624 44.71 41.63 -2.52
C VAL D 624 43.74 41.89 -3.68
N LEU D 625 44.04 41.29 -4.83
CA LEU D 625 43.14 41.27 -5.99
C LEU D 625 42.29 40.00 -5.95
N GLY D 626 41.03 40.15 -5.53
CA GLY D 626 40.05 39.08 -5.49
C GLY D 626 38.66 39.51 -5.94
N ILE D 627 37.62 38.77 -5.53
CA ILE D 627 36.24 38.99 -6.00
C ILE D 627 35.29 38.95 -4.82
N ASP D 628 34.52 40.02 -4.63
CA ASP D 628 33.61 40.12 -3.50
C ASP D 628 32.19 40.55 -3.94
N THR D 629 31.78 40.17 -5.16
CA THR D 629 30.40 40.25 -5.66
C THR D 629 30.04 38.92 -6.31
N PHE D 630 28.77 38.78 -6.76
CA PHE D 630 28.41 37.60 -7.54
C PHE D 630 28.89 37.74 -9.00
N GLY D 631 28.76 36.64 -9.77
CA GLY D 631 29.27 36.54 -11.13
C GLY D 631 28.32 37.05 -12.21
N ALA D 632 28.46 36.52 -13.43
CA ALA D 632 27.67 37.02 -14.55
C ALA D 632 27.64 36.02 -15.72
N SER D 633 26.58 36.11 -16.54
CA SER D 633 26.38 35.22 -17.71
C SER D 633 26.93 35.86 -18.98
N ALA D 634 28.12 35.40 -19.42
CA ALA D 634 28.79 35.86 -20.65
C ALA D 634 29.96 34.94 -20.97
N PRO D 635 30.55 34.99 -22.17
CA PRO D 635 31.77 34.19 -22.42
C PRO D 635 32.93 34.62 -21.53
N ALA D 636 33.73 33.62 -21.13
CA ALA D 636 34.68 33.79 -20.02
C ALA D 636 35.73 34.89 -20.22
N PRO D 637 36.39 35.03 -21.39
CA PRO D 637 37.40 36.10 -21.51
C PRO D 637 36.83 37.49 -21.25
N LYS D 638 35.59 37.75 -21.67
CA LYS D 638 34.94 39.03 -21.36
C LYS D 638 34.70 39.20 -19.85
N VAL D 639 34.21 38.14 -19.17
CA VAL D 639 33.97 38.26 -17.74
C VAL D 639 35.28 38.50 -16.97
N LEU D 640 36.34 37.77 -17.34
CA LEU D 640 37.62 37.93 -16.65
C LEU D 640 38.19 39.34 -16.83
N ALA D 641 38.11 39.89 -18.04
CA ALA D 641 38.54 41.26 -18.27
C ALA D 641 37.74 42.26 -17.42
N GLU D 642 36.41 42.12 -17.41
CA GLU D 642 35.59 43.07 -16.64
C GLU D 642 35.84 42.99 -15.14
N TYR D 643 36.26 41.83 -14.65
CA TYR D 643 36.48 41.67 -13.21
C TYR D 643 37.91 41.98 -12.79
N GLY D 644 38.79 42.36 -13.72
CA GLY D 644 40.11 42.84 -13.38
C GLY D 644 41.25 41.84 -13.50
N PHE D 645 41.00 40.63 -14.01
CA PHE D 645 42.02 39.58 -14.01
C PHE D 645 42.70 39.54 -15.39
N THR D 646 43.62 40.50 -15.59
CA THR D 646 44.46 40.58 -16.78
C THR D 646 45.86 41.03 -16.36
N VAL D 647 46.83 40.79 -17.25
CA VAL D 647 48.22 41.13 -16.95
C VAL D 647 48.37 42.62 -16.73
N GLU D 648 47.73 43.43 -17.58
CA GLU D 648 47.82 44.88 -17.45
C GLU D 648 47.32 45.35 -16.10
N ASN D 649 46.20 44.80 -15.62
CA ASN D 649 45.66 45.32 -14.37
C ASN D 649 46.51 44.90 -13.17
N LEU D 650 47.01 43.66 -13.18
CA LEU D 650 47.85 43.20 -12.06
C LEU D 650 49.16 43.98 -11.97
N VAL D 651 49.82 44.23 -13.12
CA VAL D 651 51.00 45.09 -13.16
C VAL D 651 50.71 46.45 -12.53
N LYS D 652 49.58 47.06 -12.90
CA LYS D 652 49.25 48.38 -12.36
C LYS D 652 48.99 48.34 -10.85
N VAL D 653 48.34 47.27 -10.36
CA VAL D 653 48.13 47.14 -8.90
C VAL D 653 49.46 47.12 -8.15
N VAL D 654 50.45 46.39 -8.67
CA VAL D 654 51.76 46.33 -8.01
C VAL D 654 52.42 47.71 -8.01
N ARG D 655 52.43 48.38 -9.17
CA ARG D 655 53.11 49.68 -9.29
C ARG D 655 52.49 50.76 -8.45
N ASN D 656 51.21 50.65 -8.10
CA ASN D 656 50.51 51.62 -7.28
C ASN D 656 50.51 51.29 -5.79
N LEU D 657 51.06 50.14 -5.39
CA LEU D 657 51.22 49.84 -3.96
C LEU D 657 52.45 50.58 -3.47
N LYS D 658 52.25 51.67 -2.75
CA LYS D 658 53.35 52.47 -2.25
C LYS D 658 53.13 52.82 -0.78
N1' TPP E . -15.06 -25.87 -10.30
C2' TPP E . -14.80 -26.44 -9.11
CM2 TPP E . -15.43 -25.82 -7.90
N3' TPP E . -14.02 -27.51 -8.92
C4' TPP E . -13.43 -28.08 -9.98
N4' TPP E . -12.67 -29.15 -9.76
C5' TPP E . -13.63 -27.55 -11.30
C6' TPP E . -14.46 -26.44 -11.37
C7' TPP E . -13.01 -28.14 -12.55
N3 TPP E . -11.53 -28.05 -12.56
C2 TPP E . -10.74 -28.95 -12.01
S1 TPP E . -9.12 -28.56 -12.14
C5 TPP E . -9.49 -27.09 -12.97
C4 TPP E . -10.86 -26.96 -13.11
CM4 TPP E . -11.60 -25.85 -13.79
C6 TPP E . -8.41 -26.17 -13.46
C7 TPP E . -7.77 -25.35 -12.36
O7 TPP E . -6.38 -25.10 -12.72
PA TPP E . -5.20 -25.05 -11.68
O1A TPP E . -5.67 -25.10 -10.28
O2A TPP E . -4.27 -23.87 -11.97
O3A TPP E . -4.39 -26.37 -12.01
PB TPP E . -3.11 -26.85 -12.83
O1B TPP E . -3.49 -27.24 -14.22
O2B TPP E . -2.12 -25.64 -12.77
O3B TPP E . -2.57 -28.02 -12.00
C1 EDO F . -21.16 -13.63 25.03
O1 EDO F . -20.86 -13.61 23.64
C2 EDO F . -22.67 -13.67 25.23
O2 EDO F . -22.98 -14.31 26.47
MG MG G . -2.13 -23.64 -12.39
C1 EDO H . -15.99 -48.42 -6.50
O1 EDO H . -14.87 -47.52 -6.49
C2 EDO H . -16.68 -48.48 -5.14
O2 EDO H . -17.07 -49.84 -4.89
N1' TPP I . -26.52 -13.12 5.08
C2' TPP I . -26.92 -12.68 3.87
CM2 TPP I . -26.34 -13.35 2.67
N3' TPP I . -27.80 -11.70 3.65
C4' TPP I . -28.34 -11.08 4.73
N4' TPP I . -29.22 -10.10 4.49
C5' TPP I . -27.98 -11.47 6.06
C6' TPP I . -27.06 -12.50 6.14
C7' TPP I . -28.55 -10.82 7.30
N3 TPP I . -28.04 -9.45 7.55
C2 TPP I . -28.60 -8.36 7.06
S1 TPP I . -27.77 -6.96 7.48
C5 TPP I . -26.59 -7.87 8.36
C4 TPP I . -26.89 -9.21 8.30
CM4 TPP I . -26.12 -10.34 8.90
C6 TPP I . -25.47 -7.19 9.09
C7 TPP I . -24.43 -6.58 8.18
O7 TPP I . -24.07 -5.26 8.68
PA TPP I . -23.57 -4.08 7.77
O1A TPP I . -23.62 -4.54 6.36
O2A TPP I . -22.22 -3.55 8.27
O3A TPP I . -24.62 -2.94 7.98
PB TPP I . -24.97 -1.80 9.02
O1B TPP I . -25.39 -2.38 10.33
O2B TPP I . -23.68 -0.94 9.12
O3B TPP I . -26.03 -0.95 8.31
MG MG J . -21.64 -1.67 9.03
N1' TPP K . 23.32 19.56 -8.99
C2' TPP K . 22.51 20.61 -8.76
CM2 TPP K . 22.04 20.82 -7.35
N3' TPP K . 22.07 21.46 -9.68
C4' TPP K . 22.48 21.29 -10.96
N4' TPP K . 22.03 22.16 -11.87
C5' TPP K . 23.35 20.20 -11.31
C6' TPP K . 23.72 19.39 -10.26
C7' TPP K . 23.84 19.95 -12.71
N3 TPP K . 22.77 19.55 -13.66
C2 TPP K . 22.03 20.40 -14.33
S1 TPP K . 20.87 19.66 -15.28
C5 TPP K . 21.40 18.08 -14.78
C4 TPP K . 22.45 18.20 -13.89
CM4 TPP K . 23.19 17.11 -13.20
C6 TPP K . 20.79 16.83 -15.34
C7 TPP K . 19.47 16.44 -14.69
O7 TPP K . 18.63 15.84 -15.70
PA TPP K . 17.07 16.09 -15.82
O1A TPP K . 16.64 16.94 -14.67
O2A TPP K . 16.26 14.79 -15.94
O3A TPP K . 16.89 16.87 -17.20
PB TPP K . 16.85 16.57 -18.75
O1B TPP K . 18.17 16.05 -19.23
O2B TPP K . 15.71 15.52 -18.91
O3B TPP K . 16.45 17.88 -19.38
MG MG L . 15.19 13.88 -17.61
N1' TPP M . 18.32 19.39 13.68
C2' TPP M . 19.28 18.48 13.46
CM2 TPP M . 19.80 18.34 12.07
N3' TPP M . 19.85 17.70 14.40
C4' TPP M . 19.39 17.82 15.66
N4' TPP M . 19.96 17.04 16.59
C5' TPP M . 18.36 18.74 15.99
C6' TPP M . 17.88 19.49 14.94
C7' TPP M . 17.82 18.92 17.40
N3 TPP M . 17.01 17.76 17.84
C2 TPP M . 17.50 16.73 18.51
S1 TPP M . 16.35 15.57 18.85
C5 TPP M . 15.12 16.49 18.06
C4 TPP M . 15.64 17.65 17.57
CM4 TPP M . 14.92 18.73 16.84
C6 TPP M . 13.69 16.03 18.02
C7 TPP M . 13.48 14.84 17.11
O7 TPP M . 12.43 14.01 17.67
PA TPP M . 12.45 12.43 17.66
O1A TPP M . 13.56 12.01 16.77
O2A TPP M . 11.04 11.94 17.36
O3A TPP M . 12.79 12.05 19.13
PB TPP M . 12.08 11.44 20.41
O1B TPP M . 10.83 10.72 20.02
O2B TPP M . 13.14 10.55 21.03
O3B TPP M . 11.89 12.65 21.30
MG MG N . 9.52 10.59 18.21
#